data_4MBZ
#
_entry.id   4MBZ
#
_cell.length_a   150.160
_cell.length_b   97.240
_cell.length_c   234.220
_cell.angle_alpha   90.00
_cell.angle_beta   96.21
_cell.angle_gamma   90.00
#
_symmetry.space_group_name_H-M   'C 1 2 1'
#
loop_
_entity.id
_entity.type
_entity.pdbx_description
1 polymer 'Major Capsid Protein VP1'
2 branched 'N-acetyl-alpha-neuraminic acid-(2-3)-beta-D-galactopyranose'
3 branched 'N-acetyl-alpha-neuraminic acid-(2-3)-beta-D-galactopyranose-(1-4)-2-acetamido-2-deoxy-beta-D-glucopyranose'
4 non-polymer 'CALCIUM ION'
5 non-polymer 'CHLORIDE ION'
6 non-polymer 1,2-ETHANEDIOL
7 non-polymer 'ISOPROPYL ALCOHOL'
8 water water
#
_entity_poly.entity_id   1
_entity_poly.type   'polypeptide(L)'
_entity_poly.pdbx_seq_one_letter_code
;GSHMGGVEVLEVRTGPDAITQIEAYLNPRMGNNIPSEDLYGYSNSINTAFSKASDTPNKDTLPCYSVAVIKLPLLNEDMT
CDTILMWEAVSVKTEVVGISSLVNLHQGGKYIYGSSSGCVPVQGTTYHMFAVGGEPLELQGLVASSTATYPDDVVAIKNM
KPGNQGLDPKAKALLDKDGKYPVEVWCPDPSKNENTRYYGSFTGGATTPPVMQFTNSVTTVLLDENGVGPLCKGDKLFLS
CADIAGVHTNYSETQVWRGLPRYFNVTLRKRIVKNPYP
;
_entity_poly.pdbx_strand_id   A,B,C,D,E,F,G,H,I,J
#
# COMPACT_ATOMS: atom_id res chain seq x y z
N SER A 2 3.85 34.17 2.61
CA SER A 2 4.98 34.00 1.66
C SER A 2 6.02 32.99 2.14
N HIS A 3 6.40 32.07 1.25
CA HIS A 3 7.40 31.05 1.56
C HIS A 3 8.15 30.66 0.33
N MET A 4 9.37 30.14 0.51
CA MET A 4 10.08 29.46 -0.58
C MET A 4 9.44 28.09 -0.82
N GLY A 5 9.19 27.79 -2.09
CA GLY A 5 8.61 26.52 -2.45
C GLY A 5 8.98 26.16 -3.86
N GLY A 6 8.74 24.91 -4.24
CA GLY A 6 9.04 24.44 -5.59
C GLY A 6 7.87 24.63 -6.54
N VAL A 7 8.20 24.94 -7.79
CA VAL A 7 7.23 24.86 -8.89
C VAL A 7 7.90 24.09 -10.02
N GLU A 8 7.13 23.23 -10.70
CA GLU A 8 7.69 22.43 -11.77
CA GLU A 8 7.64 22.40 -11.78
C GLU A 8 7.58 23.16 -13.10
N VAL A 9 8.73 23.48 -13.66
CA VAL A 9 8.82 24.18 -14.94
C VAL A 9 9.14 23.13 -15.99
N LEU A 10 8.43 23.16 -17.11
CA LEU A 10 8.75 22.27 -18.22
C LEU A 10 9.90 22.82 -19.06
N GLU A 11 10.78 21.95 -19.52
CA GLU A 11 11.88 22.36 -20.37
C GLU A 11 12.36 21.19 -21.21
N VAL A 12 13.16 21.52 -22.23
CA VAL A 12 13.82 20.51 -23.02
C VAL A 12 14.90 19.87 -22.12
N ARG A 13 14.75 18.56 -21.92
CA ARG A 13 15.68 17.79 -21.10
CA ARG A 13 15.71 17.82 -21.12
C ARG A 13 16.38 16.79 -22.00
N THR A 14 17.71 16.75 -21.87
N THR A 14 17.71 16.73 -21.88
CA THR A 14 18.48 15.68 -22.48
CA THR A 14 18.46 15.66 -22.52
C THR A 14 18.41 14.50 -21.50
C THR A 14 18.49 14.50 -21.53
N GLY A 15 18.28 13.28 -22.03
CA GLY A 15 18.24 12.10 -21.18
C GLY A 15 19.61 11.90 -20.54
N PRO A 16 19.72 10.97 -19.57
CA PRO A 16 21.07 10.61 -19.14
C PRO A 16 21.92 10.14 -20.32
N ASP A 17 23.24 10.31 -20.23
CA ASP A 17 24.13 9.86 -21.29
C ASP A 17 24.04 8.34 -21.45
N ALA A 18 23.50 7.66 -20.44
CA ALA A 18 23.43 6.21 -20.47
C ALA A 18 22.23 5.67 -21.25
N ILE A 19 21.38 6.58 -21.75
CA ILE A 19 20.16 6.18 -22.49
C ILE A 19 20.21 6.73 -23.92
N THR A 20 19.78 5.92 -24.88
CA THR A 20 19.63 6.41 -26.25
C THR A 20 18.33 5.89 -26.86
N GLN A 21 17.81 6.59 -27.86
CA GLN A 21 16.65 6.12 -28.61
C GLN A 21 17.03 6.03 -30.06
N ILE A 22 16.57 5.00 -30.74
CA ILE A 22 16.77 4.92 -32.18
C ILE A 22 15.40 4.86 -32.86
N GLU A 23 15.32 5.44 -34.05
CA GLU A 23 14.10 5.37 -34.84
C GLU A 23 14.46 4.79 -36.20
N ALA A 24 13.56 3.97 -36.74
CA ALA A 24 13.78 3.37 -38.05
C ALA A 24 12.46 3.01 -38.65
N TYR A 25 12.41 2.90 -39.98
CA TYR A 25 11.25 2.29 -40.60
C TYR A 25 11.76 1.23 -41.55
N LEU A 26 10.94 0.21 -41.75
CA LEU A 26 11.27 -0.88 -42.66
C LEU A 26 10.16 -0.98 -43.70
N ASN A 27 10.51 -0.78 -44.96
CA ASN A 27 9.53 -0.99 -46.02
C ASN A 27 9.25 -2.47 -46.29
N PRO A 28 7.99 -2.79 -46.70
CA PRO A 28 7.59 -4.19 -46.86
C PRO A 28 8.32 -4.85 -48.02
N ARG A 29 8.43 -6.18 -47.95
CA ARG A 29 9.12 -6.93 -48.98
C ARG A 29 8.16 -8.03 -49.49
N MET A 30 7.16 -7.59 -50.24
CA MET A 30 6.09 -8.48 -50.73
C MET A 30 6.49 -9.24 -51.99
N GLY A 31 7.58 -8.82 -52.62
CA GLY A 31 8.02 -9.42 -53.86
C GLY A 31 8.58 -8.37 -54.80
N ASN A 32 7.81 -7.29 -55.00
CA ASN A 32 8.34 -6.10 -55.66
C ASN A 32 8.95 -5.25 -54.59
N ASN A 33 10.27 -5.33 -54.46
CA ASN A 33 10.99 -4.80 -53.29
C ASN A 33 11.83 -3.53 -53.58
N ILE A 34 11.84 -3.09 -54.82
CA ILE A 34 12.59 -1.91 -55.27
C ILE A 34 11.59 -0.76 -55.54
N PRO A 35 11.85 0.43 -54.94
CA PRO A 35 10.89 1.56 -55.04
C PRO A 35 10.55 2.01 -56.45
N SER A 36 11.43 1.72 -57.41
CA SER A 36 11.15 2.06 -58.80
C SER A 36 10.14 1.15 -59.50
N GLU A 37 9.85 -0.02 -58.93
CA GLU A 37 8.90 -0.96 -59.56
C GLU A 37 7.45 -0.50 -59.47
N ASP A 38 6.71 -0.68 -60.56
CA ASP A 38 5.30 -0.24 -60.61
C ASP A 38 4.46 -0.80 -59.45
N LEU A 39 4.70 -2.06 -59.10
CA LEU A 39 3.96 -2.72 -58.03
C LEU A 39 4.75 -2.77 -56.71
N TYR A 40 5.71 -1.87 -56.53
CA TYR A 40 6.38 -1.76 -55.22
C TYR A 40 5.37 -1.81 -54.06
N GLY A 41 5.67 -2.61 -53.04
CA GLY A 41 4.77 -2.77 -51.89
C GLY A 41 3.73 -3.86 -52.08
N TYR A 42 3.78 -4.54 -53.23
CA TYR A 42 2.88 -5.68 -53.51
C TYR A 42 3.71 -6.84 -54.04
N SER A 43 3.15 -8.06 -54.02
CA SER A 43 3.77 -9.14 -54.77
C SER A 43 3.37 -9.02 -56.24
N ASN A 44 4.01 -9.82 -57.10
CA ASN A 44 3.49 -10.10 -58.42
C ASN A 44 2.23 -11.02 -58.32
N SER A 45 1.51 -11.18 -59.42
CA SER A 45 0.29 -11.98 -59.43
C SER A 45 0.59 -13.37 -58.91
N ILE A 46 -0.24 -13.83 -57.98
CA ILE A 46 -0.06 -15.13 -57.35
C ILE A 46 -0.36 -16.22 -58.36
N ASN A 47 0.65 -17.01 -58.72
CA ASN A 47 0.40 -18.13 -59.62
C ASN A 47 0.21 -19.39 -58.80
N THR A 48 -0.88 -20.09 -59.06
CA THR A 48 -1.23 -21.26 -58.24
C THR A 48 -0.69 -22.56 -58.85
N ALA A 49 -0.46 -23.54 -57.98
CA ALA A 49 0.03 -24.85 -58.39
C ALA A 49 -0.83 -25.53 -59.43
N PHE A 50 -0.19 -26.16 -60.40
CA PHE A 50 -0.94 -27.08 -61.25
C PHE A 50 -1.40 -28.30 -60.44
N SER A 51 -0.52 -28.79 -59.56
CA SER A 51 -0.78 -30.01 -58.76
C SER A 51 0.04 -29.98 -57.48
N LYS A 52 -0.11 -30.98 -56.62
CA LYS A 52 0.80 -31.06 -55.46
C LYS A 52 2.26 -31.15 -55.94
N ALA A 53 2.50 -32.01 -56.93
CA ALA A 53 3.87 -32.27 -57.41
C ALA A 53 4.43 -31.10 -58.21
N SER A 54 3.56 -30.32 -58.84
CA SER A 54 4.00 -29.26 -59.71
C SER A 54 3.49 -27.93 -59.16
N ASP A 55 4.28 -27.35 -58.26
CA ASP A 55 3.89 -26.14 -57.56
C ASP A 55 5.11 -25.23 -57.50
N THR A 56 5.18 -24.27 -58.43
CA THR A 56 6.41 -23.48 -58.63
C THR A 56 6.07 -21.98 -58.60
N PRO A 57 6.01 -21.39 -57.39
CA PRO A 57 5.68 -19.95 -57.30
C PRO A 57 6.62 -19.13 -58.17
N ASN A 58 6.07 -18.20 -58.94
CA ASN A 58 6.88 -17.35 -59.79
C ASN A 58 7.76 -16.46 -58.92
N LYS A 59 8.86 -16.03 -59.51
CA LYS A 59 9.74 -15.04 -58.86
C LYS A 59 8.92 -13.83 -58.39
N ASP A 60 9.18 -13.33 -57.19
CA ASP A 60 8.51 -12.12 -56.69
C ASP A 60 7.04 -12.31 -56.32
N THR A 61 6.58 -13.55 -56.19
CA THR A 61 5.19 -13.78 -55.72
C THR A 61 5.08 -14.14 -54.24
N LEU A 62 6.22 -14.24 -53.55
CA LEU A 62 6.22 -14.69 -52.15
C LEU A 62 6.66 -13.60 -51.17
N PRO A 63 5.76 -13.15 -50.28
CA PRO A 63 6.17 -12.17 -49.29
C PRO A 63 7.25 -12.72 -48.38
N CYS A 64 8.19 -11.84 -48.03
CA CYS A 64 9.33 -12.20 -47.22
C CYS A 64 9.43 -11.29 -46.02
N TYR A 65 10.16 -11.72 -45.00
CA TYR A 65 10.39 -10.84 -43.85
C TYR A 65 11.27 -9.65 -44.20
N SER A 66 11.03 -8.54 -43.49
CA SER A 66 11.92 -7.39 -43.51
C SER A 66 12.87 -7.46 -42.31
N VAL A 67 14.11 -6.99 -42.50
CA VAL A 67 15.03 -6.88 -41.39
C VAL A 67 15.98 -5.71 -41.62
N ALA A 68 16.25 -4.97 -40.54
CA ALA A 68 17.22 -3.90 -40.61
C ALA A 68 18.15 -4.10 -39.41
N VAL A 69 19.44 -3.87 -39.62
CA VAL A 69 20.41 -3.90 -38.53
C VAL A 69 20.84 -2.47 -38.30
N ILE A 70 20.64 -1.98 -37.07
CA ILE A 70 20.96 -0.59 -36.72
C ILE A 70 22.28 -0.62 -35.97
N LYS A 71 23.29 0.09 -36.50
CA LYS A 71 24.58 0.21 -35.80
C LYS A 71 24.43 1.23 -34.70
N LEU A 72 24.68 0.82 -33.46
CA LEU A 72 24.55 1.69 -32.29
C LEU A 72 25.88 2.36 -31.97
N PRO A 73 25.87 3.41 -31.11
CA PRO A 73 27.16 4.04 -30.79
C PRO A 73 28.18 3.05 -30.20
N LEU A 74 29.44 3.15 -30.62
CA LEU A 74 30.51 2.29 -30.13
C LEU A 74 30.71 2.47 -28.62
N LEU A 75 30.78 1.35 -27.88
CA LEU A 75 30.87 1.44 -26.41
C LEU A 75 32.24 1.06 -25.82
N ASN A 76 33.01 0.28 -26.56
CA ASN A 76 34.26 -0.28 -26.04
C ASN A 76 35.41 -0.08 -27.02
N GLU A 77 36.57 0.23 -26.49
CA GLU A 77 37.81 0.35 -27.28
C GLU A 77 38.18 -0.99 -27.93
N ASP A 78 38.10 -2.06 -27.15
CA ASP A 78 38.25 -3.43 -27.66
C ASP A 78 37.48 -4.39 -26.76
N MET A 79 37.68 -5.67 -27.01
CA MET A 79 36.96 -6.71 -26.31
C MET A 79 37.87 -7.50 -25.36
N THR A 80 38.83 -6.83 -24.74
CA THR A 80 39.81 -7.52 -23.90
C THR A 80 39.58 -7.50 -22.40
N CYS A 81 38.63 -6.68 -21.93
CA CYS A 81 38.45 -6.51 -20.48
C CYS A 81 37.51 -7.57 -19.90
N ASP A 82 37.55 -7.71 -18.58
CA ASP A 82 36.70 -8.69 -17.88
C ASP A 82 35.20 -8.34 -18.03
N THR A 83 34.89 -7.05 -18.04
CA THR A 83 33.54 -6.63 -18.35
C THR A 83 33.56 -5.66 -19.53
N ILE A 84 32.42 -5.58 -20.22
CA ILE A 84 32.28 -4.63 -21.32
C ILE A 84 30.99 -3.87 -21.14
N LEU A 85 30.83 -2.79 -21.89
CA LEU A 85 29.53 -2.12 -21.98
C LEU A 85 28.74 -2.69 -23.15
N MET A 86 27.43 -2.92 -22.94
CA MET A 86 26.52 -3.32 -24.02
C MET A 86 25.26 -2.47 -23.97
N TRP A 87 24.65 -2.25 -25.13
CA TRP A 87 23.32 -1.65 -25.17
C TRP A 87 22.28 -2.67 -24.86
N GLU A 88 21.41 -2.36 -23.90
CA GLU A 88 20.26 -3.20 -23.59
C GLU A 88 18.98 -2.52 -24.09
N ALA A 89 18.20 -3.22 -24.95
CA ALA A 89 16.93 -2.67 -25.44
C ALA A 89 15.88 -2.85 -24.35
N VAL A 90 15.28 -1.76 -23.90
CA VAL A 90 14.36 -1.85 -22.77
C VAL A 90 12.89 -1.72 -23.16
N SER A 91 12.62 -1.00 -24.26
CA SER A 91 11.25 -0.81 -24.69
C SER A 91 11.18 -0.43 -26.17
N VAL A 92 10.00 -0.60 -26.75
CA VAL A 92 9.79 -0.22 -28.15
C VAL A 92 8.40 0.37 -28.33
N LYS A 93 8.32 1.42 -29.16
CA LYS A 93 7.04 1.85 -29.69
C LYS A 93 7.10 1.49 -31.16
N THR A 94 6.05 0.83 -31.67
CA THR A 94 6.05 0.43 -33.08
C THR A 94 4.66 0.65 -33.68
N GLU A 95 4.62 0.99 -34.95
CA GLU A 95 3.37 1.31 -35.65
CA GLU A 95 3.36 1.31 -35.64
C GLU A 95 3.42 0.81 -37.09
N VAL A 96 2.31 0.31 -37.59
CA VAL A 96 2.19 0.00 -39.00
C VAL A 96 1.78 1.32 -39.68
N VAL A 97 2.54 1.69 -40.70
CA VAL A 97 2.36 2.98 -41.40
C VAL A 97 1.50 2.77 -42.64
N GLY A 98 0.68 3.75 -42.99
CA GLY A 98 -0.07 3.68 -44.25
C GLY A 98 -1.37 2.88 -44.19
N ILE A 99 -1.88 2.64 -42.98
CA ILE A 99 -3.14 1.92 -42.83
C ILE A 99 -4.27 2.60 -43.65
N SER A 100 -4.30 3.93 -43.57
CA SER A 100 -5.35 4.70 -44.23
C SER A 100 -5.34 4.54 -45.76
N SER A 101 -4.20 4.14 -46.34
CA SER A 101 -4.13 3.93 -47.80
C SER A 101 -5.10 2.86 -48.28
N LEU A 102 -5.52 1.96 -47.36
CA LEU A 102 -6.49 0.92 -47.72
CA LEU A 102 -6.48 0.92 -47.69
C LEU A 102 -7.92 1.46 -47.86
N VAL A 103 -8.14 2.67 -47.35
CA VAL A 103 -9.50 3.29 -47.31
C VAL A 103 -9.72 3.93 -48.68
N ASN A 104 -9.85 3.08 -49.70
CA ASN A 104 -9.78 3.51 -51.09
C ASN A 104 -10.62 2.50 -51.89
N LEU A 105 -11.74 2.97 -52.42
CA LEU A 105 -12.63 2.12 -53.22
C LEU A 105 -12.63 2.48 -54.72
N HIS A 106 -11.77 3.39 -55.12
CA HIS A 106 -11.65 3.74 -56.53
C HIS A 106 -10.53 3.06 -57.27
N GLN A 107 -9.54 2.51 -56.55
CA GLN A 107 -8.46 1.73 -57.18
C GLN A 107 -9.06 0.65 -58.07
N GLY A 108 -8.53 0.50 -59.28
CA GLY A 108 -9.11 -0.46 -60.26
C GLY A 108 -9.06 -1.88 -59.69
N GLY A 109 -10.11 -2.66 -59.94
CA GLY A 109 -10.15 -4.02 -59.41
C GLY A 109 -11.48 -4.71 -59.65
N LYS A 110 -11.77 -5.71 -58.83
CA LYS A 110 -13.03 -6.43 -58.91
C LYS A 110 -14.07 -5.53 -58.25
N TYR A 111 -15.27 -5.48 -58.83
CA TYR A 111 -16.33 -4.63 -58.28
C TYR A 111 -16.97 -5.27 -57.06
N ILE A 112 -17.35 -4.45 -56.08
CA ILE A 112 -18.07 -4.94 -54.90
C ILE A 112 -19.40 -5.55 -55.31
N TYR A 113 -20.18 -4.79 -56.09
CA TYR A 113 -21.43 -5.31 -56.64
C TYR A 113 -21.22 -5.41 -58.16
N GLY A 114 -21.94 -4.63 -58.94
CA GLY A 114 -21.70 -4.57 -60.40
C GLY A 114 -20.77 -3.41 -60.78
N SER A 115 -20.70 -3.13 -62.06
CA SER A 115 -19.78 -2.15 -62.65
CA SER A 115 -19.71 -2.16 -62.57
C SER A 115 -19.98 -0.70 -62.20
N SER A 116 -21.08 -0.40 -61.51
CA SER A 116 -21.33 0.97 -61.04
C SER A 116 -20.83 1.22 -59.62
N SER A 117 -20.48 0.14 -58.93
CA SER A 117 -20.07 0.21 -57.51
C SER A 117 -18.58 0.47 -57.33
N GLY A 118 -18.15 0.65 -56.08
CA GLY A 118 -16.72 0.76 -55.79
C GLY A 118 -16.05 -0.59 -55.97
N CYS A 119 -14.71 -0.59 -55.92
CA CYS A 119 -13.98 -1.84 -56.10
C CYS A 119 -13.63 -2.47 -54.76
N VAL A 120 -13.57 -3.81 -54.73
CA VAL A 120 -13.22 -4.58 -53.52
C VAL A 120 -11.85 -4.12 -53.00
N PRO A 121 -11.79 -3.73 -51.71
CA PRO A 121 -10.54 -3.30 -51.09
C PRO A 121 -9.66 -4.50 -50.70
N VAL A 122 -8.48 -4.21 -50.15
CA VAL A 122 -7.56 -5.27 -49.76
C VAL A 122 -8.21 -6.12 -48.65
N GLN A 123 -8.23 -7.42 -48.84
CA GLN A 123 -8.78 -8.30 -47.80
C GLN A 123 -8.23 -9.72 -47.93
N GLY A 124 -8.61 -10.59 -47.00
CA GLY A 124 -8.09 -11.94 -46.99
C GLY A 124 -7.07 -12.09 -45.87
N THR A 125 -6.17 -13.06 -46.03
CA THR A 125 -5.16 -13.41 -45.01
C THR A 125 -4.28 -12.23 -44.60
N THR A 126 -4.12 -12.05 -43.29
CA THR A 126 -3.23 -11.03 -42.77
C THR A 126 -2.20 -11.66 -41.82
N TYR A 127 -1.05 -11.01 -41.71
CA TYR A 127 0.06 -11.53 -40.92
C TYR A 127 0.88 -10.33 -40.49
N HIS A 128 0.91 -10.06 -39.19
CA HIS A 128 1.62 -8.89 -38.65
C HIS A 128 2.52 -9.38 -37.55
N MET A 129 3.82 -9.12 -37.68
CA MET A 129 4.72 -9.51 -36.60
C MET A 129 5.87 -8.53 -36.54
N PHE A 130 6.43 -8.35 -35.35
CA PHE A 130 7.67 -7.62 -35.26
C PHE A 130 8.56 -8.29 -34.21
N ALA A 131 9.85 -8.01 -34.28
CA ALA A 131 10.82 -8.50 -33.31
C ALA A 131 11.86 -7.44 -33.10
N VAL A 132 12.38 -7.39 -31.88
CA VAL A 132 13.51 -6.52 -31.53
C VAL A 132 14.49 -7.41 -30.78
N GLY A 133 15.72 -7.47 -31.26
CA GLY A 133 16.70 -8.36 -30.65
C GLY A 133 18.12 -7.85 -30.76
N GLY A 134 19.03 -8.51 -30.02
CA GLY A 134 20.43 -8.12 -30.05
C GLY A 134 21.26 -8.98 -30.98
N GLU A 135 20.59 -9.72 -31.86
CA GLU A 135 21.21 -10.59 -32.83
C GLU A 135 20.08 -11.00 -33.79
N PRO A 136 20.40 -11.68 -34.90
CA PRO A 136 19.30 -12.04 -35.82
C PRO A 136 18.21 -12.90 -35.18
N LEU A 137 16.97 -12.68 -35.59
CA LEU A 137 15.85 -13.53 -35.23
C LEU A 137 16.13 -14.95 -35.73
N GLU A 138 15.93 -15.92 -34.85
CA GLU A 138 16.16 -17.31 -35.23
C GLU A 138 14.86 -17.92 -35.71
N LEU A 139 14.96 -18.64 -36.82
CA LEU A 139 13.80 -19.10 -37.60
C LEU A 139 13.69 -20.61 -37.61
N GLN A 140 12.45 -21.10 -37.64
CA GLN A 140 12.14 -22.52 -37.83
C GLN A 140 11.46 -22.61 -39.18
N GLY A 141 11.84 -23.60 -39.97
CA GLY A 141 11.17 -23.86 -41.27
C GLY A 141 10.00 -24.80 -41.08
N LEU A 142 8.89 -24.49 -41.75
CA LEU A 142 7.70 -25.35 -41.78
C LEU A 142 6.83 -24.86 -42.95
N VAL A 143 6.47 -25.77 -43.86
CA VAL A 143 5.74 -25.37 -45.07
C VAL A 143 4.40 -26.12 -45.18
N ALA A 144 3.48 -25.56 -45.96
CA ALA A 144 2.21 -26.23 -46.28
C ALA A 144 2.45 -27.48 -47.16
N SER A 145 3.46 -27.40 -48.01
CA SER A 145 3.74 -28.49 -48.95
C SER A 145 5.23 -28.62 -49.24
N SER A 146 5.76 -29.78 -48.94
CA SER A 146 7.18 -30.06 -49.16
C SER A 146 7.54 -30.26 -50.63
N THR A 147 6.53 -30.36 -51.50
CA THR A 147 6.83 -30.59 -52.91
C THR A 147 6.79 -29.31 -53.74
N ALA A 148 6.62 -28.17 -53.09
CA ALA A 148 6.73 -26.89 -53.80
C ALA A 148 8.17 -26.66 -54.20
N THR A 149 8.39 -26.05 -55.35
CA THR A 149 9.73 -25.67 -55.79
C THR A 149 9.87 -24.16 -55.58
N TYR A 150 10.72 -23.75 -54.63
CA TYR A 150 10.91 -22.33 -54.34
C TYR A 150 11.89 -21.69 -55.30
N PRO A 151 11.65 -20.41 -55.63
CA PRO A 151 12.50 -19.69 -56.58
C PRO A 151 13.91 -19.51 -56.06
N ASP A 152 14.87 -19.38 -56.98
CA ASP A 152 16.28 -19.22 -56.62
C ASP A 152 16.54 -18.00 -55.73
N ASP A 153 15.75 -16.94 -55.90
CA ASP A 153 16.03 -15.67 -55.20
C ASP A 153 15.49 -15.58 -53.76
N VAL A 154 14.93 -16.68 -53.24
CA VAL A 154 14.57 -16.77 -51.83
C VAL A 154 15.37 -17.84 -51.10
N VAL A 155 15.39 -17.76 -49.77
CA VAL A 155 16.05 -18.79 -48.98
C VAL A 155 15.02 -19.80 -48.56
N ALA A 156 15.17 -21.03 -49.06
CA ALA A 156 14.20 -22.09 -48.80
C ALA A 156 14.83 -23.10 -47.83
N ILE A 157 14.03 -24.05 -47.38
CA ILE A 157 14.53 -25.15 -46.56
C ILE A 157 15.37 -26.05 -47.44
N LYS A 158 16.56 -26.41 -46.97
CA LYS A 158 17.48 -27.27 -47.70
C LYS A 158 16.97 -28.72 -47.69
N ASN A 159 17.08 -29.41 -48.82
CA ASN A 159 16.70 -30.83 -48.90
C ASN A 159 15.29 -31.09 -48.35
N MET A 160 14.32 -30.31 -48.83
CA MET A 160 12.96 -30.35 -48.29
C MET A 160 12.33 -31.73 -48.44
N LYS A 161 11.64 -32.19 -47.39
CA LYS A 161 11.04 -33.52 -47.37
C LYS A 161 9.67 -33.39 -46.72
N PRO A 162 8.80 -34.42 -46.82
CA PRO A 162 7.46 -34.24 -46.24
C PRO A 162 7.48 -33.94 -44.73
N GLY A 163 8.51 -34.40 -44.02
CA GLY A 163 8.68 -34.02 -42.60
C GLY A 163 8.66 -32.51 -42.35
N ASN A 164 8.97 -31.72 -43.39
CA ASN A 164 8.96 -30.28 -43.29
C ASN A 164 7.56 -29.68 -43.32
N GLN A 165 6.53 -30.53 -43.47
CA GLN A 165 5.15 -30.09 -43.26
C GLN A 165 4.82 -30.05 -41.77
N GLY A 166 5.75 -30.57 -40.97
CA GLY A 166 5.71 -30.44 -39.51
C GLY A 166 7.02 -29.81 -39.05
N LEU A 167 7.33 -29.98 -37.77
CA LEU A 167 8.56 -29.40 -37.24
C LEU A 167 9.71 -30.41 -37.35
N ASP A 168 10.68 -30.09 -38.22
CA ASP A 168 11.91 -30.85 -38.30
C ASP A 168 13.02 -29.95 -37.78
N PRO A 169 13.72 -30.38 -36.73
CA PRO A 169 14.74 -29.56 -36.09
C PRO A 169 15.95 -29.22 -36.96
N LYS A 170 16.12 -29.90 -38.10
CA LYS A 170 17.18 -29.51 -39.05
C LYS A 170 16.85 -28.23 -39.84
N ALA A 171 15.58 -27.87 -39.94
CA ALA A 171 15.16 -26.74 -40.77
C ALA A 171 15.24 -25.44 -39.96
N LYS A 172 16.44 -24.90 -39.85
CA LYS A 172 16.68 -23.71 -39.03
C LYS A 172 17.43 -22.64 -39.82
N ALA A 173 17.14 -21.38 -39.56
CA ALA A 173 17.82 -20.30 -40.29
C ALA A 173 17.93 -19.10 -39.39
N LEU A 174 18.70 -18.10 -39.84
CA LEU A 174 18.70 -16.80 -39.19
C LEU A 174 18.11 -15.77 -40.14
N LEU A 175 17.32 -14.85 -39.60
CA LEU A 175 16.78 -13.77 -40.41
C LEU A 175 17.87 -12.73 -40.57
N ASP A 176 18.75 -12.97 -41.55
CA ASP A 176 19.97 -12.16 -41.69
C ASP A 176 20.05 -11.42 -43.02
N LYS A 177 18.96 -11.47 -43.79
CA LYS A 177 18.87 -10.87 -45.12
C LYS A 177 17.45 -10.32 -45.27
N ASP A 178 17.36 -9.06 -45.68
CA ASP A 178 16.08 -8.39 -45.90
C ASP A 178 15.43 -8.89 -47.20
N GLY A 179 14.14 -9.21 -47.14
CA GLY A 179 13.38 -9.59 -48.33
C GLY A 179 13.85 -10.87 -49.03
N LYS A 180 14.33 -11.82 -48.25
CA LYS A 180 14.82 -13.09 -48.79
C LYS A 180 14.21 -14.34 -48.17
N TYR A 181 13.67 -14.21 -46.96
CA TYR A 181 13.13 -15.36 -46.22
C TYR A 181 11.61 -15.34 -46.33
N PRO A 182 11.01 -16.31 -47.05
CA PRO A 182 9.55 -16.24 -47.19
C PRO A 182 8.76 -16.45 -45.90
N VAL A 183 7.72 -15.64 -45.74
CA VAL A 183 6.80 -15.78 -44.62
C VAL A 183 6.21 -17.19 -44.59
N GLU A 184 5.89 -17.74 -45.77
CA GLU A 184 5.23 -19.05 -45.79
C GLU A 184 6.16 -20.22 -45.51
N VAL A 185 7.48 -19.98 -45.41
CA VAL A 185 8.49 -21.02 -45.16
C VAL A 185 9.03 -20.98 -43.71
N TRP A 186 9.13 -19.78 -43.17
CA TRP A 186 9.86 -19.54 -41.93
C TRP A 186 9.00 -18.85 -40.92
N CYS A 187 9.14 -19.26 -39.66
CA CYS A 187 8.48 -18.61 -38.54
C CYS A 187 9.50 -18.48 -37.39
N PRO A 188 9.20 -17.66 -36.38
CA PRO A 188 10.18 -17.59 -35.29
C PRO A 188 10.36 -18.94 -34.59
N ASP A 189 11.61 -19.25 -34.26
CA ASP A 189 11.92 -20.50 -33.59
C ASP A 189 11.77 -20.31 -32.06
N PRO A 190 10.70 -20.87 -31.47
CA PRO A 190 10.46 -20.63 -30.03
C PRO A 190 11.43 -21.38 -29.12
N SER A 191 12.19 -22.34 -29.67
CA SER A 191 13.17 -23.05 -28.86
C SER A 191 14.46 -22.24 -28.68
N LYS A 192 14.60 -21.13 -29.41
CA LYS A 192 15.76 -20.26 -29.29
C LYS A 192 15.28 -18.84 -28.97
N ASN A 193 15.87 -17.84 -29.60
CA ASN A 193 15.43 -16.45 -29.41
C ASN A 193 15.46 -15.92 -27.97
N GLU A 194 16.42 -16.39 -27.17
CA GLU A 194 16.56 -15.89 -25.79
C GLU A 194 16.93 -14.41 -25.74
N ASN A 195 17.53 -13.90 -26.82
CA ASN A 195 18.03 -12.51 -26.90
C ASN A 195 17.23 -11.63 -27.88
N THR A 196 15.99 -12.06 -28.13
CA THR A 196 15.04 -11.35 -29.01
C THR A 196 13.65 -11.42 -28.39
N ARG A 197 12.86 -10.37 -28.60
CA ARG A 197 11.44 -10.43 -28.25
C ARG A 197 10.66 -10.31 -29.54
N TYR A 198 9.74 -11.25 -29.76
CA TYR A 198 8.87 -11.20 -30.94
C TYR A 198 7.40 -11.33 -30.60
N TYR A 199 6.54 -10.79 -31.49
CA TYR A 199 5.11 -10.65 -31.25
C TYR A 199 4.47 -10.79 -32.60
N GLY A 200 3.48 -11.66 -32.71
CA GLY A 200 2.84 -11.85 -34.03
C GLY A 200 1.36 -12.16 -33.93
N SER A 201 0.65 -11.81 -35.01
CA SER A 201 -0.78 -12.06 -35.08
CA SER A 201 -0.79 -12.04 -35.09
C SER A 201 -1.12 -12.45 -36.51
N PHE A 202 -1.86 -13.54 -36.64
CA PHE A 202 -2.30 -14.05 -37.94
C PHE A 202 -3.82 -14.20 -37.96
N THR A 203 -4.45 -13.82 -39.08
CA THR A 203 -5.86 -14.15 -39.30
CA THR A 203 -5.84 -14.18 -39.31
C THR A 203 -5.93 -14.61 -40.74
N GLY A 204 -6.55 -15.74 -40.97
CA GLY A 204 -6.58 -16.34 -42.29
C GLY A 204 -7.88 -16.01 -43.01
N GLY A 205 -8.33 -16.97 -43.80
CA GLY A 205 -9.58 -16.82 -44.54
C GLY A 205 -9.35 -16.26 -45.94
N ALA A 206 -10.25 -16.64 -46.84
CA ALA A 206 -10.19 -16.27 -48.24
C ALA A 206 -10.39 -14.76 -48.46
N THR A 207 -11.36 -14.15 -47.79
CA THR A 207 -11.73 -12.75 -48.07
C THR A 207 -11.96 -11.87 -46.81
N THR A 208 -11.31 -12.26 -45.72
CA THR A 208 -11.57 -11.68 -44.40
C THR A 208 -11.25 -10.18 -44.33
N PRO A 209 -12.12 -9.39 -43.68
CA PRO A 209 -11.79 -7.96 -43.54
C PRO A 209 -10.55 -7.77 -42.66
N PRO A 210 -9.58 -6.94 -43.11
CA PRO A 210 -8.42 -6.63 -42.26
C PRO A 210 -8.78 -5.67 -41.11
N VAL A 211 -8.13 -5.83 -39.95
CA VAL A 211 -8.35 -4.96 -38.80
C VAL A 211 -6.97 -4.47 -38.36
N MET A 212 -6.79 -3.15 -38.26
CA MET A 212 -5.53 -2.58 -37.78
C MET A 212 -5.76 -1.34 -36.96
N GLN A 213 -4.96 -1.17 -35.91
CA GLN A 213 -5.02 0.06 -35.08
C GLN A 213 -3.73 0.84 -35.23
N PHE A 214 -3.76 2.09 -34.82
CA PHE A 214 -2.56 2.91 -34.86
C PHE A 214 -2.68 3.99 -33.79
N THR A 215 -1.60 4.22 -33.08
CA THR A 215 -1.58 5.22 -32.02
C THR A 215 -0.14 5.49 -31.70
N ASN A 216 0.16 6.67 -31.19
CA ASN A 216 1.51 6.93 -30.70
C ASN A 216 1.58 6.89 -29.16
N SER A 217 0.58 6.25 -28.53
CA SER A 217 0.47 6.25 -27.06
C SER A 217 0.94 4.94 -26.40
N VAL A 218 1.34 3.93 -27.18
CA VAL A 218 1.63 2.58 -26.65
C VAL A 218 3.11 2.20 -26.69
N THR A 219 3.61 1.78 -25.53
CA THR A 219 4.99 1.33 -25.39
C THR A 219 4.98 -0.14 -24.95
N THR A 220 5.84 -0.97 -25.55
CA THR A 220 5.99 -2.36 -25.12
C THR A 220 7.34 -2.52 -24.43
N VAL A 221 7.32 -3.06 -23.22
CA VAL A 221 8.53 -3.24 -22.44
C VAL A 221 9.18 -4.53 -22.92
N LEU A 222 10.50 -4.50 -23.12
CA LEU A 222 11.21 -5.64 -23.73
C LEU A 222 11.96 -6.51 -22.72
N LEU A 223 11.87 -6.17 -21.45
CA LEU A 223 12.55 -6.95 -20.40
C LEU A 223 11.93 -8.33 -20.30
N ASP A 224 12.77 -9.35 -20.15
CA ASP A 224 12.30 -10.70 -20.01
C ASP A 224 11.89 -11.01 -18.56
N GLU A 225 11.66 -12.28 -18.26
CA GLU A 225 11.17 -12.67 -16.94
C GLU A 225 12.19 -12.43 -15.82
N ASN A 226 13.46 -12.30 -16.19
CA ASN A 226 14.54 -11.96 -15.23
C ASN A 226 14.89 -10.48 -15.23
N GLY A 227 14.07 -9.66 -15.90
CA GLY A 227 14.26 -8.22 -15.93
C GLY A 227 15.33 -7.71 -16.89
N VAL A 228 15.72 -8.54 -17.86
CA VAL A 228 16.79 -8.20 -18.80
C VAL A 228 16.24 -8.07 -20.23
N GLY A 229 16.60 -6.97 -20.91
CA GLY A 229 16.16 -6.76 -22.29
C GLY A 229 17.20 -7.39 -23.25
N PRO A 230 16.90 -7.40 -24.55
CA PRO A 230 17.90 -7.84 -25.53
C PRO A 230 19.23 -7.07 -25.39
N LEU A 231 20.35 -7.79 -25.46
CA LEU A 231 21.67 -7.20 -25.33
C LEU A 231 22.32 -7.23 -26.72
N CYS A 232 22.77 -6.07 -27.18
CA CYS A 232 23.11 -5.90 -28.58
C CYS A 232 24.54 -6.33 -28.89
N LYS A 233 24.68 -7.53 -29.42
CA LYS A 233 25.99 -8.08 -29.72
C LYS A 233 26.63 -7.30 -30.86
N GLY A 234 27.91 -6.98 -30.70
CA GLY A 234 28.64 -6.20 -31.68
C GLY A 234 28.07 -4.82 -31.87
N ASP A 235 27.33 -4.30 -30.88
CA ASP A 235 26.74 -2.95 -30.91
CA ASP A 235 26.84 -2.95 -30.99
C ASP A 235 25.74 -2.82 -32.06
N LYS A 236 25.02 -3.92 -32.33
CA LYS A 236 24.02 -3.93 -33.40
C LYS A 236 22.66 -4.31 -32.87
N LEU A 237 21.64 -3.59 -33.35
CA LEU A 237 20.25 -3.84 -32.97
C LEU A 237 19.51 -4.43 -34.19
N PHE A 238 18.82 -5.54 -34.00
CA PHE A 238 18.08 -6.17 -35.09
C PHE A 238 16.58 -5.89 -34.95
N LEU A 239 16.00 -5.35 -36.03
CA LEU A 239 14.58 -5.05 -36.09
C LEU A 239 14.02 -5.87 -37.23
N SER A 240 13.00 -6.68 -36.93
CA SER A 240 12.44 -7.61 -37.92
C SER A 240 10.94 -7.43 -37.98
N CYS A 241 10.35 -7.64 -39.16
CA CYS A 241 8.89 -7.59 -39.20
C CYS A 241 8.35 -8.16 -40.50
N ALA A 242 7.04 -8.38 -40.52
CA ALA A 242 6.28 -8.69 -41.74
C ALA A 242 4.89 -8.12 -41.45
N ASP A 243 4.35 -7.37 -42.40
CA ASP A 243 3.04 -6.78 -42.24
C ASP A 243 2.26 -6.91 -43.54
N ILE A 244 1.61 -8.06 -43.66
CA ILE A 244 0.80 -8.38 -44.83
C ILE A 244 -0.63 -7.96 -44.51
N ALA A 245 -1.13 -6.99 -45.27
CA ALA A 245 -2.45 -6.40 -45.03
C ALA A 245 -3.55 -7.26 -45.59
N GLY A 246 -3.22 -8.08 -46.59
CA GLY A 246 -4.19 -8.92 -47.29
C GLY A 246 -3.82 -8.99 -48.76
N VAL A 247 -4.80 -9.28 -49.63
CA VAL A 247 -4.54 -9.27 -51.08
C VAL A 247 -5.45 -8.29 -51.78
N HIS A 248 -4.90 -7.68 -52.83
CA HIS A 248 -5.70 -6.89 -53.78
C HIS A 248 -6.10 -7.78 -54.93
N THR A 249 -7.37 -7.69 -55.32
CA THR A 249 -7.86 -8.48 -56.45
C THR A 249 -8.07 -7.59 -57.67
N ASN A 250 -7.46 -7.96 -58.78
CA ASN A 250 -7.61 -7.22 -60.04
C ASN A 250 -8.93 -7.59 -60.73
N TYR A 251 -9.36 -6.85 -61.77
N TYR A 251 -9.25 -6.84 -61.77
CA TYR A 251 -10.63 -7.20 -62.44
CA TYR A 251 -10.45 -7.01 -62.56
C TYR A 251 -10.55 -8.60 -63.02
C TYR A 251 -10.53 -8.43 -63.16
N SER A 252 -9.39 -8.94 -63.58
CA SER A 252 -9.24 -10.30 -64.12
C SER A 252 -9.23 -11.42 -63.06
N GLU A 253 -9.30 -11.01 -61.78
CA GLU A 253 -9.30 -11.91 -60.61
C GLU A 253 -7.92 -12.42 -60.23
N THR A 254 -6.86 -11.93 -60.89
CA THR A 254 -5.52 -12.20 -60.39
C THR A 254 -5.39 -11.43 -59.08
N GLN A 255 -4.54 -11.95 -58.21
CA GLN A 255 -4.42 -11.43 -56.85
C GLN A 255 -2.96 -11.17 -56.49
N VAL A 256 -2.72 -10.08 -55.77
CA VAL A 256 -1.35 -9.74 -55.30
C VAL A 256 -1.40 -9.43 -53.80
N TRP A 257 -0.38 -9.89 -53.07
CA TRP A 257 -0.24 -9.53 -51.66
C TRP A 257 0.06 -8.07 -51.53
N ARG A 258 -0.49 -7.45 -50.48
CA ARG A 258 -0.20 -6.04 -50.17
C ARG A 258 0.42 -5.98 -48.78
N GLY A 259 1.57 -5.33 -48.68
CA GLY A 259 2.24 -5.15 -47.40
C GLY A 259 2.33 -3.68 -47.06
N LEU A 260 2.59 -3.39 -45.78
CA LEU A 260 2.75 -2.02 -45.29
C LEU A 260 4.06 -1.87 -44.50
N PRO A 261 4.64 -0.67 -44.48
CA PRO A 261 5.86 -0.42 -43.71
C PRO A 261 5.59 -0.39 -42.22
N ARG A 262 6.66 -0.59 -41.44
CA ARG A 262 6.54 -0.55 -39.99
C ARG A 262 7.59 0.40 -39.46
N TYR A 263 7.17 1.23 -38.51
CA TYR A 263 8.06 2.16 -37.82
C TYR A 263 8.43 1.57 -36.45
N PHE A 264 9.69 1.79 -36.02
CA PHE A 264 10.18 1.37 -34.70
C PHE A 264 10.83 2.58 -34.00
N ASN A 265 10.59 2.70 -32.70
CA ASN A 265 11.34 3.63 -31.84
C ASN A 265 11.76 2.81 -30.63
N VAL A 266 13.05 2.51 -30.52
CA VAL A 266 13.54 1.62 -29.45
C VAL A 266 14.36 2.45 -28.45
N THR A 267 14.11 2.25 -27.16
CA THR A 267 14.92 2.91 -26.12
C THR A 267 15.90 1.88 -25.59
N LEU A 268 17.17 2.30 -25.46
CA LEU A 268 18.25 1.39 -25.02
C LEU A 268 19.04 2.07 -23.91
N ARG A 269 19.63 1.25 -23.04
CA ARG A 269 20.47 1.77 -21.98
C ARG A 269 21.81 1.04 -21.93
N LYS A 270 22.87 1.76 -21.56
CA LYS A 270 24.18 1.14 -21.42
C LYS A 270 24.22 0.30 -20.16
N ARG A 271 24.72 -0.93 -20.29
CA ARG A 271 24.88 -1.86 -19.16
C ARG A 271 26.29 -2.40 -19.08
N ILE A 272 26.77 -2.68 -17.86
CA ILE A 272 28.03 -3.37 -17.68
C ILE A 272 27.71 -4.84 -17.73
N VAL A 273 28.44 -5.58 -18.55
CA VAL A 273 28.16 -6.99 -18.77
C VAL A 273 29.45 -7.78 -18.70
N LYS A 274 29.43 -8.93 -18.02
CA LYS A 274 30.61 -9.79 -18.00
C LYS A 274 30.92 -10.16 -19.46
N ASN A 275 32.18 -10.04 -19.88
CA ASN A 275 32.53 -10.13 -21.30
C ASN A 275 32.20 -11.50 -21.92
N PRO A 276 31.29 -11.52 -22.91
CA PRO A 276 30.88 -12.77 -23.55
C PRO A 276 31.82 -13.24 -24.69
N TYR A 277 32.74 -12.38 -25.12
CA TYR A 277 33.58 -12.66 -26.31
C TYR A 277 34.91 -13.33 -25.97
N PRO A 278 35.18 -14.50 -26.58
CA PRO A 278 36.42 -15.20 -26.23
C PRO A 278 37.63 -14.64 -26.98
N SER B 2 -22.75 14.81 20.67
CA SER B 2 -22.58 15.62 19.42
C SER B 2 -21.25 16.40 19.39
N HIS B 3 -20.82 16.77 18.20
CA HIS B 3 -19.49 17.35 17.98
C HIS B 3 -19.44 18.13 16.69
N MET B 4 -18.50 19.07 16.58
CA MET B 4 -18.18 19.66 15.26
C MET B 4 -17.56 18.60 14.36
N GLY B 5 -17.99 18.56 13.11
CA GLY B 5 -17.44 17.62 12.16
C GLY B 5 -17.75 18.11 10.77
N GLY B 6 -17.09 17.53 9.78
CA GLY B 6 -17.34 17.88 8.39
C GLY B 6 -18.43 17.08 7.73
N VAL B 7 -19.15 17.73 6.82
CA VAL B 7 -20.06 17.05 5.92
C VAL B 7 -19.77 17.57 4.51
N GLU B 8 -19.77 16.68 3.51
CA GLU B 8 -19.47 17.08 2.14
CA GLU B 8 -19.47 17.08 2.14
C GLU B 8 -20.74 17.56 1.45
N VAL B 9 -20.77 18.85 1.12
CA VAL B 9 -21.90 19.50 0.45
C VAL B 9 -21.56 19.63 -1.04
N LEU B 10 -22.50 19.22 -1.90
CA LEU B 10 -22.29 19.35 -3.33
C LEU B 10 -22.67 20.77 -3.75
N GLU B 11 -21.86 21.38 -4.59
CA GLU B 11 -22.15 22.71 -5.17
C GLU B 11 -21.53 22.85 -6.54
N VAL B 12 -21.86 23.94 -7.25
CA VAL B 12 -21.17 24.28 -8.49
C VAL B 12 -19.81 24.90 -8.12
N ARG B 13 -18.73 24.41 -8.74
CA ARG B 13 -17.37 24.89 -8.43
C ARG B 13 -16.62 25.29 -9.69
N GLY B 15 -13.84 25.80 -10.44
CA GLY B 15 -12.52 25.26 -10.78
C GLY B 15 -11.47 26.34 -10.71
N PRO B 16 -10.18 25.95 -10.53
CA PRO B 16 -9.11 26.94 -10.42
C PRO B 16 -8.85 27.68 -11.73
N ASP B 17 -8.33 28.91 -11.64
CA ASP B 17 -8.01 29.71 -12.82
C ASP B 17 -6.94 29.06 -13.71
N ALA B 18 -6.15 28.16 -13.12
CA ALA B 18 -5.10 27.45 -13.86
C ALA B 18 -5.61 26.35 -14.82
N ILE B 19 -6.90 25.99 -14.72
CA ILE B 19 -7.49 24.93 -15.52
C ILE B 19 -8.62 25.47 -16.38
N THR B 20 -8.73 24.98 -17.60
CA THR B 20 -9.87 25.33 -18.44
C THR B 20 -10.32 24.11 -19.24
N GLN B 21 -11.59 24.12 -19.67
CA GLN B 21 -12.10 23.06 -20.53
C GLN B 21 -12.58 23.69 -21.83
N ILE B 22 -12.32 23.04 -22.94
CA ILE B 22 -12.87 23.50 -24.21
C ILE B 22 -13.71 22.39 -24.85
N GLU B 23 -14.85 22.76 -25.43
CA GLU B 23 -15.69 21.83 -26.16
C GLU B 23 -15.76 22.28 -27.60
N ALA B 24 -15.77 21.32 -28.51
CA ALA B 24 -15.89 21.59 -29.92
C ALA B 24 -16.49 20.39 -30.58
N TYR B 25 -17.11 20.61 -31.73
CA TYR B 25 -17.46 19.49 -32.61
C TYR B 25 -16.90 19.77 -33.98
N LEU B 26 -16.53 18.69 -34.68
CA LEU B 26 -16.03 18.77 -36.04
C LEU B 26 -16.93 17.97 -36.95
N ASN B 27 -17.56 18.64 -37.91
CA ASN B 27 -18.37 17.95 -38.91
C ASN B 27 -17.52 17.22 -39.94
N PRO B 28 -18.03 16.10 -40.46
CA PRO B 28 -17.18 15.27 -41.35
C PRO B 28 -16.94 15.94 -42.69
N ARG B 29 -15.83 15.59 -43.33
CA ARG B 29 -15.47 16.18 -44.62
C ARG B 29 -15.30 15.04 -45.65
N MET B 30 -16.43 14.44 -46.04
CA MET B 30 -16.45 13.29 -46.94
C MET B 30 -16.35 13.65 -48.43
N GLY B 31 -16.53 14.93 -48.75
CA GLY B 31 -16.50 15.38 -50.16
C GLY B 31 -17.58 16.43 -50.37
N ASN B 32 -18.78 16.14 -49.88
CA ASN B 32 -19.81 17.17 -49.74
C ASN B 32 -19.64 17.81 -48.35
N ASN B 33 -18.97 18.95 -48.33
CA ASN B 33 -18.40 19.50 -47.11
C ASN B 33 -19.08 20.77 -46.60
N ILE B 34 -20.13 21.19 -47.31
CA ILE B 34 -20.84 22.44 -47.09
C ILE B 34 -22.28 22.06 -46.75
N PRO B 35 -22.84 22.59 -45.63
CA PRO B 35 -24.18 22.16 -45.17
C PRO B 35 -25.32 22.42 -46.14
N SER B 36 -25.13 23.32 -47.11
CA SER B 36 -26.13 23.57 -48.14
C SER B 36 -26.22 22.47 -49.21
N GLU B 37 -25.21 21.62 -49.32
CA GLU B 37 -25.22 20.52 -50.28
C GLU B 37 -26.21 19.40 -49.92
N ASP B 38 -26.95 18.92 -50.93
CA ASP B 38 -27.91 17.82 -50.74
C ASP B 38 -27.28 16.61 -50.05
N LEU B 39 -26.05 16.26 -50.43
CA LEU B 39 -25.36 15.10 -49.90
C LEU B 39 -24.35 15.41 -48.82
N TYR B 40 -24.50 16.57 -48.16
CA TYR B 40 -23.66 16.91 -47.03
C TYR B 40 -23.48 15.72 -46.06
N GLY B 41 -22.23 15.45 -45.69
CA GLY B 41 -21.91 14.33 -44.79
C GLY B 41 -21.62 13.04 -45.52
N TYR B 42 -21.63 13.09 -46.86
CA TYR B 42 -21.33 11.94 -47.71
C TYR B 42 -20.37 12.40 -48.81
N SER B 43 -19.65 11.46 -49.44
CA SER B 43 -18.89 11.83 -50.64
C SER B 43 -19.85 11.86 -51.82
N ASN B 44 -19.37 12.35 -52.97
CA ASN B 44 -20.06 12.08 -54.23
C ASN B 44 -19.85 10.62 -54.65
N SER B 45 -20.60 10.17 -55.64
CA SER B 45 -20.49 8.76 -56.10
C SER B 45 -19.06 8.38 -56.43
N ILE B 46 -18.61 7.27 -55.87
CA ILE B 46 -17.23 6.77 -56.07
C ILE B 46 -17.07 6.34 -57.53
N ASN B 47 -16.21 7.02 -58.28
CA ASN B 47 -15.94 6.64 -59.66
C ASN B 47 -14.67 5.83 -59.67
N THR B 48 -14.75 4.62 -60.19
CA THR B 48 -13.62 3.69 -60.12
C THR B 48 -12.70 3.86 -61.33
N ALA B 49 -11.44 3.50 -61.14
CA ALA B 49 -10.42 3.54 -62.20
C ALA B 49 -10.75 2.76 -63.45
N PHE B 50 -10.46 3.34 -64.60
CA PHE B 50 -10.44 2.52 -65.82
C PHE B 50 -9.34 1.45 -65.78
N SER B 51 -8.17 1.82 -65.24
CA SER B 51 -6.98 0.98 -65.28
C SER B 51 -6.00 1.45 -64.21
N LYS B 52 -4.87 0.78 -64.04
CA LYS B 52 -3.87 1.33 -63.11
C LYS B 52 -3.39 2.71 -63.59
N ALA B 53 -3.17 2.83 -64.90
CA ALA B 53 -2.65 4.07 -65.49
C ALA B 53 -3.68 5.19 -65.49
N SER B 54 -4.95 4.82 -65.61
CA SER B 54 -6.01 5.81 -65.71
C SER B 54 -6.97 5.72 -64.52
N ASP B 55 -6.66 6.51 -63.50
CA ASP B 55 -7.39 6.44 -62.24
C ASP B 55 -7.52 7.85 -61.68
N THR B 56 -8.66 8.48 -61.99
CA THR B 56 -8.84 9.91 -61.78
C THR B 56 -10.09 10.13 -60.92
N PRO B 57 -9.96 10.07 -59.61
CA PRO B 57 -11.15 10.26 -58.76
C PRO B 57 -11.78 11.61 -59.03
N ASN B 58 -13.11 11.65 -59.16
CA ASN B 58 -13.80 12.92 -59.40
C ASN B 58 -13.67 13.81 -58.17
N LYS B 59 -13.81 15.11 -58.38
N LYS B 59 -13.83 15.12 -58.38
CA LYS B 59 -13.79 16.01 -57.23
CA LYS B 59 -13.88 16.07 -57.27
C LYS B 59 -14.83 15.58 -56.22
C LYS B 59 -14.87 15.61 -56.21
N ASP B 60 -14.45 15.69 -54.95
CA ASP B 60 -15.32 15.40 -53.81
C ASP B 60 -15.77 13.95 -53.69
N THR B 61 -14.98 13.04 -54.22
CA THR B 61 -15.27 11.61 -54.02
C THR B 61 -14.31 11.02 -52.97
N LEU B 62 -13.41 11.88 -52.46
CA LEU B 62 -12.36 11.44 -51.55
C LEU B 62 -12.53 11.95 -50.12
N PRO B 63 -12.82 11.05 -49.17
CA PRO B 63 -12.96 11.55 -47.77
C PRO B 63 -11.65 12.15 -47.27
N CYS B 64 -11.74 13.26 -46.52
CA CYS B 64 -10.57 13.94 -46.01
C CYS B 64 -10.65 14.07 -44.49
N TYR B 65 -9.51 14.36 -43.87
CA TYR B 65 -9.47 14.64 -42.42
C TYR B 65 -10.17 15.96 -42.08
N SER B 66 -10.76 15.98 -40.90
CA SER B 66 -11.24 17.21 -40.32
C SER B 66 -10.18 17.78 -39.37
N VAL B 67 -10.09 19.10 -39.31
CA VAL B 67 -9.24 19.76 -38.31
C VAL B 67 -9.85 21.08 -37.87
N ALA B 68 -9.74 21.37 -36.58
CA ALA B 68 -10.16 22.66 -36.06
C ALA B 68 -9.03 23.15 -35.20
N VAL B 69 -8.76 24.46 -35.28
CA VAL B 69 -7.74 25.10 -34.45
C VAL B 69 -8.50 26.00 -33.51
N ILE B 70 -8.41 25.72 -32.21
CA ILE B 70 -9.17 26.46 -31.18
C ILE B 70 -8.24 27.47 -30.52
N LYS B 71 -8.58 28.75 -30.56
CA LYS B 71 -7.78 29.75 -29.87
C LYS B 71 -8.08 29.68 -28.39
N LEU B 72 -7.05 29.46 -27.59
CA LEU B 72 -7.18 29.40 -26.14
C LEU B 72 -6.96 30.79 -25.55
N PRO B 73 -7.33 30.99 -24.26
CA PRO B 73 -7.07 32.28 -23.61
C PRO B 73 -5.57 32.67 -23.69
N LEU B 74 -5.33 33.93 -24.03
CA LEU B 74 -3.98 34.45 -24.17
C LEU B 74 -3.21 34.42 -22.86
N LEU B 75 -2.02 33.83 -22.87
CA LEU B 75 -1.26 33.67 -21.63
C LEU B 75 -0.09 34.65 -21.43
N ASN B 76 0.53 35.11 -22.51
CA ASN B 76 1.73 35.94 -22.33
C ASN B 76 1.62 37.24 -23.08
N GLU B 77 1.65 38.37 -22.37
CA GLU B 77 1.74 39.66 -23.04
C GLU B 77 3.21 39.96 -23.30
N ASP B 78 4.09 39.32 -22.53
CA ASP B 78 5.53 39.49 -22.67
C ASP B 78 6.14 38.15 -23.10
N MET B 79 6.72 38.12 -24.30
CA MET B 79 7.33 36.89 -24.82
C MET B 79 8.85 36.84 -24.68
N THR B 80 9.40 37.68 -23.79
CA THR B 80 10.85 37.84 -23.70
C THR B 80 11.45 37.50 -22.33
N CYS B 81 10.67 36.87 -21.45
CA CYS B 81 11.19 36.45 -20.13
C CYS B 81 11.83 35.07 -20.17
N ASP B 82 12.45 34.67 -19.05
CA ASP B 82 13.09 33.35 -18.92
C ASP B 82 12.09 32.23 -19.16
N THR B 83 10.87 32.42 -18.66
CA THR B 83 9.80 31.45 -18.84
C THR B 83 8.60 32.10 -19.50
N ILE B 84 7.74 31.26 -20.09
CA ILE B 84 6.45 31.68 -20.60
C ILE B 84 5.43 30.73 -20.00
N LEU B 85 4.16 31.07 -20.15
CA LEU B 85 3.09 30.15 -19.78
C LEU B 85 2.57 29.49 -21.03
N MET B 86 2.23 28.20 -20.94
CA MET B 86 1.57 27.50 -22.04
C MET B 86 0.44 26.66 -21.49
N TRP B 87 -0.60 26.46 -22.28
CA TRP B 87 -1.63 25.49 -21.96
C TRP B 87 -1.13 24.09 -22.27
N GLU B 88 -1.24 23.21 -21.29
CA GLU B 88 -0.93 21.80 -21.45
C GLU B 88 -2.25 21.02 -21.50
N ALA B 89 -2.47 20.27 -22.58
CA ALA B 89 -3.68 19.43 -22.68
C ALA B 89 -3.46 18.15 -21.86
N VAL B 90 -4.30 17.91 -20.86
CA VAL B 90 -4.02 16.76 -19.98
C VAL B 90 -4.97 15.59 -20.17
N SER B 91 -6.17 15.85 -20.70
CA SER B 91 -7.13 14.78 -20.94
C SER B 91 -8.17 15.20 -21.98
N VAL B 92 -8.82 14.21 -22.58
CA VAL B 92 -9.87 14.48 -23.55
C VAL B 92 -11.00 13.49 -23.36
N LYS B 93 -12.24 13.98 -23.49
CA LYS B 93 -13.37 13.09 -23.70
C LYS B 93 -13.83 13.35 -25.11
N THR B 94 -14.04 12.27 -25.86
CA THR B 94 -14.40 12.43 -27.26
C THR B 94 -15.41 11.36 -27.67
N GLU B 95 -16.33 11.73 -28.57
CA GLU B 95 -17.41 10.84 -28.96
CA GLU B 95 -17.42 10.85 -28.95
C GLU B 95 -17.76 11.06 -30.42
N VAL B 96 -18.11 9.97 -31.09
CA VAL B 96 -18.70 10.07 -32.45
C VAL B 96 -20.20 10.33 -32.30
N VAL B 97 -20.70 11.35 -33.01
CA VAL B 97 -22.08 11.80 -32.86
C VAL B 97 -22.90 11.24 -34.01
N GLY B 98 -24.17 10.96 -33.76
CA GLY B 98 -25.04 10.54 -34.86
C GLY B 98 -24.92 9.08 -35.23
N ILE B 99 -24.37 8.25 -34.34
CA ILE B 99 -24.30 6.79 -34.62
C ILE B 99 -25.69 6.23 -34.90
N SER B 100 -26.67 6.65 -34.10
CA SER B 100 -28.06 6.18 -34.25
C SER B 100 -28.66 6.46 -35.62
N SER B 101 -28.17 7.46 -36.34
CA SER B 101 -28.69 7.76 -37.69
C SER B 101 -28.50 6.59 -38.69
N LEU B 102 -27.55 5.69 -38.40
CA LEU B 102 -27.35 4.50 -39.25
C LEU B 102 -28.42 3.43 -39.04
N VAL B 103 -29.20 3.57 -37.95
CA VAL B 103 -30.22 2.59 -37.60
C VAL B 103 -31.51 2.93 -38.39
N ASN B 104 -31.41 2.72 -39.70
CA ASN B 104 -32.41 3.23 -40.64
C ASN B 104 -32.40 2.29 -41.82
N LEU B 105 -33.49 1.57 -42.01
CA LEU B 105 -33.58 0.62 -43.13
C LEU B 105 -34.57 1.09 -44.20
N HIS B 106 -35.05 2.33 -44.10
CA HIS B 106 -36.02 2.85 -45.07
C HIS B 106 -35.41 3.80 -46.06
N GLN B 107 -34.22 4.34 -45.77
CA GLN B 107 -33.51 5.21 -46.71
C GLN B 107 -33.39 4.45 -48.04
N GLY B 108 -33.68 5.12 -49.16
CA GLY B 108 -33.64 4.45 -50.47
C GLY B 108 -32.27 3.89 -50.77
N GLY B 109 -32.24 2.72 -51.41
CA GLY B 109 -30.95 2.13 -51.77
C GLY B 109 -31.10 0.74 -52.31
N LYS B 110 -30.04 -0.04 -52.17
CA LYS B 110 -30.03 -1.44 -52.58
CA LYS B 110 -30.05 -1.43 -52.59
C LYS B 110 -30.86 -2.21 -51.56
N TYR B 111 -31.67 -3.17 -52.01
CA TYR B 111 -32.50 -3.95 -51.07
C TYR B 111 -31.67 -5.06 -50.40
N ILE B 112 -31.97 -5.31 -49.12
CA ILE B 112 -31.33 -6.41 -48.39
C ILE B 112 -31.66 -7.75 -49.05
N TYR B 113 -32.96 -8.01 -49.24
CA TYR B 113 -33.38 -9.20 -50.01
C TYR B 113 -33.97 -8.70 -51.33
N GLY B 114 -35.27 -8.85 -51.53
CA GLY B 114 -35.92 -8.31 -52.74
C GLY B 114 -36.57 -6.97 -52.45
N SER B 115 -37.39 -6.51 -53.40
CA SER B 115 -38.04 -5.19 -53.35
CA SER B 115 -37.97 -5.17 -53.30
C SER B 115 -39.00 -4.97 -52.18
N SER B 116 -39.32 -6.03 -51.43
CA SER B 116 -40.22 -5.91 -50.28
C SER B 116 -39.47 -5.65 -48.95
N SER B 117 -38.16 -5.82 -48.96
CA SER B 117 -37.41 -5.81 -47.70
C SER B 117 -36.86 -4.43 -47.42
N GLY B 118 -36.18 -4.31 -46.29
CA GLY B 118 -35.47 -3.08 -45.99
C GLY B 118 -34.29 -2.85 -46.92
N CYS B 119 -33.74 -1.63 -46.88
CA CYS B 119 -32.57 -1.30 -47.69
C CYS B 119 -31.28 -1.52 -46.94
N VAL B 120 -30.24 -1.93 -47.67
CA VAL B 120 -28.93 -2.20 -47.05
C VAL B 120 -28.42 -0.93 -46.36
N PRO B 121 -28.03 -1.06 -45.07
CA PRO B 121 -27.52 0.09 -44.32
C PRO B 121 -26.05 0.38 -44.68
N VAL B 122 -25.50 1.43 -44.06
CA VAL B 122 -24.12 1.81 -44.32
C VAL B 122 -23.22 0.69 -43.82
N GLN B 123 -22.30 0.25 -44.67
CA GLN B 123 -21.38 -0.83 -44.27
C GLN B 123 -20.15 -0.82 -45.17
N GLY B 124 -19.21 -1.71 -44.90
CA GLY B 124 -17.96 -1.72 -45.62
C GLY B 124 -16.84 -1.15 -44.76
N THR B 125 -15.81 -0.61 -45.41
CA THR B 125 -14.61 -0.11 -44.73
C THR B 125 -14.92 1.04 -43.74
N THR B 126 -14.32 1.00 -42.55
CA THR B 126 -14.49 2.05 -41.58
C THR B 126 -13.11 2.55 -41.14
N TYR B 127 -13.06 3.80 -40.74
CA TYR B 127 -11.81 4.42 -40.33
C TYR B 127 -12.16 5.49 -39.33
N HIS B 128 -11.67 5.33 -38.11
CA HIS B 128 -11.99 6.27 -37.04
C HIS B 128 -10.71 6.67 -36.38
N MET B 129 -10.41 7.96 -36.37
CA MET B 129 -9.22 8.40 -35.65
C MET B 129 -9.44 9.78 -35.08
N PHE B 130 -8.75 10.10 -33.99
CA PHE B 130 -8.74 11.46 -33.51
C PHE B 130 -7.34 11.81 -33.01
N ALA B 131 -7.05 13.10 -32.98
CA ALA B 131 -5.80 13.58 -32.42
C ALA B 131 -6.06 14.86 -31.66
N VAL B 132 -5.28 15.06 -30.62
CA VAL B 132 -5.25 16.31 -29.88
C VAL B 132 -3.81 16.73 -29.78
N GLY B 133 -3.48 17.93 -30.22
CA GLY B 133 -2.08 18.35 -30.20
C GLY B 133 -1.90 19.84 -30.02
N GLY B 134 -0.66 20.25 -29.78
CA GLY B 134 -0.34 21.68 -29.61
C GLY B 134 0.20 22.36 -30.85
N GLU B 135 -0.02 21.71 -32.00
CA GLU B 135 0.45 22.15 -33.31
C GLU B 135 -0.17 21.18 -34.31
N PRO B 136 -0.06 21.46 -35.64
CA PRO B 136 -0.71 20.56 -36.59
C PRO B 136 -0.23 19.11 -36.47
N LEU B 137 -1.15 18.18 -36.67
CA LEU B 137 -0.83 16.77 -36.80
C LEU B 137 0.13 16.64 -37.97
N GLU B 138 1.22 15.91 -37.76
CA GLU B 138 2.20 15.67 -38.82
C GLU B 138 1.85 14.41 -39.57
N LEU B 139 1.86 14.52 -40.90
CA LEU B 139 1.34 13.47 -41.77
C LEU B 139 2.42 12.83 -42.60
N GLN B 140 2.26 11.53 -42.86
CA GLN B 140 3.09 10.80 -43.80
C GLN B 140 2.20 10.39 -44.97
N GLY B 141 2.72 10.53 -46.19
CA GLY B 141 1.97 10.17 -47.40
C GLY B 141 2.29 8.73 -47.77
N LEU B 142 1.24 7.96 -48.12
CA LEU B 142 1.43 6.58 -48.59
C LEU B 142 0.11 6.23 -49.30
N VAL B 143 0.22 5.79 -50.55
CA VAL B 143 -0.97 5.49 -51.35
C VAL B 143 -1.02 4.05 -51.83
N ALA B 144 -2.23 3.60 -52.19
CA ALA B 144 -2.41 2.28 -52.82
C ALA B 144 -1.81 2.23 -54.22
N SER B 145 -1.89 3.34 -54.95
CA SER B 145 -1.40 3.41 -56.33
C SER B 145 -0.80 4.77 -56.68
N SER B 146 0.46 4.76 -57.09
CA SER B 146 1.17 6.00 -57.40
C SER B 146 0.74 6.61 -58.75
N THR B 147 -0.07 5.87 -59.50
CA THR B 147 -0.48 6.36 -60.82
C THR B 147 -1.88 6.99 -60.79
N ALA B 148 -2.48 7.08 -59.61
CA ALA B 148 -3.74 7.84 -59.44
C ALA B 148 -3.51 9.32 -59.69
N THR B 149 -4.47 10.00 -60.29
CA THR B 149 -4.37 11.45 -60.54
C THR B 149 -5.34 12.11 -59.57
N TYR B 150 -4.82 12.80 -58.57
CA TYR B 150 -5.66 13.44 -57.57
C TYR B 150 -6.13 14.81 -58.02
N PRO B 151 -7.37 15.18 -57.64
CA PRO B 151 -7.96 16.43 -58.14
C PRO B 151 -7.33 17.67 -57.48
N ASP B 152 -7.55 18.84 -58.06
CA ASP B 152 -6.86 20.03 -57.58
C ASP B 152 -7.48 20.64 -56.33
N ASP B 153 -8.54 20.04 -55.82
CA ASP B 153 -9.19 20.55 -54.60
C ASP B 153 -8.76 19.79 -53.35
N VAL B 154 -7.78 18.90 -53.49
CA VAL B 154 -7.18 18.20 -52.33
C VAL B 154 -5.66 18.31 -52.37
N VAL B 155 -5.04 18.18 -51.20
CA VAL B 155 -3.58 18.18 -51.10
C VAL B 155 -3.13 16.74 -51.17
N ALA B 156 -2.29 16.43 -52.13
CA ALA B 156 -1.78 15.06 -52.29
C ALA B 156 -0.27 15.10 -52.27
N ILE B 157 0.36 13.97 -52.55
CA ILE B 157 1.82 13.88 -52.50
C ILE B 157 2.43 14.60 -53.71
N LYS B 158 3.47 15.40 -53.47
CA LYS B 158 4.17 16.11 -54.57
C LYS B 158 5.08 15.15 -55.34
N ASN B 159 5.09 15.26 -56.67
CA ASN B 159 5.94 14.40 -57.54
C ASN B 159 5.79 12.92 -57.20
N MET B 160 4.54 12.46 -57.13
CA MET B 160 4.24 11.07 -56.73
C MET B 160 4.91 10.07 -57.66
N LYS B 161 5.48 9.00 -57.07
CA LYS B 161 6.21 7.95 -57.80
C LYS B 161 5.87 6.60 -57.16
N PRO B 162 6.24 5.48 -57.80
CA PRO B 162 5.93 4.17 -57.20
C PRO B 162 6.42 3.98 -55.75
N GLY B 163 7.55 4.59 -55.39
CA GLY B 163 8.03 4.58 -54.00
C GLY B 163 6.98 5.01 -52.98
N ASN B 164 6.01 5.79 -53.42
CA ASN B 164 4.96 6.29 -52.53
C ASN B 164 3.89 5.24 -52.19
N GLN B 165 4.00 4.06 -52.80
CA GLN B 165 3.20 2.89 -52.37
C GLN B 165 3.82 2.28 -51.10
N GLY B 166 5.02 2.74 -50.77
CA GLY B 166 5.66 2.46 -49.48
C GLY B 166 5.94 3.76 -48.76
N LEU B 167 6.84 3.73 -47.77
CA LEU B 167 7.19 4.92 -47.00
C LEU B 167 8.36 5.62 -47.65
N ASP B 168 8.08 6.79 -48.22
CA ASP B 168 9.13 7.64 -48.74
C ASP B 168 9.19 8.85 -47.82
N PRO B 169 10.36 9.12 -47.23
CA PRO B 169 10.44 10.18 -46.21
C PRO B 169 10.23 11.60 -46.74
N LYS B 170 10.22 11.78 -48.05
CA LYS B 170 9.93 13.11 -48.63
C LYS B 170 8.44 13.42 -48.61
N ALA B 171 7.60 12.40 -48.51
CA ALA B 171 6.15 12.58 -48.57
C ALA B 171 5.60 12.91 -47.19
N LYS B 172 5.76 14.16 -46.82
CA LYS B 172 5.34 14.62 -45.50
C LYS B 172 4.48 15.88 -45.61
N ALA B 173 3.57 16.06 -44.67
CA ALA B 173 2.68 17.22 -44.71
C ALA B 173 2.23 17.55 -43.32
N LEU B 174 1.56 18.70 -43.19
CA LEU B 174 0.89 19.07 -41.93
C LEU B 174 -0.62 19.10 -42.19
N LEU B 175 -1.40 18.55 -41.25
CA LEU B 175 -2.84 18.66 -41.30
C LEU B 175 -3.27 20.09 -40.89
N ASP B 176 -3.24 20.99 -41.88
CA ASP B 176 -3.40 22.40 -41.60
C ASP B 176 -4.53 23.04 -42.43
N LYS B 177 -5.36 22.20 -43.06
CA LYS B 177 -6.51 22.63 -43.84
C LYS B 177 -7.62 21.63 -43.58
N ASP B 178 -8.78 22.12 -43.14
CA ASP B 178 -9.94 21.26 -42.90
C ASP B 178 -10.50 20.75 -44.22
N GLY B 179 -10.71 19.44 -44.30
CA GLY B 179 -11.39 18.81 -45.43
C GLY B 179 -10.64 18.82 -46.74
N LYS B 180 -9.30 18.87 -46.70
CA LYS B 180 -8.49 18.93 -47.92
C LYS B 180 -7.43 17.83 -48.04
N TYR B 181 -7.15 17.12 -46.94
CA TYR B 181 -6.10 16.10 -46.95
C TYR B 181 -6.79 14.75 -47.01
N PRO B 182 -6.69 14.01 -48.15
CA PRO B 182 -7.42 12.74 -48.20
C PRO B 182 -6.93 11.67 -47.21
N VAL B 183 -7.90 10.97 -46.62
CA VAL B 183 -7.62 9.83 -45.79
C VAL B 183 -6.75 8.79 -46.54
N GLU B 184 -7.07 8.52 -47.82
CA GLU B 184 -6.38 7.47 -48.55
C GLU B 184 -4.96 7.82 -48.96
N VAL B 185 -4.55 9.08 -48.75
CA VAL B 185 -3.20 9.56 -49.11
C VAL B 185 -2.30 9.75 -47.88
N TRP B 186 -2.90 10.14 -46.77
CA TRP B 186 -2.16 10.60 -45.60
C TRP B 186 -2.51 9.87 -44.34
N CYS B 187 -1.49 9.55 -43.55
CA CYS B 187 -1.68 8.94 -42.24
C CYS B 187 -0.80 9.69 -41.22
N PRO B 188 -1.06 9.49 -39.92
CA PRO B 188 -0.15 10.12 -38.95
C PRO B 188 1.27 9.65 -39.15
N ASP B 189 2.22 10.58 -39.01
CA ASP B 189 3.62 10.27 -39.12
C ASP B 189 4.17 9.85 -37.75
N PRO B 190 4.46 8.55 -37.57
CA PRO B 190 4.91 8.12 -36.24
C PRO B 190 6.32 8.56 -35.92
N SER B 191 7.07 9.05 -36.90
CA SER B 191 8.43 9.50 -36.64
C SER B 191 8.45 10.93 -36.07
N LYS B 192 7.30 11.60 -36.07
CA LYS B 192 7.23 12.95 -35.47
C LYS B 192 6.11 12.95 -34.43
N ASN B 193 5.30 14.01 -34.39
CA ASN B 193 4.12 14.04 -33.51
C ASN B 193 4.43 13.90 -32.02
N GLU B 194 5.60 14.39 -31.62
CA GLU B 194 5.98 14.43 -30.20
C GLU B 194 5.04 15.29 -29.37
N ASN B 195 4.38 16.26 -30.00
CA ASN B 195 3.52 17.22 -29.30
C ASN B 195 2.04 17.03 -29.63
N THR B 196 1.68 15.82 -30.11
CA THR B 196 0.31 15.44 -30.42
C THR B 196 0.07 14.01 -29.92
N ARG B 197 -1.15 13.70 -29.50
CA ARG B 197 -1.49 12.31 -29.23
C ARG B 197 -2.56 11.92 -30.25
N TYR B 198 -2.37 10.77 -30.90
CA TYR B 198 -3.38 10.30 -31.84
C TYR B 198 -3.73 8.85 -31.63
N TYR B 199 -4.95 8.49 -32.02
CA TYR B 199 -5.52 7.18 -31.77
C TYR B 199 -6.38 6.85 -32.99
N GLY B 200 -6.23 5.65 -33.52
CA GLY B 200 -6.93 5.31 -34.77
C GLY B 200 -7.30 3.83 -34.82
N SER B 201 -8.42 3.57 -35.49
CA SER B 201 -8.89 2.20 -35.67
CA SER B 201 -8.89 2.19 -35.68
C SER B 201 -9.43 2.06 -37.10
N PHE B 202 -9.01 1.01 -37.76
CA PHE B 202 -9.41 0.70 -39.15
C PHE B 202 -9.94 -0.73 -39.23
N THR B 203 -11.07 -0.89 -39.94
CA THR B 203 -11.53 -2.22 -40.33
CA THR B 203 -11.56 -2.20 -40.32
C THR B 203 -11.92 -2.13 -41.79
N GLY B 204 -11.40 -3.05 -42.59
CA GLY B 204 -11.63 -3.00 -44.04
C GLY B 204 -12.80 -3.89 -44.44
N GLY B 205 -12.67 -4.49 -45.62
CA GLY B 205 -13.66 -5.42 -46.16
C GLY B 205 -14.68 -4.72 -47.04
N ALA B 206 -15.25 -5.46 -47.98
CA ALA B 206 -16.17 -4.91 -48.96
C ALA B 206 -17.49 -4.48 -48.34
N THR B 207 -18.04 -5.30 -47.45
CA THR B 207 -19.41 -5.08 -46.93
C THR B 207 -19.54 -5.26 -45.41
N THR B 208 -18.44 -5.08 -44.69
CA THR B 208 -18.34 -5.40 -43.27
C THR B 208 -19.29 -4.56 -42.41
N PRO B 209 -19.95 -5.18 -41.44
CA PRO B 209 -20.80 -4.41 -40.52
C PRO B 209 -19.98 -3.45 -39.68
N PRO B 210 -20.42 -2.17 -39.58
CA PRO B 210 -19.73 -1.18 -38.74
C PRO B 210 -20.04 -1.45 -37.28
N VAL B 211 -19.08 -1.14 -36.41
CA VAL B 211 -19.25 -1.31 -34.96
C VAL B 211 -18.81 0.01 -34.33
N MET B 212 -19.68 0.65 -33.56
CA MET B 212 -19.32 1.86 -32.84
C MET B 212 -19.97 1.91 -31.46
N GLN B 213 -19.25 2.46 -30.49
CA GLN B 213 -19.82 2.65 -29.16
CA GLN B 213 -19.75 2.64 -29.13
C GLN B 213 -19.89 4.13 -28.85
N PHE B 214 -20.68 4.48 -27.83
CA PHE B 214 -20.81 5.87 -27.43
C PHE B 214 -21.14 5.93 -25.95
N THR B 215 -20.46 6.81 -25.25
CA THR B 215 -20.70 6.97 -23.82
C THR B 215 -20.13 8.30 -23.42
N ASN B 216 -20.64 8.89 -22.33
CA ASN B 216 -20.03 10.10 -21.82
C ASN B 216 -19.20 9.80 -20.56
N SER B 217 -18.84 8.54 -20.40
CA SER B 217 -18.19 8.09 -19.14
C SER B 217 -16.65 7.90 -19.27
N VAL B 218 -16.10 8.12 -20.45
CA VAL B 218 -14.70 7.74 -20.73
C VAL B 218 -13.79 8.95 -20.93
N THR B 219 -12.66 8.96 -20.23
CA THR B 219 -11.70 10.06 -20.35
C THR B 219 -10.39 9.43 -20.80
N THR B 220 -9.73 10.02 -21.79
CA THR B 220 -8.38 9.57 -22.20
C THR B 220 -7.33 10.55 -21.69
N VAL B 221 -6.34 10.03 -20.96
CA VAL B 221 -5.26 10.87 -20.43
C VAL B 221 -4.27 11.16 -21.56
N LEU B 222 -3.84 12.43 -21.70
CA LEU B 222 -3.00 12.82 -22.87
C LEU B 222 -1.52 12.94 -22.51
N LEU B 223 -1.19 12.63 -21.24
CA LEU B 223 0.20 12.72 -20.76
C LEU B 223 1.06 11.65 -21.44
N ASP B 224 2.27 12.04 -21.86
CA ASP B 224 3.16 11.08 -22.52
C ASP B 224 3.95 10.28 -21.48
N GLU B 225 4.99 9.57 -21.91
CA GLU B 225 5.76 8.70 -21.02
C GLU B 225 6.55 9.49 -19.97
N ASN B 226 6.77 10.78 -20.20
CA ASN B 226 7.42 11.67 -19.25
C ASN B 226 6.44 12.48 -18.41
N GLY B 227 5.15 12.16 -18.53
CA GLY B 227 4.09 12.83 -17.77
C GLY B 227 3.71 14.19 -18.29
N VAL B 228 3.98 14.45 -19.57
CA VAL B 228 3.75 15.77 -20.20
C VAL B 228 2.73 15.64 -21.30
N GLY B 229 1.71 16.51 -21.26
CA GLY B 229 0.70 16.55 -22.32
C GLY B 229 1.10 17.49 -23.44
N PRO B 230 0.36 17.46 -24.56
CA PRO B 230 0.61 18.44 -25.62
C PRO B 230 0.61 19.89 -25.11
N LEU B 231 1.59 20.67 -25.57
CA LEU B 231 1.76 22.05 -25.16
C LEU B 231 1.36 22.96 -26.32
N CYS B 232 0.42 23.87 -26.07
CA CYS B 232 -0.26 24.56 -27.18
C CYS B 232 0.51 25.79 -27.63
N LYS B 233 1.28 25.63 -28.71
CA LYS B 233 2.13 26.70 -29.23
C LYS B 233 1.27 27.85 -29.71
N GLY B 234 1.63 29.06 -29.30
CA GLY B 234 0.84 30.24 -29.62
C GLY B 234 -0.57 30.23 -29.05
N ASP B 235 -0.79 29.45 -27.98
CA ASP B 235 -2.12 29.36 -27.34
C ASP B 235 -3.17 28.81 -28.31
N LYS B 236 -2.77 27.85 -29.13
CA LYS B 236 -3.66 27.20 -30.10
C LYS B 236 -3.74 25.71 -29.88
N LEU B 237 -4.97 25.18 -29.84
CA LEU B 237 -5.19 23.74 -29.69
C LEU B 237 -5.66 23.14 -31.00
N PHE B 238 -5.03 22.04 -31.42
CA PHE B 238 -5.36 21.41 -32.69
C PHE B 238 -6.14 20.13 -32.43
N LEU B 239 -7.35 20.04 -33.00
CA LEU B 239 -8.21 18.85 -32.89
C LEU B 239 -8.34 18.30 -34.31
N SER B 240 -8.04 17.02 -34.48
CA SER B 240 -8.07 16.43 -35.81
C SER B 240 -8.83 15.13 -35.74
N CYS B 241 -9.48 14.77 -36.84
CA CYS B 241 -10.18 13.49 -36.84
C CYS B 241 -10.64 13.07 -38.22
N ALA B 242 -11.03 11.80 -38.29
CA ALA B 242 -11.74 11.26 -39.46
C ALA B 242 -12.61 10.14 -38.93
N ASP B 243 -13.89 10.16 -39.29
CA ASP B 243 -14.84 9.15 -38.84
C ASP B 243 -15.70 8.69 -39.99
N ILE B 244 -15.12 7.75 -40.74
CA ILE B 244 -15.79 7.13 -41.89
C ILE B 244 -16.55 5.92 -41.39
N ALA B 245 -17.89 6.00 -41.48
CA ALA B 245 -18.74 4.92 -40.97
C ALA B 245 -18.91 3.75 -41.92
N GLY B 246 -18.60 3.94 -43.21
CA GLY B 246 -18.81 2.94 -44.24
C GLY B 246 -19.30 3.60 -45.50
N VAL B 247 -19.88 2.82 -46.41
CA VAL B 247 -20.49 3.42 -47.61
C VAL B 247 -21.96 3.11 -47.66
N HIS B 248 -22.70 4.05 -48.23
CA HIS B 248 -24.10 3.86 -48.58
C HIS B 248 -24.18 3.44 -50.02
N THR B 249 -24.98 2.42 -50.30
CA THR B 249 -25.18 1.91 -51.68
C THR B 249 -26.55 2.30 -52.21
N ASN B 250 -26.55 2.97 -53.36
CA ASN B 250 -27.78 3.39 -54.02
C ASN B 250 -28.43 2.24 -54.78
N TYR B 251 -29.69 2.40 -55.21
CA TYR B 251 -30.35 1.31 -55.97
C TYR B 251 -29.57 0.95 -57.23
N SER B 252 -28.95 1.95 -57.86
CA SER B 252 -28.15 1.71 -59.08
C SER B 252 -26.79 1.07 -58.80
N GLU B 253 -26.46 0.90 -57.52
CA GLU B 253 -25.21 0.31 -57.04
C GLU B 253 -24.04 1.28 -57.01
N THR B 254 -24.29 2.55 -57.34
CA THR B 254 -23.28 3.57 -57.02
C THR B 254 -23.15 3.69 -55.51
N GLN B 255 -21.95 4.03 -55.04
CA GLN B 255 -21.68 4.05 -53.60
C GLN B 255 -21.09 5.38 -53.18
N VAL B 256 -21.44 5.81 -51.97
CA VAL B 256 -20.92 7.06 -51.41
C VAL B 256 -20.39 6.79 -50.00
N TRP B 257 -19.27 7.39 -49.64
CA TRP B 257 -18.78 7.32 -48.27
C TRP B 257 -19.68 8.10 -47.34
N ARG B 258 -19.87 7.59 -46.12
CA ARG B 258 -20.69 8.29 -45.10
C ARG B 258 -19.78 8.58 -43.93
N GLY B 259 -19.76 9.85 -43.50
CA GLY B 259 -18.97 10.26 -42.33
C GLY B 259 -19.86 10.77 -41.22
N LEU B 260 -19.30 10.80 -40.01
CA LEU B 260 -20.05 11.31 -38.87
C LEU B 260 -19.23 12.35 -38.12
N PRO B 261 -19.89 13.28 -37.41
CA PRO B 261 -19.18 14.30 -36.64
C PRO B 261 -18.57 13.73 -35.39
N ARG B 262 -17.58 14.45 -34.84
CA ARG B 262 -16.96 14.03 -33.60
C ARG B 262 -16.94 15.21 -32.65
N TYR B 263 -17.27 14.92 -31.39
CA TYR B 263 -17.25 15.89 -30.31
C TYR B 263 -15.96 15.71 -29.50
N PHE B 264 -15.37 16.82 -29.07
CA PHE B 264 -14.22 16.82 -28.18
C PHE B 264 -14.50 17.67 -26.93
N ASN B 265 -14.01 17.19 -25.79
CA ASN B 265 -14.00 18.00 -24.58
C ASN B 265 -12.61 17.82 -24.01
N VAL B 266 -11.77 18.87 -24.07
CA VAL B 266 -10.36 18.79 -23.68
C VAL B 266 -10.12 19.60 -22.43
N THR B 267 -9.47 18.99 -21.42
CA THR B 267 -9.06 19.72 -20.23
C THR B 267 -7.60 20.14 -20.37
N LEU B 268 -7.33 21.39 -20.03
CA LEU B 268 -5.98 21.96 -20.13
C LEU B 268 -5.60 22.68 -18.83
N ARG B 269 -4.29 22.71 -18.55
CA ARG B 269 -3.82 23.44 -17.39
C ARG B 269 -2.68 24.36 -17.79
N LYS B 270 -2.56 25.50 -17.12
CA LYS B 270 -1.47 26.43 -17.39
C LYS B 270 -0.18 25.88 -16.81
N ARG B 271 0.88 25.91 -17.61
CA ARG B 271 2.20 25.48 -17.18
C ARG B 271 3.26 26.56 -17.40
N ILE B 272 4.22 26.63 -16.50
CA ILE B 272 5.43 27.43 -16.73
C ILE B 272 6.38 26.61 -17.60
N VAL B 273 6.86 27.21 -18.68
CA VAL B 273 7.72 26.54 -19.64
C VAL B 273 8.93 27.41 -19.91
N LYS B 274 10.12 26.82 -19.88
CA LYS B 274 11.31 27.58 -20.23
C LYS B 274 11.15 28.16 -21.64
N ASN B 275 11.48 29.44 -21.81
CA ASN B 275 11.32 30.13 -23.09
C ASN B 275 12.33 29.65 -24.13
N PRO B 276 11.84 29.12 -25.27
CA PRO B 276 12.69 28.75 -26.42
C PRO B 276 13.55 29.91 -26.93
N SER C 2 -10.02 -19.83 26.26
CA SER C 2 -11.14 -19.14 25.54
C SER C 2 -11.20 -17.62 25.81
N HIS C 3 -11.91 -16.89 24.96
CA HIS C 3 -11.93 -15.42 24.99
C HIS C 3 -13.15 -14.85 24.32
N MET C 4 -13.53 -13.61 24.65
CA MET C 4 -14.55 -12.89 23.87
C MET C 4 -13.99 -12.49 22.50
N GLY C 5 -14.78 -12.78 21.47
CA GLY C 5 -14.41 -12.46 20.10
C GLY C 5 -15.65 -12.35 19.26
N GLY C 6 -15.47 -11.85 18.04
CA GLY C 6 -16.59 -11.67 17.13
C GLY C 6 -16.77 -12.82 16.17
N VAL C 7 -18.05 -13.08 15.86
CA VAL C 7 -18.42 -13.99 14.76
CA VAL C 7 -18.40 -13.98 14.75
C VAL C 7 -19.38 -13.23 13.83
N GLU C 8 -19.22 -13.42 12.52
CA GLU C 8 -20.05 -12.72 11.54
CA GLU C 8 -20.03 -12.73 11.54
C GLU C 8 -21.30 -13.54 11.27
N VAL C 9 -22.43 -13.03 11.74
CA VAL C 9 -23.73 -13.67 11.57
C VAL C 9 -24.45 -13.00 10.41
N LEU C 10 -25.07 -13.80 9.55
CA LEU C 10 -25.84 -13.24 8.43
C LEU C 10 -27.28 -12.98 8.84
N GLU C 11 -27.82 -11.85 8.43
CA GLU C 11 -29.21 -11.53 8.71
C GLU C 11 -29.75 -10.54 7.68
N VAL C 12 -31.06 -10.34 7.67
CA VAL C 12 -31.65 -9.31 6.84
C VAL C 12 -31.29 -7.98 7.46
N ARG C 13 -30.72 -7.10 6.64
CA ARG C 13 -30.40 -5.77 7.07
C ARG C 13 -31.12 -4.81 6.15
N THR C 14 -31.83 -3.86 6.74
CA THR C 14 -32.35 -2.74 5.97
C THR C 14 -31.20 -1.75 5.90
N GLY C 15 -31.01 -1.12 4.74
CA GLY C 15 -29.94 -0.15 4.56
C GLY C 15 -30.11 1.02 5.52
N PRO C 16 -29.10 1.91 5.60
CA PRO C 16 -29.38 3.13 6.36
C PRO C 16 -30.44 3.97 5.63
N ASP C 17 -31.06 4.91 6.35
CA ASP C 17 -32.13 5.71 5.76
C ASP C 17 -31.63 6.61 4.63
N ALA C 18 -30.32 6.85 4.60
CA ALA C 18 -29.68 7.66 3.56
C ALA C 18 -29.65 7.04 2.17
N ILE C 19 -29.90 5.73 2.09
CA ILE C 19 -29.74 4.99 0.84
C ILE C 19 -31.08 4.37 0.45
N THR C 20 -31.39 4.42 -0.83
CA THR C 20 -32.53 3.71 -1.37
C THR C 20 -32.18 3.02 -2.69
N GLN C 21 -32.97 2.03 -3.07
CA GLN C 21 -32.82 1.33 -4.32
C GLN C 21 -34.16 1.37 -5.03
N ILE C 22 -34.14 1.59 -6.33
CA ILE C 22 -35.37 1.46 -7.11
C ILE C 22 -35.18 0.45 -8.23
N GLU C 23 -36.25 -0.26 -8.55
CA GLU C 23 -36.23 -1.20 -9.68
C GLU C 23 -37.32 -0.79 -10.65
N ALA C 24 -37.06 -0.96 -11.93
CA ALA C 24 -38.05 -0.66 -12.95
C ALA C 24 -37.71 -1.46 -14.19
N TYR C 25 -38.71 -1.69 -15.02
CA TYR C 25 -38.46 -2.22 -16.38
C TYR C 25 -39.13 -1.28 -17.37
N LEU C 26 -38.54 -1.17 -18.56
CA LEU C 26 -39.06 -0.35 -19.61
C LEU C 26 -39.28 -1.26 -20.80
N ASN C 27 -40.52 -1.36 -21.25
CA ASN C 27 -40.83 -2.12 -22.43
C ASN C 27 -40.42 -1.40 -23.70
N PRO C 28 -40.06 -2.15 -24.74
CA PRO C 28 -39.56 -1.53 -25.96
C PRO C 28 -40.64 -0.78 -26.73
N ARG C 29 -40.22 0.25 -27.46
CA ARG C 29 -41.11 1.08 -28.25
C ARG C 29 -40.67 1.09 -29.72
N MET C 30 -40.85 -0.06 -30.39
CA MET C 30 -40.44 -0.25 -31.78
C MET C 30 -41.43 0.29 -32.82
N GLY C 31 -42.63 0.66 -32.38
CA GLY C 31 -43.70 1.14 -33.27
C GLY C 31 -45.05 0.57 -32.86
N ASN C 32 -45.08 -0.74 -32.63
CA ASN C 32 -46.23 -1.32 -31.94
C ASN C 32 -45.93 -1.26 -30.45
N ASN C 33 -46.49 -0.23 -29.81
CA ASN C 33 -46.07 0.21 -28.47
C ASN C 33 -47.09 -0.07 -27.39
N ILE C 34 -48.22 -0.66 -27.78
CA ILE C 34 -49.33 -0.93 -26.88
C ILE C 34 -49.53 -2.45 -26.80
N PRO C 35 -49.58 -3.01 -25.58
CA PRO C 35 -49.65 -4.48 -25.38
C PRO C 35 -50.82 -5.22 -26.04
N SER C 36 -51.92 -4.53 -26.34
CA SER C 36 -53.03 -5.15 -27.04
C SER C 36 -52.74 -5.41 -28.53
N GLU C 37 -51.70 -4.77 -29.08
CA GLU C 37 -51.38 -4.88 -30.52
C GLU C 37 -50.74 -6.22 -30.87
N ASP C 38 -51.16 -6.82 -31.98
CA ASP C 38 -50.64 -8.13 -32.37
C ASP C 38 -49.12 -8.16 -32.47
N LEU C 39 -48.52 -7.08 -32.97
CA LEU C 39 -47.07 -7.05 -33.15
C LEU C 39 -46.36 -6.21 -32.08
N TYR C 40 -46.97 -6.13 -30.91
CA TYR C 40 -46.32 -5.47 -29.77
C TYR C 40 -44.87 -5.97 -29.61
N GLY C 41 -43.94 -5.04 -29.45
CA GLY C 41 -42.51 -5.36 -29.32
C GLY C 41 -41.78 -5.35 -30.65
N TYR C 42 -42.51 -5.08 -31.73
CA TYR C 42 -41.95 -5.00 -33.10
C TYR C 42 -42.43 -3.71 -33.79
N SER C 43 -41.71 -3.27 -34.81
CA SER C 43 -42.26 -2.21 -35.66
C SER C 43 -43.26 -2.81 -36.64
N ASN C 44 -44.02 -1.95 -37.31
CA ASN C 44 -44.73 -2.36 -38.51
C ASN C 44 -43.73 -2.60 -39.67
N SER C 45 -44.20 -3.16 -40.77
CA SER C 45 -43.30 -3.48 -41.89
C SER C 45 -42.57 -2.24 -42.39
N ILE C 46 -41.26 -2.36 -42.54
CA ILE C 46 -40.43 -1.24 -42.94
C ILE C 46 -40.77 -0.92 -44.41
N ASN C 47 -41.31 0.27 -44.68
CA ASN C 47 -41.57 0.69 -46.06
C ASN C 47 -40.41 1.58 -46.50
N THR C 48 -39.79 1.22 -47.63
CA THR C 48 -38.60 1.91 -48.11
C THR C 48 -38.92 3.08 -49.03
N ALA C 49 -38.03 4.05 -49.07
CA ALA C 49 -38.20 5.25 -49.88
C ALA C 49 -38.41 4.93 -51.35
N PHE C 50 -39.32 5.64 -52.00
CA PHE C 50 -39.32 5.60 -53.47
C PHE C 50 -38.05 6.25 -54.06
N SER C 51 -37.58 7.34 -53.44
CA SER C 51 -36.45 8.11 -53.94
C SER C 51 -35.88 8.94 -52.79
N LYS C 52 -34.79 9.69 -53.00
CA LYS C 52 -34.30 10.55 -51.91
C LYS C 52 -35.35 11.59 -51.55
N ALA C 53 -35.97 12.19 -52.58
CA ALA C 53 -36.99 13.23 -52.37
C ALA C 53 -38.27 12.69 -51.76
N SER C 54 -38.60 11.44 -52.07
CA SER C 54 -39.86 10.86 -51.62
C SER C 54 -39.59 9.70 -50.67
N ASP C 55 -39.47 10.03 -49.38
CA ASP C 55 -39.11 9.04 -48.37
C ASP C 55 -39.99 9.29 -47.16
N THR C 56 -41.07 8.53 -47.06
CA THR C 56 -42.14 8.77 -46.09
C THR C 56 -42.42 7.50 -45.26
N PRO C 57 -41.66 7.27 -44.19
CA PRO C 57 -41.89 6.08 -43.37
C PRO C 57 -43.31 6.04 -42.82
N ASN C 58 -43.94 4.89 -42.88
CA ASN C 58 -45.32 4.77 -42.39
C ASN C 58 -45.33 4.92 -40.88
N LYS C 59 -46.48 5.28 -40.32
N LYS C 59 -46.48 5.28 -40.32
CA LYS C 59 -46.60 5.39 -38.87
CA LYS C 59 -46.60 5.36 -38.86
C LYS C 59 -46.21 4.07 -38.23
C LYS C 59 -46.16 4.06 -38.25
N ASP C 60 -45.43 4.16 -37.15
CA ASP C 60 -45.03 2.99 -36.35
C ASP C 60 -44.10 2.02 -37.07
N THR C 61 -43.35 2.53 -38.03
CA THR C 61 -42.25 1.75 -38.61
C THR C 61 -40.89 2.21 -38.06
N LEU C 62 -40.91 3.20 -37.15
CA LEU C 62 -39.69 3.83 -36.61
C LEU C 62 -39.45 3.55 -35.12
N PRO C 63 -38.43 2.74 -34.78
CA PRO C 63 -38.14 2.48 -33.36
C PRO C 63 -37.78 3.77 -32.65
N CYS C 64 -38.27 3.89 -31.42
CA CYS C 64 -38.09 5.08 -30.62
C CYS C 64 -37.48 4.72 -29.28
N TYR C 65 -36.92 5.73 -28.62
CA TYR C 65 -36.34 5.53 -27.28
C TYR C 65 -37.45 5.27 -26.29
N SER C 66 -37.16 4.45 -25.28
CA SER C 66 -38.00 4.35 -24.10
C SER C 66 -37.50 5.31 -23.02
N VAL C 67 -38.43 5.82 -22.21
CA VAL C 67 -38.09 6.60 -21.03
C VAL C 67 -39.12 6.38 -19.93
N ALA C 68 -38.62 6.30 -18.70
CA ALA C 68 -39.48 6.28 -17.51
C ALA C 68 -38.97 7.32 -16.54
N VAL C 69 -39.89 8.01 -15.89
CA VAL C 69 -39.56 8.95 -14.84
C VAL C 69 -40.05 8.33 -13.55
N ILE C 70 -39.13 8.08 -12.63
CA ILE C 70 -39.45 7.42 -11.38
C ILE C 70 -39.47 8.46 -10.26
N LYS C 71 -40.57 8.54 -9.51
CA LYS C 71 -40.67 9.48 -8.42
C LYS C 71 -40.01 8.89 -7.19
N LEU C 72 -39.00 9.58 -6.67
CA LEU C 72 -38.29 9.14 -5.48
C LEU C 72 -38.91 9.74 -4.23
N PRO C 73 -38.49 9.29 -3.02
CA PRO C 73 -39.06 9.85 -1.81
C PRO C 73 -38.83 11.36 -1.72
N LEU C 74 -39.84 12.10 -1.28
CA LEU C 74 -39.74 13.56 -1.20
C LEU C 74 -38.72 13.94 -0.13
N LEU C 75 -37.78 14.81 -0.47
CA LEU C 75 -36.70 15.17 0.46
C LEU C 75 -36.85 16.54 1.14
N ASN C 76 -37.50 17.50 0.47
CA ASN C 76 -37.53 18.86 0.97
C ASN C 76 -38.94 19.44 1.00
N GLU C 77 -39.45 19.67 2.19
CA GLU C 77 -40.71 20.38 2.32
C GLU C 77 -40.44 21.88 2.23
N ASP C 78 -39.19 22.27 2.49
CA ASP C 78 -38.78 23.67 2.45
C ASP C 78 -37.72 23.81 1.37
N MET C 79 -38.05 24.55 0.31
CA MET C 79 -37.16 24.73 -0.82
C MET C 79 -36.41 26.06 -0.79
N THR C 80 -36.34 26.69 0.38
CA THR C 80 -35.77 28.04 0.49
C THR C 80 -34.60 28.17 1.48
N CYS C 81 -34.08 27.04 1.97
CA CYS C 81 -32.90 27.09 2.84
C CYS C 81 -31.61 27.19 2.01
N ASP C 82 -30.48 27.44 2.69
CA ASP C 82 -29.17 27.53 2.04
CA ASP C 82 -29.17 27.53 2.03
C ASP C 82 -28.84 26.26 1.25
N THR C 83 -29.30 25.12 1.76
CA THR C 83 -29.07 23.84 1.11
C THR C 83 -30.39 23.08 1.01
N ILE C 84 -30.38 22.07 0.16
CA ILE C 84 -31.50 21.17 0.00
C ILE C 84 -30.91 19.76 -0.03
N LEU C 85 -31.76 18.75 0.14
CA LEU C 85 -31.29 17.39 -0.07
C LEU C 85 -31.65 16.96 -1.49
N MET C 86 -30.78 16.18 -2.11
CA MET C 86 -31.08 15.56 -3.40
C MET C 86 -30.65 14.11 -3.36
N TRP C 87 -31.36 13.27 -4.11
CA TRP C 87 -30.91 11.91 -4.32
C TRP C 87 -29.82 11.90 -5.36
N GLU C 88 -28.70 11.27 -5.03
CA GLU C 88 -27.60 11.11 -5.98
C GLU C 88 -27.57 9.63 -6.42
N ALA C 89 -27.67 9.38 -7.73
CA ALA C 89 -27.61 8.02 -8.26
C ALA C 89 -26.14 7.57 -8.27
N VAL C 90 -25.81 6.50 -7.54
CA VAL C 90 -24.38 6.14 -7.41
C VAL C 90 -23.98 4.92 -8.23
N SER C 91 -24.94 4.04 -8.48
CA SER C 91 -24.69 2.84 -9.28
C SER C 91 -25.95 2.29 -9.89
N VAL C 92 -25.78 1.46 -10.92
CA VAL C 92 -26.90 0.82 -11.57
C VAL C 92 -26.53 -0.61 -11.96
N LYS C 93 -27.50 -1.51 -11.79
CA LYS C 93 -27.43 -2.83 -12.42
C LYS C 93 -28.53 -2.84 -13.48
N THR C 94 -28.20 -3.22 -14.70
CA THR C 94 -29.18 -3.18 -15.78
C THR C 94 -29.00 -4.41 -16.66
N GLU C 95 -30.12 -4.90 -17.19
CA GLU C 95 -30.11 -6.14 -17.98
CA GLU C 95 -30.10 -6.14 -17.97
C GLU C 95 -31.14 -6.03 -19.08
N VAL C 96 -30.81 -6.59 -20.24
CA VAL C 96 -31.80 -6.75 -21.32
C VAL C 96 -32.55 -8.05 -21.04
N VAL C 97 -33.88 -7.98 -21.05
CA VAL C 97 -34.75 -9.10 -20.65
C VAL C 97 -35.25 -9.76 -21.92
N GLY C 98 -35.48 -11.08 -21.87
CA GLY C 98 -36.05 -11.78 -23.01
C GLY C 98 -35.05 -12.10 -24.11
N ILE C 99 -33.76 -12.10 -23.80
CA ILE C 99 -32.75 -12.46 -24.83
C ILE C 99 -33.03 -13.86 -25.42
N SER C 100 -33.39 -14.77 -24.51
CA SER C 100 -33.64 -16.17 -24.86
C SER C 100 -34.82 -16.35 -25.85
N SER C 101 -35.73 -15.37 -25.92
CA SER C 101 -36.84 -15.42 -26.89
C SER C 101 -36.35 -15.47 -28.35
N LEU C 102 -35.14 -14.98 -28.61
CA LEU C 102 -34.57 -15.03 -29.95
C LEU C 102 -34.13 -16.43 -30.34
N VAL C 103 -34.00 -17.34 -29.37
CA VAL C 103 -33.50 -18.73 -29.60
C VAL C 103 -34.67 -19.57 -30.08
N ASN C 104 -35.14 -19.24 -31.28
CA ASN C 104 -36.43 -19.73 -31.76
C ASN C 104 -36.28 -19.80 -33.27
N LEU C 105 -36.27 -21.01 -33.83
CA LEU C 105 -36.15 -21.18 -35.28
C LEU C 105 -37.43 -21.71 -35.93
N HIS C 106 -38.53 -21.72 -35.17
CA HIS C 106 -39.81 -22.17 -35.71
C HIS C 106 -40.78 -21.04 -36.03
N GLN C 107 -40.52 -19.84 -35.51
CA GLN C 107 -41.33 -18.67 -35.83
C GLN C 107 -41.37 -18.52 -37.37
N GLY C 108 -42.55 -18.23 -37.92
CA GLY C 108 -42.70 -18.12 -39.39
C GLY C 108 -41.83 -17.02 -39.95
N GLY C 109 -41.20 -17.28 -41.09
CA GLY C 109 -40.39 -16.26 -41.76
C GLY C 109 -39.68 -16.81 -42.98
N LYS C 110 -38.58 -16.15 -43.33
CA LYS C 110 -37.72 -16.58 -44.43
CA LYS C 110 -37.73 -16.58 -44.44
C LYS C 110 -37.00 -17.83 -43.96
N TYR C 111 -36.81 -18.83 -44.84
CA TYR C 111 -36.10 -20.06 -44.44
C TYR C 111 -34.58 -19.87 -44.49
N ILE C 112 -33.87 -20.54 -43.57
CA ILE C 112 -32.41 -20.52 -43.57
C ILE C 112 -31.86 -21.12 -44.86
N TYR C 113 -32.32 -22.32 -45.17
CA TYR C 113 -31.96 -22.97 -46.42
C TYR C 113 -33.20 -23.01 -47.32
N GLY C 114 -33.86 -24.15 -47.40
CA GLY C 114 -35.13 -24.22 -48.13
C GLY C 114 -36.28 -24.45 -47.16
N SER C 115 -37.42 -24.85 -47.72
CA SER C 115 -38.68 -24.99 -46.99
CA SER C 115 -38.66 -24.93 -46.93
C SER C 115 -38.67 -26.02 -45.85
N SER C 116 -37.67 -26.91 -45.85
CA SER C 116 -37.59 -27.93 -44.78
C SER C 116 -36.77 -27.49 -43.58
N SER C 117 -36.07 -26.36 -43.70
CA SER C 117 -35.16 -25.92 -42.64
C SER C 117 -35.83 -25.02 -41.59
N GLY C 118 -35.05 -24.63 -40.59
CA GLY C 118 -35.51 -23.61 -39.64
C GLY C 118 -35.68 -22.26 -40.33
N CYS C 119 -36.36 -21.33 -39.67
CA CYS C 119 -36.51 -19.98 -40.21
C CYS C 119 -35.43 -19.04 -39.67
N VAL C 120 -35.05 -18.07 -40.49
CA VAL C 120 -33.99 -17.11 -40.16
C VAL C 120 -34.39 -16.34 -38.89
N PRO C 121 -33.51 -16.32 -37.88
CA PRO C 121 -33.82 -15.62 -36.64
C PRO C 121 -33.60 -14.11 -36.77
N VAL C 122 -33.87 -13.37 -35.70
CA VAL C 122 -33.70 -11.91 -35.70
C VAL C 122 -32.23 -11.61 -35.88
N GLN C 123 -31.89 -10.80 -36.87
CA GLN C 123 -30.50 -10.43 -37.12
C GLN C 123 -30.42 -9.09 -37.86
N GLY C 124 -29.21 -8.64 -38.16
CA GLY C 124 -29.04 -7.34 -38.81
C GLY C 124 -28.60 -6.28 -37.81
N THR C 125 -28.98 -5.03 -38.05
CA THR C 125 -28.55 -3.91 -37.20
C THR C 125 -29.04 -4.02 -35.76
N THR C 126 -28.15 -3.73 -34.80
CA THR C 126 -28.50 -3.72 -33.37
C THR C 126 -28.12 -2.37 -32.76
N TYR C 127 -28.85 -1.94 -31.73
CA TYR C 127 -28.55 -0.68 -31.09
C TYR C 127 -29.03 -0.85 -29.66
N HIS C 128 -28.08 -0.80 -28.72
CA HIS C 128 -28.38 -1.00 -27.32
C HIS C 128 -27.80 0.15 -26.56
N MET C 129 -28.66 0.87 -25.86
CA MET C 129 -28.18 1.94 -25.01
C MET C 129 -29.04 2.09 -23.79
N PHE C 130 -28.44 2.57 -22.71
CA PHE C 130 -29.22 2.99 -21.55
C PHE C 130 -28.63 4.26 -20.98
N ALA C 131 -29.44 4.98 -20.21
CA ALA C 131 -28.98 6.16 -19.51
C ALA C 131 -29.67 6.25 -18.19
N VAL C 132 -28.97 6.81 -17.22
CA VAL C 132 -29.55 7.10 -15.91
C VAL C 132 -29.21 8.55 -15.60
N GLY C 133 -30.23 9.36 -15.29
CA GLY C 133 -29.96 10.76 -15.06
C GLY C 133 -30.92 11.41 -14.10
N GLY C 134 -30.60 12.66 -13.74
CA GLY C 134 -31.37 13.42 -12.77
C GLY C 134 -32.31 14.39 -13.45
N GLU C 135 -32.49 14.22 -14.76
CA GLU C 135 -33.28 15.10 -15.61
C GLU C 135 -33.33 14.43 -16.99
N PRO C 136 -34.17 14.92 -17.93
CA PRO C 136 -34.27 14.18 -19.20
C PRO C 136 -32.93 14.12 -19.94
N LEU C 137 -32.69 13.00 -20.59
CA LEU C 137 -31.56 12.86 -21.50
C LEU C 137 -31.64 13.95 -22.55
N GLU C 138 -30.55 14.67 -22.73
CA GLU C 138 -30.47 15.68 -23.79
C GLU C 138 -30.04 15.07 -25.12
N LEU C 139 -30.79 15.37 -26.18
CA LEU C 139 -30.61 14.74 -27.49
C LEU C 139 -30.10 15.71 -28.55
N GLN C 140 -29.33 15.16 -29.49
CA GLN C 140 -28.87 15.88 -30.68
C GLN C 140 -29.53 15.22 -31.86
N GLY C 141 -30.04 16.02 -32.80
CA GLY C 141 -30.67 15.50 -34.02
C GLY C 141 -29.63 15.32 -35.10
N LEU C 142 -29.68 14.19 -35.80
CA LEU C 142 -28.79 13.93 -36.92
C LEU C 142 -29.42 12.77 -37.69
N VAL C 143 -29.64 12.98 -38.98
CA VAL C 143 -30.32 11.98 -39.81
C VAL C 143 -29.46 11.53 -41.01
N ALA C 144 -29.80 10.36 -41.54
CA ALA C 144 -29.19 9.88 -42.78
C ALA C 144 -29.60 10.72 -43.99
N SER C 145 -30.84 11.21 -44.00
CA SER C 145 -31.36 12.02 -45.12
C SER C 145 -32.32 13.11 -44.67
N SER C 146 -32.01 14.35 -45.01
CA SER C 146 -32.83 15.49 -44.60
C SER C 146 -34.14 15.58 -45.37
N THR C 147 -34.27 14.77 -46.41
CA THR C 147 -35.46 14.86 -47.25
C THR C 147 -36.53 13.83 -46.90
N ALA C 148 -36.27 12.99 -45.89
CA ALA C 148 -37.30 12.09 -45.37
C ALA C 148 -38.44 12.92 -44.76
N THR C 149 -39.65 12.41 -44.88
CA THR C 149 -40.82 13.04 -44.25
C THR C 149 -41.24 12.19 -43.07
N TYR C 150 -41.08 12.70 -41.86
CA TYR C 150 -41.46 11.94 -40.65
C TYR C 150 -42.93 12.12 -40.26
N PRO C 151 -43.56 11.06 -39.73
CA PRO C 151 -44.99 11.06 -39.43
C PRO C 151 -45.31 11.91 -38.19
N ASP C 152 -46.56 12.29 -38.05
CA ASP C 152 -46.95 13.21 -36.99
C ASP C 152 -47.06 12.57 -35.60
N ASP C 153 -46.78 11.26 -35.50
CA ASP C 153 -46.83 10.57 -34.21
C ASP C 153 -45.42 10.39 -33.59
N VAL C 154 -44.42 11.02 -34.21
CA VAL C 154 -43.06 11.05 -33.65
C VAL C 154 -42.54 12.48 -33.61
N VAL C 155 -41.59 12.75 -32.70
CA VAL C 155 -40.94 14.05 -32.63
C VAL C 155 -39.69 14.01 -33.49
N ALA C 156 -39.63 14.88 -34.50
CA ALA C 156 -38.48 14.90 -35.39
C ALA C 156 -37.84 16.28 -35.38
N ILE C 157 -36.83 16.45 -36.22
CA ILE C 157 -36.09 17.73 -36.27
C ILE C 157 -36.97 18.81 -36.91
N LYS C 158 -37.01 19.99 -36.28
CA LYS C 158 -37.79 21.11 -36.81
CA LYS C 158 -37.79 21.11 -36.81
C LYS C 158 -37.05 21.77 -37.97
N ASN C 159 -37.80 22.08 -39.04
CA ASN C 159 -37.27 22.78 -40.21
C ASN C 159 -36.04 22.09 -40.75
N MET C 160 -36.16 20.79 -41.01
CA MET C 160 -35.01 19.99 -41.42
C MET C 160 -34.44 20.48 -42.75
N LYS C 161 -33.10 20.43 -42.85
CA LYS C 161 -32.34 20.89 -44.01
CA LYS C 161 -32.35 20.87 -44.03
C LYS C 161 -31.16 19.94 -44.20
N PRO C 162 -30.46 19.99 -45.36
CA PRO C 162 -29.34 19.06 -45.53
C PRO C 162 -28.28 19.14 -44.41
N GLY C 163 -28.14 20.31 -43.77
CA GLY C 163 -27.21 20.45 -42.65
C GLY C 163 -27.44 19.43 -41.54
N ASN C 164 -28.67 18.92 -41.43
CA ASN C 164 -29.03 17.92 -40.41
C ASN C 164 -28.54 16.51 -40.70
N GLN C 165 -27.84 16.34 -41.83
CA GLN C 165 -27.14 15.10 -42.12
C GLN C 165 -25.78 15.13 -41.42
N GLY C 166 -25.45 16.31 -40.88
CA GLY C 166 -24.34 16.44 -39.95
C GLY C 166 -24.84 17.03 -38.66
N LEU C 167 -23.94 17.59 -37.86
CA LEU C 167 -24.33 18.13 -36.58
C LEU C 167 -24.67 19.62 -36.74
N ASP C 168 -25.95 19.93 -36.56
CA ASP C 168 -26.41 21.33 -36.51
C ASP C 168 -26.84 21.61 -35.07
N PRO C 169 -26.22 22.63 -34.42
CA PRO C 169 -26.52 22.85 -32.99
C PRO C 169 -27.98 23.28 -32.68
N LYS C 170 -28.75 23.67 -33.70
CA LYS C 170 -30.16 24.00 -33.46
C LYS C 170 -31.03 22.75 -33.31
N ALA C 171 -30.52 21.60 -33.73
CA ALA C 171 -31.30 20.36 -33.69
C ALA C 171 -31.12 19.68 -32.34
N LYS C 172 -31.87 20.15 -31.35
CA LYS C 172 -31.76 19.63 -29.99
C LYS C 172 -33.11 19.30 -29.41
N ALA C 173 -33.17 18.32 -28.52
CA ALA C 173 -34.42 17.95 -27.89
C ALA C 173 -34.11 17.32 -26.54
N LEU C 174 -35.17 17.11 -25.76
CA LEU C 174 -35.12 16.38 -24.49
C LEU C 174 -35.90 15.09 -24.68
N LEU C 175 -35.38 13.99 -24.15
CA LEU C 175 -36.08 12.73 -24.18
C LEU C 175 -37.12 12.76 -23.05
N ASP C 176 -38.29 13.29 -23.39
CA ASP C 176 -39.30 13.57 -22.38
C ASP C 176 -40.67 12.95 -22.70
N LYS C 177 -40.70 12.06 -23.68
CA LYS C 177 -41.89 11.32 -24.10
C LYS C 177 -41.45 9.90 -24.43
N ASP C 178 -42.12 8.94 -23.81
CA ASP C 178 -41.80 7.52 -24.05
C ASP C 178 -42.33 7.12 -25.42
N GLY C 179 -41.47 6.52 -26.23
CA GLY C 179 -41.85 5.99 -27.53
C GLY C 179 -42.20 6.98 -28.61
N LYS C 180 -41.67 8.20 -28.52
CA LYS C 180 -41.98 9.22 -29.54
C LYS C 180 -40.76 9.81 -30.25
N TYR C 181 -39.55 9.61 -29.69
CA TYR C 181 -38.32 10.14 -30.29
C TYR C 181 -37.62 9.03 -31.09
N PRO C 182 -37.58 9.14 -32.44
CA PRO C 182 -36.97 8.02 -33.18
C PRO C 182 -35.45 7.86 -32.98
N VAL C 183 -35.02 6.61 -32.86
CA VAL C 183 -33.60 6.29 -32.73
C VAL C 183 -32.84 6.84 -33.95
N GLU C 184 -33.41 6.73 -35.14
CA GLU C 184 -32.70 7.14 -36.34
C GLU C 184 -32.58 8.67 -36.52
N VAL C 185 -33.25 9.43 -35.65
CA VAL C 185 -33.25 10.91 -35.70
C VAL C 185 -32.40 11.52 -34.57
N TRP C 186 -32.44 10.87 -33.39
CA TRP C 186 -31.88 11.44 -32.17
C TRP C 186 -30.83 10.57 -31.54
N CYS C 187 -29.74 11.19 -31.09
CA CYS C 187 -28.69 10.50 -30.34
C CYS C 187 -28.40 11.35 -29.10
N PRO C 188 -27.69 10.77 -28.11
CA PRO C 188 -27.31 11.60 -26.99
C PRO C 188 -26.48 12.81 -27.41
N ASP C 189 -26.75 13.95 -26.81
CA ASP C 189 -25.98 15.17 -27.07
C ASP C 189 -24.75 15.20 -26.15
N PRO C 190 -23.56 14.90 -26.70
CA PRO C 190 -22.39 14.85 -25.81
C PRO C 190 -21.92 16.21 -25.31
N SER C 191 -22.45 17.30 -25.88
CA SER C 191 -22.08 18.64 -25.42
C SER C 191 -22.88 19.05 -24.17
N LYS C 192 -23.86 18.25 -23.80
CA LYS C 192 -24.62 18.51 -22.57
C LYS C 192 -24.56 17.25 -21.70
N ASN C 193 -25.68 16.87 -21.08
CA ASN C 193 -25.77 15.64 -20.31
C ASN C 193 -24.79 15.52 -19.16
N GLU C 194 -24.46 16.67 -18.58
CA GLU C 194 -23.59 16.68 -17.41
C GLU C 194 -24.23 15.95 -16.22
N ASN C 195 -25.56 15.83 -16.21
CA ASN C 195 -26.29 15.25 -15.07
C ASN C 195 -26.93 13.89 -15.42
N THR C 196 -26.40 13.27 -16.46
CA THR C 196 -26.82 11.96 -16.93
C THR C 196 -25.58 11.12 -17.28
N ARG C 197 -25.66 9.81 -17.10
CA ARG C 197 -24.63 8.90 -17.60
C ARG C 197 -25.28 8.06 -18.66
N TYR C 198 -24.70 8.01 -19.87
CA TYR C 198 -25.23 7.12 -20.90
C TYR C 198 -24.15 6.21 -21.51
N TYR C 199 -24.60 5.05 -21.97
CA TYR C 199 -23.73 3.98 -22.47
C TYR C 199 -24.45 3.35 -23.66
N GLY C 200 -23.77 3.23 -24.79
CA GLY C 200 -24.42 2.72 -26.00
C GLY C 200 -23.48 1.90 -26.87
N SER C 201 -24.06 0.94 -27.58
CA SER C 201 -23.31 0.05 -28.46
CA SER C 201 -23.31 0.05 -28.48
C SER C 201 -24.12 -0.15 -29.75
N PHE C 202 -23.47 0.03 -30.89
CA PHE C 202 -24.11 -0.16 -32.19
C PHE C 202 -23.31 -1.14 -33.00
N THR C 203 -24.00 -2.05 -33.70
N THR C 203 -24.00 -2.05 -33.67
CA THR C 203 -23.38 -2.87 -34.73
CA THR C 203 -23.42 -2.82 -34.75
C THR C 203 -24.35 -2.88 -35.91
C THR C 203 -24.40 -2.75 -35.90
N GLY C 204 -23.88 -2.50 -37.08
CA GLY C 204 -24.73 -2.40 -38.25
C GLY C 204 -24.75 -3.66 -39.07
N GLY C 205 -24.85 -3.48 -40.38
CA GLY C 205 -24.82 -4.59 -41.32
C GLY C 205 -26.22 -5.09 -41.65
N ALA C 206 -26.33 -5.67 -42.82
CA ALA C 206 -27.61 -6.16 -43.31
C ALA C 206 -28.14 -7.35 -42.54
N THR C 207 -27.28 -8.32 -42.21
CA THR C 207 -27.75 -9.61 -41.68
C THR C 207 -26.92 -10.12 -40.50
N THR C 208 -26.26 -9.20 -39.82
CA THR C 208 -25.27 -9.49 -38.78
C THR C 208 -25.87 -10.27 -37.61
N PRO C 209 -25.17 -11.32 -37.12
CA PRO C 209 -25.67 -12.04 -35.94
C PRO C 209 -25.67 -11.13 -34.72
N PRO C 210 -26.79 -11.11 -33.95
CA PRO C 210 -26.77 -10.33 -32.73
C PRO C 210 -26.00 -11.05 -31.61
N VAL C 211 -25.42 -10.25 -30.71
CA VAL C 211 -24.63 -10.77 -29.58
C VAL C 211 -25.12 -10.05 -28.34
N MET C 212 -25.58 -10.80 -27.34
CA MET C 212 -26.02 -10.19 -26.08
C MET C 212 -25.66 -11.07 -24.88
N GLN C 213 -25.32 -10.41 -23.78
CA GLN C 213 -24.96 -11.08 -22.52
CA GLN C 213 -25.03 -11.16 -22.54
C GLN C 213 -26.02 -10.77 -21.46
N PHE C 214 -26.11 -11.61 -20.43
CA PHE C 214 -27.02 -11.31 -19.32
C PHE C 214 -26.47 -11.93 -18.04
N THR C 215 -26.52 -11.16 -16.96
CA THR C 215 -26.01 -11.64 -15.66
C THR C 215 -26.58 -10.73 -14.60
N ASN C 216 -26.70 -11.22 -13.37
CA ASN C 216 -27.06 -10.35 -12.26
C ASN C 216 -25.85 -9.99 -11.39
N SER C 217 -24.66 -10.23 -11.93
CA SER C 217 -23.43 -10.03 -11.15
C SER C 217 -22.73 -8.69 -11.41
N VAL C 218 -23.25 -7.85 -12.30
CA VAL C 218 -22.52 -6.66 -12.77
C VAL C 218 -23.16 -5.32 -12.36
N THR C 219 -22.32 -4.44 -11.80
CA THR C 219 -22.75 -3.12 -11.33
C THR C 219 -21.92 -2.06 -12.05
N THR C 220 -22.58 -1.04 -12.61
CA THR C 220 -21.88 0.09 -13.22
C THR C 220 -21.94 1.27 -12.26
N VAL C 221 -20.78 1.84 -11.95
CA VAL C 221 -20.71 3.01 -11.07
C VAL C 221 -21.05 4.27 -11.85
N LEU C 222 -21.89 5.14 -11.26
CA LEU C 222 -22.42 6.29 -12.00
C LEU C 222 -21.70 7.59 -11.66
N LEU C 223 -20.72 7.51 -10.76
CA LEU C 223 -19.97 8.71 -10.33
C LEU C 223 -19.15 9.24 -11.51
N ASP C 224 -19.15 10.56 -11.73
CA ASP C 224 -18.35 11.13 -12.81
C ASP C 224 -16.89 11.31 -12.38
N GLU C 225 -16.12 12.06 -13.17
CA GLU C 225 -14.69 12.25 -12.92
C GLU C 225 -14.42 13.04 -11.65
N ASN C 226 -15.43 13.74 -11.13
CA ASN C 226 -15.30 14.49 -9.89
C ASN C 226 -15.94 13.75 -8.71
N GLY C 227 -16.30 12.49 -8.92
CA GLY C 227 -16.85 11.65 -7.87
C GLY C 227 -18.32 11.87 -7.54
N VAL C 228 -19.06 12.48 -8.48
CA VAL C 228 -20.46 12.88 -8.26
C VAL C 228 -21.37 12.15 -9.27
N GLY C 229 -22.43 11.53 -8.76
CA GLY C 229 -23.42 10.87 -9.61
C GLY C 229 -24.53 11.85 -10.03
N PRO C 230 -25.44 11.40 -10.92
CA PRO C 230 -26.59 12.23 -11.27
C PRO C 230 -27.38 12.67 -10.03
N LEU C 231 -27.78 13.94 -10.02
CA LEU C 231 -28.56 14.48 -8.90
C LEU C 231 -29.99 14.68 -9.40
N CYS C 232 -30.94 14.11 -8.69
CA CYS C 232 -32.31 13.98 -9.19
C CYS C 232 -33.13 15.24 -8.89
N LYS C 233 -33.27 16.08 -9.89
CA LYS C 233 -34.02 17.35 -9.74
C LYS C 233 -35.49 17.04 -9.48
N GLY C 234 -36.08 17.69 -8.48
CA GLY C 234 -37.48 17.45 -8.11
C GLY C 234 -37.74 16.03 -7.62
N ASP C 235 -36.70 15.37 -7.13
CA ASP C 235 -36.77 13.97 -6.68
C ASP C 235 -37.30 13.03 -7.78
N LYS C 236 -36.90 13.32 -9.02
CA LYS C 236 -37.25 12.48 -10.17
C LYS C 236 -36.01 11.83 -10.76
N LEU C 237 -36.09 10.52 -11.02
CA LEU C 237 -35.01 9.78 -11.66
C LEU C 237 -35.43 9.44 -13.08
N PHE C 238 -34.55 9.71 -14.06
CA PHE C 238 -34.87 9.44 -15.47
C PHE C 238 -34.08 8.25 -15.97
N LEU C 239 -34.81 7.25 -16.46
CA LEU C 239 -34.21 6.03 -17.02
C LEU C 239 -34.59 6.03 -18.49
N SER C 240 -33.60 5.86 -19.35
CA SER C 240 -33.80 5.93 -20.79
C SER C 240 -33.12 4.74 -21.42
N CYS C 241 -33.69 4.22 -22.50
CA CYS C 241 -32.96 3.17 -23.22
C CYS C 241 -33.52 2.95 -24.61
N ALA C 242 -32.77 2.19 -25.40
CA ALA C 242 -33.31 1.60 -26.62
C ALA C 242 -32.56 0.28 -26.75
N ASP C 243 -33.29 -0.80 -27.04
CA ASP C 243 -32.67 -2.09 -27.23
C ASP C 243 -33.22 -2.79 -28.44
N ILE C 244 -32.65 -2.44 -29.58
CA ILE C 244 -33.05 -3.03 -30.86
C ILE C 244 -32.18 -4.24 -31.08
N ALA C 245 -32.83 -5.40 -31.10
CA ALA C 245 -32.12 -6.67 -31.16
C ALA C 245 -31.80 -7.06 -32.60
N GLY C 246 -32.52 -6.48 -33.55
CA GLY C 246 -32.29 -6.77 -34.96
C GLY C 246 -33.61 -6.67 -35.72
N VAL C 247 -33.67 -7.31 -36.87
CA VAL C 247 -34.93 -7.34 -37.64
C VAL C 247 -35.37 -8.77 -37.88
N HIS C 248 -36.68 -8.96 -37.82
CA HIS C 248 -37.29 -10.21 -38.25
C HIS C 248 -37.76 -10.11 -39.67
N THR C 249 -37.48 -11.14 -40.46
CA THR C 249 -37.86 -11.15 -41.88
C THR C 249 -38.99 -12.15 -42.10
N ASN C 250 -40.09 -11.67 -42.66
CA ASN C 250 -41.23 -12.52 -43.01
C ASN C 250 -40.97 -13.31 -44.28
N TYR C 251 -41.78 -14.33 -44.53
CA TYR C 251 -41.62 -15.14 -45.73
C TYR C 251 -41.71 -14.26 -46.98
N SER C 252 -42.55 -13.23 -46.94
CA SER C 252 -42.68 -12.33 -48.11
C SER C 252 -41.47 -11.37 -48.24
N GLU C 253 -40.54 -11.46 -47.30
CA GLU C 253 -39.34 -10.61 -47.21
C GLU C 253 -39.59 -9.22 -46.65
N THR C 254 -40.81 -8.92 -46.24
CA THR C 254 -41.01 -7.68 -45.47
C THR C 254 -40.29 -7.86 -44.13
N GLN C 255 -39.84 -6.75 -43.55
CA GLN C 255 -39.02 -6.80 -42.35
C GLN C 255 -39.55 -5.87 -41.27
N VAL C 256 -39.40 -6.31 -40.02
CA VAL C 256 -39.84 -5.55 -38.85
C VAL C 256 -38.73 -5.53 -37.81
N TRP C 257 -38.56 -4.38 -37.17
CA TRP C 257 -37.60 -4.27 -36.08
C TRP C 257 -38.12 -5.01 -34.89
N ARG C 258 -37.21 -5.61 -34.12
CA ARG C 258 -37.56 -6.30 -32.89
C ARG C 258 -36.81 -5.65 -31.75
N GLY C 259 -37.54 -5.20 -30.73
CA GLY C 259 -36.93 -4.66 -29.52
C GLY C 259 -37.17 -5.54 -28.31
N LEU C 260 -36.36 -5.33 -27.27
CA LEU C 260 -36.50 -6.08 -26.02
C LEU C 260 -36.57 -5.12 -24.84
N PRO C 261 -37.22 -5.53 -23.72
CA PRO C 261 -37.29 -4.70 -22.53
C PRO C 261 -35.97 -4.62 -21.79
N ARG C 262 -35.83 -3.58 -20.97
CA ARG C 262 -34.64 -3.44 -20.15
C ARG C 262 -35.06 -3.22 -18.72
N TYR C 263 -34.37 -3.91 -17.82
CA TYR C 263 -34.53 -3.80 -16.38
C TYR C 263 -33.45 -2.87 -15.82
N PHE C 264 -33.84 -2.06 -14.83
CA PHE C 264 -32.90 -1.20 -14.10
C PHE C 264 -33.05 -1.42 -12.59
N ASN C 265 -31.92 -1.45 -11.89
CA ASN C 265 -31.88 -1.38 -10.44
C ASN C 265 -30.86 -0.30 -10.07
N VAL C 266 -31.35 0.81 -9.53
CA VAL C 266 -30.50 1.99 -9.29
C VAL C 266 -30.39 2.23 -7.78
N THR C 267 -29.15 2.40 -7.29
CA THR C 267 -28.91 2.75 -5.88
C THR C 267 -28.63 4.25 -5.79
N LEU C 268 -29.31 4.91 -4.86
CA LEU C 268 -29.19 6.35 -4.66
C LEU C 268 -28.93 6.65 -3.19
N ARG C 269 -28.26 7.76 -2.94
CA ARG C 269 -28.01 8.19 -1.58
C ARG C 269 -28.41 9.65 -1.43
N LYS C 270 -28.88 10.03 -0.25
CA LYS C 270 -29.22 11.42 0.05
C LYS C 270 -27.96 12.26 0.14
N ARG C 271 -27.95 13.42 -0.51
CA ARG C 271 -26.82 14.35 -0.43
C ARG C 271 -27.30 15.75 -0.07
N ILE C 272 -26.46 16.49 0.66
CA ILE C 272 -26.72 17.90 0.91
C ILE C 272 -26.15 18.66 -0.28
N VAL C 273 -26.96 19.55 -0.85
CA VAL C 273 -26.60 20.27 -2.06
C VAL C 273 -26.90 21.75 -1.87
N LYS C 274 -25.94 22.60 -2.23
CA LYS C 274 -26.13 24.04 -2.11
C LYS C 274 -27.32 24.39 -3.00
N ASN C 275 -28.27 25.11 -2.42
CA ASN C 275 -29.56 25.40 -3.08
C ASN C 275 -29.37 26.27 -4.33
N PRO C 276 -29.73 25.75 -5.52
CA PRO C 276 -29.71 26.55 -6.75
C PRO C 276 -30.91 27.50 -6.80
N HIS D 3 20.61 -22.50 12.04
CA HIS D 3 19.39 -21.93 12.70
C HIS D 3 18.12 -22.74 12.44
N MET D 4 17.19 -22.70 13.38
CA MET D 4 15.84 -23.26 13.17
C MET D 4 15.07 -22.35 12.20
N GLY D 5 14.42 -22.96 11.24
CA GLY D 5 13.61 -22.21 10.26
C GLY D 5 12.52 -23.07 9.65
N GLY D 6 11.60 -22.43 8.93
CA GLY D 6 10.51 -23.14 8.28
C GLY D 6 10.84 -23.71 6.90
N VAL D 7 10.26 -24.87 6.60
CA VAL D 7 10.29 -25.44 5.24
C VAL D 7 8.87 -25.90 4.91
N GLU D 8 8.42 -25.68 3.68
CA GLU D 8 7.03 -25.99 3.35
C GLU D 8 6.97 -27.36 2.70
N VAL D 9 6.33 -28.31 3.37
CA VAL D 9 6.15 -29.67 2.85
C VAL D 9 4.75 -29.79 2.25
N LEU D 10 4.64 -30.34 1.06
CA LEU D 10 3.32 -30.55 0.49
C LEU D 10 2.73 -31.86 0.99
N GLU D 11 1.46 -31.82 1.35
CA GLU D 11 0.74 -33.04 1.73
C GLU D 11 -0.74 -32.90 1.43
N VAL D 12 -1.46 -34.01 1.54
CA VAL D 12 -2.91 -34.00 1.45
C VAL D 12 -3.45 -33.32 2.71
N ARG D 13 -4.28 -32.31 2.51
CA ARG D 13 -4.92 -31.62 3.62
C ARG D 13 -6.42 -31.72 3.42
N THR D 14 -7.15 -32.12 4.46
CA THR D 14 -8.60 -32.08 4.39
C THR D 14 -9.01 -30.72 4.89
N GLY D 15 -9.81 -30.00 4.09
CA GLY D 15 -10.21 -28.63 4.41
C GLY D 15 -10.97 -28.60 5.73
N PRO D 16 -11.08 -27.42 6.36
CA PRO D 16 -11.85 -27.34 7.61
C PRO D 16 -13.23 -27.97 7.49
N ASP D 17 -13.77 -28.43 8.62
CA ASP D 17 -15.14 -28.95 8.71
C ASP D 17 -16.19 -27.96 8.20
N ALA D 18 -15.90 -26.67 8.29
CA ALA D 18 -16.83 -25.61 7.81
C ALA D 18 -17.02 -25.54 6.29
N ILE D 19 -16.14 -26.18 5.52
CA ILE D 19 -16.13 -26.05 4.05
C ILE D 19 -16.42 -27.40 3.39
N THR D 20 -17.20 -27.38 2.32
CA THR D 20 -17.47 -28.58 1.53
C THR D 20 -17.46 -28.22 0.05
N GLN D 21 -17.14 -29.19 -0.81
CA GLN D 21 -17.27 -29.02 -2.24
C GLN D 21 -18.22 -30.07 -2.76
N ILE D 22 -19.00 -29.72 -3.77
CA ILE D 22 -19.78 -30.72 -4.46
C ILE D 22 -19.46 -30.64 -5.94
N GLU D 23 -19.67 -31.75 -6.64
CA GLU D 23 -19.47 -31.78 -8.09
C GLU D 23 -20.71 -32.38 -8.67
N ALA D 24 -21.08 -31.96 -9.88
CA ALA D 24 -22.23 -32.52 -10.58
C ALA D 24 -22.09 -32.24 -12.06
N TYR D 25 -22.75 -33.04 -12.88
CA TYR D 25 -22.93 -32.70 -14.29
C TYR D 25 -24.41 -32.75 -14.61
N LEU D 26 -24.82 -31.92 -15.56
CA LEU D 26 -26.20 -31.88 -16.01
C LEU D 26 -26.19 -32.12 -17.49
N ASN D 27 -26.85 -33.19 -17.93
CA ASN D 27 -26.97 -33.45 -19.38
C ASN D 27 -27.97 -32.53 -20.05
N PRO D 28 -27.73 -32.18 -21.33
CA PRO D 28 -28.58 -31.20 -22.01
C PRO D 28 -30.00 -31.72 -22.23
N ARG D 29 -30.97 -30.81 -22.31
CA ARG D 29 -32.39 -31.18 -22.52
C ARG D 29 -32.90 -30.48 -23.79
N MET D 30 -32.44 -30.95 -24.94
CA MET D 30 -32.76 -30.32 -26.23
C MET D 30 -34.11 -30.76 -26.82
N GLY D 31 -34.66 -31.84 -26.27
CA GLY D 31 -35.97 -32.38 -26.69
C GLY D 31 -35.95 -33.88 -26.64
N ASN D 32 -34.89 -34.49 -27.19
CA ASN D 32 -34.59 -35.90 -26.91
C ASN D 32 -33.77 -35.96 -25.63
N ASN D 33 -34.48 -36.17 -24.51
CA ASN D 33 -33.91 -36.00 -23.17
C ASN D 33 -33.62 -37.30 -22.44
N ILE D 34 -33.92 -38.42 -23.09
CA ILE D 34 -33.72 -39.76 -22.52
C ILE D 34 -32.57 -40.45 -23.25
N PRO D 35 -31.57 -40.97 -22.50
CA PRO D 35 -30.32 -41.52 -23.07
C PRO D 35 -30.48 -42.68 -24.03
N SER D 36 -31.62 -43.36 -23.99
CA SER D 36 -31.87 -44.47 -24.90
C SER D 36 -32.33 -43.98 -26.27
N GLU D 37 -32.76 -42.72 -26.37
CA GLU D 37 -33.25 -42.17 -27.64
C GLU D 37 -32.11 -41.96 -28.65
N ASP D 38 -32.37 -42.32 -29.91
CA ASP D 38 -31.38 -42.21 -30.97
C ASP D 38 -30.75 -40.82 -31.05
N LEU D 39 -31.56 -39.78 -30.94
CA LEU D 39 -31.08 -38.39 -31.05
C LEU D 39 -30.89 -37.71 -29.70
N TYR D 40 -30.65 -38.51 -28.67
CA TYR D 40 -30.33 -37.95 -27.35
C TYR D 40 -29.27 -36.86 -27.47
N GLY D 41 -29.50 -35.72 -26.81
CA GLY D 41 -28.59 -34.57 -26.89
C GLY D 41 -28.93 -33.62 -28.04
N TYR D 42 -29.99 -33.95 -28.79
CA TYR D 42 -30.49 -33.08 -29.86
C TYR D 42 -32.00 -32.89 -29.73
N SER D 43 -32.53 -31.87 -30.40
CA SER D 43 -33.97 -31.75 -30.56
C SER D 43 -34.40 -32.67 -31.69
N ASN D 44 -35.71 -32.84 -31.85
CA ASN D 44 -36.24 -33.37 -33.08
C ASN D 44 -36.22 -32.30 -34.17
N SER D 45 -36.47 -32.70 -35.41
CA SER D 45 -36.46 -31.73 -36.52
C SER D 45 -37.36 -30.53 -36.20
N ILE D 46 -36.79 -29.34 -36.36
CA ILE D 46 -37.51 -28.09 -36.15
C ILE D 46 -38.62 -27.95 -37.20
N ASN D 47 -39.87 -27.96 -36.75
CA ASN D 47 -40.98 -27.73 -37.68
C ASN D 47 -41.40 -26.26 -37.57
N THR D 48 -41.46 -25.57 -38.71
CA THR D 48 -41.70 -24.15 -38.71
C THR D 48 -43.20 -23.80 -38.85
N ALA D 49 -43.56 -22.61 -38.39
CA ALA D 49 -44.94 -22.15 -38.43
C ALA D 49 -45.53 -22.15 -39.83
N PHE D 50 -46.78 -22.55 -39.95
CA PHE D 50 -47.50 -22.25 -41.19
C PHE D 50 -47.78 -20.74 -41.34
N SER D 51 -48.12 -20.07 -40.23
CA SER D 51 -48.43 -18.63 -40.24
C SER D 51 -48.23 -18.09 -38.83
N LYS D 52 -48.41 -16.79 -38.62
CA LYS D 52 -48.31 -16.26 -37.26
C LYS D 52 -49.37 -16.93 -36.37
N ALA D 53 -50.57 -17.11 -36.93
CA ALA D 53 -51.70 -17.70 -36.21
C ALA D 53 -51.53 -19.21 -35.99
N SER D 54 -50.86 -19.88 -36.92
CA SER D 54 -50.75 -21.33 -36.85
C SER D 54 -49.29 -21.74 -36.68
N ASP D 55 -48.85 -21.78 -35.43
CA ASP D 55 -47.44 -22.00 -35.11
C ASP D 55 -47.41 -22.97 -33.94
N THR D 56 -47.25 -24.26 -34.27
CA THR D 56 -47.39 -25.32 -33.27
CA THR D 56 -47.38 -25.31 -33.27
C THR D 56 -46.13 -26.20 -33.27
N PRO D 57 -45.08 -25.78 -32.53
CA PRO D 57 -43.85 -26.59 -32.51
C PRO D 57 -44.14 -28.02 -32.04
N ASN D 58 -43.57 -29.00 -32.73
CA ASN D 58 -43.80 -30.39 -32.39
C ASN D 58 -43.19 -30.72 -31.03
N LYS D 59 -43.73 -31.76 -30.42
CA LYS D 59 -43.18 -32.33 -29.20
C LYS D 59 -41.67 -32.51 -29.41
N ASP D 60 -40.88 -32.15 -28.41
CA ASP D 60 -39.42 -32.41 -28.43
C ASP D 60 -38.62 -31.62 -29.47
N THR D 61 -39.18 -30.53 -29.98
CA THR D 61 -38.43 -29.64 -30.85
C THR D 61 -37.93 -28.38 -30.14
N LEU D 62 -38.24 -28.25 -28.84
CA LEU D 62 -37.88 -27.04 -28.09
C LEU D 62 -36.85 -27.29 -26.98
N PRO D 63 -35.62 -26.75 -27.11
CA PRO D 63 -34.66 -26.88 -26.01
C PRO D 63 -35.18 -26.27 -24.71
N CYS D 64 -34.91 -26.97 -23.60
CA CYS D 64 -35.37 -26.53 -22.28
C CYS D 64 -34.19 -26.39 -21.34
N TYR D 65 -34.36 -25.66 -20.24
CA TYR D 65 -33.29 -25.54 -19.27
C TYR D 65 -33.07 -26.88 -18.54
N SER D 66 -31.83 -27.10 -18.12
CA SER D 66 -31.49 -28.17 -17.21
C SER D 66 -31.48 -27.64 -15.78
N VAL D 67 -31.87 -28.48 -14.83
CA VAL D 67 -31.74 -28.14 -13.40
C VAL D 67 -31.51 -29.39 -12.56
N ALA D 68 -30.69 -29.24 -11.53
CA ALA D 68 -30.40 -30.33 -10.59
C ALA D 68 -30.44 -29.72 -9.22
N VAL D 69 -31.04 -30.43 -8.27
CA VAL D 69 -31.02 -30.03 -6.89
C VAL D 69 -30.05 -30.95 -6.18
N ILE D 70 -29.04 -30.36 -5.56
CA ILE D 70 -28.06 -31.12 -4.79
C ILE D 70 -28.39 -31.00 -3.30
N LYS D 71 -28.65 -32.13 -2.65
CA LYS D 71 -28.90 -32.15 -1.21
C LYS D 71 -27.58 -32.13 -0.46
N LEU D 72 -27.39 -31.10 0.35
CA LEU D 72 -26.14 -30.95 1.11
C LEU D 72 -26.30 -31.58 2.48
N PRO D 73 -25.19 -31.72 3.23
CA PRO D 73 -25.30 -32.32 4.57
C PRO D 73 -26.25 -31.52 5.48
N LEU D 74 -27.08 -32.23 6.25
CA LEU D 74 -28.01 -31.58 7.15
C LEU D 74 -27.25 -30.86 8.24
N LEU D 75 -27.65 -29.61 8.50
CA LEU D 75 -26.96 -28.77 9.49
C LEU D 75 -27.72 -28.52 10.79
N ASN D 76 -29.06 -28.55 10.75
CA ASN D 76 -29.89 -28.17 11.91
C ASN D 76 -30.86 -29.23 12.42
N GLU D 77 -30.63 -29.70 13.63
CA GLU D 77 -31.55 -30.61 14.32
C GLU D 77 -32.84 -29.87 14.69
N ASP D 78 -32.68 -28.72 15.34
CA ASP D 78 -33.80 -27.90 15.75
C ASP D 78 -33.91 -26.68 14.85
N MET D 79 -35.11 -26.42 14.35
CA MET D 79 -35.36 -25.29 13.46
C MET D 79 -36.03 -24.08 14.11
N THR D 80 -36.40 -24.21 15.40
CA THR D 80 -37.04 -23.10 16.12
C THR D 80 -36.05 -22.23 16.89
N CYS D 81 -34.76 -22.54 16.75
CA CYS D 81 -33.71 -21.77 17.42
C CYS D 81 -33.58 -20.36 16.83
N ASP D 82 -33.11 -19.41 17.64
CA ASP D 82 -32.96 -18.01 17.21
C ASP D 82 -32.11 -17.89 15.95
N THR D 83 -31.05 -18.70 15.87
CA THR D 83 -30.21 -18.75 14.69
C THR D 83 -30.15 -20.19 14.19
N ILE D 84 -29.77 -20.33 12.93
CA ILE D 84 -29.60 -21.62 12.28
C ILE D 84 -28.29 -21.59 11.50
N LEU D 85 -27.81 -22.76 11.10
CA LEU D 85 -26.67 -22.84 10.17
C LEU D 85 -27.20 -23.06 8.77
N MET D 86 -26.56 -22.41 7.81
CA MET D 86 -26.87 -22.62 6.40
C MET D 86 -25.57 -22.75 5.61
N TRP D 87 -25.62 -23.48 4.50
CA TRP D 87 -24.50 -23.53 3.56
C TRP D 87 -24.53 -22.31 2.67
N GLU D 88 -23.40 -21.62 2.59
CA GLU D 88 -23.23 -20.48 1.70
C GLU D 88 -22.32 -20.89 0.53
N ALA D 89 -22.84 -20.80 -0.69
CA ALA D 89 -22.06 -21.08 -1.90
C ALA D 89 -21.13 -19.89 -2.15
N VAL D 90 -19.81 -20.13 -2.15
CA VAL D 90 -18.85 -19.01 -2.26
C VAL D 90 -18.19 -18.93 -3.62
N SER D 91 -18.07 -20.07 -4.32
CA SER D 91 -17.41 -20.06 -5.62
C SER D 91 -17.80 -21.27 -6.43
N VAL D 92 -17.60 -21.16 -7.74
CA VAL D 92 -17.93 -22.24 -8.66
C VAL D 92 -16.88 -22.35 -9.77
N LYS D 93 -16.53 -23.58 -10.11
CA LYS D 93 -15.82 -23.85 -11.34
C LYS D 93 -16.79 -24.60 -12.24
N THR D 94 -16.97 -24.12 -13.48
CA THR D 94 -17.93 -24.76 -14.38
C THR D 94 -17.36 -24.87 -15.78
N GLU D 95 -17.72 -25.93 -16.48
CA GLU D 95 -17.18 -26.19 -17.81
CA GLU D 95 -17.18 -26.20 -17.81
C GLU D 95 -18.23 -26.86 -18.68
N VAL D 96 -18.25 -26.48 -19.95
CA VAL D 96 -19.06 -27.18 -20.96
C VAL D 96 -18.27 -28.40 -21.44
N VAL D 97 -18.88 -29.58 -21.35
CA VAL D 97 -18.18 -30.82 -21.66
C VAL D 97 -18.51 -31.23 -23.09
N GLY D 98 -17.59 -31.91 -23.77
CA GLY D 98 -17.89 -32.42 -25.10
C GLY D 98 -17.75 -31.40 -26.23
N ILE D 99 -17.07 -30.29 -25.96
CA ILE D 99 -16.83 -29.29 -27.01
C ILE D 99 -16.17 -29.95 -28.25
N SER D 100 -15.19 -30.80 -27.99
CA SER D 100 -14.43 -31.41 -29.08
C SER D 100 -15.28 -32.31 -29.99
N SER D 101 -16.42 -32.79 -29.48
CA SER D 101 -17.34 -33.59 -30.32
C SER D 101 -17.83 -32.85 -31.57
N LEU D 102 -17.76 -31.52 -31.57
CA LEU D 102 -18.17 -30.73 -32.73
CA LEU D 102 -18.17 -30.72 -32.72
C LEU D 102 -17.13 -30.74 -33.83
N VAL D 103 -15.91 -31.15 -33.49
CA VAL D 103 -14.79 -31.14 -34.44
C VAL D 103 -14.89 -32.41 -35.30
N ASN D 104 -15.92 -32.45 -36.13
CA ASN D 104 -16.30 -33.68 -36.79
C ASN D 104 -16.97 -33.26 -38.08
N LEU D 105 -16.35 -33.59 -39.21
CA LEU D 105 -16.88 -33.20 -40.51
C LEU D 105 -17.32 -34.41 -41.33
N HIS D 106 -17.35 -35.58 -40.72
CA HIS D 106 -17.82 -36.78 -41.42
C HIS D 106 -19.23 -37.16 -41.06
N GLN D 107 -19.75 -36.64 -39.94
CA GLN D 107 -21.16 -36.86 -39.59
C GLN D 107 -22.05 -36.48 -40.78
N GLY D 108 -23.01 -37.34 -41.10
CA GLY D 108 -23.87 -37.12 -42.28
C GLY D 108 -24.68 -35.84 -42.18
N GLY D 109 -24.85 -35.15 -43.30
CA GLY D 109 -25.64 -33.91 -43.34
C GLY D 109 -25.47 -33.15 -44.64
N LYS D 110 -25.68 -31.83 -44.57
CA LYS D 110 -25.49 -30.94 -45.71
CA LYS D 110 -25.49 -30.93 -45.70
C LYS D 110 -23.98 -30.82 -45.99
N TYR D 111 -23.60 -30.80 -47.26
CA TYR D 111 -22.17 -30.69 -47.62
C TYR D 111 -21.70 -29.23 -47.56
N ILE D 112 -20.47 -29.02 -47.13
CA ILE D 112 -19.88 -27.69 -47.12
C ILE D 112 -19.82 -27.15 -48.54
N TYR D 113 -19.22 -27.94 -49.45
CA TYR D 113 -19.21 -27.60 -50.85
C TYR D 113 -20.12 -28.58 -51.58
N GLY D 114 -19.57 -29.53 -52.32
CA GLY D 114 -20.38 -30.57 -52.95
C GLY D 114 -20.23 -31.89 -52.26
N SER D 115 -20.69 -32.96 -52.93
CA SER D 115 -20.76 -34.28 -52.33
CA SER D 115 -20.76 -34.28 -52.32
C SER D 115 -19.40 -34.92 -52.02
N SER D 116 -18.31 -34.28 -52.45
CA SER D 116 -16.96 -34.79 -52.16
C SER D 116 -16.36 -34.16 -50.91
N SER D 117 -17.01 -33.11 -50.40
CA SER D 117 -16.45 -32.35 -49.27
C SER D 117 -16.91 -32.88 -47.92
N GLY D 118 -16.40 -32.28 -46.85
CA GLY D 118 -16.91 -32.55 -45.53
C GLY D 118 -18.33 -32.00 -45.36
N CYS D 119 -18.96 -32.38 -44.27
CA CYS D 119 -20.33 -31.92 -43.98
C CYS D 119 -20.32 -30.72 -43.05
N VAL D 120 -21.29 -29.82 -43.23
CA VAL D 120 -21.42 -28.62 -42.41
C VAL D 120 -21.53 -29.01 -40.92
N PRO D 121 -20.68 -28.44 -40.05
CA PRO D 121 -20.73 -28.77 -38.62
C PRO D 121 -21.85 -27.99 -37.94
N VAL D 122 -22.01 -28.18 -36.62
CA VAL D 122 -23.05 -27.51 -35.86
C VAL D 122 -22.76 -26.00 -35.88
N GLN D 123 -23.75 -25.19 -36.24
CA GLN D 123 -23.54 -23.74 -36.25
C GLN D 123 -24.89 -23.02 -36.19
N GLY D 124 -24.86 -21.69 -36.19
CA GLY D 124 -26.08 -20.92 -36.00
C GLY D 124 -26.19 -20.41 -34.57
N THR D 125 -27.43 -20.22 -34.11
CA THR D 125 -27.69 -19.62 -32.78
C THR D 125 -27.11 -20.43 -31.62
N THR D 126 -26.45 -19.73 -30.70
CA THR D 126 -25.93 -20.37 -29.49
C THR D 126 -26.47 -19.66 -28.26
N TYR D 127 -26.57 -20.41 -27.17
CA TYR D 127 -27.10 -19.87 -25.93
C TYR D 127 -26.46 -20.68 -24.82
N HIS D 128 -25.63 -20.02 -24.00
CA HIS D 128 -24.92 -20.67 -22.90
C HIS D 128 -25.20 -19.90 -21.66
N MET D 129 -25.74 -20.57 -20.66
CA MET D 129 -25.94 -19.92 -19.37
C MET D 129 -25.81 -20.92 -18.22
N PHE D 130 -25.37 -20.42 -17.07
CA PHE D 130 -25.45 -21.25 -15.88
C PHE D 130 -25.90 -20.40 -14.70
N ALA D 131 -26.37 -21.07 -13.67
CA ALA D 131 -26.76 -20.39 -12.43
C ALA D 131 -26.47 -21.28 -11.26
N VAL D 132 -26.09 -20.65 -10.14
CA VAL D 132 -25.90 -21.36 -8.88
C VAL D 132 -26.71 -20.58 -7.87
N GLY D 133 -27.62 -21.27 -7.18
CA GLY D 133 -28.49 -20.57 -6.23
C GLY D 133 -28.90 -21.42 -5.04
N GLY D 134 -29.52 -20.77 -4.06
CA GLY D 134 -29.96 -21.44 -2.83
C GLY D 134 -31.44 -21.78 -2.85
N GLU D 135 -32.05 -21.59 -4.02
CA GLU D 135 -33.46 -21.88 -4.26
C GLU D 135 -33.64 -21.93 -5.79
N PRO D 136 -34.86 -22.25 -6.28
CA PRO D 136 -34.97 -22.28 -7.75
C PRO D 136 -34.69 -20.93 -8.43
N LEU D 137 -34.07 -20.99 -9.59
CA LEU D 137 -33.91 -19.83 -10.45
C LEU D 137 -35.29 -19.28 -10.81
N GLU D 138 -35.47 -17.98 -10.58
CA GLU D 138 -36.71 -17.30 -10.90
C GLU D 138 -36.69 -16.81 -12.34
N LEU D 139 -37.75 -17.17 -13.07
CA LEU D 139 -37.86 -16.95 -14.51
C LEU D 139 -38.89 -15.87 -14.85
N GLN D 140 -38.63 -15.16 -15.95
CA GLN D 140 -39.58 -14.22 -16.56
C GLN D 140 -39.96 -14.79 -17.93
N GLY D 141 -41.26 -14.79 -18.24
CA GLY D 141 -41.73 -15.23 -19.55
C GLY D 141 -41.67 -14.13 -20.56
N LEU D 142 -41.17 -14.43 -21.76
CA LEU D 142 -41.20 -13.48 -22.88
C LEU D 142 -40.95 -14.29 -24.15
N VAL D 143 -41.84 -14.13 -25.14
CA VAL D 143 -41.80 -14.93 -26.37
C VAL D 143 -41.72 -14.06 -27.61
N ALA D 144 -41.27 -14.68 -28.71
CA ALA D 144 -41.22 -14.01 -30.01
C ALA D 144 -42.64 -13.79 -30.54
N SER D 145 -43.52 -14.76 -30.31
CA SER D 145 -44.90 -14.64 -30.78
C SER D 145 -45.91 -15.24 -29.80
N SER D 146 -46.87 -14.44 -29.38
CA SER D 146 -47.88 -14.88 -28.40
C SER D 146 -48.90 -15.82 -29.00
N THR D 147 -48.86 -15.99 -30.32
CA THR D 147 -49.84 -16.85 -30.98
C THR D 147 -49.33 -18.27 -31.24
N ALA D 148 -48.09 -18.55 -30.83
CA ALA D 148 -47.55 -19.91 -30.90
C ALA D 148 -48.33 -20.80 -29.93
N THR D 149 -48.53 -22.05 -30.29
CA THR D 149 -49.22 -23.01 -29.41
C THR D 149 -48.17 -23.96 -28.90
N TYR D 150 -47.86 -23.90 -27.62
CA TYR D 150 -46.78 -24.74 -27.07
C TYR D 150 -47.25 -26.16 -26.74
N PRO D 151 -46.36 -27.16 -26.86
CA PRO D 151 -46.79 -28.55 -26.64
C PRO D 151 -47.10 -28.85 -25.18
N ASP D 152 -47.84 -29.94 -24.97
CA ASP D 152 -48.30 -30.35 -23.64
CA ASP D 152 -48.30 -30.30 -23.63
C ASP D 152 -47.16 -30.68 -22.68
N ASP D 153 -46.03 -31.11 -23.22
CA ASP D 153 -44.93 -31.60 -22.41
C ASP D 153 -43.94 -30.51 -21.95
N VAL D 154 -44.25 -29.24 -22.22
CA VAL D 154 -43.46 -28.11 -21.70
C VAL D 154 -44.31 -27.16 -20.88
N VAL D 155 -43.63 -26.33 -20.07
CA VAL D 155 -44.32 -25.31 -19.25
C VAL D 155 -44.29 -24.00 -20.03
N ALA D 156 -45.46 -23.50 -20.42
CA ALA D 156 -45.55 -22.26 -21.19
C ALA D 156 -46.16 -21.16 -20.33
N ILE D 157 -46.19 -19.94 -20.88
CA ILE D 157 -46.88 -18.82 -20.23
C ILE D 157 -48.40 -19.07 -20.19
N LYS D 158 -48.99 -18.85 -19.03
CA LYS D 158 -50.44 -19.03 -18.86
C LYS D 158 -51.18 -17.85 -19.45
N ASN D 159 -52.33 -18.12 -20.07
CA ASN D 159 -53.16 -17.07 -20.68
C ASN D 159 -52.31 -16.14 -21.55
N MET D 160 -51.53 -16.72 -22.44
CA MET D 160 -50.62 -15.93 -23.27
C MET D 160 -51.39 -14.93 -24.14
N LYS D 161 -50.83 -13.72 -24.25
CA LYS D 161 -51.45 -12.63 -25.01
CA LYS D 161 -51.45 -12.62 -25.00
C LYS D 161 -50.35 -11.82 -25.70
N PRO D 162 -50.73 -10.91 -26.64
CA PRO D 162 -49.63 -10.16 -27.29
C PRO D 162 -48.68 -9.43 -26.31
N GLY D 163 -49.17 -9.08 -25.12
CA GLY D 163 -48.32 -8.43 -24.13
C GLY D 163 -47.09 -9.24 -23.76
N ASN D 164 -47.16 -10.57 -23.95
CA ASN D 164 -46.05 -11.47 -23.62
C ASN D 164 -44.91 -11.47 -24.64
N GLN D 165 -45.06 -10.68 -25.70
CA GLN D 165 -43.95 -10.40 -26.61
C GLN D 165 -43.07 -9.31 -26.02
N GLY D 166 -43.56 -8.65 -24.98
CA GLY D 166 -42.73 -7.82 -24.10
C GLY D 166 -42.73 -8.37 -22.68
N LEU D 167 -42.37 -7.52 -21.73
CA LEU D 167 -42.31 -7.95 -20.34
C LEU D 167 -43.64 -7.71 -19.64
N ASP D 168 -44.34 -8.81 -19.33
CA ASP D 168 -45.55 -8.75 -18.54
C ASP D 168 -45.22 -9.34 -17.17
N PRO D 169 -45.43 -8.58 -16.08
CA PRO D 169 -45.00 -9.08 -14.77
C PRO D 169 -45.83 -10.26 -14.24
N LYS D 170 -46.92 -10.62 -14.92
CA LYS D 170 -47.66 -11.82 -14.54
C LYS D 170 -47.00 -13.10 -15.04
N ALA D 171 -46.14 -12.99 -16.04
CA ALA D 171 -45.52 -14.18 -16.64
C ALA D 171 -44.24 -14.54 -15.89
N LYS D 172 -44.39 -15.23 -14.75
CA LYS D 172 -43.26 -15.62 -13.91
C LYS D 172 -43.33 -17.11 -13.60
N ALA D 173 -42.17 -17.73 -13.39
CA ALA D 173 -42.13 -19.15 -13.06
C ALA D 173 -40.89 -19.44 -12.25
N LEU D 174 -40.79 -20.67 -11.73
CA LEU D 174 -39.59 -21.12 -11.04
C LEU D 174 -38.98 -22.22 -11.90
N LEU D 175 -37.66 -22.22 -12.05
CA LEU D 175 -36.99 -23.32 -12.75
C LEU D 175 -36.88 -24.49 -11.77
N ASP D 176 -37.98 -25.23 -11.67
CA ASP D 176 -38.12 -26.27 -10.66
C ASP D 176 -38.34 -27.67 -11.27
N LYS D 177 -38.20 -27.76 -12.59
CA LYS D 177 -38.29 -29.04 -13.29
C LYS D 177 -37.23 -29.09 -14.38
N ASP D 178 -36.52 -30.20 -14.45
CA ASP D 178 -35.49 -30.39 -15.46
C ASP D 178 -36.14 -30.70 -16.82
N GLY D 179 -35.67 -30.06 -17.89
CA GLY D 179 -36.15 -30.34 -19.24
C GLY D 179 -37.60 -30.03 -19.53
N LYS D 180 -38.17 -29.02 -18.88
CA LYS D 180 -39.60 -28.70 -19.04
C LYS D 180 -39.86 -27.23 -19.39
N TYR D 181 -38.90 -26.36 -19.08
CA TYR D 181 -39.04 -24.90 -19.29
C TYR D 181 -38.32 -24.45 -20.55
N PRO D 182 -39.06 -24.09 -21.63
CA PRO D 182 -38.32 -23.83 -22.87
C PRO D 182 -37.46 -22.59 -22.79
N VAL D 183 -36.25 -22.68 -23.37
CA VAL D 183 -35.34 -21.55 -23.47
C VAL D 183 -36.02 -20.37 -24.18
N GLU D 184 -36.79 -20.63 -25.24
CA GLU D 184 -37.39 -19.54 -26.04
C GLU D 184 -38.58 -18.87 -25.36
N VAL D 185 -39.02 -19.42 -24.22
CA VAL D 185 -40.19 -18.86 -23.47
C VAL D 185 -39.74 -18.13 -22.17
N TRP D 186 -38.70 -18.66 -21.54
CA TRP D 186 -38.26 -18.21 -20.19
C TRP D 186 -36.83 -17.73 -20.15
N CYS D 187 -36.61 -16.61 -19.47
CA CYS D 187 -35.26 -16.10 -19.20
C CYS D 187 -35.15 -15.80 -17.71
N PRO D 188 -33.93 -15.62 -17.19
CA PRO D 188 -33.82 -15.23 -15.78
C PRO D 188 -34.57 -13.93 -15.49
N ASP D 189 -35.28 -13.90 -14.37
CA ASP D 189 -35.98 -12.69 -13.94
C ASP D 189 -35.04 -11.76 -13.15
N PRO D 190 -34.61 -10.65 -13.77
CA PRO D 190 -33.63 -9.80 -13.11
C PRO D 190 -34.21 -9.02 -11.94
N SER D 191 -35.53 -9.02 -11.80
CA SER D 191 -36.18 -8.29 -10.71
C SER D 191 -36.21 -9.11 -9.42
N LYS D 192 -35.86 -10.38 -9.52
CA LYS D 192 -35.79 -11.25 -8.35
C LYS D 192 -34.39 -11.85 -8.29
N ASN D 193 -34.27 -13.15 -7.98
CA ASN D 193 -32.97 -13.84 -7.99
C ASN D 193 -31.89 -13.26 -7.07
N GLU D 194 -32.32 -12.70 -5.94
CA GLU D 194 -31.43 -12.19 -4.91
CA GLU D 194 -31.35 -12.18 -4.98
C GLU D 194 -30.51 -13.27 -4.32
N ASN D 195 -30.97 -14.52 -4.37
CA ASN D 195 -30.27 -15.65 -3.74
C ASN D 195 -29.72 -16.65 -4.79
N THR D 196 -29.55 -16.15 -6.00
CA THR D 196 -29.00 -16.91 -7.11
C THR D 196 -28.01 -16.04 -7.88
N ARG D 197 -26.97 -16.64 -8.45
CA ARG D 197 -26.10 -15.90 -9.37
C ARG D 197 -26.24 -16.56 -10.74
N TYR D 198 -26.48 -15.77 -11.79
CA TYR D 198 -26.59 -16.34 -13.14
C TYR D 198 -25.75 -15.57 -14.14
N TYR D 199 -25.32 -16.28 -15.18
CA TYR D 199 -24.36 -15.77 -16.16
C TYR D 199 -24.78 -16.37 -17.48
N GLY D 200 -24.95 -15.53 -18.50
CA GLY D 200 -25.45 -15.99 -19.79
C GLY D 200 -24.85 -15.25 -20.97
N SER D 201 -24.74 -15.98 -22.08
CA SER D 201 -24.20 -15.44 -23.32
CA SER D 201 -24.20 -15.44 -23.32
C SER D 201 -24.98 -15.98 -24.49
N PHE D 202 -25.43 -15.07 -25.35
CA PHE D 202 -26.21 -15.40 -26.56
C PHE D 202 -25.52 -14.84 -27.79
N THR D 203 -25.47 -15.64 -28.84
CA THR D 203 -25.11 -15.12 -30.15
CA THR D 203 -25.11 -15.13 -30.17
C THR D 203 -26.11 -15.74 -31.12
N GLY D 204 -26.69 -14.90 -31.96
CA GLY D 204 -27.73 -15.39 -32.87
C GLY D 204 -27.19 -15.64 -34.26
N GLY D 205 -28.04 -15.38 -35.25
CA GLY D 205 -27.64 -15.49 -36.66
C GLY D 205 -28.00 -16.86 -37.20
N ALA D 206 -28.14 -16.92 -38.51
CA ALA D 206 -28.61 -18.13 -39.18
C ALA D 206 -27.58 -19.26 -39.17
N THR D 207 -26.31 -18.93 -39.43
CA THR D 207 -25.24 -19.93 -39.68
C THR D 207 -23.92 -19.61 -38.94
N THR D 208 -24.01 -18.84 -37.87
CA THR D 208 -22.84 -18.30 -37.16
C THR D 208 -21.93 -19.40 -36.58
N PRO D 209 -20.60 -19.28 -36.77
CA PRO D 209 -19.70 -20.27 -36.14
C PRO D 209 -19.78 -20.20 -34.62
N PRO D 210 -19.90 -21.36 -33.95
CA PRO D 210 -19.87 -21.37 -32.49
C PRO D 210 -18.46 -21.13 -31.96
N VAL D 211 -18.36 -20.51 -30.78
CA VAL D 211 -17.05 -20.29 -30.15
C VAL D 211 -17.22 -20.75 -28.71
N MET D 212 -16.35 -21.66 -28.25
CA MET D 212 -16.38 -22.12 -26.85
C MET D 212 -14.98 -22.36 -26.32
N GLN D 213 -14.75 -22.01 -25.04
CA GLN D 213 -13.47 -22.22 -24.35
CA GLN D 213 -13.45 -22.32 -24.43
C GLN D 213 -13.64 -23.32 -23.32
N PHE D 214 -12.54 -23.96 -22.91
CA PHE D 214 -12.59 -24.93 -21.84
C PHE D 214 -11.26 -24.91 -21.10
N THR D 215 -11.34 -24.87 -19.78
CA THR D 215 -10.11 -24.93 -18.95
C THR D 215 -10.53 -25.37 -17.57
N ASN D 216 -9.57 -25.91 -16.80
CA ASN D 216 -9.83 -26.17 -15.39
C ASN D 216 -9.17 -25.16 -14.47
N SER D 217 -8.83 -24.00 -15.02
CA SER D 217 -8.04 -23.02 -14.27
C SER D 217 -8.87 -21.83 -13.75
N VAL D 218 -10.16 -21.79 -14.05
CA VAL D 218 -10.99 -20.59 -13.80
C VAL D 218 -12.04 -20.82 -12.70
N THR D 219 -12.05 -19.94 -11.71
CA THR D 219 -13.03 -19.97 -10.63
C THR D 219 -13.84 -18.67 -10.64
N THR D 220 -15.16 -18.78 -10.54
CA THR D 220 -16.02 -17.60 -10.42
C THR D 220 -16.46 -17.45 -8.96
N VAL D 221 -16.23 -16.28 -8.39
CA VAL D 221 -16.69 -15.95 -7.04
C VAL D 221 -18.19 -15.64 -7.02
N LEU D 222 -18.93 -16.21 -6.07
CA LEU D 222 -20.40 -16.11 -6.03
C LEU D 222 -20.94 -15.07 -5.04
N LEU D 223 -20.04 -14.41 -4.32
CA LEU D 223 -20.43 -13.38 -3.35
C LEU D 223 -21.01 -12.16 -4.06
N ASP D 224 -22.10 -11.62 -3.53
CA ASP D 224 -22.73 -10.46 -4.13
C ASP D 224 -22.04 -9.17 -3.65
N GLU D 225 -22.63 -8.03 -3.96
CA GLU D 225 -22.01 -6.74 -3.62
C GLU D 225 -21.95 -6.50 -2.09
N ASN D 226 -22.70 -7.28 -1.33
CA ASN D 226 -22.62 -7.21 0.14
C ASN D 226 -21.69 -8.27 0.75
N GLY D 227 -20.98 -9.00 -0.11
CA GLY D 227 -20.04 -10.03 0.30
C GLY D 227 -20.67 -11.38 0.68
N VAL D 228 -21.91 -11.61 0.22
CA VAL D 228 -22.70 -12.79 0.64
C VAL D 228 -23.03 -13.66 -0.56
N GLY D 229 -22.78 -14.97 -0.44
CA GLY D 229 -23.12 -15.91 -1.52
C GLY D 229 -24.54 -16.45 -1.35
N PRO D 230 -25.04 -17.20 -2.36
CA PRO D 230 -26.32 -17.87 -2.21
C PRO D 230 -26.38 -18.75 -0.96
N LEU D 231 -27.51 -18.66 -0.25
CA LEU D 231 -27.70 -19.37 0.99
C LEU D 231 -28.71 -20.48 0.72
N CYS D 232 -28.33 -21.71 1.04
CA CYS D 232 -29.05 -22.89 0.59
C CYS D 232 -30.21 -23.24 1.54
N LYS D 233 -31.42 -22.81 1.14
CA LYS D 233 -32.65 -23.03 1.92
C LYS D 233 -32.99 -24.52 1.98
N GLY D 234 -33.22 -25.03 3.18
CA GLY D 234 -33.46 -26.45 3.36
C GLY D 234 -32.28 -27.31 2.95
N ASP D 235 -31.07 -26.74 2.97
CA ASP D 235 -29.83 -27.45 2.65
C ASP D 235 -29.82 -28.01 1.22
N LYS D 236 -30.43 -27.27 0.31
CA LYS D 236 -30.45 -27.66 -1.10
C LYS D 236 -29.74 -26.61 -1.93
N LEU D 237 -28.89 -27.09 -2.83
CA LEU D 237 -28.19 -26.25 -3.80
C LEU D 237 -28.81 -26.46 -5.19
N PHE D 238 -29.15 -25.37 -5.85
CA PHE D 238 -29.73 -25.47 -7.21
C PHE D 238 -28.71 -25.11 -8.28
N LEU D 239 -28.51 -26.03 -9.23
CA LEU D 239 -27.63 -25.79 -10.36
C LEU D 239 -28.51 -25.78 -11.61
N SER D 240 -28.41 -24.71 -12.39
CA SER D 240 -29.23 -24.55 -13.59
C SER D 240 -28.35 -24.22 -14.77
N CYS D 241 -28.75 -24.65 -15.95
CA CYS D 241 -28.01 -24.23 -17.14
C CYS D 241 -28.77 -24.49 -18.43
N ALA D 242 -28.27 -23.88 -19.50
CA ALA D 242 -28.62 -24.30 -20.86
C ALA D 242 -27.39 -24.08 -21.71
N ASP D 243 -27.05 -25.05 -22.57
CA ASP D 243 -25.87 -24.92 -23.42
C ASP D 243 -26.18 -25.40 -24.81
N ILE D 244 -26.77 -24.51 -25.58
CA ILE D 244 -27.14 -24.80 -26.97
C ILE D 244 -25.94 -24.42 -27.83
N ALA D 245 -25.38 -25.42 -28.51
CA ALA D 245 -24.14 -25.26 -29.26
C ALA D 245 -24.39 -24.73 -30.68
N GLY D 246 -25.61 -24.88 -31.16
CA GLY D 246 -26.00 -24.51 -32.54
C GLY D 246 -26.99 -25.53 -33.08
N VAL D 247 -27.14 -25.58 -34.40
CA VAL D 247 -28.01 -26.58 -35.03
C VAL D 247 -27.21 -27.44 -35.97
N HIS D 248 -27.60 -28.72 -36.05
CA HIS D 248 -27.06 -29.60 -37.06
C HIS D 248 -28.01 -29.64 -38.22
N THR D 249 -27.49 -29.52 -39.44
CA THR D 249 -28.33 -29.56 -40.64
C THR D 249 -28.20 -30.90 -41.36
N ASN D 250 -29.34 -31.57 -41.56
CA ASN D 250 -29.36 -32.84 -42.26
C ASN D 250 -29.31 -32.65 -43.77
N TYR D 251 -29.09 -33.73 -44.52
CA TYR D 251 -29.00 -33.63 -45.96
C TYR D 251 -30.28 -33.07 -46.59
N SER D 252 -31.43 -33.42 -46.01
CA SER D 252 -32.73 -32.95 -46.50
C SER D 252 -33.01 -31.49 -46.10
N GLU D 253 -32.09 -30.92 -45.31
CA GLU D 253 -32.13 -29.52 -44.83
C GLU D 253 -32.98 -29.31 -43.59
N THR D 254 -33.53 -30.41 -43.05
CA THR D 254 -34.14 -30.33 -41.72
C THR D 254 -33.03 -30.06 -40.72
N GLN D 255 -33.37 -29.41 -39.61
CA GLN D 255 -32.37 -28.96 -38.66
C GLN D 255 -32.76 -29.38 -37.25
N VAL D 256 -31.77 -29.68 -36.43
CA VAL D 256 -32.00 -30.06 -35.04
C VAL D 256 -31.05 -29.28 -34.15
N TRP D 257 -31.54 -28.88 -32.98
CA TRP D 257 -30.68 -28.22 -32.01
C TRP D 257 -29.74 -29.22 -31.41
N ARG D 258 -28.52 -28.79 -31.13
CA ARG D 258 -27.53 -29.61 -30.45
C ARG D 258 -27.14 -28.93 -29.13
N GLY D 259 -27.25 -29.67 -28.03
CA GLY D 259 -26.84 -29.18 -26.70
C GLY D 259 -25.68 -29.99 -26.16
N LEU D 260 -24.98 -29.43 -25.18
CA LEU D 260 -23.86 -30.12 -24.53
C LEU D 260 -24.05 -30.08 -23.02
N PRO D 261 -23.47 -31.06 -22.31
CA PRO D 261 -23.59 -31.11 -20.85
C PRO D 261 -22.71 -30.08 -20.19
N ARG D 262 -22.99 -29.80 -18.91
CA ARG D 262 -22.19 -28.84 -18.17
C ARG D 262 -21.81 -29.44 -16.82
N TYR D 263 -20.54 -29.27 -16.46
CA TYR D 263 -19.99 -29.70 -15.17
C TYR D 263 -19.99 -28.54 -14.19
N PHE D 264 -20.26 -28.82 -12.91
CA PHE D 264 -20.20 -27.81 -11.85
C PHE D 264 -19.33 -28.34 -10.70
N ASN D 265 -18.50 -27.48 -10.13
CA ASN D 265 -17.79 -27.75 -8.88
C ASN D 265 -18.00 -26.53 -8.00
N VAL D 266 -18.76 -26.70 -6.92
CA VAL D 266 -19.17 -25.58 -6.07
C VAL D 266 -18.58 -25.75 -4.68
N THR D 267 -17.98 -24.68 -4.15
CA THR D 267 -17.46 -24.67 -2.79
C THR D 267 -18.43 -23.90 -1.92
N LEU D 268 -18.71 -24.47 -0.75
CA LEU D 268 -19.68 -23.91 0.19
C LEU D 268 -19.09 -23.88 1.57
N ARG D 269 -19.56 -22.93 2.38
CA ARG D 269 -19.12 -22.85 3.76
C ARG D 269 -20.32 -22.71 4.70
N LYS D 270 -20.21 -23.30 5.89
CA LYS D 270 -21.25 -23.16 6.91
C LYS D 270 -21.29 -21.74 7.49
N ARG D 271 -22.50 -21.17 7.57
CA ARG D 271 -22.66 -19.86 8.17
C ARG D 271 -23.74 -19.85 9.23
N ILE D 272 -23.54 -19.02 10.25
CA ILE D 272 -24.59 -18.73 11.24
C ILE D 272 -25.49 -17.66 10.63
N VAL D 273 -26.80 -17.94 10.60
CA VAL D 273 -27.80 -17.06 9.97
C VAL D 273 -28.95 -16.84 10.97
N LYS D 274 -29.41 -15.59 11.11
CA LYS D 274 -30.56 -15.31 11.97
C LYS D 274 -31.80 -16.00 11.40
N ASN D 275 -32.62 -16.60 12.27
CA ASN D 275 -33.71 -17.48 11.84
C ASN D 275 -34.98 -16.77 11.30
N PRO D 276 -35.30 -17.01 10.00
CA PRO D 276 -36.56 -16.49 9.43
C PRO D 276 -37.74 -17.41 9.74
N SER E 2 32.36 11.30 -3.16
CA SER E 2 32.31 9.87 -3.59
C SER E 2 32.12 8.87 -2.43
N HIS E 3 31.56 7.71 -2.75
CA HIS E 3 31.12 6.74 -1.75
C HIS E 3 31.12 5.35 -2.34
N MET E 4 31.23 4.33 -1.50
CA MET E 4 30.98 2.95 -1.94
C MET E 4 29.49 2.78 -2.20
N GLY E 5 29.15 2.20 -3.35
CA GLY E 5 27.76 1.95 -3.72
C GLY E 5 27.61 0.73 -4.61
N GLY E 6 26.38 0.29 -4.81
CA GLY E 6 26.11 -0.86 -5.66
C GLY E 6 25.93 -0.49 -7.12
N VAL E 7 26.38 -1.37 -8.01
CA VAL E 7 26.09 -1.26 -9.44
C VAL E 7 25.76 -2.66 -9.93
N GLU E 8 24.75 -2.78 -10.79
CA GLU E 8 24.32 -4.09 -11.20
C GLU E 8 24.99 -4.45 -12.49
N VAL E 9 25.76 -5.53 -12.46
CA VAL E 9 26.44 -6.06 -13.66
C VAL E 9 25.65 -7.26 -14.14
N LEU E 10 25.42 -7.33 -15.45
CA LEU E 10 24.74 -8.50 -16.01
C LEU E 10 25.74 -9.62 -16.31
N GLU E 11 25.36 -10.85 -15.99
CA GLU E 11 26.18 -11.99 -16.31
C GLU E 11 25.32 -13.23 -16.46
N VAL E 12 25.90 -14.29 -17.00
CA VAL E 12 25.23 -15.59 -17.01
C VAL E 12 25.10 -16.09 -15.58
N ARG E 13 23.87 -16.45 -15.21
CA ARG E 13 23.59 -16.99 -13.89
C ARG E 13 22.97 -18.36 -14.08
N THR E 14 23.44 -19.35 -13.34
CA THR E 14 22.70 -20.60 -13.29
C THR E 14 21.72 -20.44 -12.14
N GLY E 15 20.49 -20.89 -12.34
CA GLY E 15 19.50 -20.79 -11.30
C GLY E 15 19.89 -21.72 -10.18
N PRO E 16 19.09 -21.76 -9.11
CA PRO E 16 19.42 -22.71 -8.06
C PRO E 16 19.26 -24.15 -8.55
N ASP E 17 19.93 -25.10 -7.88
CA ASP E 17 19.80 -26.54 -8.16
C ASP E 17 18.36 -27.04 -8.04
N ALA E 18 17.52 -26.35 -7.28
CA ALA E 18 16.14 -26.76 -7.06
C ALA E 18 15.21 -26.51 -8.24
N ILE E 19 15.65 -25.75 -9.25
CA ILE E 19 14.81 -25.38 -10.40
C ILE E 19 15.38 -26.03 -11.66
N THR E 20 14.49 -26.51 -12.54
CA THR E 20 14.95 -26.99 -13.84
C THR E 20 13.94 -26.55 -14.91
N GLN E 21 14.39 -26.44 -16.16
CA GLN E 21 13.48 -26.13 -17.26
C GLN E 21 13.61 -27.22 -18.29
N ILE E 22 12.51 -27.65 -18.87
CA ILE E 22 12.55 -28.57 -19.98
C ILE E 22 11.89 -27.94 -21.21
N GLU E 23 12.37 -28.30 -22.38
CA GLU E 23 11.74 -27.84 -23.62
C GLU E 23 11.36 -29.05 -24.42
N ALA E 24 10.25 -28.98 -25.15
CA ALA E 24 9.89 -30.03 -26.07
C ALA E 24 9.02 -29.48 -27.17
N TYR E 25 8.92 -30.22 -28.26
CA TYR E 25 7.87 -29.97 -29.25
C TYR E 25 7.11 -31.26 -29.53
N LEU E 26 5.83 -31.11 -29.88
CA LEU E 26 4.98 -32.23 -30.24
C LEU E 26 4.46 -31.95 -31.65
N ASN E 27 4.78 -32.84 -32.57
CA ASN E 27 4.20 -32.75 -33.92
C ASN E 27 2.77 -33.20 -33.96
N PRO E 28 1.96 -32.62 -34.87
CA PRO E 28 0.53 -32.90 -34.87
C PRO E 28 0.22 -34.31 -35.34
N ARG E 29 -0.94 -34.83 -34.93
CA ARG E 29 -1.34 -36.18 -35.28
C ARG E 29 -2.72 -36.13 -35.95
N MET E 30 -2.72 -35.62 -37.18
CA MET E 30 -3.97 -35.39 -37.92
C MET E 30 -4.48 -36.62 -38.64
N GLY E 31 -3.63 -37.64 -38.74
CA GLY E 31 -4.01 -38.91 -39.36
C GLY E 31 -2.84 -39.46 -40.16
N ASN E 32 -2.19 -38.58 -40.91
CA ASN E 32 -0.89 -38.88 -41.48
C ASN E 32 0.15 -38.47 -40.46
N ASN E 33 0.58 -39.44 -39.66
CA ASN E 33 1.37 -39.15 -38.44
C ASN E 33 2.84 -39.49 -38.53
N ILE E 34 3.27 -39.99 -39.69
CA ILE E 34 4.63 -40.42 -39.91
C ILE E 34 5.28 -39.46 -40.90
N PRO E 35 6.47 -38.91 -40.57
CA PRO E 35 7.14 -37.87 -41.37
C PRO E 35 7.42 -38.24 -42.83
N SER E 36 7.46 -39.52 -43.16
CA SER E 36 7.74 -39.91 -44.54
C SER E 36 6.51 -39.81 -45.43
N GLU E 37 5.34 -39.71 -44.83
CA GLU E 37 4.09 -39.68 -45.61
C GLU E 37 3.91 -38.35 -46.34
N ASP E 38 3.43 -38.44 -47.58
CA ASP E 38 3.21 -37.26 -48.42
C ASP E 38 2.37 -36.19 -47.73
N LEU E 39 1.30 -36.62 -47.08
CA LEU E 39 0.41 -35.71 -46.38
C LEU E 39 0.67 -35.63 -44.88
N TYR E 40 1.90 -35.90 -44.44
CA TYR E 40 2.26 -35.65 -43.04
C TYR E 40 1.80 -34.26 -42.56
N GLY E 41 1.15 -34.21 -41.40
CA GLY E 41 0.65 -32.95 -40.83
C GLY E 41 -0.79 -32.65 -41.26
N TYR E 42 -1.37 -33.54 -42.07
CA TYR E 42 -2.77 -33.45 -42.50
C TYR E 42 -3.46 -34.78 -42.27
N SER E 43 -4.79 -34.77 -42.26
CA SER E 43 -5.54 -36.03 -42.34
C SER E 43 -5.60 -36.49 -43.81
N ASN E 44 -6.06 -37.70 -44.05
CA ASN E 44 -6.54 -38.12 -45.36
C ASN E 44 -7.90 -37.47 -45.64
N SER E 45 -8.35 -37.55 -46.88
CA SER E 45 -9.60 -36.94 -47.28
C SER E 45 -10.73 -37.43 -46.40
N ILE E 46 -11.48 -36.46 -45.88
CA ILE E 46 -12.59 -36.73 -45.00
C ILE E 46 -13.67 -37.44 -45.79
N ASN E 47 -13.98 -38.69 -45.44
CA ASN E 47 -15.10 -39.38 -46.05
C ASN E 47 -16.34 -39.24 -45.17
N THR E 48 -17.45 -38.84 -45.77
CA THR E 48 -18.64 -38.53 -45.01
C THR E 48 -19.57 -39.72 -44.94
N ALA E 49 -20.41 -39.73 -43.88
CA ALA E 49 -21.34 -40.82 -43.65
C ALA E 49 -22.31 -41.02 -44.81
N PHE E 50 -22.61 -42.26 -45.13
CA PHE E 50 -23.73 -42.51 -46.02
C PHE E 50 -25.07 -42.18 -45.33
N SER E 51 -25.15 -42.49 -44.04
CA SER E 51 -26.39 -42.33 -43.27
C SER E 51 -26.01 -42.24 -41.79
N LYS E 52 -26.98 -42.03 -40.92
CA LYS E 52 -26.65 -42.05 -39.48
C LYS E 52 -26.12 -43.43 -39.07
N ALA E 53 -26.82 -44.48 -39.52
CA ALA E 53 -26.45 -45.87 -39.22
C ALA E 53 -25.14 -46.32 -39.87
N SER E 54 -24.80 -45.75 -41.02
CA SER E 54 -23.61 -46.17 -41.74
C SER E 54 -22.64 -44.98 -41.88
N ASP E 55 -21.74 -44.88 -40.91
CA ASP E 55 -20.86 -43.76 -40.77
C ASP E 55 -19.52 -44.34 -40.30
N THR E 56 -18.63 -44.58 -41.26
CA THR E 56 -17.39 -45.31 -41.02
CA THR E 56 -17.38 -45.28 -41.00
C THR E 56 -16.20 -44.47 -41.51
N PRO E 57 -15.65 -43.58 -40.65
CA PRO E 57 -14.51 -42.79 -41.09
C PRO E 57 -13.37 -43.68 -41.55
N ASN E 58 -12.75 -43.31 -42.67
CA ASN E 58 -11.62 -44.08 -43.15
C ASN E 58 -10.45 -43.96 -42.19
N LYS E 59 -9.58 -44.96 -42.23
CA LYS E 59 -8.32 -44.91 -41.49
C LYS E 59 -7.61 -43.56 -41.76
N ASP E 60 -7.07 -42.96 -40.71
CA ASP E 60 -6.26 -41.75 -40.87
C ASP E 60 -7.06 -40.51 -41.29
N THR E 61 -8.39 -40.52 -41.10
CA THR E 61 -9.18 -39.30 -41.35
C THR E 61 -9.56 -38.54 -40.08
N LEU E 62 -9.12 -39.04 -38.92
CA LEU E 62 -9.56 -38.48 -37.63
C LEU E 62 -8.40 -37.90 -36.85
N PRO E 63 -8.39 -36.56 -36.68
CA PRO E 63 -7.31 -36.00 -35.86
C PRO E 63 -7.36 -36.53 -34.43
N CYS E 64 -6.18 -36.77 -33.87
CA CYS E 64 -6.04 -37.29 -32.51
C CYS E 64 -5.16 -36.35 -31.67
N TYR E 65 -5.25 -36.47 -30.35
CA TYR E 65 -4.38 -35.69 -29.46
C TYR E 65 -2.93 -36.14 -29.57
N SER E 66 -2.03 -35.19 -29.36
CA SER E 66 -0.61 -35.46 -29.18
C SER E 66 -0.32 -35.56 -27.69
N VAL E 67 0.62 -36.42 -27.33
CA VAL E 67 1.09 -36.45 -25.94
C VAL E 67 2.55 -36.86 -25.92
N ALA E 68 3.35 -36.22 -25.05
CA ALA E 68 4.71 -36.69 -24.80
C ALA E 68 4.92 -36.83 -23.30
N VAL E 69 5.69 -37.84 -22.90
CA VAL E 69 6.06 -37.99 -21.49
C VAL E 69 7.53 -37.63 -21.39
N ILE E 70 7.83 -36.61 -20.59
CA ILE E 70 9.20 -36.16 -20.42
C ILE E 70 9.71 -36.79 -19.11
N LYS E 71 10.82 -37.53 -19.20
CA LYS E 71 11.47 -38.10 -18.02
C LYS E 71 12.36 -37.05 -17.40
N LEU E 72 12.06 -36.72 -16.14
CA LEU E 72 12.78 -35.68 -15.40
C LEU E 72 13.93 -36.27 -14.59
N PRO E 73 14.84 -35.40 -14.08
CA PRO E 73 15.93 -35.96 -13.28
C PRO E 73 15.43 -36.78 -12.07
N LEU E 74 16.06 -37.94 -11.84
CA LEU E 74 15.73 -38.81 -10.71
C LEU E 74 15.95 -38.11 -9.37
N LEU E 75 14.95 -38.14 -8.49
CA LEU E 75 15.06 -37.42 -7.22
C LEU E 75 15.25 -38.27 -5.98
N ASN E 76 14.81 -39.53 -6.04
CA ASN E 76 14.79 -40.40 -4.87
C ASN E 76 15.45 -41.74 -5.18
N GLU E 77 16.21 -42.25 -4.22
CA GLU E 77 16.82 -43.59 -4.28
C GLU E 77 15.74 -44.70 -4.33
N ASP E 78 14.70 -44.56 -3.52
CA ASP E 78 13.52 -45.45 -3.56
C ASP E 78 12.29 -44.73 -2.99
N MET E 79 11.19 -45.46 -2.83
CA MET E 79 9.96 -44.86 -2.32
C MET E 79 9.62 -45.29 -0.90
N THR E 80 10.64 -45.45 -0.05
CA THR E 80 10.43 -46.02 1.30
C THR E 80 10.31 -44.99 2.43
N CYS E 81 10.64 -43.74 2.15
CA CYS E 81 10.72 -42.74 3.22
C CYS E 81 9.38 -42.04 3.46
N ASP E 82 9.26 -41.39 4.61
CA ASP E 82 8.02 -40.69 4.98
C ASP E 82 7.74 -39.51 4.03
N THR E 83 8.79 -38.81 3.61
CA THR E 83 8.64 -37.79 2.57
C THR E 83 9.55 -38.14 1.41
N ILE E 84 9.20 -37.67 0.22
CA ILE E 84 10.02 -37.84 -0.96
C ILE E 84 10.17 -36.48 -1.62
N LEU E 85 11.08 -36.40 -2.58
CA LEU E 85 11.16 -35.21 -3.43
C LEU E 85 10.36 -35.44 -4.70
N MET E 86 9.65 -34.41 -5.14
CA MET E 86 8.94 -34.46 -6.43
C MET E 86 9.16 -33.15 -7.18
N TRP E 87 9.14 -33.23 -8.49
CA TRP E 87 9.15 -32.07 -9.33
C TRP E 87 7.76 -31.46 -9.41
N GLU E 88 7.68 -30.16 -9.14
CA GLU E 88 6.43 -29.44 -9.22
C GLU E 88 6.51 -28.50 -10.43
N ALA E 89 5.59 -28.64 -11.38
CA ALA E 89 5.59 -27.76 -12.55
C ALA E 89 4.98 -26.41 -12.15
N VAL E 90 5.71 -25.32 -12.36
CA VAL E 90 5.22 -24.03 -11.84
C VAL E 90 4.73 -23.07 -12.91
N SER E 91 5.25 -23.21 -14.13
CA SER E 91 4.87 -22.29 -15.20
C SER E 91 5.22 -22.90 -16.54
N VAL E 92 4.55 -22.43 -17.58
CA VAL E 92 4.82 -22.93 -18.93
C VAL E 92 4.79 -21.77 -19.92
N LYS E 93 5.70 -21.81 -20.90
CA LYS E 93 5.59 -20.95 -22.09
C LYS E 93 5.32 -21.91 -23.25
N THR E 94 4.28 -21.62 -24.01
CA THR E 94 3.89 -22.52 -25.09
C THR E 94 3.54 -21.72 -26.34
N GLU E 95 3.89 -22.29 -27.48
CA GLU E 95 3.71 -21.61 -28.78
CA GLU E 95 3.67 -21.62 -28.77
C GLU E 95 3.26 -22.61 -29.85
N VAL E 96 2.34 -22.19 -30.71
CA VAL E 96 1.99 -22.99 -31.89
C VAL E 96 3.01 -22.59 -32.97
N VAL E 97 3.67 -23.59 -33.54
CA VAL E 97 4.78 -23.38 -34.48
C VAL E 97 4.22 -23.49 -35.90
N GLY E 98 4.79 -22.74 -36.84
CA GLY E 98 4.41 -22.86 -38.24
C GLY E 98 3.14 -22.14 -38.66
N ILE E 99 2.70 -21.16 -37.86
CA ILE E 99 1.50 -20.40 -38.19
C ILE E 99 1.66 -19.73 -39.56
N SER E 100 2.86 -19.18 -39.80
CA SER E 100 3.13 -18.48 -41.07
C SER E 100 2.97 -19.38 -42.31
N SER E 101 3.09 -20.70 -42.12
CA SER E 101 2.93 -21.63 -43.25
C SER E 101 1.53 -21.51 -43.91
N LEU E 102 0.53 -21.01 -43.16
CA LEU E 102 -0.82 -20.85 -43.72
C LEU E 102 -0.91 -19.65 -44.66
N VAL E 103 0.09 -18.79 -44.63
CA VAL E 103 0.08 -17.52 -45.41
C VAL E 103 0.57 -17.86 -46.82
N ASN E 104 -0.26 -18.61 -47.53
CA ASN E 104 0.16 -19.27 -48.75
C ASN E 104 -1.11 -19.43 -49.59
N LEU E 105 -1.14 -18.75 -50.72
CA LEU E 105 -2.29 -18.77 -51.61
C LEU E 105 -1.96 -19.44 -52.93
N HIS E 106 -0.76 -20.04 -53.05
CA HIS E 106 -0.38 -20.73 -54.29
C HIS E 106 -0.51 -22.24 -54.21
N GLN E 107 -0.58 -22.78 -53.00
CA GLN E 107 -0.79 -24.23 -52.82
C GLN E 107 -2.04 -24.65 -53.60
N GLY E 108 -1.96 -25.74 -54.34
CA GLY E 108 -3.09 -26.16 -55.21
C GLY E 108 -4.35 -26.46 -54.41
N GLY E 109 -5.51 -26.07 -54.95
CA GLY E 109 -6.77 -26.29 -54.26
C GLY E 109 -7.94 -25.63 -54.99
N LYS E 110 -8.97 -25.33 -54.22
CA LYS E 110 -10.15 -24.63 -54.71
CA LYS E 110 -10.15 -24.64 -54.72
C LYS E 110 -9.76 -23.17 -54.88
N TYR E 111 -10.24 -22.53 -55.95
CA TYR E 111 -9.92 -21.12 -56.16
C TYR E 111 -10.81 -20.21 -55.34
N ILE E 112 -10.25 -19.08 -54.89
CA ILE E 112 -11.01 -18.08 -54.14
C ILE E 112 -12.12 -17.50 -55.01
N TYR E 113 -11.76 -17.06 -56.21
CA TYR E 113 -12.74 -16.64 -57.19
C TYR E 113 -12.69 -17.67 -58.34
N GLY E 114 -12.26 -17.28 -59.52
CA GLY E 114 -12.04 -18.24 -60.62
C GLY E 114 -10.59 -18.69 -60.77
N SER E 115 -10.27 -19.33 -61.89
CA SER E 115 -8.96 -19.99 -62.01
C SER E 115 -7.75 -19.06 -62.15
N SER E 116 -7.98 -17.76 -62.22
CA SER E 116 -6.87 -16.80 -62.22
C SER E 116 -6.51 -16.31 -60.83
N SER E 117 -7.32 -16.66 -59.82
CA SER E 117 -7.11 -16.10 -58.49
C SER E 117 -6.21 -17.03 -57.66
N GLY E 118 -5.89 -16.59 -56.44
CA GLY E 118 -5.25 -17.50 -55.49
C GLY E 118 -6.18 -18.63 -55.04
N CYS E 119 -5.62 -19.60 -54.35
CA CYS E 119 -6.40 -20.72 -53.84
C CYS E 119 -6.86 -20.48 -52.40
N VAL E 120 -8.01 -21.05 -52.05
CA VAL E 120 -8.59 -20.90 -50.70
C VAL E 120 -7.61 -21.46 -49.65
N PRO E 121 -7.27 -20.66 -48.62
CA PRO E 121 -6.33 -21.16 -47.61
C PRO E 121 -7.03 -22.06 -46.60
N VAL E 122 -6.28 -22.54 -45.61
CA VAL E 122 -6.84 -23.37 -44.55
C VAL E 122 -7.86 -22.58 -43.75
N GLN E 123 -9.06 -23.12 -43.63
CA GLN E 123 -10.10 -22.44 -42.86
C GLN E 123 -11.15 -23.44 -42.40
N GLY E 124 -12.13 -22.96 -41.64
CA GLY E 124 -13.16 -23.86 -41.07
C GLY E 124 -12.90 -24.06 -39.58
N THR E 125 -13.36 -25.20 -39.07
CA THR E 125 -13.25 -25.51 -37.63
C THR E 125 -11.82 -25.50 -37.10
N THR E 126 -11.63 -24.86 -35.94
CA THR E 126 -10.31 -24.86 -35.29
C THR E 126 -10.46 -25.38 -33.85
N TYR E 127 -9.40 -25.99 -33.35
CA TYR E 127 -9.41 -26.58 -32.01
C TYR E 127 -7.97 -26.54 -31.53
N HIS E 128 -7.73 -25.77 -30.47
CA HIS E 128 -6.38 -25.60 -29.93
C HIS E 128 -6.45 -25.82 -28.46
N MET E 129 -5.71 -26.80 -27.96
CA MET E 129 -5.66 -27.03 -26.53
C MET E 129 -4.28 -27.49 -26.13
N PHE E 130 -3.90 -27.19 -24.89
CA PHE E 130 -2.71 -27.82 -24.33
C PHE E 130 -2.96 -28.17 -22.88
N ALA E 131 -2.17 -29.11 -22.38
CA ALA E 131 -2.20 -29.46 -20.97
C ALA E 131 -0.80 -29.74 -20.50
N VAL E 132 -0.57 -29.47 -19.22
CA VAL E 132 0.70 -29.81 -18.56
C VAL E 132 0.30 -30.48 -17.25
N GLY E 133 0.75 -31.71 -17.04
CA GLY E 133 0.38 -32.40 -15.80
C GLY E 133 1.42 -33.39 -15.29
N GLY E 134 1.16 -33.91 -14.08
CA GLY E 134 2.07 -34.84 -13.42
C GLY E 134 1.68 -36.30 -13.62
N GLU E 135 0.77 -36.53 -14.57
CA GLU E 135 0.21 -37.85 -14.87
C GLU E 135 -0.60 -37.66 -16.15
N PRO E 136 -1.10 -38.76 -16.75
CA PRO E 136 -1.85 -38.54 -18.00
C PRO E 136 -3.10 -37.68 -17.82
N LEU E 137 -3.42 -36.89 -18.84
CA LEU E 137 -4.67 -36.13 -18.90
C LEU E 137 -5.84 -37.12 -18.85
N GLU E 138 -6.81 -36.87 -17.99
CA GLU E 138 -7.95 -37.77 -17.88
C GLU E 138 -9.04 -37.26 -18.83
N LEU E 139 -9.57 -38.20 -19.63
CA LEU E 139 -10.50 -37.87 -20.70
C LEU E 139 -11.92 -38.36 -20.42
N GLN E 140 -12.88 -37.61 -20.99
CA GLN E 140 -14.29 -37.97 -21.00
C GLN E 140 -14.69 -38.20 -22.45
N GLY E 141 -15.40 -39.30 -22.71
CA GLY E 141 -15.90 -39.58 -24.07
C GLY E 141 -17.25 -38.93 -24.30
N LEU E 142 -17.42 -38.31 -25.47
CA LEU E 142 -18.70 -37.74 -25.89
C LEU E 142 -18.62 -37.54 -27.40
N VAL E 143 -19.60 -38.09 -28.13
CA VAL E 143 -19.55 -38.06 -29.59
C VAL E 143 -20.78 -37.37 -30.18
N ALA E 144 -20.63 -36.91 -31.43
CA ALA E 144 -21.78 -36.35 -32.19
C ALA E 144 -22.82 -37.45 -32.50
N SER E 145 -22.34 -38.65 -32.77
CA SER E 145 -23.20 -39.77 -33.15
C SER E 145 -22.69 -41.10 -32.62
N SER E 146 -23.53 -41.75 -31.84
CA SER E 146 -23.18 -43.03 -31.22
C SER E 146 -23.19 -44.20 -32.21
N THR E 147 -23.65 -43.95 -33.44
CA THR E 147 -23.79 -45.01 -34.44
C THR E 147 -22.65 -44.99 -35.44
N ALA E 148 -21.66 -44.11 -35.21
CA ALA E 148 -20.44 -44.08 -36.01
C ALA E 148 -19.63 -45.35 -35.72
N THR E 149 -18.95 -45.87 -36.72
CA THR E 149 -18.05 -47.01 -36.52
C THR E 149 -16.62 -46.49 -36.61
N TYR E 150 -15.90 -46.49 -35.50
CA TYR E 150 -14.53 -45.96 -35.47
C TYR E 150 -13.51 -46.99 -35.94
N PRO E 151 -12.42 -46.51 -36.56
CA PRO E 151 -11.42 -47.46 -37.08
C PRO E 151 -10.71 -48.19 -35.95
N ASP E 152 -10.27 -49.42 -36.22
CA ASP E 152 -9.53 -50.21 -35.22
C ASP E 152 -8.30 -49.51 -34.65
N ASP E 153 -7.66 -48.67 -35.46
CA ASP E 153 -6.38 -48.05 -35.05
C ASP E 153 -6.51 -46.82 -34.14
N VAL E 154 -7.73 -46.46 -33.74
CA VAL E 154 -7.93 -45.41 -32.72
C VAL E 154 -8.62 -45.98 -31.48
N VAL E 155 -8.53 -45.26 -30.38
CA VAL E 155 -9.19 -45.69 -29.16
C VAL E 155 -10.57 -45.03 -29.11
N ALA E 156 -11.61 -45.85 -29.20
CA ALA E 156 -12.98 -45.33 -29.19
C ALA E 156 -13.62 -45.62 -27.84
N ILE E 157 -14.83 -45.11 -27.65
CA ILE E 157 -15.66 -45.45 -26.50
C ILE E 157 -16.10 -46.91 -26.62
N LYS E 158 -15.89 -47.69 -25.56
CA LYS E 158 -16.31 -49.10 -25.54
C LYS E 158 -17.84 -49.20 -25.49
N ASN E 159 -18.41 -50.12 -26.26
CA ASN E 159 -19.87 -50.38 -26.22
C ASN E 159 -20.69 -49.09 -26.38
N MET E 160 -20.38 -48.29 -27.39
CA MET E 160 -21.09 -47.03 -27.61
C MET E 160 -22.60 -47.21 -27.69
N LYS E 161 -23.33 -46.26 -27.09
CA LYS E 161 -24.79 -46.24 -27.07
C LYS E 161 -25.23 -44.79 -27.24
N PRO E 162 -26.52 -44.54 -27.55
CA PRO E 162 -26.94 -43.13 -27.74
C PRO E 162 -26.61 -42.21 -26.55
N GLY E 163 -26.49 -42.79 -25.36
CA GLY E 163 -26.13 -42.02 -24.17
C GLY E 163 -24.80 -41.30 -24.29
N ASN E 164 -23.93 -41.83 -25.16
CA ASN E 164 -22.62 -41.23 -25.41
C ASN E 164 -22.68 -39.98 -26.26
N GLN E 165 -23.87 -39.60 -26.71
CA GLN E 165 -24.09 -38.28 -27.31
C GLN E 165 -24.22 -37.20 -26.23
N GLY E 166 -24.38 -37.65 -24.99
CA GLY E 166 -24.25 -36.77 -23.82
C GLY E 166 -23.14 -37.30 -22.93
N LEU E 167 -23.15 -36.91 -21.66
CA LEU E 167 -22.12 -37.35 -20.70
C LEU E 167 -22.53 -38.63 -19.98
N ASP E 168 -21.84 -39.71 -20.32
CA ASP E 168 -21.96 -41.00 -19.63
C ASP E 168 -20.69 -41.23 -18.83
N PRO E 169 -20.81 -41.35 -17.48
CA PRO E 169 -19.65 -41.51 -16.62
C PRO E 169 -18.81 -42.76 -16.86
N LYS E 170 -19.32 -43.76 -17.58
CA LYS E 170 -18.49 -44.93 -17.94
C LYS E 170 -17.48 -44.65 -19.08
N ALA E 171 -17.71 -43.58 -19.84
CA ALA E 171 -16.84 -43.30 -20.98
C ALA E 171 -15.64 -42.45 -20.55
N LYS E 172 -14.64 -43.12 -19.96
CA LYS E 172 -13.44 -42.46 -19.43
C LYS E 172 -12.22 -43.11 -20.02
N ALA E 173 -11.15 -42.33 -20.20
CA ALA E 173 -9.89 -42.86 -20.67
C ALA E 173 -8.76 -41.98 -20.15
N LEU E 174 -7.53 -42.48 -20.32
CA LEU E 174 -6.33 -41.66 -20.08
C LEU E 174 -5.67 -41.33 -21.40
N LEU E 175 -5.16 -40.11 -21.54
CA LEU E 175 -4.42 -39.74 -22.75
C LEU E 175 -3.00 -40.29 -22.58
N ASP E 176 -2.85 -41.57 -22.91
CA ASP E 176 -1.61 -42.29 -22.59
C ASP E 176 -0.93 -42.82 -23.85
N LYS E 177 -1.45 -42.44 -25.01
CA LYS E 177 -0.87 -42.84 -26.30
C LYS E 177 -0.96 -41.67 -27.24
N ASP E 178 0.15 -41.40 -27.92
CA ASP E 178 0.25 -40.31 -28.91
C ASP E 178 -0.47 -40.73 -30.20
N GLY E 179 -1.32 -39.84 -30.72
CA GLY E 179 -1.94 -40.04 -32.02
C GLY E 179 -2.93 -41.21 -32.07
N LYS E 180 -3.63 -41.47 -30.97
CA LYS E 180 -4.58 -42.59 -30.91
C LYS E 180 -5.98 -42.22 -30.41
N TYR E 181 -6.09 -41.13 -29.67
CA TYR E 181 -7.36 -40.74 -29.06
C TYR E 181 -7.95 -39.61 -29.92
N PRO E 182 -9.06 -39.90 -30.64
CA PRO E 182 -9.60 -38.86 -31.53
C PRO E 182 -10.14 -37.65 -30.80
N VAL E 183 -9.81 -36.48 -31.34
CA VAL E 183 -10.34 -35.23 -30.84
C VAL E 183 -11.89 -35.29 -30.81
N GLU E 184 -12.53 -35.88 -31.82
CA GLU E 184 -13.99 -35.83 -31.86
C GLU E 184 -14.69 -36.79 -30.90
N VAL E 185 -13.91 -37.62 -30.22
CA VAL E 185 -14.45 -38.64 -29.28
C VAL E 185 -14.17 -38.26 -27.82
N TRP E 186 -13.03 -37.63 -27.58
CA TRP E 186 -12.53 -37.40 -26.21
C TRP E 186 -12.26 -35.95 -25.93
N CYS E 187 -12.65 -35.51 -24.73
CA CYS E 187 -12.38 -34.16 -24.22
C CYS E 187 -11.81 -34.28 -22.80
N PRO E 188 -11.16 -33.23 -22.29
CA PRO E 188 -10.70 -33.29 -20.90
C PRO E 188 -11.84 -33.53 -19.93
N ASP E 189 -11.61 -34.39 -18.96
CA ASP E 189 -12.61 -34.71 -17.96
C ASP E 189 -12.52 -33.71 -16.81
N PRO E 190 -13.49 -32.79 -16.72
CA PRO E 190 -13.41 -31.75 -15.68
C PRO E 190 -13.68 -32.27 -14.27
N SER E 191 -14.20 -33.49 -14.14
CA SER E 191 -14.43 -34.05 -12.81
C SER E 191 -13.17 -34.67 -12.23
N LYS E 192 -12.10 -34.73 -13.02
CA LYS E 192 -10.82 -35.22 -12.54
C LYS E 192 -9.74 -34.19 -12.80
N ASN E 193 -8.57 -34.61 -13.26
CA ASN E 193 -7.50 -33.70 -13.64
C ASN E 193 -7.03 -32.73 -12.55
N GLU E 194 -7.08 -33.18 -11.29
CA GLU E 194 -6.60 -32.45 -10.12
CA GLU E 194 -6.63 -32.27 -10.25
C GLU E 194 -5.11 -32.09 -10.25
N ASN E 195 -4.37 -32.95 -10.95
CA ASN E 195 -2.91 -32.84 -11.04
C ASN E 195 -2.43 -32.46 -12.45
N THR E 196 -3.33 -31.85 -13.22
CA THR E 196 -3.06 -31.37 -14.59
C THR E 196 -3.68 -29.97 -14.74
N ARG E 197 -3.05 -29.11 -15.54
CA ARG E 197 -3.69 -27.86 -15.96
C ARG E 197 -3.92 -27.93 -17.45
N TYR E 198 -5.16 -27.68 -17.90
CA TYR E 198 -5.44 -27.67 -19.34
C TYR E 198 -6.22 -26.42 -19.76
N TYR E 199 -6.05 -26.03 -21.03
CA TYR E 199 -6.56 -24.77 -21.59
C TYR E 199 -6.90 -25.09 -23.06
N GLY E 200 -8.09 -24.71 -23.48
CA GLY E 200 -8.59 -25.07 -24.81
C GLY E 200 -9.49 -23.98 -25.39
N SER E 201 -9.42 -23.84 -26.71
CA SER E 201 -10.22 -22.89 -27.46
CA SER E 201 -10.23 -22.90 -27.46
C SER E 201 -10.73 -23.58 -28.71
N PHE E 202 -12.03 -23.47 -28.94
CA PHE E 202 -12.69 -24.03 -30.12
C PHE E 202 -13.44 -22.93 -30.87
N THR E 203 -13.35 -22.94 -32.21
CA THR E 203 -14.27 -22.14 -33.01
CA THR E 203 -14.23 -22.12 -33.04
C THR E 203 -14.71 -23.03 -34.15
N GLY E 204 -16.02 -23.10 -34.36
CA GLY E 204 -16.57 -23.98 -35.40
C GLY E 204 -16.79 -23.27 -36.72
N GLY E 205 -17.85 -23.70 -37.41
CA GLY E 205 -18.25 -23.12 -38.67
C GLY E 205 -17.62 -23.81 -39.86
N ALA E 206 -18.33 -23.75 -40.99
CA ALA E 206 -17.92 -24.44 -42.21
C ALA E 206 -16.62 -23.88 -42.82
N THR E 207 -16.47 -22.55 -42.86
CA THR E 207 -15.41 -21.90 -43.63
C THR E 207 -14.73 -20.75 -42.86
N THR E 208 -14.81 -20.79 -41.54
CA THR E 208 -14.40 -19.68 -40.67
C THR E 208 -12.90 -19.37 -40.78
N PRO E 209 -12.55 -18.07 -40.84
CA PRO E 209 -11.12 -17.71 -40.88
C PRO E 209 -10.41 -18.09 -39.56
N PRO E 210 -9.25 -18.77 -39.65
CA PRO E 210 -8.50 -19.09 -38.43
C PRO E 210 -7.81 -17.85 -37.86
N VAL E 211 -7.66 -17.79 -36.54
CA VAL E 211 -6.97 -16.68 -35.86
C VAL E 211 -5.95 -17.31 -34.91
N MET E 212 -4.69 -16.91 -35.02
CA MET E 212 -3.66 -17.42 -34.12
C MET E 212 -2.65 -16.34 -33.81
N GLN E 213 -2.16 -16.34 -32.57
CA GLN E 213 -1.12 -15.44 -32.10
CA GLN E 213 -1.09 -15.44 -32.19
C GLN E 213 0.16 -16.22 -31.84
N PHE E 214 1.29 -15.53 -31.86
CA PHE E 214 2.58 -16.13 -31.47
C PHE E 214 3.49 -15.09 -30.87
N THR E 215 4.11 -15.42 -29.76
CA THR E 215 5.02 -14.50 -29.09
C THR E 215 5.88 -15.32 -28.17
N ASN E 216 7.08 -14.82 -27.82
CA ASN E 216 7.88 -15.48 -26.78
C ASN E 216 7.85 -14.73 -25.44
N SER E 217 6.85 -13.86 -25.29
CA SER E 217 6.76 -12.97 -24.11
C SER E 217 5.79 -13.44 -23.02
N VAL E 218 5.06 -14.53 -23.25
CA VAL E 218 3.95 -14.89 -22.36
C VAL E 218 4.22 -16.15 -21.55
N THR E 219 4.05 -16.06 -20.23
CA THR E 219 4.19 -17.22 -19.34
C THR E 219 2.83 -17.50 -18.65
N THR E 220 2.43 -18.77 -18.59
CA THR E 220 1.24 -19.16 -17.86
C THR E 220 1.67 -19.83 -16.56
N VAL E 221 1.15 -19.33 -15.45
CA VAL E 221 1.43 -19.90 -14.14
C VAL E 221 0.55 -21.14 -13.95
N LEU E 222 1.13 -22.22 -13.43
CA LEU E 222 0.44 -23.51 -13.36
C LEU E 222 -0.06 -23.84 -11.94
N LEU E 223 0.21 -22.96 -10.98
CA LEU E 223 -0.23 -23.17 -9.60
C LEU E 223 -1.75 -23.13 -9.53
N ASP E 224 -2.35 -24.03 -8.74
CA ASP E 224 -3.78 -24.08 -8.59
C ASP E 224 -4.23 -23.08 -7.51
N GLU E 225 -5.50 -23.15 -7.10
CA GLU E 225 -6.05 -22.20 -6.15
C GLU E 225 -5.45 -22.37 -4.74
N ASN E 226 -4.77 -23.50 -4.51
CA ASN E 226 -4.02 -23.69 -3.25
C ASN E 226 -2.53 -23.38 -3.36
N GLY E 227 -2.12 -22.79 -4.48
CA GLY E 227 -0.73 -22.40 -4.74
C GLY E 227 0.19 -23.56 -5.14
N VAL E 228 -0.40 -24.68 -5.58
CA VAL E 228 0.37 -25.92 -5.89
C VAL E 228 0.26 -26.28 -7.38
N GLY E 229 1.41 -26.55 -8.02
CA GLY E 229 1.43 -26.91 -9.43
C GLY E 229 1.32 -28.42 -9.54
N PRO E 230 1.18 -28.93 -10.77
CA PRO E 230 1.24 -30.38 -11.03
C PRO E 230 2.49 -31.02 -10.39
N LEU E 231 2.28 -32.15 -9.73
CA LEU E 231 3.37 -32.88 -9.08
C LEU E 231 3.63 -34.13 -9.90
N CYS E 232 4.88 -34.32 -10.30
CA CYS E 232 5.20 -35.27 -11.38
C CYS E 232 5.44 -36.68 -10.83
N LYS E 233 4.42 -37.50 -10.94
CA LYS E 233 4.48 -38.87 -10.40
C LYS E 233 5.47 -39.68 -11.22
N GLY E 234 6.32 -40.42 -10.52
CA GLY E 234 7.36 -41.21 -11.16
C GLY E 234 8.39 -40.38 -11.92
N ASP E 235 8.53 -39.10 -11.52
CA ASP E 235 9.44 -38.15 -12.16
C ASP E 235 9.16 -37.99 -13.65
N LYS E 236 7.88 -38.04 -14.02
CA LYS E 236 7.47 -37.88 -15.40
C LYS E 236 6.55 -36.66 -15.53
N LEU E 237 6.82 -35.87 -16.56
CA LEU E 237 5.99 -34.73 -16.92
C LEU E 237 5.18 -35.06 -18.18
N PHE E 238 3.88 -34.83 -18.15
CA PHE E 238 3.03 -35.09 -19.31
C PHE E 238 2.63 -33.81 -20.00
N LEU E 239 2.94 -33.75 -21.30
CA LEU E 239 2.57 -32.62 -22.14
C LEU E 239 1.58 -33.13 -23.19
N SER E 240 0.42 -32.48 -23.30
CA SER E 240 -0.64 -32.94 -24.19
C SER E 240 -1.11 -31.76 -25.02
N CYS E 241 -1.53 -32.02 -26.27
CA CYS E 241 -2.09 -30.92 -27.04
C CYS E 241 -2.85 -31.40 -28.26
N ALA E 242 -3.60 -30.48 -28.86
CA ALA E 242 -4.18 -30.68 -30.20
C ALA E 242 -4.26 -29.30 -30.79
N ASP E 243 -3.82 -29.15 -32.04
CA ASP E 243 -3.81 -27.84 -32.68
C ASP E 243 -4.24 -28.00 -34.10
N ILE E 244 -5.57 -28.01 -34.27
CA ILE E 244 -6.19 -28.12 -35.59
C ILE E 244 -6.41 -26.70 -36.10
N ALA E 245 -5.71 -26.38 -37.20
CA ALA E 245 -5.74 -25.02 -37.77
C ALA E 245 -6.94 -24.79 -38.70
N GLY E 246 -7.55 -25.88 -39.15
CA GLY E 246 -8.68 -25.80 -40.09
C GLY E 246 -8.64 -26.93 -41.10
N VAL E 247 -9.32 -26.76 -42.22
CA VAL E 247 -9.19 -27.74 -43.29
C VAL E 247 -8.70 -27.12 -44.57
N HIS E 248 -7.93 -27.91 -45.31
CA HIS E 248 -7.53 -27.51 -46.63
C HIS E 248 -8.49 -28.14 -47.61
N THR E 249 -8.92 -27.37 -48.60
CA THR E 249 -9.85 -27.89 -49.61
C THR E 249 -9.13 -28.10 -50.95
N ASN E 250 -9.20 -29.31 -51.48
CA ASN E 250 -8.57 -29.61 -52.77
C ASN E 250 -9.45 -29.17 -53.93
N TYR E 251 -8.89 -29.17 -55.13
CA TYR E 251 -9.62 -28.76 -56.32
C TYR E 251 -10.93 -29.56 -56.52
N SER E 252 -10.90 -30.86 -56.22
CA SER E 252 -12.09 -31.72 -56.36
C SER E 252 -13.09 -31.54 -55.21
N GLU E 253 -12.77 -30.65 -54.26
CA GLU E 253 -13.58 -30.33 -53.07
C GLU E 253 -13.46 -31.34 -51.95
N THR E 254 -12.59 -32.35 -52.12
CA THR E 254 -12.23 -33.17 -50.95
C THR E 254 -11.46 -32.28 -49.96
N GLN E 255 -11.61 -32.59 -48.68
CA GLN E 255 -11.02 -31.76 -47.62
C GLN E 255 -10.19 -32.59 -46.67
N VAL E 256 -9.11 -31.99 -46.18
CA VAL E 256 -8.25 -32.64 -45.20
C VAL E 256 -8.00 -31.69 -44.03
N TRP E 257 -7.95 -32.25 -42.82
CA TRP E 257 -7.59 -31.47 -41.65
C TRP E 257 -6.13 -31.11 -41.67
N ARG E 258 -5.82 -29.90 -41.20
CA ARG E 258 -4.44 -29.43 -41.10
C ARG E 258 -4.12 -29.13 -39.65
N GLY E 259 -3.02 -29.71 -39.16
CA GLY E 259 -2.58 -29.46 -37.80
C GLY E 259 -1.20 -28.83 -37.79
N LEU E 260 -0.84 -28.22 -36.65
CA LEU E 260 0.48 -27.62 -36.47
C LEU E 260 1.10 -28.12 -35.17
N PRO E 261 2.44 -28.14 -35.12
CA PRO E 261 3.15 -28.56 -33.91
C PRO E 261 3.06 -27.51 -32.80
N ARG E 262 3.32 -27.95 -31.57
CA ARG E 262 3.33 -27.04 -30.45
C ARG E 262 4.62 -27.22 -29.66
N TYR E 263 5.17 -26.08 -29.26
CA TYR E 263 6.37 -26.02 -28.42
C TYR E 263 5.98 -25.76 -26.96
N PHE E 264 6.70 -26.39 -26.02
CA PHE E 264 6.49 -26.23 -24.58
C PHE E 264 7.84 -25.91 -23.94
N ASN E 265 7.85 -24.95 -23.01
CA ASN E 265 8.99 -24.75 -22.13
C ASN E 265 8.43 -24.71 -20.73
N VAL E 266 8.78 -25.69 -19.91
CA VAL E 266 8.15 -25.81 -18.57
C VAL E 266 9.20 -25.62 -17.49
N THR E 267 8.88 -24.81 -16.47
CA THR E 267 9.78 -24.64 -15.32
C THR E 267 9.23 -25.43 -14.17
N LEU E 268 10.12 -26.17 -13.50
CA LEU E 268 9.75 -27.06 -12.40
C LEU E 268 10.67 -26.82 -11.23
N ARG E 269 10.18 -27.07 -10.02
CA ARG E 269 11.01 -26.94 -8.84
C ARG E 269 10.87 -28.19 -7.96
N LYS E 270 11.93 -28.53 -7.25
CA LYS E 270 11.94 -29.70 -6.37
C LYS E 270 11.15 -29.36 -5.11
N ARG E 271 10.27 -30.26 -4.69
CA ARG E 271 9.49 -30.06 -3.47
C ARG E 271 9.57 -31.28 -2.58
N ILE E 272 9.58 -31.03 -1.27
CA ILE E 272 9.39 -32.10 -0.30
C ILE E 272 7.90 -32.43 -0.22
N VAL E 273 7.55 -33.71 -0.41
CA VAL E 273 6.14 -34.12 -0.42
C VAL E 273 5.95 -35.35 0.49
N LYS E 274 4.91 -35.36 1.31
CA LYS E 274 4.59 -36.55 2.07
C LYS E 274 4.38 -37.70 1.05
N ASN E 275 5.05 -38.82 1.28
CA ASN E 275 5.12 -39.92 0.31
C ASN E 275 3.75 -40.54 0.01
N PRO E 276 3.27 -40.41 -1.25
CA PRO E 276 1.94 -40.90 -1.60
C PRO E 276 1.90 -42.38 -1.98
N TYR E 277 3.08 -43.01 -2.13
CA TYR E 277 3.15 -44.37 -2.67
C TYR E 277 3.11 -45.42 -1.57
N PRO E 278 2.14 -46.36 -1.64
CA PRO E 278 2.01 -47.38 -0.59
C PRO E 278 3.04 -48.50 -0.73
N SER F 2 20.39 -21.66 -16.53
CA SER F 2 21.36 -20.69 -17.14
C SER F 2 20.66 -19.55 -17.90
N HIS F 3 20.78 -18.33 -17.36
CA HIS F 3 20.12 -17.14 -17.96
C HIS F 3 20.91 -15.91 -17.64
N MET F 4 20.75 -14.87 -18.45
CA MET F 4 21.30 -13.55 -18.11
C MET F 4 20.56 -12.97 -16.91
N GLY F 5 21.32 -12.50 -15.93
CA GLY F 5 20.73 -11.89 -14.74
C GLY F 5 21.72 -10.92 -14.15
N GLY F 6 21.28 -10.16 -13.15
CA GLY F 6 22.15 -9.15 -12.54
C GLY F 6 22.82 -9.64 -11.27
N VAL F 7 24.02 -9.11 -11.03
CA VAL F 7 24.72 -9.25 -9.74
C VAL F 7 25.14 -7.84 -9.27
N GLU F 8 24.92 -7.55 -7.99
CA GLU F 8 25.22 -6.24 -7.46
C GLU F 8 26.66 -6.21 -6.97
N VAL F 9 27.47 -5.43 -7.66
CA VAL F 9 28.89 -5.25 -7.34
C VAL F 9 29.06 -3.93 -6.59
N LEU F 10 29.89 -3.93 -5.55
CA LEU F 10 30.22 -2.70 -4.86
C LEU F 10 31.41 -2.01 -5.51
N GLU F 11 31.27 -0.70 -5.72
CA GLU F 11 32.37 0.09 -6.27
C GLU F 11 32.26 1.52 -5.77
N VAL F 12 33.36 2.26 -5.86
CA VAL F 12 33.36 3.69 -5.51
C VAL F 12 32.62 4.47 -6.61
N ARG F 13 31.51 5.08 -6.24
CA ARG F 13 30.75 5.93 -7.16
C ARG F 13 31.03 7.37 -6.77
N THR F 14 31.42 8.18 -7.73
CA THR F 14 31.43 9.62 -7.52
C THR F 14 30.01 10.11 -7.76
N GLY F 15 29.50 10.94 -6.85
CA GLY F 15 28.15 11.47 -6.96
C GLY F 15 28.02 12.40 -8.14
N PRO F 16 26.81 12.92 -8.38
CA PRO F 16 26.66 13.91 -9.44
C PRO F 16 27.31 15.25 -9.07
N ASP F 17 27.58 16.10 -10.07
CA ASP F 17 28.16 17.43 -9.84
C ASP F 17 27.18 18.36 -9.14
N ALA F 18 25.90 17.98 -9.15
CA ALA F 18 24.85 18.75 -8.49
C ALA F 18 24.87 18.65 -6.96
N ILE F 19 25.58 17.66 -6.41
CA ILE F 19 25.62 17.39 -4.97
C ILE F 19 27.03 17.56 -4.43
N THR F 20 27.13 18.14 -3.23
CA THR F 20 28.41 18.26 -2.57
C THR F 20 28.26 18.04 -1.06
N GLN F 21 29.36 17.66 -0.41
CA GLN F 21 29.39 17.54 1.04
C GLN F 21 30.48 18.44 1.56
N ILE F 22 30.24 19.09 2.70
CA ILE F 22 31.35 19.78 3.36
C ILE F 22 31.50 19.25 4.77
N GLU F 23 32.71 19.33 5.30
CA GLU F 23 32.98 18.97 6.67
C GLU F 23 33.65 20.14 7.34
N ALA F 24 33.33 20.36 8.61
CA ALA F 24 34.00 21.38 9.43
C ALA F 24 33.90 21.04 10.89
N TYR F 25 34.82 21.61 11.68
CA TYR F 25 34.70 21.55 13.14
C TYR F 25 34.81 22.95 13.69
N LEU F 26 34.11 23.20 14.79
CA LEU F 26 34.09 24.51 15.41
C LEU F 26 34.51 24.30 16.83
N ASN F 27 35.64 24.89 17.18
CA ASN F 27 36.12 24.84 18.56
C ASN F 27 35.31 25.73 19.48
N PRO F 28 35.19 25.34 20.76
CA PRO F 28 34.35 26.08 21.69
C PRO F 28 34.91 27.48 22.04
N ARG F 29 33.99 28.41 22.33
CA ARG F 29 34.36 29.79 22.69
C ARG F 29 33.83 30.13 24.10
N MET F 30 34.48 29.54 25.08
CA MET F 30 34.06 29.65 26.48
C MET F 30 34.59 30.91 27.15
N GLY F 31 35.56 31.56 26.50
CA GLY F 31 36.20 32.74 27.09
C GLY F 31 37.69 32.75 26.81
N ASN F 32 38.35 31.61 27.09
CA ASN F 32 39.70 31.39 26.57
C ASN F 32 39.59 30.75 25.19
N ASN F 33 39.71 31.59 24.16
CA ASN F 33 39.35 31.20 22.79
C ASN F 33 40.55 31.03 21.83
N ILE F 34 41.75 31.24 22.37
CA ILE F 34 43.01 31.13 21.60
C ILE F 34 43.73 29.86 22.07
N PRO F 35 44.08 28.95 21.13
CA PRO F 35 44.68 27.64 21.47
C PRO F 35 45.98 27.68 22.28
N SER F 36 46.64 28.83 22.32
CA SER F 36 47.87 28.98 23.08
C SER F 36 47.61 29.32 24.56
N GLU F 37 46.37 29.68 24.89
CA GLU F 37 46.00 29.97 26.29
C GLU F 37 45.98 28.73 27.15
N ASP F 38 46.51 28.83 28.38
CA ASP F 38 46.51 27.69 29.31
C ASP F 38 45.13 27.03 29.52
N LEU F 39 44.10 27.87 29.58
CA LEU F 39 42.74 27.40 29.85
C LEU F 39 41.87 27.39 28.59
N TYR F 40 42.50 27.26 27.44
CA TYR F 40 41.77 27.11 26.18
C TYR F 40 40.71 26.01 26.31
N GLY F 41 39.48 26.29 25.86
CA GLY F 41 38.35 25.36 26.01
C GLY F 41 37.53 25.58 27.29
N TYR F 42 37.95 26.54 28.11
CA TYR F 42 37.30 26.86 29.39
C TYR F 42 37.11 28.37 29.52
N SER F 43 36.18 28.81 30.36
CA SER F 43 36.14 30.23 30.72
C SER F 43 37.21 30.49 31.77
N ASN F 44 37.47 31.77 32.02
CA ASN F 44 38.14 32.15 33.26
C ASN F 44 37.22 32.00 34.46
N SER F 45 37.79 32.03 35.66
CA SER F 45 37.00 31.86 36.88
C SER F 45 35.79 32.78 36.89
N ILE F 46 34.63 32.19 37.15
CA ILE F 46 33.36 32.91 37.19
C ILE F 46 33.38 33.86 38.38
N ASN F 47 33.27 35.17 38.09
CA ASN F 47 33.19 36.15 39.18
C ASN F 47 31.74 36.59 39.37
N THR F 48 31.24 36.51 40.61
CA THR F 48 29.82 36.71 40.89
C THR F 48 29.51 38.15 41.29
N ALA F 49 28.26 38.56 41.09
CA ALA F 49 27.85 39.93 41.34
C ALA F 49 28.12 40.34 42.77
N PHE F 50 28.66 41.55 42.93
CA PHE F 50 28.68 42.16 44.24
C PHE F 50 27.22 42.43 44.68
N SER F 51 26.39 42.89 43.75
CA SER F 51 24.98 43.18 44.03
C SER F 51 24.16 43.15 42.75
N LYS F 52 22.84 43.24 42.87
CA LYS F 52 21.96 43.37 41.71
C LYS F 52 22.47 44.51 40.79
N ALA F 53 22.76 45.65 41.41
CA ALA F 53 23.17 46.88 40.70
C ALA F 53 24.62 46.84 40.23
N SER F 54 25.46 46.08 40.92
CA SER F 54 26.88 45.98 40.55
C SER F 54 27.24 44.54 40.23
N ASP F 55 27.21 44.25 38.93
CA ASP F 55 27.34 42.89 38.42
C ASP F 55 28.16 43.00 37.14
N THR F 56 29.46 42.81 37.29
CA THR F 56 30.41 43.09 36.23
C THR F 56 31.21 41.82 35.90
N PRO F 57 30.65 40.91 35.07
CA PRO F 57 31.43 39.71 34.73
C PRO F 57 32.79 40.10 34.12
N ASN F 58 33.85 39.44 34.56
CA ASN F 58 35.21 39.72 34.07
C ASN F 58 35.35 39.31 32.62
N LYS F 59 36.39 39.81 31.95
CA LYS F 59 36.71 39.40 30.57
C LYS F 59 36.90 37.88 30.54
N ASP F 60 36.39 37.25 29.49
CA ASP F 60 36.62 35.82 29.26
C ASP F 60 35.98 34.88 30.30
N THR F 61 34.98 35.38 31.02
CA THR F 61 34.16 34.52 31.90
C THR F 61 32.81 34.12 31.31
N LEU F 62 32.53 34.56 30.07
CA LEU F 62 31.22 34.39 29.48
C LEU F 62 31.26 33.52 28.22
N PRO F 63 30.70 32.31 28.29
CA PRO F 63 30.66 31.47 27.08
C PRO F 63 29.88 32.16 25.95
N CYS F 64 30.42 32.05 24.74
CA CYS F 64 29.82 32.66 23.58
C CYS F 64 29.54 31.58 22.53
N TYR F 65 28.67 31.92 21.58
CA TYR F 65 28.39 31.04 20.46
C TYR F 65 29.60 30.95 19.54
N SER F 66 29.76 29.76 18.94
CA SER F 66 30.68 29.57 17.84
C SER F 66 29.93 29.74 16.50
N VAL F 67 30.63 30.26 15.51
CA VAL F 67 30.07 30.33 14.15
C VAL F 67 31.21 30.23 13.15
N ALA F 68 30.96 29.48 12.08
CA ALA F 68 31.92 29.38 10.96
C ALA F 68 31.13 29.63 9.69
N VAL F 69 31.74 30.38 8.76
CA VAL F 69 31.13 30.62 7.47
C VAL F 69 31.91 29.79 6.46
N ILE F 70 31.24 28.84 5.81
CA ILE F 70 31.90 28.01 4.82
C ILE F 70 31.61 28.55 3.42
N LYS F 71 32.66 28.86 2.66
CA LYS F 71 32.52 29.37 1.29
CA LYS F 71 32.53 29.36 1.30
C LYS F 71 32.39 28.18 0.33
N LEU F 72 31.21 28.05 -0.25
CA LEU F 72 30.92 26.98 -1.20
C LEU F 72 31.36 27.40 -2.62
N PRO F 73 31.48 26.44 -3.55
CA PRO F 73 31.85 26.76 -4.93
C PRO F 73 30.92 27.81 -5.56
N LEU F 74 31.52 28.80 -6.25
CA LEU F 74 30.77 29.88 -6.89
C LEU F 74 29.84 29.32 -7.96
N LEU F 75 28.58 29.74 -7.94
CA LEU F 75 27.60 29.24 -8.92
C LEU F 75 27.15 30.23 -10.00
N ASN F 76 27.19 31.53 -9.70
CA ASN F 76 26.66 32.51 -10.65
C ASN F 76 27.68 33.57 -11.07
N GLU F 77 28.00 33.60 -12.36
CA GLU F 77 28.83 34.64 -12.96
C GLU F 77 28.09 35.98 -12.99
N ASP F 78 26.79 35.90 -13.29
CA ASP F 78 25.94 37.07 -13.45
C ASP F 78 24.75 37.00 -12.48
N MET F 79 24.76 37.89 -11.49
CA MET F 79 23.70 37.95 -10.47
C MET F 79 22.51 38.84 -10.85
N THR F 80 22.48 39.33 -12.09
CA THR F 80 21.37 40.14 -12.58
C THR F 80 20.41 39.31 -13.46
N CYS F 81 20.73 38.03 -13.62
CA CYS F 81 19.86 37.09 -14.31
C CYS F 81 18.56 36.86 -13.53
N ASP F 82 17.48 36.56 -14.26
CA ASP F 82 16.17 36.29 -13.64
C ASP F 82 16.17 34.99 -12.85
N THR F 83 17.02 34.06 -13.26
CA THR F 83 17.14 32.76 -12.63
C THR F 83 18.60 32.54 -12.25
N ILE F 84 18.82 32.10 -11.03
CA ILE F 84 20.18 31.83 -10.55
C ILE F 84 20.26 30.42 -9.97
N LEU F 85 21.46 29.98 -9.63
CA LEU F 85 21.66 28.72 -8.92
C LEU F 85 22.01 29.06 -7.49
N MET F 86 21.55 28.24 -6.56
CA MET F 86 21.93 28.36 -5.14
C MET F 86 22.18 26.97 -4.58
N TRP F 87 23.11 26.87 -3.62
CA TRP F 87 23.28 25.64 -2.87
C TRP F 87 22.18 25.52 -1.84
N GLU F 88 21.51 24.37 -1.81
CA GLU F 88 20.46 24.10 -0.80
C GLU F 88 21.00 23.06 0.18
N ALA F 89 21.05 23.38 1.48
CA ALA F 89 21.49 22.38 2.46
C ALA F 89 20.35 21.39 2.72
N VAL F 90 20.58 20.10 2.51
CA VAL F 90 19.48 19.12 2.60
C VAL F 90 19.55 18.25 3.86
N SER F 91 20.76 18.04 4.39
CA SER F 91 20.95 17.23 5.60
C SER F 91 22.25 17.54 6.31
N VAL F 92 22.34 17.11 7.56
CA VAL F 92 23.55 17.30 8.35
C VAL F 92 23.78 16.11 9.28
N LYS F 93 25.05 15.73 9.40
CA LYS F 93 25.47 14.84 10.46
C LYS F 93 26.33 15.66 11.39
N THR F 94 26.00 15.67 12.67
CA THR F 94 26.77 16.50 13.60
C THR F 94 27.06 15.74 14.88
N GLU F 95 28.23 16.01 15.47
CA GLU F 95 28.69 15.29 16.65
CA GLU F 95 28.68 15.30 16.66
C GLU F 95 29.47 16.23 17.56
N VAL F 96 29.27 16.05 18.86
CA VAL F 96 30.07 16.75 19.87
C VAL F 96 31.32 15.89 20.08
N VAL F 97 32.48 16.51 19.92
CA VAL F 97 33.76 15.82 19.96
C VAL F 97 34.36 15.93 21.34
N GLY F 98 35.09 14.91 21.77
CA GLY F 98 35.84 14.98 23.03
C GLY F 98 34.98 14.72 24.26
N ILE F 99 33.83 14.06 24.08
CA ILE F 99 32.98 13.70 25.23
C ILE F 99 33.75 12.86 26.26
N SER F 100 34.50 11.88 25.77
CA SER F 100 35.34 11.00 26.61
C SER F 100 36.35 11.73 27.49
N SER F 101 36.74 12.96 27.12
CA SER F 101 37.66 13.75 27.93
C SER F 101 37.11 14.06 29.33
N LEU F 102 35.79 14.03 29.48
CA LEU F 102 35.15 14.24 30.78
C LEU F 102 35.28 13.05 31.71
N VAL F 103 35.69 11.91 31.17
CA VAL F 103 35.81 10.66 31.93
C VAL F 103 37.18 10.62 32.61
N ASN F 104 37.37 11.56 33.53
CA ASN F 104 38.65 11.90 34.13
C ASN F 104 38.38 12.33 35.56
N LEU F 105 38.84 11.55 36.53
CA LEU F 105 38.69 11.89 37.96
C LEU F 105 40.01 12.29 38.62
N HIS F 106 41.07 12.44 37.82
CA HIS F 106 42.39 12.79 38.37
C HIS F 106 42.77 14.25 38.18
N GLN F 107 42.10 14.94 37.25
CA GLN F 107 42.29 16.37 37.08
C GLN F 107 42.08 17.05 38.43
N GLY F 108 42.98 17.97 38.78
CA GLY F 108 42.90 18.61 40.09
C GLY F 108 41.60 19.36 40.26
N GLY F 109 40.97 19.21 41.42
CA GLY F 109 39.82 20.04 41.76
C GLY F 109 39.30 19.81 43.17
N LYS F 110 37.98 19.95 43.30
CA LYS F 110 37.30 19.61 44.54
CA LYS F 110 37.29 19.62 44.53
C LYS F 110 37.21 18.09 44.62
N TYR F 111 37.41 17.55 45.81
CA TYR F 111 37.30 16.09 46.04
C TYR F 111 35.86 15.64 46.15
N ILE F 112 35.59 14.44 45.63
CA ILE F 112 34.25 13.85 45.73
C ILE F 112 33.91 13.57 47.20
N TYR F 113 34.80 12.88 47.88
CA TYR F 113 34.69 12.70 49.34
C TYR F 113 35.83 13.48 49.99
N GLY F 114 36.73 12.80 50.69
CA GLY F 114 37.90 13.45 51.30
C GLY F 114 39.07 13.51 50.32
N SER F 115 40.23 13.94 50.80
CA SER F 115 41.37 14.16 49.89
C SER F 115 41.99 12.90 49.27
N SER F 116 41.50 11.72 49.65
CA SER F 116 41.93 10.44 49.04
C SER F 116 41.12 10.01 47.83
N SER F 117 40.04 10.72 47.53
CA SER F 117 39.13 10.27 46.46
C SER F 117 39.43 10.96 45.12
N GLY F 118 38.68 10.60 44.08
CA GLY F 118 38.79 11.30 42.80
C GLY F 118 38.26 12.70 42.92
N CYS F 119 38.55 13.54 41.93
CA CYS F 119 38.01 14.89 41.97
C CYS F 119 36.66 14.94 41.28
N VAL F 120 35.82 15.89 41.71
CA VAL F 120 34.51 16.11 41.08
C VAL F 120 34.66 16.42 39.59
N PRO F 121 33.95 15.66 38.73
CA PRO F 121 34.08 15.91 37.30
C PRO F 121 33.23 17.12 36.86
N VAL F 122 33.26 17.43 35.57
CA VAL F 122 32.53 18.56 35.03
C VAL F 122 31.03 18.29 35.21
N GLN F 123 30.31 19.23 35.80
CA GLN F 123 28.88 19.04 36.01
C GLN F 123 28.17 20.38 36.22
N GLY F 124 26.85 20.34 36.38
CA GLY F 124 26.07 21.57 36.48
C GLY F 124 25.35 21.85 35.16
N THR F 125 25.15 23.13 34.88
CA THR F 125 24.36 23.58 33.72
C THR F 125 25.01 23.16 32.39
N THR F 126 24.20 22.58 31.50
CA THR F 126 24.68 22.25 30.17
C THR F 126 23.81 22.95 29.11
N TYR F 127 24.40 23.20 27.95
CA TYR F 127 23.69 23.91 26.90
C TYR F 127 24.28 23.47 25.59
N HIS F 128 23.47 22.75 24.80
CA HIS F 128 23.94 22.20 23.53
C HIS F 128 23.02 22.64 22.44
N MET F 129 23.56 23.31 21.43
CA MET F 129 22.74 23.72 20.30
C MET F 129 23.57 23.78 19.04
N PHE F 130 22.94 23.48 17.90
CA PHE F 130 23.61 23.74 16.63
C PHE F 130 22.60 24.33 15.66
N ALA F 131 23.10 25.00 14.64
CA ALA F 131 22.26 25.49 13.55
C ALA F 131 23.02 25.38 12.25
N VAL F 132 22.25 25.25 11.17
CA VAL F 132 22.78 25.23 9.79
C VAL F 132 21.86 26.16 9.01
N GLY F 133 22.45 27.16 8.36
CA GLY F 133 21.65 28.16 7.66
C GLY F 133 22.34 28.71 6.44
N GLY F 134 21.59 29.40 5.60
CA GLY F 134 22.13 30.06 4.41
C GLY F 134 22.47 31.53 4.62
N GLU F 135 22.52 31.94 5.89
CA GLU F 135 22.77 33.31 6.31
C GLU F 135 22.96 33.27 7.83
N PRO F 136 23.40 34.38 8.46
CA PRO F 136 23.62 34.27 9.92
C PRO F 136 22.38 33.92 10.74
N LEU F 137 22.57 33.13 11.78
CA LEU F 137 21.50 32.84 12.72
C LEU F 137 21.01 34.14 13.33
N GLU F 138 19.70 34.33 13.34
CA GLU F 138 19.12 35.54 13.90
C GLU F 138 18.85 35.35 15.38
N LEU F 139 19.23 36.36 16.18
CA LEU F 139 19.24 36.25 17.64
C LEU F 139 18.28 37.22 18.28
N GLN F 140 17.73 36.79 19.42
CA GLN F 140 16.91 37.62 20.29
C GLN F 140 17.66 37.81 21.61
N GLY F 141 17.70 39.04 22.10
CA GLY F 141 18.32 39.27 23.40
C GLY F 141 17.35 39.08 24.53
N LEU F 142 17.81 38.41 25.59
CA LEU F 142 17.03 38.25 26.83
C LEU F 142 17.99 37.84 27.93
N VAL F 143 17.97 38.58 29.05
CA VAL F 143 18.96 38.37 30.11
C VAL F 143 18.29 38.10 31.45
N ALA F 144 19.07 37.50 32.37
CA ALA F 144 18.63 37.32 33.76
C ALA F 144 18.49 38.67 34.48
N SER F 145 19.40 39.58 34.23
CA SER F 145 19.41 40.88 34.92
C SER F 145 19.83 42.02 34.03
N SER F 146 18.95 43.02 33.91
CA SER F 146 19.19 44.17 33.03
C SER F 146 20.24 45.14 33.56
N THR F 147 20.67 44.96 34.81
CA THR F 147 21.63 45.90 35.39
C THR F 147 23.10 45.41 35.34
N ALA F 148 23.30 44.20 34.83
CA ALA F 148 24.65 43.65 34.64
C ALA F 148 25.44 44.52 33.65
N THR F 149 26.74 44.68 33.90
CA THR F 149 27.63 45.41 32.98
C THR F 149 28.44 44.39 32.17
N TYR F 150 28.17 44.29 30.88
CA TYR F 150 28.89 43.32 30.06
C TYR F 150 30.25 43.83 29.58
N PRO F 151 31.26 42.92 29.48
CA PRO F 151 32.63 43.32 29.12
C PRO F 151 32.70 43.90 27.71
N ASP F 152 33.74 44.70 27.48
CA ASP F 152 33.94 45.39 26.19
C ASP F 152 34.15 44.44 25.03
N ASP F 153 34.60 43.22 25.32
CA ASP F 153 34.97 42.25 24.29
C ASP F 153 33.84 41.30 23.87
N VAL F 154 32.62 41.55 24.35
CA VAL F 154 31.44 40.82 23.89
C VAL F 154 30.39 41.78 23.35
N VAL F 155 29.49 41.26 22.52
CA VAL F 155 28.38 42.05 22.01
C VAL F 155 27.18 41.81 22.92
N ALA F 156 26.70 42.86 23.58
CA ALA F 156 25.60 42.72 24.53
C ALA F 156 24.42 43.49 23.98
N ILE F 157 23.29 43.47 24.70
CA ILE F 157 22.14 44.29 24.33
C ILE F 157 22.50 45.76 24.60
N LYS F 158 22.23 46.65 23.65
CA LYS F 158 22.57 48.06 23.82
C LYS F 158 21.57 48.76 24.74
N ASN F 159 22.09 49.47 25.74
CA ASN F 159 21.27 50.22 26.68
C ASN F 159 20.10 49.41 27.23
N MET F 160 20.42 48.37 28.00
CA MET F 160 19.40 47.52 28.57
C MET F 160 18.47 48.26 29.54
N LYS F 161 17.24 47.79 29.58
CA LYS F 161 16.22 48.23 30.52
C LYS F 161 15.69 46.96 31.18
N PRO F 162 14.97 47.06 32.32
CA PRO F 162 14.35 45.85 32.89
C PRO F 162 13.52 45.02 31.89
N GLY F 163 12.95 45.67 30.88
CA GLY F 163 12.20 44.99 29.82
C GLY F 163 12.99 43.86 29.14
N ASN F 164 14.32 43.99 29.16
CA ASN F 164 15.19 42.98 28.55
C ASN F 164 15.31 41.69 29.37
N GLN F 165 14.67 41.66 30.54
CA GLN F 165 14.49 40.43 31.31
C GLN F 165 13.30 39.61 30.76
N GLY F 166 12.52 40.25 29.89
CA GLY F 166 11.57 39.56 29.02
C GLY F 166 11.95 39.74 27.55
N LEU F 167 10.97 39.53 26.67
CA LEU F 167 11.18 39.69 25.24
C LEU F 167 10.87 41.12 24.79
N ASP F 168 11.92 41.88 24.47
CA ASP F 168 11.75 43.16 23.80
C ASP F 168 12.26 43.01 22.38
N PRO F 169 11.36 43.19 21.38
CA PRO F 169 11.77 42.95 19.99
C PRO F 169 12.82 43.95 19.47
N LYS F 170 13.15 44.98 20.24
CA LYS F 170 14.27 45.87 19.87
C LYS F 170 15.63 45.21 20.07
N ALA F 171 15.71 44.21 20.95
CA ALA F 171 16.99 43.56 21.24
C ALA F 171 17.20 42.37 20.31
N LYS F 172 17.74 42.67 19.12
CA LYS F 172 17.99 41.64 18.11
C LYS F 172 19.42 41.77 17.56
N ALA F 173 19.97 40.66 17.09
CA ALA F 173 21.34 40.61 16.61
C ALA F 173 21.48 39.50 15.57
N LEU F 174 22.60 39.51 14.85
CA LEU F 174 22.98 38.41 13.96
C LEU F 174 24.18 37.71 14.54
N LEU F 175 24.20 36.38 14.47
CA LEU F 175 25.37 35.64 14.92
C LEU F 175 26.40 35.68 13.80
N ASP F 176 27.13 36.79 13.72
CA ASP F 176 28.02 37.08 12.59
C ASP F 176 29.48 37.18 12.99
N LYS F 177 29.78 36.86 14.23
CA LYS F 177 31.13 36.86 14.75
C LYS F 177 31.30 35.70 15.69
N ASP F 178 32.39 34.97 15.50
CA ASP F 178 32.73 33.82 16.32
C ASP F 178 33.21 34.31 17.70
N GLY F 179 32.70 33.68 18.75
CA GLY F 179 33.16 33.96 20.13
C GLY F 179 32.96 35.37 20.64
N LYS F 180 31.88 36.00 20.22
CA LYS F 180 31.59 37.40 20.60
C LYS F 180 30.19 37.58 21.21
N TYR F 181 29.25 36.71 20.86
CA TYR F 181 27.86 36.77 21.38
C TYR F 181 27.63 35.84 22.58
N PRO F 182 27.41 36.40 23.80
CA PRO F 182 27.23 35.51 24.95
C PRO F 182 25.97 34.68 24.89
N VAL F 183 26.13 33.41 25.28
CA VAL F 183 25.03 32.50 25.46
C VAL F 183 23.96 33.07 26.43
N GLU F 184 24.38 33.70 27.52
CA GLU F 184 23.42 34.16 28.52
C GLU F 184 22.66 35.43 28.11
N VAL F 185 23.08 36.04 26.98
CA VAL F 185 22.43 37.26 26.46
C VAL F 185 21.51 36.96 25.27
N TRP F 186 21.95 36.05 24.39
CA TRP F 186 21.32 35.83 23.07
C TRP F 186 20.81 34.41 22.90
N CYS F 187 19.60 34.27 22.36
CA CYS F 187 19.07 32.97 21.99
C CYS F 187 18.57 33.06 20.55
N PRO F 188 18.31 31.91 19.91
CA PRO F 188 17.74 31.99 18.55
C PRO F 188 16.42 32.79 18.55
N ASP F 189 16.21 33.61 17.52
CA ASP F 189 14.96 34.39 17.40
C ASP F 189 13.92 33.54 16.64
N PRO F 190 12.88 33.03 17.34
CA PRO F 190 11.95 32.14 16.62
C PRO F 190 11.02 32.88 15.64
N SER F 191 10.95 34.21 15.74
CA SER F 191 10.12 35.00 14.84
C SER F 191 10.78 35.20 13.47
N LYS F 192 12.06 34.85 13.36
CA LYS F 192 12.75 34.93 12.06
C LYS F 192 13.34 33.57 11.76
N ASN F 193 14.55 33.53 11.23
CA ASN F 193 15.26 32.27 10.94
C ASN F 193 14.57 31.31 9.97
N GLU F 194 13.84 31.88 9.01
CA GLU F 194 13.15 31.12 7.98
CA GLU F 194 13.16 31.04 8.02
C GLU F 194 14.15 30.34 7.09
N ASN F 195 15.40 30.81 7.06
CA ASN F 195 16.45 30.24 6.23
C ASN F 195 17.55 29.50 7.02
N THR F 196 17.21 29.09 8.23
CA THR F 196 18.12 28.38 9.13
C THR F 196 17.31 27.27 9.87
N ARG F 197 17.96 26.15 10.16
CA ARG F 197 17.38 25.17 11.06
C ARG F 197 18.21 25.15 12.33
N TYR F 198 17.58 25.27 13.49
CA TYR F 198 18.35 25.15 14.73
C TYR F 198 17.69 24.20 15.71
N TYR F 199 18.52 23.64 16.59
CA TYR F 199 18.13 22.57 17.53
C TYR F 199 18.92 22.78 18.79
N GLY F 200 18.24 22.83 19.93
CA GLY F 200 18.93 23.08 21.19
C GLY F 200 18.36 22.33 22.36
N SER F 201 19.22 22.05 23.34
CA SER F 201 18.83 21.35 24.55
CA SER F 201 18.82 21.35 24.56
C SER F 201 19.52 21.99 25.75
N PHE F 202 18.74 22.30 26.78
CA PHE F 202 19.28 22.90 27.99
C PHE F 202 18.87 22.06 29.20
N THR F 203 19.82 21.82 30.11
CA THR F 203 19.50 21.30 31.43
CA THR F 203 19.51 21.32 31.44
C THR F 203 20.24 22.18 32.43
N GLY F 204 19.56 22.59 33.49
CA GLY F 204 20.20 23.47 34.44
C GLY F 204 20.59 22.74 35.70
N GLY F 205 20.48 23.46 36.82
CA GLY F 205 20.83 22.88 38.11
C GLY F 205 22.26 23.18 38.50
N ALA F 206 22.49 23.23 39.81
CA ALA F 206 23.82 23.59 40.34
C ALA F 206 24.88 22.54 40.02
N THR F 207 24.56 21.26 40.20
CA THR F 207 25.58 20.18 40.09
C THR F 207 25.12 18.98 39.24
N THR F 208 24.25 19.23 38.27
CA THR F 208 23.58 18.16 37.54
C THR F 208 24.57 17.34 36.69
N PRO F 209 24.45 16.00 36.71
CA PRO F 209 25.29 15.17 35.84
C PRO F 209 25.03 15.47 34.36
N PRO F 210 26.10 15.70 33.56
CA PRO F 210 25.90 15.86 32.10
C PRO F 210 25.61 14.53 31.42
N VAL F 211 24.82 14.57 30.36
CA VAL F 211 24.48 13.38 29.58
C VAL F 211 24.72 13.74 28.11
N MET F 212 25.53 12.94 27.42
CA MET F 212 25.81 13.17 26.00
C MET F 212 25.98 11.84 25.27
N GLN F 213 25.48 11.79 24.04
CA GLN F 213 25.59 10.62 23.17
CA GLN F 213 25.67 10.60 23.21
C GLN F 213 26.53 10.94 22.00
N PHE F 214 27.04 9.92 21.34
CA PHE F 214 27.85 10.13 20.15
C PHE F 214 27.75 8.90 19.23
N THR F 215 27.56 9.16 17.94
CA THR F 215 27.44 8.08 16.97
C THR F 215 27.66 8.69 15.58
N ASN F 216 28.10 7.87 14.64
CA ASN F 216 28.21 8.35 13.26
C ASN F 216 27.07 7.79 12.40
N SER F 217 25.99 7.36 13.04
CA SER F 217 24.87 6.68 12.33
C SER F 217 23.67 7.58 12.07
N VAL F 218 23.71 8.83 12.55
CA VAL F 218 22.52 9.68 12.60
C VAL F 218 22.59 10.89 11.67
N THR F 219 21.54 11.07 10.87
CA THR F 219 21.46 12.18 9.91
C THR F 219 20.19 12.97 10.21
N THR F 220 20.30 14.29 10.26
CA THR F 220 19.12 15.15 10.40
C THR F 220 18.81 15.82 9.06
N VAL F 221 17.57 15.65 8.60
CA VAL F 221 17.09 16.26 7.36
C VAL F 221 16.80 17.73 7.64
N LEU F 222 17.22 18.63 6.74
CA LEU F 222 17.11 20.08 6.96
C LEU F 222 15.95 20.73 6.20
N LEU F 223 15.20 19.93 5.45
CA LEU F 223 14.05 20.43 4.69
C LEU F 223 12.95 20.91 5.65
N ASP F 224 12.34 22.06 5.32
CA ASP F 224 11.29 22.63 6.16
C ASP F 224 9.92 22.04 5.79
N GLU F 225 8.85 22.63 6.28
CA GLU F 225 7.52 22.06 6.05
C GLU F 225 7.07 22.17 4.60
N ASN F 226 7.75 23.02 3.82
CA ASN F 226 7.52 23.11 2.38
C ASN F 226 8.52 22.31 1.54
N GLY F 227 9.34 21.50 2.20
CA GLY F 227 10.29 20.64 1.50
C GLY F 227 11.56 21.33 1.03
N VAL F 228 11.87 22.49 1.60
CA VAL F 228 13.01 23.31 1.16
C VAL F 228 14.04 23.43 2.30
N GLY F 229 15.30 23.23 1.97
CA GLY F 229 16.36 23.40 2.98
C GLY F 229 16.90 24.82 2.94
N PRO F 230 17.78 25.16 3.88
CA PRO F 230 18.41 26.50 3.84
C PRO F 230 19.08 26.74 2.47
N LEU F 231 18.88 27.95 1.95
CA LEU F 231 19.47 28.35 0.67
C LEU F 231 20.63 29.31 0.93
N CYS F 232 21.80 28.99 0.38
CA CYS F 232 23.03 29.68 0.78
C CYS F 232 23.26 30.99 0.05
N LYS F 233 22.87 32.09 0.68
CA LYS F 233 22.98 33.41 0.04
C LYS F 233 24.45 33.73 -0.18
N GLY F 234 24.77 34.16 -1.40
CA GLY F 234 26.15 34.44 -1.80
C GLY F 234 27.09 33.24 -1.68
N ASP F 235 26.52 32.04 -1.81
CA ASP F 235 27.26 30.77 -1.73
C ASP F 235 27.98 30.60 -0.40
N LYS F 236 27.36 31.09 0.67
CA LYS F 236 27.91 30.95 2.00
C LYS F 236 27.01 30.12 2.90
N LEU F 237 27.62 29.14 3.56
CA LEU F 237 26.93 28.25 4.50
C LEU F 237 27.32 28.64 5.93
N PHE F 238 26.34 28.89 6.78
CA PHE F 238 26.63 29.26 8.17
C PHE F 238 26.41 28.08 9.11
N LEU F 239 27.43 27.78 9.90
CA LEU F 239 27.36 26.74 10.91
C LEU F 239 27.54 27.43 12.26
N SER F 240 26.60 27.20 13.16
CA SER F 240 26.59 27.84 14.47
C SER F 240 26.39 26.82 15.58
N CYS F 241 26.99 27.03 16.73
CA CYS F 241 26.75 26.12 17.84
C CYS F 241 27.21 26.68 19.17
N ALA F 242 26.80 25.98 20.22
CA ALA F 242 27.33 26.17 21.57
C ALA F 242 27.25 24.81 22.25
N ASP F 243 28.34 24.39 22.88
CA ASP F 243 28.35 23.12 23.56
C ASP F 243 29.04 23.20 24.90
N ILE F 244 28.24 23.66 25.86
CA ILE F 244 28.68 23.86 27.24
C ILE F 244 28.42 22.54 27.96
N ALA F 245 29.49 21.87 28.37
CA ALA F 245 29.38 20.54 28.98
C ALA F 245 29.10 20.60 30.48
N GLY F 246 29.38 21.76 31.10
CA GLY F 246 29.12 22.01 32.52
C GLY F 246 30.22 22.90 33.07
N VAL F 247 30.41 22.88 34.38
CA VAL F 247 31.51 23.63 34.99
C VAL F 247 32.47 22.70 35.71
N HIS F 248 33.76 23.06 35.62
CA HIS F 248 34.79 22.40 36.41
C HIS F 248 35.02 23.23 37.64
N THR F 249 35.08 22.57 38.79
CA THR F 249 35.32 23.25 40.06
C THR F 249 36.77 23.03 40.52
N ASN F 250 37.45 24.14 40.83
CA ASN F 250 38.81 24.07 41.35
C ASN F 250 38.81 23.78 42.84
N TYR F 251 39.95 23.35 43.35
CA TYR F 251 40.08 23.12 44.78
C TYR F 251 39.63 24.31 45.64
N SER F 252 39.94 25.53 45.20
CA SER F 252 39.57 26.73 45.94
C SER F 252 38.07 27.05 45.82
N GLU F 253 37.39 26.26 44.99
CA GLU F 253 35.96 26.37 44.72
C GLU F 253 35.60 27.41 43.66
N THR F 254 36.62 28.03 43.06
CA THR F 254 36.38 28.79 41.83
C THR F 254 35.91 27.82 40.77
N GLN F 255 35.14 28.33 39.84
CA GLN F 255 34.53 27.47 38.82
C GLN F 255 34.75 28.07 37.48
N VAL F 256 34.89 27.20 36.48
CA VAL F 256 35.04 27.59 35.08
C VAL F 256 34.14 26.76 34.19
N TRP F 257 33.56 27.42 33.19
CA TRP F 257 32.77 26.74 32.18
C TRP F 257 33.66 25.89 31.32
N ARG F 258 33.15 24.73 30.90
CA ARG F 258 33.90 23.83 30.02
C ARG F 258 33.07 23.58 28.77
N GLY F 259 33.67 23.86 27.61
CA GLY F 259 33.01 23.64 26.31
C GLY F 259 33.71 22.56 25.52
N LEU F 260 33.00 22.02 24.53
CA LEU F 260 33.55 20.99 23.66
C LEU F 260 33.33 21.38 22.20
N PRO F 261 34.21 20.91 21.29
CA PRO F 261 34.05 21.24 19.87
C PRO F 261 32.91 20.45 19.24
N ARG F 262 32.44 20.91 18.08
CA ARG F 262 31.39 20.22 17.35
C ARG F 262 31.80 20.02 15.91
N TYR F 263 31.56 18.82 15.40
CA TYR F 263 31.81 18.48 14.01
C TYR F 263 30.51 18.57 13.22
N PHE F 264 30.60 19.04 11.97
CA PHE F 264 29.48 19.11 11.03
C PHE F 264 29.87 18.43 9.72
N ASN F 265 28.93 17.66 9.15
CA ASN F 265 29.04 17.16 7.79
C ASN F 265 27.71 17.51 7.11
N VAL F 266 27.75 18.44 6.15
CA VAL F 266 26.51 18.95 5.55
C VAL F 266 26.49 18.52 4.09
N THR F 267 25.34 17.99 3.66
CA THR F 267 25.14 17.68 2.24
C THR F 267 24.30 18.79 1.61
N LEU F 268 24.74 19.28 0.45
CA LEU F 268 24.06 20.33 -0.29
C LEU F 268 23.83 19.92 -1.74
N ARG F 269 22.80 20.49 -2.36
CA ARG F 269 22.55 20.27 -3.78
C ARG F 269 22.33 21.60 -4.49
N LYS F 270 22.74 21.65 -5.77
CA LYS F 270 22.54 22.86 -6.57
C LYS F 270 21.06 22.95 -6.94
N ARG F 271 20.48 24.14 -6.79
CA ARG F 271 19.08 24.34 -7.18
C ARG F 271 18.94 25.56 -8.08
N ILE F 272 17.97 25.49 -9.00
CA ILE F 272 17.59 26.63 -9.80
C ILE F 272 16.61 27.43 -8.95
N VAL F 273 16.87 28.73 -8.80
CA VAL F 273 16.05 29.61 -7.94
C VAL F 273 15.67 30.88 -8.69
N LYS F 274 14.41 31.28 -8.59
CA LYS F 274 13.96 32.54 -9.18
C LYS F 274 14.64 33.70 -8.46
N ASN F 275 15.27 34.59 -9.23
CA ASN F 275 15.98 35.72 -8.67
C ASN F 275 15.05 36.93 -8.56
N SER G 2 -10.70 -32.97 0.06
CA SER G 2 -9.27 -32.75 0.42
C SER G 2 -8.43 -32.32 -0.79
N HIS G 3 -7.25 -31.78 -0.53
CA HIS G 3 -6.42 -31.19 -1.57
C HIS G 3 -4.98 -31.20 -1.15
N MET G 4 -4.08 -31.11 -2.14
CA MET G 4 -2.65 -30.91 -1.89
C MET G 4 -2.44 -29.48 -1.42
N GLY G 5 -1.68 -29.32 -0.35
CA GLY G 5 -1.42 -28.00 0.22
C GLY G 5 -0.17 -28.05 1.08
N GLY G 6 0.34 -26.89 1.48
CA GLY G 6 1.58 -26.83 2.22
C GLY G 6 1.38 -26.88 3.73
N VAL G 7 2.38 -27.38 4.43
CA VAL G 7 2.43 -27.27 5.89
C VAL G 7 3.85 -26.86 6.25
N GLU G 8 4.02 -25.84 7.10
CA GLU G 8 5.36 -25.39 7.44
CA GLU G 8 5.35 -25.38 7.45
C GLU G 8 5.94 -26.23 8.57
N VAL G 9 7.03 -26.91 8.27
CA VAL G 9 7.75 -27.75 9.21
C VAL G 9 8.98 -26.99 9.70
N LEU G 10 9.22 -27.00 11.01
CA LEU G 10 10.45 -26.43 11.54
C LEU G 10 11.59 -27.42 11.44
N GLU G 11 12.74 -26.95 10.95
CA GLU G 11 13.95 -27.78 10.93
C GLU G 11 15.20 -26.92 11.01
N VAL G 12 16.31 -27.56 11.37
CA VAL G 12 17.61 -26.90 11.36
C VAL G 12 17.96 -26.67 9.90
N ARG G 13 18.24 -25.41 9.55
CA ARG G 13 18.63 -25.08 8.21
C ARG G 13 20.01 -24.47 8.18
N THR G 14 20.87 -25.02 7.34
CA THR G 14 22.18 -24.44 7.13
C THR G 14 22.00 -23.30 6.12
N GLY G 15 22.24 -22.08 6.58
CA GLY G 15 21.97 -20.86 5.81
C GLY G 15 22.86 -20.74 4.60
N PRO G 16 22.71 -19.64 3.83
CA PRO G 16 23.47 -19.52 2.59
C PRO G 16 24.98 -19.50 2.86
N ASP G 17 25.76 -20.05 1.95
N ASP G 17 25.75 -20.05 1.93
CA ASP G 17 27.23 -20.04 2.08
CA ASP G 17 27.21 -20.05 2.02
C ASP G 17 27.81 -18.63 1.95
C ASP G 17 27.77 -18.62 2.00
N ALA G 18 27.02 -17.71 1.40
CA ALA G 18 27.41 -16.29 1.30
C ALA G 18 27.38 -15.52 2.63
N ILE G 19 26.78 -16.11 3.66
CA ILE G 19 26.60 -15.43 4.97
C ILE G 19 27.37 -16.14 6.08
N THR G 20 27.97 -15.37 6.97
CA THR G 20 28.59 -15.95 8.14
C THR G 20 28.31 -15.10 9.39
N GLN G 21 28.41 -15.73 10.55
CA GLN G 21 28.28 -15.04 11.82
C GLN G 21 29.55 -15.24 12.62
N ILE G 22 30.01 -14.21 13.32
CA ILE G 22 31.05 -14.43 14.31
C ILE G 22 30.53 -13.97 15.69
N GLU G 23 31.06 -14.59 16.74
CA GLU G 23 30.78 -14.21 18.13
C GLU G 23 32.11 -13.97 18.81
N ALA G 24 32.14 -13.00 19.70
CA ALA G 24 33.34 -12.63 20.44
C ALA G 24 32.93 -11.89 21.72
N TYR G 25 33.76 -11.98 22.75
CA TYR G 25 33.68 -11.09 23.90
C TYR G 25 35.01 -10.35 24.09
N LEU G 26 34.94 -9.12 24.60
CA LEU G 26 36.10 -8.33 24.91
C LEU G 26 36.06 -7.97 26.38
N ASN G 27 37.06 -8.41 27.14
CA ASN G 27 37.15 -8.08 28.55
C ASN G 27 37.60 -6.65 28.74
N PRO G 28 37.17 -6.00 29.85
CA PRO G 28 37.48 -4.58 30.01
C PRO G 28 38.95 -4.28 30.30
N ARG G 29 39.40 -3.09 29.95
CA ARG G 29 40.78 -2.67 30.18
C ARG G 29 40.82 -1.40 31.03
N MET G 30 40.56 -1.59 32.32
CA MET G 30 40.39 -0.49 33.27
C MET G 30 41.73 -0.05 33.87
N GLY G 31 42.75 -0.87 33.66
CA GLY G 31 44.09 -0.59 34.21
C GLY G 31 44.74 -1.85 34.71
N ASN G 32 44.00 -2.62 35.50
CA ASN G 32 44.42 -3.98 35.81
C ASN G 32 43.89 -4.88 34.71
N ASN G 33 44.73 -5.15 33.72
CA ASN G 33 44.27 -5.77 32.48
C ASN G 33 44.63 -7.25 32.31
N ILE G 34 45.34 -7.80 33.29
CA ILE G 34 45.74 -9.21 33.28
C ILE G 34 44.86 -9.98 34.26
N PRO G 35 44.23 -11.09 33.80
CA PRO G 35 43.31 -11.90 34.59
C PRO G 35 43.82 -12.37 35.96
N SER G 36 45.13 -12.52 36.10
CA SER G 36 45.71 -12.99 37.37
C SER G 36 45.83 -11.88 38.42
N GLU G 37 45.68 -10.62 38.02
CA GLU G 37 45.80 -9.51 38.97
C GLU G 37 44.61 -9.43 39.93
N ASP G 38 44.88 -9.12 41.21
CA ASP G 38 43.84 -9.04 42.24
C ASP G 38 42.65 -8.18 41.82
N LEU G 39 42.95 -7.03 41.21
CA LEU G 39 41.95 -6.05 40.81
C LEU G 39 41.60 -6.05 39.32
N TYR G 40 41.78 -7.18 38.66
CA TYR G 40 41.36 -7.35 37.26
C TYR G 40 39.92 -6.86 37.08
N GLY G 41 39.70 -6.06 36.03
CA GLY G 41 38.38 -5.48 35.78
C GLY G 41 38.18 -4.12 36.42
N TYR G 42 39.18 -3.65 37.18
CA TYR G 42 39.17 -2.33 37.82
C TYR G 42 40.47 -1.58 37.50
N SER G 43 40.47 -0.27 37.68
CA SER G 43 41.70 0.51 37.72
C SER G 43 42.37 0.33 39.10
N ASN G 44 43.61 0.82 39.22
CA ASN G 44 44.22 1.07 40.52
C ASN G 44 43.69 2.38 41.06
N SER G 45 43.94 2.67 42.33
CA SER G 45 43.40 3.86 42.96
C SER G 45 43.71 5.12 42.15
N ILE G 46 42.66 5.83 41.82
CA ILE G 46 42.77 7.12 41.15
C ILE G 46 43.59 8.06 42.04
N ASN G 47 44.74 8.50 41.53
CA ASN G 47 45.54 9.51 42.22
C ASN G 47 45.37 10.87 41.56
N THR G 48 45.05 11.89 42.35
CA THR G 48 44.66 13.18 41.80
C THR G 48 45.83 14.17 41.68
N ALA G 49 45.70 15.11 40.74
CA ALA G 49 46.73 16.12 40.49
C ALA G 49 47.14 16.87 41.76
N PHE G 50 48.43 17.22 41.85
CA PHE G 50 48.90 18.15 42.88
C PHE G 50 48.49 19.57 42.53
N SER G 51 48.50 19.85 41.23
CA SER G 51 48.12 21.15 40.68
C SER G 51 47.87 20.92 39.19
N LYS G 52 47.46 21.97 38.47
CA LYS G 52 47.29 21.84 37.01
C LYS G 52 48.63 21.48 36.36
N ALA G 53 49.70 22.11 36.84
CA ALA G 53 51.07 21.89 36.36
C ALA G 53 51.61 20.48 36.69
N SER G 54 51.15 19.93 37.81
CA SER G 54 51.69 18.66 38.30
C SER G 54 50.57 17.64 38.46
N ASP G 55 50.38 16.85 37.41
CA ASP G 55 49.23 15.96 37.26
C ASP G 55 49.72 14.71 36.55
N THR G 56 50.11 13.71 37.33
CA THR G 56 50.79 12.53 36.81
C THR G 56 50.04 11.27 37.20
N PRO G 57 49.03 10.85 36.38
CA PRO G 57 48.30 9.63 36.75
C PRO G 57 49.26 8.48 36.93
N ASN G 58 49.07 7.72 38.01
CA ASN G 58 49.89 6.53 38.25
C ASN G 58 49.66 5.50 37.18
N LYS G 59 50.55 4.51 37.14
CA LYS G 59 50.41 3.36 36.26
C LYS G 59 49.09 2.64 36.54
N ASP G 60 48.39 2.26 35.47
CA ASP G 60 47.15 1.48 35.56
C ASP G 60 45.98 2.18 36.27
N THR G 61 45.99 3.52 36.29
CA THR G 61 44.86 4.26 36.86
C THR G 61 43.93 4.80 35.76
N LEU G 62 44.25 4.50 34.50
CA LEU G 62 43.53 5.06 33.36
C LEU G 62 42.79 3.99 32.52
N PRO G 63 41.45 4.03 32.51
CA PRO G 63 40.75 3.09 31.64
C PRO G 63 41.06 3.32 30.16
N CYS G 64 41.21 2.22 29.43
CA CYS G 64 41.53 2.26 28.01
C CYS G 64 40.47 1.52 27.20
N TYR G 65 40.41 1.83 25.91
CA TYR G 65 39.53 1.11 24.98
C TYR G 65 39.96 -0.34 24.85
N SER G 66 38.98 -1.20 24.66
CA SER G 66 39.21 -2.58 24.26
C SER G 66 39.12 -2.68 22.73
N VAL G 67 39.95 -3.50 22.12
CA VAL G 67 39.79 -3.80 20.68
C VAL G 67 40.17 -5.26 20.43
N ALA G 68 39.42 -5.91 19.53
CA ALA G 68 39.76 -7.24 19.06
C ALA G 68 39.70 -7.25 17.53
N VAL G 69 40.66 -7.94 16.91
CA VAL G 69 40.67 -8.13 15.46
C VAL G 69 40.28 -9.58 15.22
N ILE G 70 39.17 -9.80 14.52
CA ILE G 70 38.70 -11.16 14.24
C ILE G 70 39.06 -11.54 12.81
N LYS G 71 39.79 -12.66 12.67
CA LYS G 71 40.14 -13.17 11.34
C LYS G 71 38.93 -13.86 10.74
N LEU G 72 38.48 -13.38 9.60
CA LEU G 72 37.30 -13.94 8.95
C LEU G 72 37.71 -15.09 8.03
N PRO G 73 36.74 -15.92 7.60
CA PRO G 73 37.09 -17.00 6.67
C PRO G 73 37.73 -16.44 5.39
N LEU G 74 38.76 -17.12 4.91
CA LEU G 74 39.48 -16.67 3.72
C LEU G 74 38.63 -16.70 2.46
N LEU G 75 38.79 -15.67 1.63
CA LEU G 75 38.09 -15.61 0.36
C LEU G 75 39.11 -15.54 -0.78
N ASP G 78 42.72 -14.55 -5.38
CA ASP G 78 42.97 -14.14 -6.75
C ASP G 78 42.10 -12.94 -7.14
N MET G 79 42.72 -11.87 -7.63
CA MET G 79 42.02 -10.64 -7.95
C MET G 79 42.42 -10.02 -9.29
N THR G 80 42.74 -10.89 -10.25
CA THR G 80 43.24 -10.47 -11.56
C THR G 80 42.26 -9.57 -12.34
N CYS G 81 40.98 -9.58 -11.94
CA CYS G 81 39.92 -8.84 -12.62
C CYS G 81 39.60 -7.49 -11.98
N THR G 83 38.64 -6.65 -9.20
CA THR G 83 37.60 -7.46 -8.57
C THR G 83 38.14 -8.35 -7.45
N ILE G 84 37.55 -8.24 -6.25
CA ILE G 84 37.84 -9.19 -5.18
C ILE G 84 36.63 -9.39 -4.24
N LEU G 85 36.53 -10.57 -3.65
CA LEU G 85 35.48 -10.84 -2.68
C LEU G 85 35.90 -10.30 -1.31
N MET G 86 34.97 -9.59 -0.67
CA MET G 86 35.16 -9.04 0.68
C MET G 86 33.96 -9.37 1.56
N TRP G 87 34.20 -9.48 2.86
CA TRP G 87 33.11 -9.60 3.82
C TRP G 87 32.57 -8.24 4.14
N GLU G 88 31.25 -8.11 4.04
CA GLU G 88 30.55 -6.91 4.45
C GLU G 88 29.79 -7.19 5.75
N ALA G 89 30.08 -6.43 6.81
CA ALA G 89 29.34 -6.59 8.07
C ALA G 89 27.97 -5.90 7.93
N VAL G 90 26.89 -6.65 8.16
CA VAL G 90 25.55 -6.12 7.88
C VAL G 90 24.74 -5.82 9.14
N SER G 91 25.02 -6.55 10.22
CA SER G 91 24.28 -6.34 11.45
C SER G 91 25.05 -6.85 12.64
N VAL G 92 24.69 -6.37 13.83
CA VAL G 92 25.37 -6.77 15.06
C VAL G 92 24.35 -6.84 16.19
N LYS G 93 24.51 -7.84 17.05
CA LYS G 93 23.85 -7.89 18.34
C LYS G 93 24.95 -7.78 19.36
N THR G 94 24.80 -6.86 20.32
CA THR G 94 25.85 -6.66 21.31
C THR G 94 25.25 -6.44 22.68
N GLU G 95 25.93 -6.92 23.72
CA GLU G 95 25.40 -6.82 25.08
C GLU G 95 26.55 -6.60 26.06
N VAL G 96 26.27 -5.82 27.09
CA VAL G 96 27.19 -5.71 28.23
C VAL G 96 26.94 -6.89 29.17
N VAL G 97 28.02 -7.57 29.54
CA VAL G 97 27.94 -8.80 30.36
C VAL G 97 28.28 -8.47 31.80
N GLY G 98 27.61 -9.14 32.75
CA GLY G 98 27.96 -8.99 34.18
C GLY G 98 27.35 -7.76 34.83
N ILE G 99 26.29 -7.21 34.23
CA ILE G 99 25.56 -6.09 34.83
C ILE G 99 25.10 -6.43 36.26
N SER G 100 24.60 -7.65 36.42
CA SER G 100 24.07 -8.10 37.69
C SER G 100 25.12 -8.14 38.81
N SER G 101 26.41 -8.15 38.44
CA SER G 101 27.48 -8.16 39.46
C SER G 101 27.48 -6.90 40.32
N LEU G 102 26.85 -5.83 39.81
CA LEU G 102 26.79 -4.56 40.52
CA LEU G 102 26.79 -4.56 40.52
C LEU G 102 25.77 -4.60 41.64
N VAL G 103 24.89 -5.59 41.60
CA VAL G 103 23.79 -5.75 42.58
C VAL G 103 24.29 -6.47 43.81
N ASN G 104 25.11 -5.74 44.58
CA ASN G 104 25.98 -6.30 45.62
C ASN G 104 26.28 -5.16 46.58
N LEU G 105 25.79 -5.28 47.81
CA LEU G 105 25.93 -4.23 48.81
C LEU G 105 26.82 -4.68 49.98
N HIS G 106 27.39 -5.86 49.85
CA HIS G 106 28.23 -6.43 50.90
C HIS G 106 29.70 -6.27 50.61
N GLN G 107 30.05 -6.00 49.35
CA GLN G 107 31.45 -5.78 48.96
C GLN G 107 32.01 -4.67 49.86
N GLY G 108 33.24 -4.83 50.33
CA GLY G 108 33.79 -3.87 51.30
C GLY G 108 33.88 -2.48 50.71
N GLY G 109 33.50 -1.45 51.47
CA GLY G 109 33.65 -0.09 50.98
C GLY G 109 33.22 0.99 51.96
N LYS G 110 32.61 2.02 51.40
CA LYS G 110 32.02 3.10 52.17
CA LYS G 110 32.02 3.10 52.17
C LYS G 110 30.59 2.70 52.54
N TYR G 111 30.21 2.93 53.80
CA TYR G 111 28.85 2.63 54.24
C TYR G 111 27.87 3.63 53.66
N ILE G 112 26.69 3.14 53.26
CA ILE G 112 25.61 4.00 52.77
C ILE G 112 25.16 4.99 53.86
N TYR G 113 24.89 4.45 55.04
CA TYR G 113 24.61 5.25 56.23
C TYR G 113 25.73 5.00 57.21
N GLY G 114 25.40 4.45 58.37
CA GLY G 114 26.40 4.08 59.37
C GLY G 114 26.90 2.67 59.17
N SER G 115 27.66 2.16 60.14
CA SER G 115 28.36 0.88 59.99
C SER G 115 27.46 -0.36 59.98
N SER G 116 26.19 -0.20 60.32
CA SER G 116 25.22 -1.28 60.20
C SER G 116 24.67 -1.44 58.78
N SER G 117 24.86 -0.44 57.92
CA SER G 117 24.20 -0.43 56.60
C SER G 117 25.01 -1.15 55.52
N GLY G 118 24.45 -1.28 54.33
CA GLY G 118 25.21 -1.78 53.19
C GLY G 118 26.26 -0.80 52.71
N CYS G 119 27.13 -1.25 51.81
CA CYS G 119 28.18 -0.40 51.27
C CYS G 119 27.73 0.27 49.97
N VAL G 120 28.26 1.47 49.71
CA VAL G 120 27.97 2.23 48.49
C VAL G 120 28.32 1.38 47.26
N PRO G 121 27.35 1.17 46.33
CA PRO G 121 27.66 0.36 45.16
C PRO G 121 28.44 1.19 44.12
N VAL G 122 28.82 0.55 43.02
CA VAL G 122 29.50 1.25 41.94
C VAL G 122 28.59 2.35 41.40
N GLN G 123 29.13 3.57 41.36
CA GLN G 123 28.39 4.70 40.80
C GLN G 123 29.34 5.81 40.33
N GLY G 124 28.77 6.89 39.81
CA GLY G 124 29.55 7.98 39.29
C GLY G 124 29.50 7.98 37.76
N THR G 125 30.57 8.47 37.14
CA THR G 125 30.67 8.60 35.67
C THR G 125 30.59 7.24 34.96
N THR G 126 29.81 7.19 33.88
CA THR G 126 29.73 6.00 33.05
C THR G 126 29.99 6.36 31.59
N TYR G 127 30.51 5.40 30.85
CA TYR G 127 30.88 5.62 29.45
C TYR G 127 30.76 4.26 28.79
N HIS G 128 29.87 4.16 27.81
CA HIS G 128 29.60 2.91 27.13
C HIS G 128 29.62 3.17 25.66
N MET G 129 30.49 2.47 24.94
CA MET G 129 30.51 2.64 23.49
C MET G 129 30.93 1.35 22.86
N PHE G 130 30.44 1.09 21.65
CA PHE G 130 30.99 0.00 20.87
C PHE G 130 31.15 0.45 19.44
N ALA G 131 32.05 -0.20 18.70
CA ALA G 131 32.15 0.02 17.26
C ALA G 131 32.37 -1.31 16.54
N VAL G 132 31.91 -1.36 15.30
CA VAL G 132 32.17 -2.49 14.40
C VAL G 132 32.69 -1.90 13.09
N GLY G 133 33.88 -2.31 12.67
CA GLY G 133 34.41 -1.76 11.41
C GLY G 133 35.27 -2.73 10.63
N GLY G 134 35.62 -2.33 9.41
CA GLY G 134 36.48 -3.13 8.53
C GLY G 134 37.94 -2.72 8.55
N GLU G 135 38.29 -1.95 9.59
CA GLU G 135 39.62 -1.41 9.80
C GLU G 135 39.60 -0.75 11.19
N PRO G 136 40.76 -0.29 11.70
CA PRO G 136 40.70 0.22 13.09
C PRO G 136 39.83 1.45 13.21
N LEU G 137 39.15 1.57 14.36
CA LEU G 137 38.45 2.80 14.72
C LEU G 137 39.44 3.95 14.69
N GLU G 138 39.08 5.03 13.99
CA GLU G 138 39.92 6.23 13.93
C GLU G 138 39.58 7.19 15.07
N LEU G 139 40.62 7.63 15.79
CA LEU G 139 40.48 8.37 17.04
C LEU G 139 40.93 9.81 16.90
N GLN G 140 40.25 10.72 17.59
CA GLN G 140 40.69 12.09 17.76
C GLN G 140 41.14 12.26 19.22
N GLY G 141 42.25 12.95 19.42
CA GLY G 141 42.74 13.28 20.77
C GLY G 141 42.12 14.56 21.28
N LEU G 142 41.70 14.55 22.55
CA LEU G 142 41.18 15.74 23.21
C LEU G 142 41.19 15.44 24.70
N VAL G 143 41.88 16.28 25.48
CA VAL G 143 41.99 16.07 26.94
C VAL G 143 41.42 17.22 27.78
N ALA G 144 41.13 16.91 29.05
CA ALA G 144 40.72 17.93 30.02
C ALA G 144 41.85 18.92 30.35
N SER G 145 43.08 18.44 30.35
CA SER G 145 44.23 19.30 30.68
C SER G 145 45.48 18.91 29.91
N SER G 146 46.02 19.86 29.16
CA SER G 146 47.21 19.62 28.33
C SER G 146 48.50 19.50 29.16
N THR G 147 48.41 19.81 30.45
CA THR G 147 49.61 19.79 31.29
C THR G 147 49.75 18.48 32.07
N ALA G 148 48.77 17.58 31.91
CA ALA G 148 48.88 16.24 32.47
C ALA G 148 50.07 15.48 31.87
N THR G 149 50.76 14.68 32.69
CA THR G 149 51.84 13.81 32.23
C THR G 149 51.30 12.39 32.19
N TYR G 150 51.10 11.84 30.99
CA TYR G 150 50.57 10.48 30.82
C TYR G 150 51.65 9.42 31.05
N PRO G 151 51.28 8.24 31.60
CA PRO G 151 52.31 7.22 31.86
C PRO G 151 52.88 6.55 30.61
N ASP G 152 54.02 5.88 30.78
CA ASP G 152 54.72 5.18 29.69
C ASP G 152 53.93 4.03 29.09
N ASP G 153 53.02 3.44 29.85
CA ASP G 153 52.33 2.24 29.38
C ASP G 153 51.05 2.53 28.58
N VAL G 154 50.76 3.82 28.33
CA VAL G 154 49.60 4.22 27.48
C VAL G 154 50.02 5.05 26.26
N VAL G 155 49.15 5.12 25.26
CA VAL G 155 49.42 5.93 24.08
C VAL G 155 48.71 7.27 24.24
N ALA G 156 49.48 8.35 24.30
CA ALA G 156 48.88 9.66 24.47
C ALA G 156 49.14 10.56 23.26
N ILE G 157 48.63 11.78 23.35
CA ILE G 157 48.82 12.78 22.30
C ILE G 157 50.30 13.16 22.27
N LYS G 158 50.92 13.05 21.08
CA LYS G 158 52.31 13.49 20.91
C LYS G 158 52.42 15.01 20.94
N ASN G 159 53.43 15.51 21.65
CA ASN G 159 53.67 16.96 21.79
C ASN G 159 52.46 17.77 22.23
N MET G 160 51.84 17.34 23.32
CA MET G 160 50.64 17.95 23.84
C MET G 160 50.83 19.43 24.18
N LYS G 161 49.83 20.23 23.82
CA LYS G 161 49.85 21.70 23.96
C LYS G 161 48.45 22.15 24.37
N PRO G 162 48.29 23.39 24.91
CA PRO G 162 46.94 23.78 25.35
C PRO G 162 45.82 23.64 24.29
N GLY G 163 46.19 23.67 23.01
CA GLY G 163 45.25 23.42 21.90
C GLY G 163 44.59 22.05 21.94
N ASN G 164 45.23 21.10 22.61
CA ASN G 164 44.68 19.75 22.79
C ASN G 164 43.54 19.64 23.82
N GLN G 165 43.23 20.77 24.47
CA GLN G 165 42.02 20.88 25.28
C GLN G 165 40.81 21.18 24.38
N GLY G 166 41.10 21.44 23.10
CA GLY G 166 40.08 21.54 22.04
C GLY G 166 40.45 20.57 20.95
N LEU G 167 39.90 20.78 19.75
CA LEU G 167 40.14 19.87 18.64
C LEU G 167 41.32 20.38 17.79
N ASP G 168 42.43 19.66 17.86
CA ASP G 168 43.60 19.92 17.04
C ASP G 168 43.70 18.76 16.06
N PRO G 169 43.68 19.06 14.75
CA PRO G 169 43.62 17.96 13.77
C PRO G 169 44.88 17.08 13.70
N LYS G 170 45.99 17.53 14.28
CA LYS G 170 47.19 16.70 14.34
C LYS G 170 47.06 15.53 15.33
N ALA G 171 46.17 15.68 16.32
CA ALA G 171 46.02 14.66 17.36
C ALA G 171 45.09 13.53 16.91
N LYS G 172 45.65 12.63 16.14
CA LYS G 172 44.90 11.53 15.55
C LYS G 172 45.62 10.21 15.79
N ALA G 173 44.86 9.12 15.92
CA ALA G 173 45.43 7.80 16.20
C ALA G 173 44.50 6.74 15.67
N LEU G 174 44.98 5.50 15.61
CA LEU G 174 44.14 4.36 15.29
C LEU G 174 43.98 3.53 16.53
N LEU G 175 42.78 3.02 16.79
CA LEU G 175 42.61 2.10 17.90
C LEU G 175 43.11 0.72 17.46
N ASP G 176 44.43 0.54 17.56
CA ASP G 176 45.12 -0.62 17.00
C ASP G 176 45.79 -1.51 18.04
N LYS G 177 45.59 -1.16 19.31
CA LYS G 177 46.17 -1.90 20.44
C LYS G 177 45.12 -1.96 21.54
N ASP G 178 44.89 -3.16 22.05
CA ASP G 178 43.97 -3.38 23.16
C ASP G 178 44.58 -2.88 24.47
N GLY G 179 43.79 -2.13 25.23
CA GLY G 179 44.20 -1.65 26.56
C GLY G 179 45.34 -0.65 26.58
N LYS G 180 45.46 0.18 25.54
CA LYS G 180 46.58 1.13 25.44
C LYS G 180 46.16 2.60 25.23
N TYR G 181 44.96 2.80 24.67
CA TYR G 181 44.46 4.14 24.37
C TYR G 181 43.50 4.61 25.45
N PRO G 182 43.90 5.61 26.27
CA PRO G 182 43.01 6.03 27.37
C PRO G 182 41.71 6.64 26.85
N VAL G 183 40.62 6.28 27.51
CA VAL G 183 39.30 6.85 27.26
C VAL G 183 39.34 8.38 27.42
N GLU G 184 40.07 8.88 28.42
CA GLU G 184 40.07 10.31 28.68
C GLU G 184 40.90 11.15 27.70
N VAL G 185 41.64 10.46 26.83
CA VAL G 185 42.51 11.11 25.85
C VAL G 185 41.91 11.04 24.44
N TRP G 186 41.28 9.92 24.12
CA TRP G 186 40.82 9.61 22.75
C TRP G 186 39.34 9.38 22.64
N CYS G 187 38.75 9.89 21.55
CA CYS G 187 37.34 9.67 21.20
C CYS G 187 37.25 9.31 19.71
N PRO G 188 36.11 8.73 19.26
CA PRO G 188 35.98 8.49 17.82
C PRO G 188 36.12 9.78 17.01
N ASP G 189 36.83 9.70 15.89
CA ASP G 189 37.01 10.83 15.02
C ASP G 189 35.85 10.86 14.02
N PRO G 190 34.94 11.82 14.17
CA PRO G 190 33.75 11.86 13.30
C PRO G 190 34.07 12.35 11.89
N SER G 191 35.27 12.89 11.69
CA SER G 191 35.67 13.35 10.36
C SER G 191 36.17 12.19 9.50
N LYS G 192 36.30 11.01 10.11
CA LYS G 192 36.75 9.82 9.38
C LYS G 192 35.76 8.67 9.63
N ASN G 193 36.25 7.44 9.76
CA ASN G 193 35.40 6.30 10.15
C ASN G 193 34.27 5.96 9.18
N GLU G 194 34.50 6.25 7.90
CA GLU G 194 33.63 5.90 6.77
CA GLU G 194 33.48 5.91 6.91
C GLU G 194 33.31 4.40 6.74
N ASN G 195 34.27 3.60 7.20
CA ASN G 195 34.18 2.14 7.11
C ASN G 195 33.95 1.46 8.48
N THR G 196 33.40 2.22 9.43
CA THR G 196 33.13 1.77 10.79
C THR G 196 31.81 2.38 11.26
N ARG G 197 31.07 1.65 12.08
CA ARG G 197 29.90 2.21 12.73
C ARG G 197 30.20 2.26 14.22
N TYR G 198 30.02 3.42 14.83
CA TYR G 198 30.19 3.50 16.29
C TYR G 198 28.99 4.14 16.99
N TYR G 199 28.84 3.80 18.27
CA TYR G 199 27.68 4.19 19.09
C TYR G 199 28.17 4.36 20.51
N GLY G 200 27.91 5.51 21.10
CA GLY G 200 28.40 5.79 22.46
C GLY G 200 27.41 6.56 23.31
N SER G 201 27.50 6.34 24.62
CA SER G 201 26.63 7.02 25.57
CA SER G 201 26.62 6.99 25.59
C SER G 201 27.44 7.35 26.81
N PHE G 202 27.37 8.61 27.24
CA PHE G 202 28.12 9.08 28.41
C PHE G 202 27.16 9.75 29.40
N THR G 203 27.36 9.47 30.70
CA THR G 203 26.67 10.21 31.75
C THR G 203 27.72 10.49 32.80
N GLY G 204 27.84 11.75 33.19
CA GLY G 204 28.90 12.13 34.11
C GLY G 204 28.40 12.21 35.52
N GLY G 205 28.95 13.17 36.27
CA GLY G 205 28.52 13.43 37.63
C GLY G 205 29.33 12.66 38.65
N ALA G 206 29.41 13.22 39.85
CA ALA G 206 30.26 12.68 40.89
C ALA G 206 29.84 11.28 41.40
N THR G 207 28.53 11.09 41.66
CA THR G 207 28.03 9.86 42.29
C THR G 207 26.78 9.29 41.62
N THR G 208 26.63 9.60 40.34
CA THR G 208 25.42 9.26 39.58
C THR G 208 25.09 7.75 39.50
N PRO G 209 23.81 7.39 39.71
CA PRO G 209 23.43 5.98 39.58
C PRO G 209 23.62 5.47 38.15
N PRO G 210 24.26 4.29 37.99
CA PRO G 210 24.38 3.72 36.64
C PRO G 210 23.08 3.07 36.19
N VAL G 211 22.85 3.09 34.88
CA VAL G 211 21.64 2.52 34.29
C VAL G 211 22.08 1.67 33.10
N MET G 212 21.67 0.41 33.09
CA MET G 212 22.07 -0.50 32.01
C MET G 212 20.94 -1.50 31.72
N GLN G 213 20.73 -1.78 30.44
CA GLN G 213 19.73 -2.75 29.95
CA GLN G 213 19.75 -2.78 30.02
C GLN G 213 20.45 -3.96 29.38
N PHE G 214 19.77 -5.10 29.33
CA PHE G 214 20.34 -6.28 28.69
C PHE G 214 19.24 -7.13 28.11
N THR G 215 19.45 -7.60 26.88
CA THR G 215 18.46 -8.42 26.21
C THR G 215 19.15 -9.12 25.05
N ASN G 216 18.62 -10.26 24.64
CA ASN G 216 19.10 -10.92 23.42
C ASN G 216 18.16 -10.73 22.21
N SER G 217 17.29 -9.72 22.29
CA SER G 217 16.23 -9.50 21.27
C SER G 217 16.51 -8.38 20.28
N VAL G 218 17.64 -7.69 20.43
CA VAL G 218 17.92 -6.45 19.68
C VAL G 218 19.07 -6.60 18.67
N THR G 219 18.82 -6.19 17.43
CA THR G 219 19.81 -6.21 16.35
C THR G 219 19.98 -4.78 15.81
N THR G 220 21.23 -4.38 15.60
CA THR G 220 21.53 -3.08 15.00
C THR G 220 22.06 -3.28 13.60
N VAL G 221 21.39 -2.67 12.62
CA VAL G 221 21.79 -2.76 11.21
C VAL G 221 23.02 -1.85 11.00
N LEU G 222 24.03 -2.35 10.29
CA LEU G 222 25.31 -1.61 10.13
C LEU G 222 25.44 -0.98 8.75
N LEU G 223 24.37 -1.07 7.96
CA LEU G 223 24.36 -0.49 6.63
C LEU G 223 24.35 1.03 6.74
N ASP G 224 25.16 1.71 5.92
CA ASP G 224 25.18 3.17 5.91
C ASP G 224 24.04 3.75 5.09
N GLU G 225 24.06 5.06 4.85
CA GLU G 225 23.01 5.72 4.08
C GLU G 225 22.96 5.28 2.61
N ASN G 226 24.02 4.66 2.11
CA ASN G 226 24.05 4.10 0.74
C ASN G 226 23.80 2.60 0.71
N GLY G 227 23.42 2.06 1.86
CA GLY G 227 23.05 0.65 1.96
C GLY G 227 24.24 -0.29 2.08
N VAL G 228 25.40 0.24 2.47
CA VAL G 228 26.64 -0.53 2.47
C VAL G 228 27.14 -0.65 3.91
N GLY G 229 27.48 -1.87 4.32
CA GLY G 229 28.08 -2.07 5.64
C GLY G 229 29.59 -1.95 5.61
N PRO G 230 30.24 -1.99 6.79
CA PRO G 230 31.69 -2.03 6.84
C PRO G 230 32.25 -3.16 5.99
N LEU G 231 33.28 -2.81 5.20
CA LEU G 231 33.96 -3.75 4.30
C LEU G 231 35.29 -4.16 4.93
N CYS G 232 35.46 -5.45 5.16
CA CYS G 232 36.54 -5.93 6.00
C CYS G 232 37.84 -6.08 5.21
N LYS G 233 38.64 -5.01 5.20
CA LYS G 233 39.92 -5.01 4.48
C LYS G 233 40.81 -6.12 5.04
N GLY G 234 41.44 -6.87 4.14
CA GLY G 234 42.29 -7.99 4.53
C GLY G 234 41.59 -9.06 5.35
N ASP G 235 40.28 -9.19 5.19
CA ASP G 235 39.49 -10.24 5.85
C ASP G 235 39.55 -10.15 7.38
N LYS G 236 39.60 -8.93 7.89
CA LYS G 236 39.65 -8.68 9.32
C LYS G 236 38.50 -7.81 9.77
N LEU G 237 37.85 -8.23 10.85
CA LEU G 237 36.77 -7.45 11.45
C LEU G 237 37.26 -6.82 12.75
N PHE G 238 37.05 -5.52 12.89
CA PHE G 238 37.47 -4.82 14.11
C PHE G 238 36.31 -4.58 15.05
N LEU G 239 36.45 -5.08 16.29
CA LEU G 239 35.46 -4.86 17.33
C LEU G 239 36.12 -3.99 18.40
N SER G 240 35.48 -2.89 18.74
CA SER G 240 36.02 -1.92 19.69
C SER G 240 34.96 -1.57 20.73
N CYS G 241 35.41 -1.31 21.95
CA CYS G 241 34.45 -0.89 22.97
C CYS G 241 35.11 -0.31 24.22
N ALA G 242 34.27 0.31 25.07
CA ALA G 242 34.66 0.72 26.42
C ALA G 242 33.37 0.71 27.21
N ASP G 243 33.40 0.10 28.39
CA ASP G 243 32.19 -0.02 29.19
C ASP G 243 32.52 0.23 30.64
N ILE G 244 32.57 1.51 30.99
CA ILE G 244 32.88 1.96 32.33
C ILE G 244 31.55 2.13 33.06
N ALA G 245 31.37 1.34 34.12
CA ALA G 245 30.12 1.27 34.87
C ALA G 245 30.05 2.32 36.00
N GLY G 246 31.23 2.82 36.38
CA GLY G 246 31.35 3.86 37.40
C GLY G 246 32.61 3.61 38.22
N VAL G 247 32.65 4.14 39.43
CA VAL G 247 33.76 3.87 40.33
C VAL G 247 33.29 3.16 41.58
N HIS G 248 34.16 2.30 42.10
CA HIS G 248 33.94 1.71 43.41
C HIS G 248 34.76 2.47 44.41
N THR G 249 34.17 2.73 45.58
CA THR G 249 34.79 3.53 46.62
C THR G 249 35.17 2.63 47.81
N ASN G 250 36.44 2.72 48.22
CA ASN G 250 36.93 1.95 49.38
C ASN G 250 36.62 2.68 50.68
N TYR G 251 36.79 2.00 51.82
CA TYR G 251 36.54 2.64 53.11
C TYR G 251 37.40 3.90 53.24
N SER G 252 38.67 3.81 52.82
CA SER G 252 39.60 4.94 52.90
C SER G 252 39.24 6.10 51.97
N GLU G 253 38.22 5.88 51.12
CA GLU G 253 37.74 6.86 50.15
C GLU G 253 38.58 6.95 48.87
N THR G 254 39.58 6.09 48.73
CA THR G 254 40.22 5.89 47.43
C THR G 254 39.15 5.30 46.51
N GLN G 255 39.28 5.56 45.22
CA GLN G 255 38.29 5.11 44.24
C GLN G 255 38.96 4.45 43.05
N VAL G 256 38.27 3.44 42.52
CA VAL G 256 38.73 2.67 41.36
C VAL G 256 37.64 2.58 40.29
N TRP G 257 38.04 2.73 39.04
CA TRP G 257 37.11 2.53 37.92
C TRP G 257 36.73 1.08 37.81
N ARG G 258 35.47 0.81 37.47
CA ARG G 258 35.00 -0.56 37.27
C ARG G 258 34.44 -0.69 35.85
N GLY G 259 34.96 -1.68 35.11
CA GLY G 259 34.56 -1.90 33.73
C GLY G 259 33.92 -3.27 33.63
N LEU G 260 33.12 -3.47 32.59
CA LEU G 260 32.45 -4.77 32.32
C LEU G 260 32.77 -5.23 30.89
N PRO G 261 32.69 -6.55 30.64
CA PRO G 261 32.92 -7.11 29.30
C PRO G 261 31.75 -6.84 28.37
N ARG G 262 32.02 -6.93 27.07
CA ARG G 262 30.96 -6.77 26.09
C ARG G 262 31.02 -7.93 25.13
N TYR G 263 29.85 -8.48 24.83
CA TYR G 263 29.65 -9.53 23.84
C TYR G 263 29.27 -8.92 22.49
N PHE G 264 29.75 -9.54 21.40
CA PHE G 264 29.40 -9.14 20.01
C PHE G 264 28.98 -10.37 19.22
N ASN G 265 27.94 -10.23 18.40
CA ASN G 265 27.58 -11.24 17.41
C ASN G 265 27.35 -10.49 16.11
N VAL G 266 28.22 -10.72 15.12
CA VAL G 266 28.17 -9.91 13.91
C VAL G 266 27.82 -10.83 12.75
N THR G 267 26.87 -10.40 11.93
CA THR G 267 26.54 -11.13 10.69
C THR G 267 27.19 -10.45 9.51
N LEU G 268 27.80 -11.22 8.63
CA LEU G 268 28.51 -10.68 7.47
C LEU G 268 28.08 -11.40 6.20
N ARG G 269 28.23 -10.75 5.06
CA ARG G 269 27.92 -11.40 3.78
C ARG G 269 29.03 -11.14 2.77
N LYS G 270 29.25 -12.11 1.87
CA LYS G 270 30.27 -12.00 0.85
C LYS G 270 29.83 -11.06 -0.26
N ARG G 271 30.69 -10.12 -0.63
CA ARG G 271 30.40 -9.16 -1.70
C ARG G 271 31.51 -9.11 -2.73
N ILE G 272 31.12 -8.90 -3.99
CA ILE G 272 32.10 -8.63 -5.04
C ILE G 272 32.36 -7.13 -4.98
N VAL G 273 33.64 -6.77 -4.86
CA VAL G 273 34.08 -5.37 -4.81
C VAL G 273 35.04 -5.07 -5.95
N LYS G 274 34.76 -4.01 -6.70
CA LYS G 274 35.64 -3.57 -7.79
C LYS G 274 36.66 -2.56 -7.25
N ASN G 275 37.86 -2.52 -7.83
CA ASN G 275 38.90 -1.63 -7.31
C ASN G 275 39.42 -0.60 -8.31
N SER H 2 -33.97 -3.74 1.99
CA SER H 2 -33.53 -4.97 2.71
C SER H 2 -32.56 -5.81 1.90
N HIS H 3 -31.53 -6.32 2.57
CA HIS H 3 -30.57 -7.24 1.97
C HIS H 3 -29.97 -8.15 3.02
N MET H 4 -29.53 -9.34 2.60
CA MET H 4 -28.72 -10.20 3.47
C MET H 4 -27.34 -9.57 3.66
N GLY H 5 -26.93 -9.42 4.91
CA GLY H 5 -25.63 -8.87 5.24
C GLY H 5 -25.12 -9.45 6.54
N GLY H 6 -23.85 -9.20 6.83
CA GLY H 6 -23.21 -9.71 8.04
C GLY H 6 -23.33 -8.71 9.18
N VAL H 7 -23.46 -9.23 10.39
CA VAL H 7 -23.30 -8.41 11.60
C VAL H 7 -22.34 -9.15 12.53
N GLU H 8 -21.43 -8.41 13.20
CA GLU H 8 -20.46 -9.05 14.06
CA GLU H 8 -20.46 -9.04 14.07
C GLU H 8 -21.05 -9.18 15.47
N VAL H 9 -21.28 -10.42 15.88
CA VAL H 9 -21.82 -10.73 17.19
C VAL H 9 -20.67 -11.17 18.09
N LEU H 10 -20.56 -10.58 19.28
CA LEU H 10 -19.56 -10.99 20.26
C LEU H 10 -20.02 -12.21 21.02
N GLU H 11 -19.10 -13.16 21.24
CA GLU H 11 -19.40 -14.35 22.02
C GLU H 11 -18.09 -14.90 22.55
N VAL H 12 -18.17 -15.88 23.45
CA VAL H 12 -16.99 -16.61 23.92
C VAL H 12 -16.52 -17.53 22.79
N ARG H 13 -15.23 -17.46 22.46
CA ARG H 13 -14.61 -18.38 21.50
C ARG H 13 -13.50 -19.13 22.20
N THR H 14 -13.44 -20.45 22.01
CA THR H 14 -12.23 -21.19 22.35
C THR H 14 -11.28 -21.00 21.18
N GLY H 15 -9.99 -20.88 21.47
CA GLY H 15 -8.98 -20.75 20.42
C GLY H 15 -8.96 -22.02 19.61
N PRO H 16 -8.15 -22.07 18.53
CA PRO H 16 -8.06 -23.36 17.86
C PRO H 16 -7.36 -24.40 18.74
N ASP H 17 -7.49 -25.67 18.38
CA ASP H 17 -6.85 -26.75 19.13
CA ASP H 17 -6.83 -26.78 19.08
C ASP H 17 -5.32 -26.54 19.20
N ALA H 18 -4.76 -25.89 18.18
CA ALA H 18 -3.31 -25.73 18.03
C ALA H 18 -2.66 -24.69 18.94
N ILE H 19 -3.47 -23.91 19.65
CA ILE H 19 -2.96 -22.83 20.50
C ILE H 19 -3.34 -23.08 21.96
N THR H 20 -2.40 -22.81 22.86
CA THR H 20 -2.67 -22.89 24.28
C THR H 20 -2.05 -21.70 25.02
N GLN H 21 -2.58 -21.40 26.20
CA GLN H 21 -2.02 -20.35 27.04
C GLN H 21 -1.72 -20.93 28.40
N ILE H 22 -0.58 -20.56 28.97
CA ILE H 22 -0.32 -20.87 30.38
C ILE H 22 -0.19 -19.56 31.16
N GLU H 23 -0.67 -19.60 32.41
CA GLU H 23 -0.58 -18.49 33.34
C GLU H 23 0.21 -18.98 34.54
N ALA H 24 1.07 -18.13 35.09
CA ALA H 24 1.89 -18.50 36.26
C ALA H 24 2.39 -17.26 36.98
N TYR H 25 2.70 -17.41 38.25
CA TYR H 25 3.37 -16.35 39.00
C TYR H 25 4.56 -16.97 39.70
N LEU H 26 5.63 -16.19 39.82
CA LEU H 26 6.81 -16.64 40.53
C LEU H 26 7.04 -15.67 41.69
N ASN H 27 7.05 -16.19 42.91
CA ASN H 27 7.36 -15.37 44.08
C ASN H 27 8.85 -15.11 44.18
N PRO H 28 9.24 -13.96 44.74
CA PRO H 28 10.65 -13.55 44.77
C PRO H 28 11.50 -14.40 45.71
N ARG H 29 12.78 -14.53 45.38
CA ARG H 29 13.72 -15.29 46.21
C ARG H 29 14.87 -14.40 46.72
N MET H 30 14.56 -13.54 47.68
CA MET H 30 15.51 -12.55 48.19
C MET H 30 16.44 -13.08 49.26
N GLY H 31 16.14 -14.26 49.76
CA GLY H 31 16.91 -14.86 50.84
C GLY H 31 16.00 -15.56 51.83
N ASN H 32 14.92 -14.88 52.20
CA ASN H 32 13.85 -15.51 52.95
C ASN H 32 12.84 -16.03 51.96
N ASN H 33 12.97 -17.31 51.62
CA ASN H 33 12.24 -17.87 50.48
C ASN H 33 11.06 -18.75 50.83
N ILE H 34 10.80 -18.90 52.12
CA ILE H 34 9.73 -19.76 52.62
C ILE H 34 8.62 -18.87 53.18
N PRO H 35 7.35 -19.11 52.77
CA PRO H 35 6.23 -18.21 53.09
C PRO H 35 5.91 -18.05 54.59
N SER H 36 6.32 -19.00 55.42
CA SER H 36 6.13 -18.91 56.86
C SER H 36 7.13 -17.98 57.55
N GLU H 37 8.23 -17.65 56.87
CA GLU H 37 9.27 -16.77 57.42
C GLU H 37 8.81 -15.30 57.66
N ASP H 38 9.12 -14.75 58.84
CA ASP H 38 8.80 -13.35 59.16
C ASP H 38 9.14 -12.37 58.02
N LEU H 39 10.35 -12.53 57.45
CA LEU H 39 10.83 -11.64 56.37
C LEU H 39 10.73 -12.18 54.95
N TYR H 40 9.81 -13.13 54.74
CA TYR H 40 9.44 -13.59 53.40
C TYR H 40 9.29 -12.44 52.40
N GLY H 41 10.01 -12.50 51.29
CA GLY H 41 9.99 -11.44 50.26
C GLY H 41 11.12 -10.44 50.40
N TYR H 42 11.97 -10.66 51.42
CA TYR H 42 13.16 -9.85 51.70
C TYR H 42 14.38 -10.73 51.95
N SER H 43 15.57 -10.15 51.83
CA SER H 43 16.78 -10.81 52.33
C SER H 43 16.89 -10.60 53.85
N ASN H 44 17.84 -11.29 54.47
CA ASN H 44 18.25 -10.97 55.83
C ASN H 44 19.18 -9.75 55.79
N SER H 45 19.54 -9.22 56.95
CA SER H 45 20.33 -8.02 56.98
C SER H 45 21.63 -8.22 56.21
N ILE H 46 21.89 -7.29 55.31
CA ILE H 46 23.11 -7.32 54.50
C ILE H 46 24.30 -7.14 55.45
N ASN H 47 25.19 -8.13 55.51
CA ASN H 47 26.42 -7.99 56.29
C ASN H 47 27.57 -7.69 55.35
N THR H 48 28.33 -6.64 55.65
CA THR H 48 29.35 -6.12 54.74
C THR H 48 30.76 -6.69 55.03
N ALA H 49 31.59 -6.83 54.00
CA ALA H 49 32.95 -7.38 54.13
C ALA H 49 33.82 -6.69 55.19
N PHE H 50 34.64 -7.47 55.87
CA PHE H 50 35.69 -6.90 56.71
C PHE H 50 36.80 -6.33 55.82
N SER H 51 37.09 -7.02 54.73
CA SER H 51 38.15 -6.64 53.79
C SER H 51 37.88 -7.35 52.48
N LYS H 52 38.63 -6.99 51.45
CA LYS H 52 38.52 -7.70 50.16
C LYS H 52 38.77 -9.19 50.34
N ALA H 53 39.78 -9.53 51.13
CA ALA H 53 40.16 -10.92 51.39
C ALA H 53 39.16 -11.64 52.32
N SER H 54 38.48 -10.89 53.17
CA SER H 54 37.56 -11.46 54.15
C SER H 54 36.15 -10.92 53.95
N ASP H 55 35.43 -11.56 53.04
CA ASP H 55 34.10 -11.11 52.56
C ASP H 55 33.15 -12.31 52.48
N THR H 56 32.38 -12.51 53.55
CA THR H 56 31.55 -13.71 53.72
C THR H 56 30.11 -13.29 54.01
N PRO H 57 29.27 -13.15 52.96
CA PRO H 57 27.83 -12.87 53.11
C PRO H 57 27.15 -13.95 53.94
N ASN H 58 26.37 -13.54 54.95
CA ASN H 58 25.60 -14.49 55.76
C ASN H 58 24.57 -15.20 54.92
N LYS H 59 24.13 -16.35 55.41
CA LYS H 59 23.02 -17.11 54.84
C LYS H 59 21.79 -16.22 54.58
N ASP H 60 21.19 -16.37 53.40
CA ASP H 60 19.94 -15.67 53.05
C ASP H 60 20.08 -14.14 52.95
N THR H 61 21.31 -13.66 52.71
CA THR H 61 21.51 -12.24 52.44
C THR H 61 21.63 -11.97 50.93
N LEU H 62 21.55 -13.02 50.12
CA LEU H 62 21.77 -12.90 48.67
C LEU H 62 20.53 -13.18 47.83
N PRO H 63 20.02 -12.15 47.14
CA PRO H 63 18.89 -12.38 46.25
C PRO H 63 19.30 -13.33 45.12
N CYS H 64 18.41 -14.27 44.83
CA CYS H 64 18.63 -15.24 43.76
C CYS H 64 17.53 -15.15 42.71
N TYR H 65 17.82 -15.69 41.53
CA TYR H 65 16.82 -15.79 40.45
C TYR H 65 15.67 -16.73 40.82
N SER H 66 14.47 -16.37 40.36
CA SER H 66 13.34 -17.29 40.42
C SER H 66 13.29 -18.06 39.10
N VAL H 67 12.84 -19.31 39.17
CA VAL H 67 12.56 -20.10 37.97
C VAL H 67 11.39 -21.04 38.25
N ALA H 68 10.52 -21.21 37.25
CA ALA H 68 9.45 -22.20 37.30
C ALA H 68 9.51 -23.01 36.01
N VAL H 69 9.32 -24.32 36.14
CA VAL H 69 9.24 -25.20 34.97
C VAL H 69 7.78 -25.61 34.83
N ILE H 70 7.17 -25.23 33.72
CA ILE H 70 5.75 -25.53 33.51
C ILE H 70 5.61 -26.73 32.60
N LYS H 71 4.92 -27.77 33.06
CA LYS H 71 4.65 -28.93 32.21
C LYS H 71 3.51 -28.60 31.27
N LEU H 72 3.75 -28.71 29.96
CA LEU H 72 2.77 -28.31 28.96
C LEU H 72 1.88 -29.48 28.59
N PRO H 73 0.76 -29.23 27.86
CA PRO H 73 -0.11 -30.36 27.53
C PRO H 73 0.62 -31.43 26.73
N LEU H 74 0.27 -32.67 26.98
CA LEU H 74 0.92 -33.81 26.35
C LEU H 74 0.61 -33.81 24.86
N LEU H 75 1.65 -33.98 24.05
CA LEU H 75 1.49 -34.14 22.61
C LEU H 75 1.89 -35.58 22.29
N ASN H 76 1.47 -36.09 21.13
CA ASN H 76 1.78 -37.47 20.74
C ASN H 76 3.30 -37.76 20.85
N GLU H 77 3.63 -38.89 21.48
CA GLU H 77 5.04 -39.22 21.77
C GLU H 77 5.71 -40.09 20.70
N ASP H 78 4.93 -40.52 19.71
CA ASP H 78 5.50 -41.30 18.61
C ASP H 78 6.22 -40.40 17.59
N MET H 79 7.49 -40.67 17.36
CA MET H 79 8.30 -39.85 16.46
C MET H 79 9.03 -40.68 15.41
N THR H 80 8.37 -41.73 14.95
CA THR H 80 8.97 -42.73 14.05
C THR H 80 9.32 -42.17 12.65
N CYS H 81 8.76 -41.01 12.31
CA CYS H 81 8.94 -40.40 10.99
C CYS H 81 9.91 -39.21 10.98
N THR H 83 10.02 -36.77 12.74
CA THR H 83 9.33 -35.55 13.18
C THR H 83 8.57 -35.73 14.49
N ILE H 84 8.41 -34.64 15.24
CA ILE H 84 7.62 -34.65 16.47
C ILE H 84 6.90 -33.32 16.60
N LEU H 85 5.77 -33.32 17.29
CA LEU H 85 5.08 -32.08 17.62
C LEU H 85 5.72 -31.49 18.85
N MET H 86 5.89 -30.17 18.86
CA MET H 86 6.45 -29.43 19.98
C MET H 86 5.63 -28.17 20.14
N TRP H 87 5.57 -27.66 21.35
CA TRP H 87 5.01 -26.34 21.60
C TRP H 87 6.02 -25.27 21.31
N GLU H 88 5.59 -24.22 20.62
CA GLU H 88 6.43 -23.06 20.32
C GLU H 88 5.83 -21.86 21.07
N ALA H 89 6.63 -21.22 21.93
CA ALA H 89 6.16 -20.04 22.67
C ALA H 89 6.21 -18.84 21.71
N VAL H 90 5.07 -18.20 21.49
CA VAL H 90 5.00 -17.12 20.49
C VAL H 90 4.88 -15.72 21.09
N SER H 91 4.35 -15.61 22.29
CA SER H 91 4.19 -14.29 22.91
C SER H 91 4.02 -14.44 24.41
N VAL H 92 4.28 -13.33 25.11
CA VAL H 92 4.13 -13.29 26.54
C VAL H 92 3.59 -11.94 26.99
N LYS H 93 2.75 -11.99 28.01
CA LYS H 93 2.35 -10.80 28.76
C LYS H 93 2.88 -11.04 30.16
N THR H 94 3.61 -10.07 30.69
CA THR H 94 4.20 -10.25 32.01
C THR H 94 4.08 -8.96 32.81
N GLU H 95 3.91 -9.10 34.12
CA GLU H 95 3.70 -7.95 35.00
C GLU H 95 4.35 -8.21 36.35
N VAL H 96 4.90 -7.14 36.92
CA VAL H 96 5.40 -7.18 38.30
C VAL H 96 4.21 -6.88 39.22
N VAL H 97 4.00 -7.74 40.21
CA VAL H 97 2.84 -7.66 41.10
C VAL H 97 3.26 -7.00 42.42
N GLY H 98 2.32 -6.29 43.04
CA GLY H 98 2.56 -5.69 44.35
C GLY H 98 3.38 -4.42 44.34
N ILE H 99 3.46 -3.75 43.19
CA ILE H 99 4.17 -2.47 43.11
C ILE H 99 3.62 -1.49 44.13
N SER H 100 2.29 -1.49 44.26
CA SER H 100 1.59 -0.54 45.14
C SER H 100 1.97 -0.73 46.61
N SER H 101 2.46 -1.93 46.96
CA SER H 101 2.90 -2.20 48.33
C SER H 101 4.02 -1.28 48.81
N LEU H 102 4.79 -0.70 47.87
CA LEU H 102 5.89 0.20 48.23
CA LEU H 102 5.89 0.21 48.20
C LEU H 102 5.38 1.58 48.65
N VAL H 103 4.12 1.88 48.32
CA VAL H 103 3.50 3.18 48.62
C VAL H 103 3.05 3.20 50.09
N ASN H 104 4.03 3.24 50.98
CA ASN H 104 3.84 2.96 52.38
C ASN H 104 4.94 3.70 53.12
N LEU H 105 4.55 4.71 53.91
CA LEU H 105 5.53 5.51 54.63
C LEU H 105 5.47 5.29 56.14
N HIS H 106 4.63 4.35 56.56
CA HIS H 106 4.45 4.11 58.02
C HIS H 106 5.24 2.92 58.50
N GLN H 107 5.64 2.05 57.59
CA GLN H 107 6.44 0.87 57.93
C GLN H 107 7.67 1.31 58.72
N GLY H 108 7.95 0.65 59.84
CA GLY H 108 9.08 1.02 60.71
C GLY H 108 10.38 1.08 59.94
N GLY H 109 11.15 2.15 60.14
CA GLY H 109 12.41 2.34 59.40
C GLY H 109 13.11 3.61 59.79
N LYS H 110 13.89 4.15 58.86
CA LYS H 110 14.62 5.39 59.10
C LYS H 110 13.70 6.57 58.78
N TYR H 111 13.71 7.62 59.60
CA TYR H 111 12.91 8.82 59.32
C TYR H 111 13.43 9.58 58.12
N ILE H 112 12.52 10.09 57.30
CA ILE H 112 12.90 10.94 56.18
C ILE H 112 13.51 12.24 56.70
N TYR H 113 12.86 12.85 57.68
CA TYR H 113 13.41 14.03 58.34
C TYR H 113 13.61 13.65 59.80
N GLY H 114 12.96 14.36 60.70
CA GLY H 114 13.03 14.03 62.13
C GLY H 114 12.03 12.95 62.50
N SER H 115 11.87 12.77 63.82
CA SER H 115 11.06 11.70 64.39
C SER H 115 9.56 11.80 64.11
N SER H 116 9.09 12.95 63.61
CA SER H 116 7.67 13.13 63.30
C SER H 116 7.31 12.82 61.86
N SER H 117 8.32 12.58 61.02
CA SER H 117 8.10 12.39 59.57
C SER H 117 7.86 10.93 59.23
N GLY H 118 7.47 10.65 57.99
CA GLY H 118 7.35 9.27 57.51
C GLY H 118 8.71 8.58 57.41
N CYS H 119 8.70 7.27 57.20
CA CYS H 119 9.97 6.54 57.09
C CYS H 119 10.38 6.38 55.63
N VAL H 120 11.69 6.42 55.40
CA VAL H 120 12.28 6.22 54.06
C VAL H 120 11.77 4.92 53.43
N PRO H 121 11.22 5.00 52.20
CA PRO H 121 10.69 3.80 51.57
C PRO H 121 11.80 2.99 50.90
N VAL H 122 11.41 1.87 50.27
CA VAL H 122 12.35 1.04 49.53
C VAL H 122 13.02 1.83 48.40
N GLN H 123 14.35 1.85 48.38
CA GLN H 123 15.07 2.55 47.34
C GLN H 123 16.48 2.01 47.20
N GLY H 124 17.24 2.55 46.25
CA GLY H 124 18.56 2.04 45.94
C GLY H 124 18.53 1.18 44.71
N THR H 125 19.43 0.20 44.66
CA THR H 125 19.64 -0.60 43.45
C THR H 125 18.43 -1.44 43.07
N THR H 126 18.11 -1.46 41.77
CA THR H 126 16.98 -2.23 41.28
C THR H 126 17.42 -3.15 40.16
N TYR H 127 16.74 -4.27 40.02
CA TYR H 127 17.11 -5.25 39.00
C TYR H 127 15.87 -6.03 38.64
N HIS H 128 15.47 -5.89 37.38
CA HIS H 128 14.24 -6.47 36.87
C HIS H 128 14.56 -7.17 35.60
N MET H 129 14.31 -8.47 35.59
CA MET H 129 14.53 -9.23 34.36
C MET H 129 13.54 -10.37 34.27
N PHE H 130 13.18 -10.75 33.05
CA PHE H 130 12.43 -11.98 32.87
C PHE H 130 12.96 -12.73 31.65
N ALA H 131 12.71 -14.04 31.62
CA ALA H 131 13.06 -14.85 30.45
C ALA H 131 11.96 -15.87 30.22
N VAL H 132 11.75 -16.21 28.95
CA VAL H 132 10.85 -17.29 28.55
C VAL H 132 11.66 -18.15 27.58
N GLY H 133 11.77 -19.44 27.87
CA GLY H 133 12.57 -20.33 27.01
C GLY H 133 12.05 -21.76 26.98
N GLY H 134 12.58 -22.55 26.05
CA GLY H 134 12.20 -23.94 25.91
C GLY H 134 13.17 -24.86 26.63
N GLU H 135 14.00 -24.26 27.48
CA GLU H 135 15.02 -24.96 28.24
C GLU H 135 15.55 -23.97 29.27
N PRO H 136 16.39 -24.44 30.23
CA PRO H 136 16.84 -23.48 31.26
C PRO H 136 17.62 -22.32 30.67
N LEU H 137 17.42 -21.15 31.24
CA LEU H 137 18.22 -19.97 30.93
C LEU H 137 19.69 -20.29 31.17
N GLU H 138 20.54 -19.93 30.22
CA GLU H 138 21.97 -20.21 30.32
C GLU H 138 22.67 -19.00 30.93
N LEU H 139 23.46 -19.26 31.97
CA LEU H 139 24.09 -18.22 32.80
C LEU H 139 25.60 -18.12 32.62
N GLN H 140 26.09 -16.89 32.70
CA GLN H 140 27.50 -16.59 32.76
C GLN H 140 27.83 -16.05 34.16
N GLY H 141 28.92 -16.53 34.74
CA GLY H 141 29.38 -16.06 36.05
C GLY H 141 30.33 -14.87 35.94
N LEU H 142 30.14 -13.89 36.82
CA LEU H 142 30.96 -12.68 36.85
C LEU H 142 30.63 -12.00 38.18
N VAL H 143 31.66 -11.76 38.99
CA VAL H 143 31.47 -11.23 40.35
C VAL H 143 32.22 -9.92 40.54
N ALA H 144 31.79 -9.12 41.51
CA ALA H 144 32.50 -7.89 41.85
C ALA H 144 33.88 -8.21 42.46
N SER H 145 33.95 -9.32 43.19
CA SER H 145 35.17 -9.73 43.87
C SER H 145 35.30 -11.25 43.91
N SER H 146 36.40 -11.76 43.36
CA SER H 146 36.68 -13.20 43.33
C SER H 146 37.08 -13.77 44.70
N THR H 147 37.33 -12.90 45.68
CA THR H 147 37.83 -13.37 46.99
C THR H 147 36.70 -13.45 48.02
N ALA H 148 35.48 -13.17 47.59
CA ALA H 148 34.28 -13.37 48.42
C ALA H 148 34.07 -14.88 48.66
N THR H 149 33.60 -15.24 49.85
CA THR H 149 33.30 -16.64 50.18
C THR H 149 31.77 -16.79 50.20
N TYR H 150 31.24 -17.54 49.24
CA TYR H 150 29.78 -17.69 49.12
C TYR H 150 29.22 -18.77 50.05
N PRO H 151 27.99 -18.57 50.56
CA PRO H 151 27.38 -19.50 51.51
C PRO H 151 27.07 -20.85 50.84
N ASP H 152 26.89 -21.91 51.64
CA ASP H 152 26.66 -23.27 51.12
CA ASP H 152 26.68 -23.24 51.07
C ASP H 152 25.29 -23.46 50.47
N ASP H 153 24.33 -22.59 50.82
CA ASP H 153 22.97 -22.76 50.30
C ASP H 153 22.74 -22.10 48.92
N VAL H 154 23.80 -21.54 48.33
CA VAL H 154 23.72 -20.95 46.98
C VAL H 154 24.73 -21.61 46.04
N VAL H 155 24.48 -21.49 44.74
CA VAL H 155 25.40 -22.01 43.71
C VAL H 155 26.32 -20.87 43.25
N ALA H 156 27.62 -21.04 43.48
CA ALA H 156 28.60 -20.03 43.10
C ALA H 156 29.50 -20.54 41.98
N ILE H 157 30.39 -19.68 41.51
CA ILE H 157 31.37 -20.06 40.49
C ILE H 157 32.38 -21.01 41.12
N LYS H 158 32.60 -22.14 40.46
CA LYS H 158 33.60 -23.12 40.94
C LYS H 158 35.03 -22.59 40.74
N ASN H 159 35.87 -22.81 41.74
CA ASN H 159 37.29 -22.44 41.68
C ASN H 159 37.52 -20.98 41.25
N MET H 160 36.84 -20.05 41.93
CA MET H 160 36.97 -18.62 41.62
C MET H 160 38.42 -18.13 41.62
N LYS H 161 38.72 -17.28 40.66
CA LYS H 161 40.04 -16.67 40.51
C LYS H 161 39.79 -15.22 40.09
N PRO H 162 40.80 -14.35 40.19
CA PRO H 162 40.54 -12.94 39.86
C PRO H 162 39.93 -12.76 38.43
N GLY H 163 40.23 -13.69 37.52
CA GLY H 163 39.65 -13.68 36.17
C GLY H 163 38.12 -13.58 36.16
N ASN H 164 37.52 -14.03 37.25
CA ASN H 164 36.06 -14.06 37.37
C ASN H 164 35.48 -12.69 37.68
N GLN H 165 36.34 -11.70 37.85
CA GLN H 165 35.89 -10.31 37.91
C GLN H 165 35.64 -9.79 36.48
N GLY H 166 36.09 -10.56 35.49
CA GLY H 166 35.75 -10.33 34.08
C GLY H 166 35.03 -11.56 33.57
N LEU H 167 35.00 -11.74 32.27
CA LEU H 167 34.33 -12.90 31.66
C LEU H 167 35.32 -14.04 31.44
N ASP H 168 35.15 -15.09 32.24
CA ASP H 168 35.90 -16.33 32.04
C ASP H 168 34.92 -17.36 31.49
N PRO H 169 35.21 -17.94 30.32
CA PRO H 169 34.24 -18.81 29.65
C PRO H 169 33.97 -20.14 30.40
N LYS H 170 34.77 -20.47 31.40
CA LYS H 170 34.50 -21.67 32.20
C LYS H 170 33.38 -21.46 33.22
N ALA H 171 33.10 -20.20 33.56
CA ALA H 171 32.10 -19.90 34.60
C ALA H 171 30.71 -19.89 33.97
N LYS H 172 30.17 -21.07 33.72
CA LYS H 172 28.86 -21.22 33.07
C LYS H 172 27.95 -22.10 33.92
N ALA H 173 26.65 -21.79 33.91
CA ALA H 173 25.64 -22.58 34.63
C ALA H 173 24.28 -22.54 33.91
N LEU H 174 23.37 -23.40 34.35
CA LEU H 174 21.98 -23.37 33.91
C LEU H 174 21.14 -22.92 35.08
N LEU H 175 20.20 -22.01 34.82
CA LEU H 175 19.23 -21.63 35.86
C LEU H 175 18.19 -22.75 35.99
N ASP H 176 18.53 -23.74 36.81
CA ASP H 176 17.77 -24.99 36.88
C ASP H 176 17.21 -25.26 38.29
N LYS H 177 17.41 -24.29 39.18
CA LYS H 177 16.93 -24.37 40.55
C LYS H 177 16.42 -23.00 40.98
N ASP H 178 15.22 -23.00 41.56
CA ASP H 178 14.60 -21.78 42.08
C ASP H 178 15.28 -21.34 43.38
N GLY H 179 15.63 -20.05 43.46
CA GLY H 179 16.19 -19.48 44.70
C GLY H 179 17.57 -19.95 45.13
N LYS H 180 18.40 -20.36 44.15
CA LYS H 180 19.73 -20.88 44.43
C LYS H 180 20.88 -20.11 43.75
N TYR H 181 20.58 -19.44 42.63
CA TYR H 181 21.61 -18.76 41.82
C TYR H 181 21.65 -17.28 42.14
N PRO H 182 22.73 -16.80 42.80
CA PRO H 182 22.70 -15.38 43.16
C PRO H 182 22.73 -14.44 41.97
N VAL H 183 21.92 -13.40 42.07
CA VAL H 183 21.91 -12.33 41.07
C VAL H 183 23.31 -11.71 40.91
N GLU H 184 24.02 -11.52 42.02
CA GLU H 184 25.33 -10.87 41.98
C GLU H 184 26.45 -11.75 41.42
N VAL H 185 26.13 -13.03 41.16
CA VAL H 185 27.12 -13.98 40.64
C VAL H 185 26.86 -14.32 39.16
N TRP H 186 25.59 -14.37 38.80
CA TRP H 186 25.15 -14.93 37.50
C TRP H 186 24.35 -13.96 36.69
N CYS H 187 24.62 -13.90 35.39
CA CYS H 187 23.82 -13.11 34.47
C CYS H 187 23.52 -13.97 33.25
N PRO H 188 22.55 -13.57 32.41
CA PRO H 188 22.34 -14.32 31.17
C PRO H 188 23.60 -14.41 30.30
N ASP H 189 23.83 -15.57 29.70
CA ASP H 189 24.99 -15.78 28.85
C ASP H 189 24.59 -15.39 27.42
N PRO H 190 25.08 -14.26 26.90
CA PRO H 190 24.65 -13.83 25.58
C PRO H 190 25.22 -14.68 24.46
N SER H 191 26.21 -15.50 24.78
CA SER H 191 26.85 -16.36 23.78
C SER H 191 26.01 -17.60 23.49
N LYS H 192 24.99 -17.84 24.32
CA LYS H 192 24.12 -19.01 24.12
C LYS H 192 22.66 -18.52 24.08
N ASN H 193 21.76 -19.23 24.75
CA ASN H 193 20.36 -18.80 24.85
C ASN H 193 19.61 -18.57 23.52
N GLU H 194 19.98 -19.34 22.50
CA GLU H 194 19.31 -19.37 21.18
CA GLU H 194 19.26 -19.23 21.22
C GLU H 194 17.83 -19.74 21.30
N ASN H 195 17.51 -20.52 22.34
CA ASN H 195 16.15 -21.03 22.54
C ASN H 195 15.41 -20.38 23.72
N THR H 196 15.88 -19.20 24.13
CA THR H 196 15.27 -18.41 25.22
C THR H 196 15.23 -16.95 24.80
N ARG H 197 14.22 -16.21 25.25
CA ARG H 197 14.24 -14.74 25.12
C ARG H 197 14.32 -14.15 26.51
N TYR H 198 15.27 -13.23 26.71
CA TYR H 198 15.39 -12.55 28.01
C TYR H 198 15.44 -11.04 27.84
N TYR H 199 14.97 -10.32 28.86
CA TYR H 199 14.88 -8.87 28.87
C TYR H 199 15.19 -8.43 30.30
N GLY H 200 16.08 -7.46 30.44
CA GLY H 200 16.50 -6.98 31.77
C GLY H 200 16.80 -5.49 31.83
N SER H 201 16.60 -4.91 33.01
CA SER H 201 16.90 -3.51 33.25
CA SER H 201 16.96 -3.53 33.23
C SER H 201 17.51 -3.39 34.65
N PHE H 202 18.60 -2.65 34.75
CA PHE H 202 19.28 -2.43 36.02
C PHE H 202 19.44 -0.93 36.21
N THR H 203 19.19 -0.45 37.44
CA THR H 203 19.59 0.92 37.81
C THR H 203 20.25 0.78 39.17
N GLY H 204 21.43 1.39 39.33
CA GLY H 204 22.17 1.24 40.59
C GLY H 204 21.98 2.42 41.52
N GLY H 205 23.05 2.78 42.23
CA GLY H 205 23.03 3.92 43.14
C GLY H 205 22.68 3.52 44.57
N ALA H 206 23.19 4.28 45.53
CA ALA H 206 22.95 4.00 46.94
C ALA H 206 21.47 4.13 47.33
N THR H 207 20.80 5.21 46.92
CA THR H 207 19.47 5.54 47.44
C THR H 207 18.44 5.93 46.37
N THR H 208 18.68 5.46 45.15
CA THR H 208 17.93 5.86 43.96
C THR H 208 16.43 5.51 44.03
N PRO H 209 15.55 6.47 43.65
CA PRO H 209 14.12 6.14 43.62
C PRO H 209 13.79 5.03 42.63
N PRO H 210 13.06 3.98 43.08
CA PRO H 210 12.60 2.96 42.13
C PRO H 210 11.49 3.46 41.19
N VAL H 211 11.46 2.95 39.95
CA VAL H 211 10.47 3.34 38.95
C VAL H 211 9.90 2.05 38.35
N MET H 212 8.59 1.90 38.36
CA MET H 212 7.95 0.69 37.82
C MET H 212 6.59 1.02 37.24
N GLN H 213 6.25 0.42 36.10
CA GLN H 213 4.95 0.57 35.45
CA GLN H 213 4.92 0.57 35.54
C GLN H 213 4.20 -0.76 35.54
N PHE H 214 2.88 -0.71 35.39
CA PHE H 214 2.07 -1.93 35.34
C PHE H 214 0.84 -1.67 34.48
N THR H 215 0.53 -2.63 33.61
CA THR H 215 -0.60 -2.54 32.71
C THR H 215 -0.89 -3.93 32.21
N ASN H 216 -2.15 -4.19 31.86
CA ASN H 216 -2.52 -5.47 31.26
C ASN H 216 -2.69 -5.36 29.74
N SER H 217 -2.12 -4.29 29.17
CA SER H 217 -2.34 -3.99 27.74
C SER H 217 -1.16 -4.36 26.80
N VAL H 218 -0.07 -4.87 27.35
CA VAL H 218 1.17 -5.05 26.60
C VAL H 218 1.53 -6.52 26.37
N THR H 219 1.79 -6.84 25.11
CA THR H 219 2.22 -8.18 24.71
C THR H 219 3.60 -8.09 24.05
N THR H 220 4.51 -9.00 24.42
CA THR H 220 5.84 -9.08 23.79
C THR H 220 5.89 -10.31 22.90
N VAL H 221 6.26 -10.12 21.65
CA VAL H 221 6.36 -11.22 20.69
C VAL H 221 7.67 -11.97 20.95
N LEU H 222 7.61 -13.30 20.98
CA LEU H 222 8.81 -14.08 21.33
C LEU H 222 9.54 -14.64 20.11
N LEU H 223 9.02 -14.37 18.91
CA LEU H 223 9.64 -14.85 17.69
C LEU H 223 11.01 -14.21 17.48
N ASP H 224 11.98 -15.02 17.06
CA ASP H 224 13.33 -14.53 16.78
C ASP H 224 13.42 -13.93 15.36
N GLU H 225 14.63 -13.61 14.90
CA GLU H 225 14.85 -13.00 13.59
CA GLU H 225 14.79 -12.97 13.59
C GLU H 225 14.44 -13.90 12.42
N ASN H 226 14.34 -15.21 12.69
CA ASN H 226 13.88 -16.16 11.67
C ASN H 226 12.40 -16.54 11.80
N GLY H 227 11.68 -15.81 12.66
CA GLY H 227 10.25 -16.03 12.87
C GLY H 227 9.89 -17.22 13.75
N VAL H 228 10.84 -17.69 14.55
CA VAL H 228 10.67 -18.87 15.40
C VAL H 228 10.75 -18.50 16.86
N GLY H 229 9.78 -18.98 17.64
CA GLY H 229 9.79 -18.73 19.09
C GLY H 229 10.53 -19.86 19.80
N PRO H 230 10.70 -19.74 21.14
CA PRO H 230 11.28 -20.85 21.90
C PRO H 230 10.51 -22.16 21.70
N LEU H 231 11.26 -23.23 21.50
CA LEU H 231 10.67 -24.55 21.30
C LEU H 231 10.88 -25.37 22.57
N CYS H 232 9.77 -25.86 23.10
CA CYS H 232 9.76 -26.45 24.42
C CYS H 232 10.15 -27.92 24.38
N LYS H 233 11.45 -28.14 24.51
CA LYS H 233 12.01 -29.48 24.55
C LYS H 233 11.44 -30.22 25.76
N GLY H 234 11.08 -31.47 25.56
CA GLY H 234 10.50 -32.28 26.63
C GLY H 234 9.18 -31.75 27.15
N ASP H 235 8.52 -30.88 26.35
CA ASP H 235 7.18 -30.34 26.67
C ASP H 235 7.19 -29.53 27.96
N LYS H 236 8.30 -28.84 28.21
CA LYS H 236 8.50 -28.01 29.40
CA LYS H 236 8.43 -27.99 29.38
C LYS H 236 8.76 -26.57 28.98
N LEU H 237 8.07 -25.63 29.64
CA LEU H 237 8.30 -24.21 29.46
C LEU H 237 9.03 -23.64 30.67
N PHE H 238 10.10 -22.89 30.43
CA PHE H 238 10.90 -22.31 31.51
C PHE H 238 10.64 -20.81 31.65
N LEU H 239 10.21 -20.42 32.84
CA LEU H 239 10.00 -19.00 33.16
C LEU H 239 10.98 -18.61 34.25
N SER H 240 11.77 -17.58 34.00
CA SER H 240 12.81 -17.12 34.92
C SER H 240 12.64 -15.63 35.15
N CYS H 241 13.02 -15.17 36.33
CA CYS H 241 12.98 -13.75 36.59
C CYS H 241 13.74 -13.37 37.86
N ALA H 242 13.99 -12.07 38.01
CA ALA H 242 14.41 -11.50 39.27
C ALA H 242 13.84 -10.08 39.27
N ASP H 243 13.18 -9.72 40.37
CA ASP H 243 12.58 -8.39 40.49
C ASP H 243 12.91 -7.76 41.83
N ILE H 244 14.11 -7.21 41.90
CA ILE H 244 14.59 -6.53 43.10
C ILE H 244 14.10 -5.10 43.01
N ALA H 245 13.24 -4.71 43.96
CA ALA H 245 12.63 -3.37 43.96
C ALA H 245 13.55 -2.31 44.56
N GLY H 246 14.48 -2.74 45.40
CA GLY H 246 15.39 -1.82 46.10
C GLY H 246 15.75 -2.43 47.45
N VAL H 247 16.20 -1.61 48.39
CA VAL H 247 16.43 -2.10 49.75
C VAL H 247 15.57 -1.34 50.74
N HIS H 248 15.10 -2.04 51.77
CA HIS H 248 14.45 -1.38 52.89
C HIS H 248 15.46 -1.15 53.98
N THR H 249 15.47 0.05 54.54
CA THR H 249 16.40 0.41 55.59
C THR H 249 15.67 0.44 56.92
N ASN H 250 16.23 -0.24 57.92
CA ASN H 250 15.62 -0.34 59.24
C ASN H 250 16.07 0.82 60.10
N TYR H 251 15.37 1.03 61.20
CA TYR H 251 15.70 2.05 62.18
C TYR H 251 17.19 1.99 62.59
N SER H 252 17.67 0.79 62.89
CA SER H 252 19.07 0.56 63.26
C SER H 252 20.03 0.78 62.08
N GLU H 253 19.49 1.08 60.91
CA GLU H 253 20.25 1.29 59.68
C GLU H 253 20.74 0.00 59.01
N THR H 254 20.32 -1.15 59.53
CA THR H 254 20.51 -2.40 58.77
C THR H 254 19.61 -2.33 57.53
N GLN H 255 20.02 -3.02 56.46
CA GLN H 255 19.29 -2.94 55.20
C GLN H 255 19.00 -4.33 54.68
N VAL H 256 17.82 -4.49 54.05
CA VAL H 256 17.38 -5.77 53.46
C VAL H 256 16.87 -5.56 52.04
N TRP H 257 17.22 -6.48 51.14
CA TRP H 257 16.71 -6.43 49.78
C TRP H 257 15.23 -6.73 49.77
N ARG H 258 14.48 -6.02 48.93
CA ARG H 258 13.05 -6.24 48.79
C ARG H 258 12.76 -6.67 47.36
N GLY H 259 12.11 -7.82 47.21
CA GLY H 259 11.72 -8.34 45.91
C GLY H 259 10.21 -8.36 45.76
N LEU H 260 9.75 -8.47 44.51
CA LEU H 260 8.33 -8.55 44.20
C LEU H 260 8.07 -9.73 43.27
N PRO H 261 6.84 -10.27 43.29
CA PRO H 261 6.52 -11.40 42.39
C PRO H 261 6.26 -10.92 40.98
N ARG H 262 6.39 -11.84 40.04
CA ARG H 262 6.12 -11.58 38.64
C ARG H 262 5.08 -12.57 38.12
N TYR H 263 4.13 -12.05 37.34
CA TYR H 263 3.12 -12.83 36.64
C TYR H 263 3.51 -12.99 35.16
N PHE H 264 3.21 -14.18 34.61
CA PHE H 264 3.44 -14.49 33.18
C PHE H 264 2.16 -15.08 32.60
N ASN H 265 1.88 -14.72 31.34
CA ASN H 265 0.87 -15.38 30.53
C ASN H 265 1.51 -15.63 29.18
N VAL H 266 1.73 -16.88 28.85
CA VAL H 266 2.46 -17.21 27.63
C VAL H 266 1.50 -17.90 26.67
N THR H 267 1.50 -17.47 25.42
CA THR H 267 0.76 -18.16 24.35
C THR H 267 1.70 -19.05 23.54
N LEU H 268 1.28 -20.29 23.31
CA LEU H 268 2.09 -21.25 22.55
C LEU H 268 1.26 -21.88 21.46
N ARG H 269 1.93 -22.36 20.42
CA ARG H 269 1.26 -23.09 19.35
C ARG H 269 1.99 -24.38 19.02
N LYS H 270 1.25 -25.36 18.54
CA LYS H 270 1.84 -26.64 18.14
C LYS H 270 2.58 -26.53 16.82
N ARG H 271 3.75 -27.13 16.74
CA ARG H 271 4.56 -27.11 15.52
C ARG H 271 5.09 -28.49 15.19
N ILE H 272 5.15 -28.81 13.91
CA ILE H 272 5.83 -30.00 13.44
C ILE H 272 7.32 -29.67 13.34
N VAL H 273 8.14 -30.45 14.05
CA VAL H 273 9.59 -30.26 14.04
C VAL H 273 10.31 -31.51 13.54
N LYS H 274 11.20 -31.34 12.56
CA LYS H 274 12.01 -32.44 12.02
C LYS H 274 13.36 -32.54 12.76
N ASN H 275 13.86 -33.77 12.95
CA ASN H 275 15.21 -34.00 13.52
C ASN H 275 15.62 -35.46 13.51
N SER I 2 -17.12 25.13 -15.37
CA SER I 2 -17.61 24.83 -13.99
C SER I 2 -18.29 23.46 -13.92
N HIS I 3 -18.38 22.90 -12.70
CA HIS I 3 -18.89 21.54 -12.50
C HIS I 3 -19.41 21.37 -11.08
N MET I 4 -20.25 20.34 -10.88
CA MET I 4 -20.62 19.91 -9.52
C MET I 4 -19.43 19.25 -8.82
N GLY I 5 -19.16 19.68 -7.59
CA GLY I 5 -18.14 19.05 -6.78
C GLY I 5 -18.47 19.18 -5.31
N GLY I 6 -17.66 18.55 -4.48
CA GLY I 6 -17.87 18.62 -3.04
C GLY I 6 -17.05 19.70 -2.37
N VAL I 7 -17.59 20.24 -1.29
CA VAL I 7 -16.87 21.13 -0.39
C VAL I 7 -17.20 20.68 1.04
N GLU I 8 -16.20 20.61 1.91
CA GLU I 8 -16.43 20.14 3.26
C GLU I 8 -16.91 21.28 4.16
N VAL I 9 -18.16 21.18 4.63
CA VAL I 9 -18.72 22.20 5.50
C VAL I 9 -18.71 21.66 6.95
N LEU I 10 -18.32 22.53 7.90
CA LEU I 10 -18.33 22.17 9.31
C LEU I 10 -19.68 22.46 9.95
N GLU I 11 -20.18 21.50 10.72
CA GLU I 11 -21.44 21.65 11.43
C GLU I 11 -21.45 20.80 12.69
N VAL I 12 -22.41 21.08 13.57
CA VAL I 12 -22.64 20.24 14.74
C VAL I 12 -23.23 18.92 14.23
N ARG I 13 -22.50 17.85 14.52
N ARG I 13 -22.50 17.84 14.50
CA ARG I 13 -22.87 16.51 14.08
CA ARG I 13 -22.91 16.51 14.05
C ARG I 13 -23.16 15.67 15.31
C ARG I 13 -23.14 15.62 15.25
N THR I 14 -24.36 15.11 15.37
CA THR I 14 -24.69 14.18 16.43
C THR I 14 -24.23 12.81 15.96
N GLY I 15 -23.45 12.14 16.79
CA GLY I 15 -22.97 10.79 16.48
C GLY I 15 -24.15 9.86 16.30
N PRO I 16 -23.94 8.68 15.70
CA PRO I 16 -25.07 7.75 15.54
C PRO I 16 -25.69 7.29 16.87
N ASP I 17 -26.87 6.69 16.80
CA ASP I 17 -27.57 6.12 17.95
C ASP I 17 -26.73 5.07 18.68
N ALA I 18 -25.93 4.34 17.92
CA ALA I 18 -25.17 3.20 18.45
C ALA I 18 -23.99 3.60 19.35
N ILE I 19 -23.69 4.90 19.41
CA ILE I 19 -22.52 5.40 20.16
C ILE I 19 -22.93 6.39 21.23
N THR I 20 -22.27 6.30 22.38
CA THR I 20 -22.46 7.24 23.46
C THR I 20 -21.11 7.65 24.08
N GLN I 21 -21.08 8.83 24.70
CA GLN I 21 -19.92 9.30 25.43
C GLN I 21 -20.35 9.66 26.82
N ILE I 22 -19.56 9.27 27.81
CA ILE I 22 -19.84 9.71 29.16
C ILE I 22 -18.62 10.48 29.67
N GLU I 23 -18.86 11.38 30.61
CA GLU I 23 -17.79 12.09 31.29
CA GLU I 23 -17.81 12.11 31.30
C GLU I 23 -18.02 11.96 32.79
N ALA I 24 -16.93 11.87 33.54
CA ALA I 24 -16.98 11.76 34.98
C ALA I 24 -15.66 12.24 35.57
N TYR I 25 -15.71 12.64 36.84
CA TYR I 25 -14.50 12.93 37.60
C TYR I 25 -14.59 12.19 38.92
N LEU I 26 -13.44 11.76 39.41
CA LEU I 26 -13.34 11.04 40.67
C LEU I 26 -12.41 11.83 41.57
N ASN I 27 -12.93 12.27 42.71
CA ASN I 27 -12.07 12.97 43.66
C ASN I 27 -11.18 12.00 44.43
N PRO I 28 -9.98 12.46 44.85
CA PRO I 28 -9.05 11.53 45.49
C PRO I 28 -9.53 11.08 46.86
N ARG I 29 -9.09 9.89 47.29
CA ARG I 29 -9.47 9.34 48.58
C ARG I 29 -8.23 9.05 49.40
N MET I 30 -7.57 10.11 49.86
CA MET I 30 -6.29 10.02 50.55
C MET I 30 -6.41 9.65 52.04
N GLY I 31 -7.63 9.74 52.57
CA GLY I 31 -7.90 9.47 53.97
C GLY I 31 -8.93 10.45 54.49
N ASN I 32 -8.71 11.73 54.20
CA ASN I 32 -9.74 12.75 54.39
C ASN I 32 -10.56 12.76 53.12
N ASN I 33 -11.66 12.00 53.15
CA ASN I 33 -12.44 11.67 51.96
C ASN I 33 -13.75 12.43 51.81
N ILE I 34 -14.04 13.31 52.78
CA ILE I 34 -15.29 14.08 52.81
C ILE I 34 -14.96 15.58 52.66
N PRO I 35 -15.67 16.29 51.76
CA PRO I 35 -15.37 17.70 51.45
C PRO I 35 -15.49 18.68 52.62
N SER I 36 -16.12 18.27 53.73
CA SER I 36 -16.23 19.15 54.89
C SER I 36 -14.93 19.16 55.71
N GLU I 37 -14.08 18.16 55.51
CA GLU I 37 -12.87 18.04 56.32
C GLU I 37 -11.82 19.04 55.88
N ASP I 38 -11.19 19.69 56.87
CA ASP I 38 -10.15 20.69 56.60
C ASP I 38 -9.03 20.20 55.68
N LEU I 39 -8.66 18.92 55.81
CA LEU I 39 -7.59 18.36 54.99
C LEU I 39 -8.11 17.48 53.85
N TYR I 40 -9.33 17.74 53.41
CA TYR I 40 -9.86 17.07 52.20
C TYR I 40 -8.82 17.07 51.09
N GLY I 41 -8.58 15.91 50.49
CA GLY I 41 -7.58 15.78 49.42
C GLY I 41 -6.23 15.32 49.91
N TYR I 42 -6.11 15.18 51.23
CA TYR I 42 -4.87 14.74 51.86
C TYR I 42 -5.16 13.59 52.82
N SER I 43 -4.12 12.83 53.20
CA SER I 43 -4.27 11.93 54.34
C SER I 43 -4.12 12.72 55.65
N ASN I 44 -4.41 12.08 56.78
CA ASN I 44 -3.97 12.58 58.06
C ASN I 44 -2.46 12.36 58.21
N SER I 45 -1.85 12.99 59.22
CA SER I 45 -0.42 12.84 59.47
C SER I 45 -0.03 11.36 59.52
N ILE I 46 0.94 10.97 58.71
CA ILE I 46 1.38 9.58 58.69
C ILE I 46 2.07 9.23 60.04
N ASN I 47 1.50 8.28 60.77
CA ASN I 47 2.08 7.83 62.02
C ASN I 47 2.88 6.55 61.75
N THR I 48 4.16 6.57 62.11
CA THR I 48 5.08 5.48 61.79
C THR I 48 5.09 4.42 62.88
N ALA I 49 5.32 3.16 62.47
CA ALA I 49 5.31 2.03 63.40
C ALA I 49 6.32 2.17 64.53
N PHE I 50 5.98 1.65 65.71
CA PHE I 50 6.96 1.50 66.78
C PHE I 50 7.97 0.42 66.40
N SER I 51 7.46 -0.69 65.88
CA SER I 51 8.28 -1.85 65.55
C SER I 51 7.60 -2.64 64.43
N LYS I 52 8.21 -3.75 64.03
CA LYS I 52 7.58 -4.65 63.05
C LYS I 52 6.26 -5.16 63.60
N ALA I 53 6.30 -5.65 64.84
CA ALA I 53 5.12 -6.22 65.50
C ALA I 53 4.06 -5.17 65.77
N SER I 54 4.50 -3.97 66.13
CA SER I 54 3.58 -2.89 66.51
C SER I 54 3.52 -1.79 65.46
N ASP I 55 2.59 -1.95 64.54
CA ASP I 55 2.50 -1.11 63.35
C ASP I 55 1.02 -0.88 63.06
N THR I 56 0.48 0.19 63.63
CA THR I 56 -0.96 0.47 63.60
C THR I 56 -1.24 1.83 62.93
N PRO I 57 -1.31 1.87 61.57
CA PRO I 57 -1.61 3.17 60.92
C PRO I 57 -2.93 3.74 61.43
N ASN I 58 -2.94 5.03 61.77
CA ASN I 58 -4.15 5.68 62.26
C ASN I 58 -5.24 5.71 61.21
N LYS I 59 -6.47 5.89 61.70
CA LYS I 59 -7.62 6.12 60.83
C LYS I 59 -7.27 7.23 59.84
N ASP I 60 -7.51 6.97 58.57
CA ASP I 60 -7.41 7.99 57.53
C ASP I 60 -5.97 8.46 57.26
N THR I 61 -5.00 7.60 57.54
CA THR I 61 -3.63 7.86 57.11
C THR I 61 -3.26 7.05 55.87
N LEU I 62 -4.22 6.28 55.35
CA LEU I 62 -3.95 5.34 54.24
C LEU I 62 -4.66 5.74 52.95
N PRO I 63 -3.92 6.14 51.91
CA PRO I 63 -4.61 6.42 50.64
C PRO I 63 -5.26 5.16 50.06
N CYS I 64 -6.44 5.34 49.47
CA CYS I 64 -7.25 4.25 48.93
C CYS I 64 -7.64 4.58 47.50
N TYR I 65 -7.98 3.53 46.75
CA TYR I 65 -8.45 3.71 45.38
C TYR I 65 -9.79 4.41 45.32
N SER I 66 -9.99 5.17 44.24
CA SER I 66 -11.27 5.75 43.91
C SER I 66 -11.97 4.84 42.89
N VAL I 67 -13.29 4.74 43.01
CA VAL I 67 -14.10 3.99 42.04
C VAL I 67 -15.45 4.65 41.90
N ALA I 68 -15.91 4.74 40.66
CA ALA I 68 -17.26 5.22 40.37
C ALA I 68 -17.91 4.24 39.42
N VAL I 69 -19.20 4.00 39.63
CA VAL I 69 -19.99 3.14 38.75
C VAL I 69 -20.92 4.07 37.98
N ILE I 70 -20.79 4.06 36.65
CA ILE I 70 -21.62 4.92 35.80
C ILE I 70 -22.72 4.06 35.21
N LYS I 71 -23.96 4.46 35.46
CA LYS I 71 -25.11 3.72 34.95
C LYS I 71 -25.40 4.18 33.53
N LEU I 72 -25.29 3.24 32.61
CA LEU I 72 -25.46 3.53 31.19
C LEU I 72 -26.92 3.33 30.78
N PRO I 73 -27.32 3.91 29.63
CA PRO I 73 -28.71 3.77 29.19
C PRO I 73 -29.11 2.29 29.04
N LEU I 74 -30.27 1.94 29.60
CA LEU I 74 -30.78 0.56 29.62
C LEU I 74 -30.98 0.04 28.19
N LEU I 75 -30.49 -1.17 27.93
CA LEU I 75 -30.47 -1.70 26.57
C LEU I 75 -31.49 -2.81 26.29
N ASN I 76 -31.78 -3.64 27.29
CA ASN I 76 -32.63 -4.84 27.12
C ASN I 76 -33.78 -4.94 28.12
N GLU I 77 -34.93 -5.37 27.65
CA GLU I 77 -36.05 -5.64 28.55
C GLU I 77 -36.31 -7.13 28.71
N ASP I 78 -35.66 -7.93 27.86
CA ASP I 78 -35.94 -9.37 27.71
C ASP I 78 -35.10 -10.28 28.61
N MET I 79 -33.77 -10.15 28.51
CA MET I 79 -32.80 -11.00 29.22
C MET I 79 -33.09 -12.50 29.15
N CYS I 81 -33.84 -13.26 25.50
CA CYS I 81 -33.38 -13.87 24.26
C CYS I 81 -31.95 -14.41 24.40
N ASP I 82 -31.53 -15.15 23.37
CA ASP I 82 -30.21 -15.77 23.34
C ASP I 82 -29.09 -14.78 22.97
N THR I 83 -29.46 -13.64 22.38
CA THR I 83 -28.54 -12.51 22.27
C THR I 83 -29.13 -11.29 22.97
N ILE I 84 -28.23 -10.45 23.48
CA ILE I 84 -28.60 -9.24 24.18
C ILE I 84 -27.73 -8.11 23.63
N LEU I 85 -28.07 -6.87 23.98
CA LEU I 85 -27.21 -5.74 23.64
C LEU I 85 -26.38 -5.37 24.86
N MET I 86 -25.12 -4.99 24.61
CA MET I 86 -24.22 -4.52 25.66
C MET I 86 -23.47 -3.28 25.15
N TRP I 87 -23.14 -2.39 26.08
CA TRP I 87 -22.22 -1.31 25.78
C TRP I 87 -20.81 -1.81 25.82
N GLU I 88 -20.06 -1.49 24.76
CA GLU I 88 -18.62 -1.78 24.67
C GLU I 88 -17.83 -0.49 24.79
N ALA I 89 -16.96 -0.40 25.79
CA ALA I 89 -16.07 0.76 25.94
C ALA I 89 -14.93 0.61 24.93
N VAL I 90 -14.78 1.59 24.04
CA VAL I 90 -13.80 1.46 22.94
C VAL I 90 -12.62 2.40 23.08
N SER I 91 -12.79 3.51 23.81
CA SER I 91 -11.69 4.44 24.01
C SER I 91 -11.94 5.31 25.21
N VAL I 92 -10.86 5.89 25.73
CA VAL I 92 -10.95 6.79 26.88
C VAL I 92 -9.96 7.94 26.69
N LYS I 93 -10.41 9.11 27.12
CA LYS I 93 -9.53 10.24 27.36
C LYS I 93 -9.58 10.50 28.84
N THR I 94 -8.40 10.60 29.45
CA THR I 94 -8.33 10.81 30.88
C THR I 94 -7.21 11.78 31.25
N GLU I 95 -7.46 12.58 32.29
CA GLU I 95 -6.50 13.58 32.73
CA GLU I 95 -6.52 13.62 32.72
C GLU I 95 -6.50 13.73 34.24
N VAL I 96 -5.31 14.01 34.79
CA VAL I 96 -5.20 14.34 36.21
C VAL I 96 -5.49 15.85 36.32
N VAL I 97 -6.40 16.23 37.22
CA VAL I 97 -6.86 17.61 37.35
C VAL I 97 -6.16 18.23 38.55
N GLY I 98 -5.88 19.53 38.47
CA GLY I 98 -5.29 20.25 39.61
C GLY I 98 -3.77 20.14 39.72
N ILE I 99 -3.10 19.73 38.65
CA ILE I 99 -1.63 19.60 38.72
C ILE I 99 -1.01 20.94 39.10
N SER I 100 -1.54 22.02 38.51
CA SER I 100 -1.01 23.35 38.77
C SER I 100 -1.07 23.77 40.26
N SER I 101 -1.98 23.17 41.04
CA SER I 101 -2.08 23.48 42.49
C SER I 101 -0.77 23.18 43.25
N LEU I 102 0.07 22.31 42.67
CA LEU I 102 1.36 21.99 43.29
C LEU I 102 2.42 23.10 43.13
N VAL I 103 2.20 24.01 42.17
CA VAL I 103 3.14 25.12 41.89
C VAL I 103 2.89 26.23 42.92
N ASN I 104 3.29 25.96 44.15
CA ASN I 104 2.92 26.79 45.29
C ASN I 104 4.01 26.59 46.32
N LEU I 105 4.77 27.66 46.58
CA LEU I 105 5.86 27.61 47.56
C LEU I 105 5.57 28.45 48.81
N HIS I 106 4.36 28.99 48.90
CA HIS I 106 3.99 29.79 50.09
C HIS I 106 3.16 29.03 51.12
N GLN I 107 2.58 27.90 50.70
CA GLN I 107 1.84 27.05 51.64
C GLN I 107 2.71 26.72 52.86
N GLY I 108 2.13 26.79 54.05
CA GLY I 108 2.88 26.55 55.30
C GLY I 108 3.52 25.16 55.28
N GLY I 109 4.79 25.09 55.67
CA GLY I 109 5.48 23.82 55.66
C GLY I 109 6.91 23.93 56.10
N LYS I 110 7.75 23.07 55.58
CA LYS I 110 9.16 23.05 55.91
C LYS I 110 9.87 24.01 54.93
N TYR I 111 10.78 24.84 55.42
CA TYR I 111 11.53 25.73 54.51
C TYR I 111 12.52 24.95 53.64
N ILE I 112 12.67 25.40 52.39
CA ILE I 112 13.64 24.80 51.48
C ILE I 112 15.07 25.05 52.00
N TYR I 113 15.32 26.28 52.43
CA TYR I 113 16.57 26.63 53.10
C TYR I 113 16.18 27.12 54.49
N GLY I 114 16.49 28.38 54.81
CA GLY I 114 16.08 28.99 56.10
C GLY I 114 14.71 29.62 56.04
N SER I 115 14.35 30.38 57.07
CA SER I 115 13.00 30.92 57.17
C SER I 115 12.65 32.03 56.17
N SER I 116 13.65 32.52 55.42
CA SER I 116 13.39 33.49 54.35
C SER I 116 12.98 32.89 53.01
N SER I 117 13.14 31.57 52.88
CA SER I 117 12.92 30.87 51.61
C SER I 117 11.49 30.35 51.47
N GLY I 118 11.13 29.90 50.27
CA GLY I 118 9.88 29.19 50.07
C GLY I 118 9.81 27.86 50.85
N CYS I 119 8.62 27.28 50.90
CA CYS I 119 8.46 26.00 51.58
C CYS I 119 8.55 24.81 50.62
N VAL I 120 9.07 23.70 51.12
CA VAL I 120 9.21 22.49 50.30
C VAL I 120 7.85 22.05 49.72
N PRO I 121 7.76 21.89 48.40
CA PRO I 121 6.51 21.51 47.77
C PRO I 121 6.25 20.01 47.92
N VAL I 122 5.12 19.56 47.40
CA VAL I 122 4.72 18.14 47.47
C VAL I 122 5.74 17.32 46.68
N GLN I 123 6.31 16.32 47.34
CA GLN I 123 7.30 15.47 46.68
C GLN I 123 7.40 14.10 47.39
N GLY I 124 8.23 13.22 46.85
CA GLY I 124 8.32 11.85 47.35
C GLY I 124 7.62 10.87 46.43
N THR I 125 7.18 9.76 47.02
CA THR I 125 6.51 8.68 46.30
C THR I 125 5.23 9.09 45.56
N THR I 126 5.15 8.70 44.28
CA THR I 126 3.97 8.97 43.46
C THR I 126 3.39 7.66 42.90
N TYR I 127 2.08 7.64 42.71
CA TYR I 127 1.39 6.45 42.22
C TYR I 127 0.18 6.91 41.46
N HIS I 128 0.19 6.66 40.15
CA HIS I 128 -0.86 7.09 39.26
C HIS I 128 -1.35 5.89 38.50
N MET I 129 -2.63 5.60 38.60
CA MET I 129 -3.21 4.51 37.82
C MET I 129 -4.67 4.81 37.49
N PHE I 130 -5.13 4.27 36.38
CA PHE I 130 -6.54 4.30 36.07
C PHE I 130 -6.95 2.98 35.43
N ALA I 131 -8.23 2.66 35.54
CA ALA I 131 -8.81 1.49 34.91
C ALA I 131 -10.17 1.86 34.35
N VAL I 132 -10.54 1.21 33.24
CA VAL I 132 -11.88 1.28 32.67
C VAL I 132 -12.33 -0.16 32.44
N GLY I 133 -13.49 -0.54 32.99
CA GLY I 133 -13.95 -1.93 32.89
C GLY I 133 -15.45 -2.05 32.90
N GLY I 134 -15.94 -3.24 32.54
CA GLY I 134 -17.37 -3.49 32.52
C GLY I 134 -17.87 -4.19 33.77
N GLU I 135 -17.04 -4.15 34.83
CA GLU I 135 -17.26 -4.85 36.10
C GLU I 135 -16.15 -4.36 37.05
N PRO I 136 -16.24 -4.64 38.37
CA PRO I 136 -15.22 -4.12 39.29
C PRO I 136 -13.79 -4.55 38.94
N LEU I 137 -12.82 -3.63 39.12
CA LEU I 137 -11.41 -4.01 38.97
C LEU I 137 -11.10 -5.14 39.96
N GLU I 138 -10.48 -6.21 39.46
CA GLU I 138 -10.09 -7.32 40.34
C GLU I 138 -8.71 -7.07 40.96
N LEU I 139 -8.61 -7.24 42.28
CA LEU I 139 -7.42 -6.87 43.06
C LEU I 139 -6.71 -8.08 43.64
N GLN I 140 -5.39 -7.98 43.72
CA GLN I 140 -4.52 -8.91 44.45
C GLN I 140 -3.95 -8.19 45.69
N GLY I 141 -4.02 -8.85 46.85
CA GLY I 141 -3.40 -8.30 48.07
C GLY I 141 -1.92 -8.62 48.14
N LEU I 142 -1.13 -7.64 48.57
CA LEU I 142 0.31 -7.82 48.83
C LEU I 142 0.79 -6.62 49.63
N VAL I 143 1.43 -6.88 50.78
CA VAL I 143 1.85 -5.81 51.70
C VAL I 143 3.36 -5.81 51.99
N ALA I 144 3.88 -4.65 52.42
CA ALA I 144 5.26 -4.58 52.90
C ALA I 144 5.48 -5.40 54.18
N SER I 145 4.48 -5.43 55.06
CA SER I 145 4.58 -6.12 56.34
C SER I 145 3.27 -6.77 56.74
N SER I 146 3.30 -8.09 56.94
CA SER I 146 2.12 -8.85 57.32
C SER I 146 1.69 -8.63 58.78
N THR I 147 2.55 -7.97 59.55
CA THR I 147 2.29 -7.78 60.97
C THR I 147 1.69 -6.39 61.26
N ALA I 148 1.41 -5.66 60.19
CA ALA I 148 0.65 -4.41 60.29
C ALA I 148 -0.78 -4.69 60.73
N THR I 149 -1.31 -3.83 61.58
CA THR I 149 -2.73 -3.89 61.96
C THR I 149 -3.49 -2.79 61.20
N TYR I 150 -4.39 -3.18 60.30
CA TYR I 150 -5.12 -2.19 59.50
C TYR I 150 -6.37 -1.62 60.19
N PRO I 151 -6.64 -0.31 60.01
CA PRO I 151 -7.78 0.30 60.72
C PRO I 151 -9.11 -0.27 60.27
N ASP I 152 -10.14 -0.06 61.10
CA ASP I 152 -11.46 -0.65 60.87
CA ASP I 152 -11.47 -0.66 60.87
C ASP I 152 -12.21 -0.13 59.64
N ASP I 153 -11.87 1.07 59.20
CA ASP I 153 -12.58 1.71 58.08
C ASP I 153 -12.01 1.38 56.68
N VAL I 154 -11.01 0.49 56.60
CA VAL I 154 -10.48 0.03 55.30
C VAL I 154 -10.60 -1.49 55.13
N VAL I 155 -10.58 -1.96 53.88
CA VAL I 155 -10.68 -3.40 53.61
C VAL I 155 -9.27 -3.95 53.52
N ALA I 156 -8.94 -4.87 54.41
CA ALA I 156 -7.60 -5.43 54.51
C ALA I 156 -7.62 -6.89 54.06
N ILE I 157 -6.45 -7.47 53.87
CA ILE I 157 -6.32 -8.89 53.57
C ILE I 157 -6.82 -9.68 54.78
N LYS I 158 -7.73 -10.63 54.55
CA LYS I 158 -8.24 -11.53 55.61
C LYS I 158 -7.19 -12.57 56.03
N ASN I 159 -7.16 -12.88 57.33
CA ASN I 159 -6.23 -13.87 57.88
C ASN I 159 -4.78 -13.62 57.45
N MET I 160 -4.32 -12.38 57.61
CA MET I 160 -3.02 -11.98 57.09
C MET I 160 -1.86 -12.78 57.71
N LYS I 161 -0.93 -13.20 56.85
CA LYS I 161 0.20 -14.07 57.21
C LYS I 161 1.46 -13.57 56.50
N PRO I 162 2.66 -14.01 56.93
CA PRO I 162 3.90 -13.56 56.28
C PRO I 162 3.93 -13.77 54.75
N GLY I 163 3.25 -14.82 54.29
CA GLY I 163 3.09 -15.10 52.86
C GLY I 163 2.48 -13.98 52.06
N ASN I 164 1.74 -13.09 52.74
CA ASN I 164 1.13 -11.92 52.08
C ASN I 164 2.15 -10.81 51.78
N GLN I 165 3.40 -11.01 52.21
CA GLN I 165 4.52 -10.17 51.75
C GLN I 165 4.97 -10.55 50.34
N GLY I 166 4.52 -11.73 49.89
CA GLY I 166 4.57 -12.12 48.48
C GLY I 166 3.16 -12.33 47.94
N LEU I 167 3.04 -13.06 46.84
CA LEU I 167 1.75 -13.29 46.20
C LEU I 167 1.10 -14.56 46.74
N ASP I 168 0.03 -14.40 47.51
CA ASP I 168 -0.79 -15.52 47.95
C ASP I 168 -2.12 -15.45 47.22
N PRO I 169 -2.47 -16.52 46.48
CA PRO I 169 -3.65 -16.49 45.61
C PRO I 169 -4.99 -16.38 46.38
N LYS I 170 -4.96 -16.57 47.69
CA LYS I 170 -6.17 -16.39 48.51
C LYS I 170 -6.49 -14.91 48.76
N ALA I 171 -5.47 -14.05 48.68
CA ALA I 171 -5.67 -12.63 48.98
C ALA I 171 -6.21 -11.90 47.75
N LYS I 172 -7.51 -12.02 47.53
CA LYS I 172 -8.14 -11.39 46.37
C LYS I 172 -9.35 -10.57 46.78
N ALA I 173 -9.63 -9.51 46.02
CA ALA I 173 -10.79 -8.67 46.28
C ALA I 173 -11.28 -7.99 45.01
N LEU I 174 -12.43 -7.34 45.11
CA LEU I 174 -12.98 -6.53 44.04
C LEU I 174 -12.96 -5.08 44.47
N LEU I 175 -12.61 -4.19 43.55
CA LEU I 175 -12.68 -2.75 43.82
C LEU I 175 -14.13 -2.27 43.67
N ASP I 176 -14.90 -2.49 44.73
CA ASP I 176 -16.35 -2.28 44.68
C ASP I 176 -16.82 -1.22 45.68
N LYS I 177 -15.89 -0.54 46.33
CA LYS I 177 -16.21 0.53 47.27
C LYS I 177 -15.21 1.66 47.10
N ASP I 178 -15.71 2.87 46.99
CA ASP I 178 -14.88 4.05 46.85
C ASP I 178 -14.19 4.38 48.19
N GLY I 179 -12.89 4.63 48.13
CA GLY I 179 -12.12 5.07 49.31
C GLY I 179 -12.03 4.10 50.47
N LYS I 180 -12.01 2.80 50.16
CA LYS I 180 -11.99 1.74 51.17
C LYS I 180 -10.83 0.76 51.01
N TYR I 181 -10.28 0.65 49.80
CA TYR I 181 -9.23 -0.34 49.51
C TYR I 181 -7.86 0.36 49.48
N PRO I 182 -7.01 0.09 50.49
CA PRO I 182 -5.75 0.82 50.49
C PRO I 182 -4.82 0.47 49.32
N VAL I 183 -4.25 1.52 48.75
CA VAL I 183 -3.20 1.40 47.72
C VAL I 183 -2.06 0.47 48.19
N GLU I 184 -1.60 0.64 49.44
CA GLU I 184 -0.46 -0.17 49.92
C GLU I 184 -0.78 -1.65 50.17
N VAL I 185 -2.06 -2.02 50.04
CA VAL I 185 -2.49 -3.39 50.32
C VAL I 185 -2.89 -4.12 49.03
N TRP I 186 -3.49 -3.38 48.09
CA TRP I 186 -4.12 -3.95 46.90
C TRP I 186 -3.52 -3.40 45.63
N CYS I 187 -3.27 -4.29 44.67
CA CYS I 187 -2.88 -3.89 43.32
C CYS I 187 -3.75 -4.64 42.32
N PRO I 188 -3.76 -4.19 41.06
CA PRO I 188 -4.54 -4.95 40.07
C PRO I 188 -4.09 -6.40 39.97
N ASP I 189 -5.05 -7.31 39.83
CA ASP I 189 -4.75 -8.75 39.71
C ASP I 189 -4.52 -9.07 38.23
N PRO I 190 -3.26 -9.29 37.82
CA PRO I 190 -2.97 -9.55 36.40
C PRO I 190 -3.47 -10.93 35.92
N SER I 191 -3.79 -11.84 36.85
CA SER I 191 -4.33 -13.14 36.47
C SER I 191 -5.83 -13.11 36.12
N LYS I 192 -6.48 -11.97 36.34
CA LYS I 192 -7.89 -11.82 35.99
C LYS I 192 -8.05 -10.57 35.13
N ASN I 193 -9.07 -9.77 35.39
CA ASN I 193 -9.26 -8.50 34.70
C ASN I 193 -9.37 -8.57 33.17
N GLU I 194 -9.88 -9.68 32.66
CA GLU I 194 -10.15 -9.89 31.23
CA GLU I 194 -10.04 -9.80 31.21
C GLU I 194 -11.07 -8.82 30.65
N ASN I 195 -11.95 -8.29 31.51
CA ASN I 195 -12.96 -7.34 31.09
C ASN I 195 -12.67 -5.92 31.57
N THR I 196 -11.40 -5.65 31.89
CA THR I 196 -10.95 -4.33 32.36
C THR I 196 -9.62 -3.98 31.69
N ARG I 197 -9.38 -2.71 31.43
CA ARG I 197 -8.06 -2.25 30.99
C ARG I 197 -7.52 -1.35 32.07
N TYR I 198 -6.29 -1.60 32.52
CA TYR I 198 -5.70 -0.73 33.54
C TYR I 198 -4.28 -0.35 33.14
N TYR I 199 -3.83 0.82 33.63
CA TYR I 199 -2.54 1.40 33.30
C TYR I 199 -2.07 2.13 34.55
N GLY I 200 -0.83 1.86 34.97
CA GLY I 200 -0.29 2.45 36.20
C GLY I 200 1.18 2.78 36.10
N SER I 201 1.58 3.82 36.84
CA SER I 201 2.97 4.26 36.93
CA SER I 201 2.97 4.27 36.93
C SER I 201 3.32 4.55 38.38
N PHE I 202 4.47 4.03 38.81
CA PHE I 202 4.96 4.25 40.19
C PHE I 202 6.37 4.79 40.16
N THR I 203 6.64 5.80 41.00
N THR I 203 6.61 5.82 40.97
CA THR I 203 8.01 6.20 41.25
CA THR I 203 7.98 6.21 41.29
C THR I 203 8.18 6.46 42.74
C THR I 203 8.07 6.30 42.79
N GLY I 204 9.17 5.80 43.34
CA GLY I 204 9.35 5.79 44.77
C GLY I 204 10.25 6.90 45.24
N GLY I 205 10.93 6.65 46.37
CA GLY I 205 11.94 7.56 46.88
C GLY I 205 11.37 8.45 47.97
N ALA I 206 12.24 8.93 48.85
CA ALA I 206 11.83 9.73 49.98
C ALA I 206 11.32 11.13 49.60
N THR I 207 12.03 11.80 48.69
CA THR I 207 11.80 13.23 48.39
C THR I 207 11.80 13.52 46.89
N THR I 208 11.47 12.52 46.09
CA THR I 208 11.53 12.60 44.64
C THR I 208 10.60 13.67 44.03
N PRO I 209 11.10 14.49 43.09
CA PRO I 209 10.26 15.44 42.38
C PRO I 209 9.15 14.71 41.61
N PRO I 210 7.89 15.14 41.78
CA PRO I 210 6.81 14.59 40.95
C PRO I 210 6.87 15.11 39.53
N VAL I 211 6.43 14.29 38.58
CA VAL I 211 6.41 14.65 37.17
C VAL I 211 5.01 14.30 36.65
N MET I 212 4.30 15.29 36.10
CA MET I 212 2.96 15.06 35.54
C MET I 212 2.72 15.90 34.30
N GLN I 213 2.05 15.29 33.32
CA GLN I 213 1.69 15.95 32.07
CA GLN I 213 1.69 16.00 32.10
C GLN I 213 0.18 16.12 32.04
N PHE I 214 -0.30 17.08 31.24
CA PHE I 214 -1.74 17.24 31.03
C PHE I 214 -2.00 17.77 29.63
N THR I 215 -2.96 17.16 28.95
CA THR I 215 -3.35 17.61 27.62
C THR I 215 -4.73 17.07 27.33
N ASN I 216 -5.47 17.74 26.44
CA ASN I 216 -6.75 17.21 25.99
C ASN I 216 -6.63 16.55 24.61
N SER I 217 -5.42 16.21 24.20
CA SER I 217 -5.17 15.72 22.83
C SER I 217 -4.97 14.20 22.71
N VAL I 218 -5.02 13.47 23.82
CA VAL I 218 -4.61 12.05 23.83
C VAL I 218 -5.78 11.11 24.09
N THR I 219 -5.91 10.08 23.24
CA THR I 219 -6.97 9.07 23.39
C THR I 219 -6.28 7.72 23.52
N THR I 220 -6.74 6.90 24.47
CA THR I 220 -6.26 5.52 24.62
C THR I 220 -7.33 4.56 24.15
N VAL I 221 -6.97 3.68 23.21
CA VAL I 221 -7.90 2.69 22.67
C VAL I 221 -8.03 1.55 23.68
N LEU I 222 -9.25 1.10 23.93
CA LEU I 222 -9.50 0.11 24.97
C LEU I 222 -9.67 -1.30 24.42
N LEU I 223 -9.54 -1.47 23.11
CA LEU I 223 -9.72 -2.80 22.53
C LEU I 223 -8.55 -3.70 22.91
N ASP I 224 -8.86 -4.97 23.23
CA ASP I 224 -7.82 -5.93 23.60
C ASP I 224 -7.19 -6.55 22.34
N GLU I 225 -6.40 -7.62 22.52
CA GLU I 225 -5.71 -8.31 21.43
CA GLU I 225 -5.72 -8.25 21.39
C GLU I 225 -6.68 -8.93 20.42
N ASN I 226 -7.91 -9.15 20.85
CA ASN I 226 -8.95 -9.74 19.98
C ASN I 226 -9.90 -8.69 19.38
N GLY I 227 -9.57 -7.43 19.59
CA GLY I 227 -10.32 -6.30 19.03
C GLY I 227 -11.56 -5.96 19.82
N VAL I 228 -11.62 -6.41 21.08
CA VAL I 228 -12.82 -6.24 21.93
C VAL I 228 -12.52 -5.36 23.13
N GLY I 229 -13.37 -4.34 23.35
CA GLY I 229 -13.27 -3.50 24.55
C GLY I 229 -14.03 -4.10 25.73
N PRO I 230 -13.90 -3.50 26.93
CA PRO I 230 -14.69 -3.93 28.08
C PRO I 230 -16.20 -3.90 27.77
N LEU I 231 -16.90 -4.92 28.21
CA LEU I 231 -18.34 -5.04 28.00
C LEU I 231 -19.06 -4.81 29.32
N CYS I 232 -19.95 -3.82 29.33
CA CYS I 232 -20.55 -3.35 30.58
C CYS I 232 -21.71 -4.21 31.06
N LYS I 233 -21.40 -5.06 32.04
CA LYS I 233 -22.37 -6.01 32.58
C LYS I 233 -23.43 -5.25 33.36
N GLY I 234 -24.69 -5.54 33.05
CA GLY I 234 -25.83 -4.86 33.68
C GLY I 234 -25.84 -3.37 33.36
N ASP I 235 -25.19 -3.01 32.25
CA ASP I 235 -25.14 -1.63 31.75
C ASP I 235 -24.45 -0.70 32.73
N LYS I 236 -23.41 -1.21 33.40
CA LYS I 236 -22.62 -0.41 34.35
C LYS I 236 -21.20 -0.30 33.87
N LEU I 237 -20.65 0.91 33.91
CA LEU I 237 -19.26 1.14 33.53
C LEU I 237 -18.48 1.47 34.80
N PHE I 238 -17.36 0.79 35.02
CA PHE I 238 -16.52 1.00 36.20
C PHE I 238 -15.29 1.82 35.84
N LEU I 239 -15.12 2.93 36.54
CA LEU I 239 -13.94 3.80 36.42
C LEU I 239 -13.20 3.74 37.73
N SER I 240 -11.92 3.41 37.69
CA SER I 240 -11.14 3.25 38.91
C SER I 240 -9.86 4.04 38.78
N CYS I 241 -9.34 4.59 39.87
CA CYS I 241 -8.07 5.28 39.77
C CYS I 241 -7.42 5.50 41.13
N ALA I 242 -6.14 5.87 41.10
CA ALA I 242 -5.49 6.44 42.28
C ALA I 242 -4.46 7.41 41.72
N ASP I 243 -4.42 8.61 42.28
CA ASP I 243 -3.45 9.60 41.84
C ASP I 243 -2.80 10.30 43.02
N ILE I 244 -1.78 9.64 43.56
CA ILE I 244 -1.00 10.15 44.67
C ILE I 244 0.12 10.99 44.08
N ALA I 245 0.07 12.29 44.35
CA ALA I 245 1.01 13.25 43.80
C ALA I 245 2.32 13.31 44.59
N GLY I 246 2.28 12.86 45.84
CA GLY I 246 3.44 12.88 46.74
C GLY I 246 2.99 13.17 48.16
N VAL I 247 3.93 13.59 49.00
CA VAL I 247 3.59 14.00 50.36
C VAL I 247 3.91 15.46 50.59
N HIS I 248 3.03 16.13 51.34
CA HIS I 248 3.32 17.46 51.85
C HIS I 248 3.90 17.35 53.22
N THR I 249 4.98 18.08 53.47
CA THR I 249 5.65 18.08 54.77
C THR I 249 5.28 19.34 55.52
N ASN I 250 4.77 19.18 56.74
CA ASN I 250 4.38 20.32 57.57
C ASN I 250 5.56 20.91 58.32
N TYR I 251 5.40 22.11 58.89
CA TYR I 251 6.50 22.72 59.66
C TYR I 251 7.08 21.78 60.73
N SER I 252 6.21 21.08 61.46
CA SER I 252 6.62 20.12 62.50
C SER I 252 7.30 18.87 61.95
N GLU I 253 7.27 18.75 60.62
CA GLU I 253 7.80 17.61 59.84
C GLU I 253 6.90 16.39 59.81
N THR I 254 5.67 16.51 60.33
CA THR I 254 4.65 15.52 60.00
C THR I 254 4.42 15.60 58.51
N GLN I 255 3.96 14.50 57.93
CA GLN I 255 3.83 14.40 56.49
C GLN I 255 2.45 13.83 56.17
N VAL I 256 1.82 14.36 55.12
CA VAL I 256 0.51 13.88 54.66
C VAL I 256 0.55 13.57 53.16
N TRP I 257 -0.05 12.45 52.77
CA TRP I 257 -0.25 12.15 51.36
C TRP I 257 -1.12 13.19 50.69
N ARG I 258 -0.78 13.55 49.46
CA ARG I 258 -1.58 14.47 48.67
C ARG I 258 -2.03 13.78 47.38
N GLY I 259 -3.35 13.75 47.15
CA GLY I 259 -3.92 13.18 45.95
C GLY I 259 -4.60 14.22 45.10
N LEU I 260 -4.81 13.88 43.82
CA LEU I 260 -5.47 14.77 42.87
C LEU I 260 -6.63 14.03 42.18
N PRO I 261 -7.68 14.77 41.73
CA PRO I 261 -8.81 14.18 41.00
C PRO I 261 -8.43 13.78 39.58
N ARG I 262 -9.21 12.85 39.03
CA ARG I 262 -9.01 12.37 37.66
C ARG I 262 -10.31 12.48 36.89
N TYR I 263 -10.19 13.00 35.68
CA TYR I 263 -11.30 13.13 34.75
C TYR I 263 -11.25 11.98 33.77
N PHE I 264 -12.42 11.47 33.38
CA PHE I 264 -12.56 10.40 32.39
C PHE I 264 -13.58 10.83 31.33
N ASN I 265 -13.29 10.53 30.07
CA ASN I 265 -14.25 10.70 28.97
C ASN I 265 -14.19 9.40 28.19
N VAL I 266 -15.25 8.60 28.29
CA VAL I 266 -15.26 7.26 27.67
C VAL I 266 -16.27 7.19 26.53
N THR I 267 -15.85 6.63 25.38
CA THR I 267 -16.71 6.40 24.25
C THR I 267 -17.11 4.93 24.24
N LEU I 268 -18.40 4.69 24.03
CA LEU I 268 -18.93 3.33 24.05
C LEU I 268 -19.82 3.09 22.83
N ARG I 269 -19.92 1.84 22.41
CA ARG I 269 -20.81 1.49 21.29
C ARG I 269 -21.66 0.28 21.67
N LYS I 270 -22.89 0.24 21.15
CA LYS I 270 -23.79 -0.87 21.40
C LYS I 270 -23.32 -2.07 20.62
N ARG I 271 -23.29 -3.24 21.24
CA ARG I 271 -22.93 -4.48 20.54
C ARG I 271 -23.94 -5.58 20.80
N ILE I 272 -24.15 -6.43 19.79
CA ILE I 272 -24.93 -7.64 19.95
C ILE I 272 -23.99 -8.70 20.54
N VAL I 273 -24.39 -9.28 21.66
CA VAL I 273 -23.60 -10.26 22.38
C VAL I 273 -24.45 -11.49 22.64
N LYS I 274 -23.89 -12.66 22.39
CA LYS I 274 -24.57 -13.92 22.72
C LYS I 274 -24.79 -13.97 24.25
N ASN I 275 -26.03 -14.24 24.65
CA ASN I 275 -26.43 -14.18 26.06
C ASN I 275 -25.72 -15.25 26.89
N PRO I 276 -24.98 -14.84 27.94
CA PRO I 276 -24.31 -15.76 28.89
C PRO I 276 -25.23 -16.85 29.45
N GLY J 1 16.89 10.94 -27.01
CA GLY J 1 17.62 11.85 -26.08
C GLY J 1 16.74 12.97 -25.54
N SER J 2 16.53 13.98 -26.39
CA SER J 2 15.79 15.19 -26.00
C SER J 2 14.28 14.99 -25.85
N HIS J 3 13.73 15.45 -24.73
CA HIS J 3 12.29 15.40 -24.50
C HIS J 3 11.88 16.52 -23.58
N MET J 4 10.60 16.89 -23.62
CA MET J 4 10.08 17.85 -22.65
C MET J 4 9.91 17.12 -21.35
N GLY J 5 10.38 17.74 -20.27
CA GLY J 5 10.26 17.17 -18.94
C GLY J 5 10.25 18.29 -17.93
N GLY J 6 9.99 17.94 -16.67
CA GLY J 6 9.93 18.93 -15.58
C GLY J 6 11.25 19.10 -14.85
N VAL J 7 11.46 20.31 -14.32
CA VAL J 7 12.53 20.59 -13.37
C VAL J 7 11.91 21.44 -12.27
N GLU J 8 12.25 21.15 -11.01
CA GLU J 8 11.70 21.89 -9.89
CA GLU J 8 11.69 21.92 -9.90
C GLU J 8 12.52 23.14 -9.61
N VAL J 9 11.90 24.31 -9.77
CA VAL J 9 12.52 25.60 -9.53
C VAL J 9 12.02 26.14 -8.18
N LEU J 10 12.92 26.72 -7.40
CA LEU J 10 12.51 27.32 -6.14
C LEU J 10 12.16 28.78 -6.33
N GLU J 11 11.07 29.21 -5.71
CA GLU J 11 10.64 30.61 -5.80
C GLU J 11 9.78 30.97 -4.60
N VAL J 12 9.62 32.27 -4.37
CA VAL J 12 8.70 32.75 -3.36
C VAL J 12 7.28 32.43 -3.83
N ARG J 13 6.57 31.71 -2.98
CA ARG J 13 5.19 31.37 -3.22
C ARG J 13 4.37 32.06 -2.15
N THR J 14 3.31 32.75 -2.57
CA THR J 14 2.34 33.27 -1.63
C THR J 14 1.24 32.23 -1.56
N GLY J 15 0.89 31.81 -0.34
CA GLY J 15 -0.13 30.79 -0.13
C GLY J 15 -1.47 31.21 -0.69
N PRO J 16 -2.45 30.28 -0.71
CA PRO J 16 -3.78 30.68 -1.16
C PRO J 16 -4.43 31.72 -0.22
N ASP J 17 -5.42 32.45 -0.73
CA ASP J 17 -6.19 33.42 0.07
C ASP J 17 -6.85 32.75 1.28
N ALA J 18 -7.09 31.45 1.17
CA ALA J 18 -7.80 30.70 2.21
C ALA J 18 -6.98 30.45 3.49
N ILE J 19 -5.66 30.60 3.40
CA ILE J 19 -4.76 30.26 4.50
C ILE J 19 -4.05 31.52 5.00
N THR J 20 -3.90 31.61 6.32
CA THR J 20 -3.14 32.70 6.92
C THR J 20 -2.24 32.20 8.05
N GLN J 21 -1.15 32.93 8.31
CA GLN J 21 -0.27 32.64 9.43
C GLN J 21 -0.21 33.85 10.32
N ILE J 22 -0.22 33.62 11.62
CA ILE J 22 0.02 34.71 12.54
C ILE J 22 1.18 34.36 13.49
N GLU J 23 1.90 35.38 13.92
CA GLU J 23 2.97 35.22 14.87
C GLU J 23 2.70 36.13 16.03
N ALA J 24 3.03 35.68 17.23
CA ALA J 24 2.86 36.47 18.44
C ALA J 24 3.82 35.96 19.50
N TYR J 25 4.19 36.83 20.43
CA TYR J 25 4.90 36.38 21.62
C TYR J 25 4.15 36.87 22.84
N LEU J 26 4.23 36.11 23.93
CA LEU J 26 3.62 36.49 25.18
C LEU J 26 4.68 36.52 26.25
N ASN J 27 4.88 37.69 26.84
CA ASN J 27 5.80 37.82 27.94
C ASN J 27 5.26 37.23 29.25
N PRO J 28 6.15 36.74 30.11
CA PRO J 28 5.68 36.04 31.31
C PRO J 28 5.02 36.97 32.33
N ARG J 29 4.11 36.43 33.15
CA ARG J 29 3.41 37.21 34.16
C ARG J 29 3.61 36.58 35.53
N MET J 30 4.81 36.76 36.06
CA MET J 30 5.22 36.10 37.30
C MET J 30 4.84 36.88 38.56
N GLY J 31 4.39 38.13 38.38
CA GLY J 31 4.06 39.01 39.50
C GLY J 31 4.52 40.42 39.21
N ASN J 32 5.79 40.55 38.82
CA ASN J 32 6.26 41.80 38.23
C ASN J 32 5.97 41.75 36.74
N ASN J 33 4.88 42.39 36.37
CA ASN J 33 4.29 42.21 35.03
C ASN J 33 4.46 43.42 34.12
N ILE J 34 5.00 44.50 34.68
CA ILE J 34 5.20 45.77 33.99
C ILE J 34 6.70 45.92 33.65
N PRO J 35 7.03 46.15 32.37
CA PRO J 35 8.43 46.23 31.93
C PRO J 35 9.32 47.22 32.68
N SER J 36 8.72 48.23 33.32
CA SER J 36 9.48 49.24 34.06
C SER J 36 9.95 48.76 35.45
N GLU J 37 9.38 47.65 35.92
CA GLU J 37 9.73 47.08 37.22
C GLU J 37 11.11 46.44 37.22
N ASP J 38 11.89 46.70 38.27
CA ASP J 38 13.25 46.13 38.39
C ASP J 38 13.28 44.62 38.15
N LEU J 39 12.30 43.90 38.72
CA LEU J 39 12.25 42.44 38.68
C LEU J 39 11.26 41.93 37.64
N TYR J 40 11.02 42.75 36.61
CA TYR J 40 10.20 42.31 35.48
C TYR J 40 10.63 40.91 35.03
N GLY J 41 9.66 40.01 34.94
CA GLY J 41 9.93 38.62 34.52
C GLY J 41 10.11 37.66 35.68
N TYR J 42 10.05 38.19 36.90
CA TYR J 42 10.12 37.40 38.12
C TYR J 42 8.94 37.76 39.03
N SER J 43 8.64 36.91 40.01
CA SER J 43 7.76 37.31 41.11
C SER J 43 8.52 38.20 42.11
N ASN J 44 7.80 38.86 43.02
CA ASN J 44 8.41 39.39 44.23
C ASN J 44 8.76 38.22 45.17
N SER J 45 9.53 38.50 46.23
CA SER J 45 9.95 37.43 47.13
C SER J 45 8.76 36.65 47.67
N ILE J 46 8.85 35.32 47.61
CA ILE J 46 7.77 34.45 48.05
C ILE J 46 7.64 34.53 49.55
N ASN J 47 6.49 34.99 50.03
CA ASN J 47 6.28 35.08 51.48
C ASN J 47 5.47 33.87 51.92
N THR J 48 6.00 33.10 52.87
CA THR J 48 5.36 31.85 53.27
C THR J 48 4.33 32.08 54.37
N ALA J 49 3.36 31.16 54.45
CA ALA J 49 2.29 31.23 55.43
C ALA J 49 2.81 31.21 56.87
N PHE J 50 2.15 31.93 57.75
CA PHE J 50 2.43 31.76 59.19
C PHE J 50 1.87 30.42 59.67
N SER J 51 0.75 30.00 59.11
CA SER J 51 0.05 28.79 59.55
C SER J 51 -0.93 28.41 58.45
N LYS J 52 -1.65 27.30 58.61
CA LYS J 52 -2.70 26.98 57.62
C LYS J 52 -3.81 28.03 57.63
N ALA J 53 -4.19 28.49 58.82
CA ALA J 53 -5.24 29.51 58.93
C ALA J 53 -4.80 30.87 58.40
N SER J 54 -3.50 31.19 58.51
CA SER J 54 -2.99 32.50 58.14
C SER J 54 -1.97 32.40 57.02
N ASP J 55 -2.46 32.51 55.79
CA ASP J 55 -1.68 32.30 54.59
C ASP J 55 -2.10 33.35 53.56
N THR J 56 -1.34 34.44 53.49
CA THR J 56 -1.71 35.60 52.70
C THR J 56 -0.54 35.98 51.78
N PRO J 57 -0.47 35.37 50.58
CA PRO J 57 0.60 35.71 49.65
C PRO J 57 0.60 37.21 49.36
N ASN J 58 1.78 37.82 49.32
CA ASN J 58 1.87 39.25 49.07
C ASN J 58 1.50 39.54 47.64
N LYS J 59 1.15 40.80 47.40
CA LYS J 59 0.95 41.31 46.05
C LYS J 59 2.13 40.90 45.15
N ASP J 60 1.80 40.32 44.00
CA ASP J 60 2.79 40.01 42.97
C ASP J 60 3.81 38.92 43.33
N THR J 61 3.42 38.01 44.22
CA THR J 61 4.22 36.81 44.50
C THR J 61 3.67 35.54 43.82
N LEU J 62 2.56 35.69 43.09
CA LEU J 62 1.87 34.56 42.45
C LEU J 62 1.93 34.61 40.92
N PRO J 63 2.68 33.67 40.31
CA PRO J 63 2.67 33.58 38.85
C PRO J 63 1.26 33.35 38.30
N CYS J 64 0.95 34.04 37.20
CA CYS J 64 -0.35 33.93 36.55
C CYS J 64 -0.19 33.52 35.10
N TYR J 65 -1.27 33.01 34.51
CA TYR J 65 -1.24 32.62 33.11
C TYR J 65 -1.14 33.87 32.23
N SER J 66 -0.46 33.73 31.10
CA SER J 66 -0.50 34.76 30.05
C SER J 66 -1.63 34.43 29.07
N VAL J 67 -2.29 35.45 28.53
CA VAL J 67 -3.23 35.25 27.42
C VAL J 67 -3.14 36.42 26.46
N ALA J 68 -3.22 36.12 25.17
CA ALA J 68 -3.28 37.13 24.13
C ALA J 68 -4.43 36.76 23.22
N VAL J 69 -5.20 37.76 22.81
CA VAL J 69 -6.28 37.57 21.82
C VAL J 69 -5.80 38.20 20.53
N ILE J 70 -5.72 37.39 19.47
CA ILE J 70 -5.29 37.88 18.17
C ILE J 70 -6.51 38.10 17.28
N LYS J 71 -6.70 39.34 16.83
CA LYS J 71 -7.81 39.65 15.96
C LYS J 71 -7.46 39.26 14.53
N LEU J 72 -8.24 38.34 13.97
CA LEU J 72 -8.02 37.84 12.61
C LEU J 72 -8.80 38.69 11.62
N PRO J 73 -8.47 38.58 10.32
CA PRO J 73 -9.23 39.38 9.34
C PRO J 73 -10.73 39.03 9.37
N LEU J 74 -11.57 40.06 9.30
CA LEU J 74 -13.01 39.90 9.36
C LEU J 74 -13.49 39.07 8.16
N LEU J 75 -14.39 38.12 8.43
CA LEU J 75 -14.87 37.18 7.40
C LEU J 75 -16.32 37.37 6.98
N ASN J 76 -17.19 37.79 7.91
CA ASN J 76 -18.63 37.87 7.64
C ASN J 76 -19.20 39.27 7.84
N GLU J 77 -19.88 39.78 6.82
CA GLU J 77 -20.53 41.08 6.94
C GLU J 77 -21.94 40.94 7.54
N ASP J 78 -22.52 39.76 7.40
CA ASP J 78 -23.81 39.46 7.99
C ASP J 78 -23.74 38.19 8.86
N MET J 79 -23.83 38.38 10.17
CA MET J 79 -23.75 37.28 11.13
C MET J 79 -25.08 36.57 11.40
N THR J 80 -26.16 37.05 10.79
CA THR J 80 -27.46 36.37 10.87
C THR J 80 -27.65 35.37 9.71
N CYS J 81 -26.59 35.11 8.96
CA CYS J 81 -26.63 34.14 7.87
C CYS J 81 -26.61 32.71 8.40
N ASP J 82 -27.22 31.80 7.64
CA ASP J 82 -27.28 30.38 8.02
C ASP J 82 -25.93 29.68 7.83
N THR J 83 -25.11 30.27 6.97
CA THR J 83 -23.79 29.76 6.65
C THR J 83 -22.81 30.91 6.80
N ILE J 84 -21.71 30.66 7.49
CA ILE J 84 -20.71 31.68 7.74
C ILE J 84 -19.33 31.12 7.42
N LEU J 85 -18.33 31.99 7.38
CA LEU J 85 -16.95 31.56 7.32
C LEU J 85 -16.33 31.70 8.70
N MET J 86 -15.46 30.76 9.06
CA MET J 86 -14.66 30.87 10.28
C MET J 86 -13.23 30.52 10.00
N TRP J 87 -12.31 31.11 10.76
CA TRP J 87 -10.93 30.67 10.71
C TRP J 87 -10.76 29.46 11.57
N GLU J 88 -10.14 28.42 10.99
CA GLU J 88 -9.83 27.19 11.72
C GLU J 88 -8.32 27.14 11.95
N ALA J 89 -7.92 27.03 13.22
CA ALA J 89 -6.51 26.87 13.55
C ALA J 89 -6.10 25.42 13.28
N VAL J 90 -5.15 25.22 12.37
CA VAL J 90 -4.85 23.82 11.99
C VAL J 90 -3.51 23.30 12.54
N SER J 91 -2.58 24.21 12.81
CA SER J 91 -1.26 23.84 13.35
C SER J 91 -0.58 25.02 14.08
N VAL J 92 0.36 24.67 14.94
CA VAL J 92 1.11 25.67 15.68
C VAL J 92 2.58 25.26 15.79
N LYS J 93 3.47 26.26 15.66
CA LYS J 93 4.84 26.12 16.09
C LYS J 93 5.00 27.06 17.28
N THR J 94 5.52 26.50 18.37
CA THR J 94 5.68 27.32 19.56
C THR J 94 7.04 27.04 20.20
N GLU J 95 7.64 28.10 20.75
CA GLU J 95 8.94 27.99 21.40
CA GLU J 95 8.95 27.99 21.40
C GLU J 95 9.01 28.84 22.65
N VAL J 96 9.73 28.34 23.65
CA VAL J 96 10.05 29.14 24.85
C VAL J 96 11.33 29.92 24.52
N VAL J 97 11.27 31.23 24.71
CA VAL J 97 12.33 32.17 24.32
C VAL J 97 13.14 32.50 25.56
N GLY J 98 14.44 32.73 25.38
CA GLY J 98 15.30 33.14 26.50
C GLY J 98 15.78 32.01 27.38
N ILE J 99 15.68 30.78 26.89
CA ILE J 99 16.19 29.64 27.65
C ILE J 99 17.67 29.85 28.02
N SER J 100 18.47 30.33 27.06
CA SER J 100 19.92 30.54 27.28
C SER J 100 20.27 31.54 28.39
N SER J 101 19.32 32.43 28.72
CA SER J 101 19.51 33.38 29.83
C SER J 101 19.76 32.70 31.18
N LEU J 102 19.32 31.44 31.32
CA LEU J 102 19.52 30.72 32.59
C LEU J 102 20.95 30.21 32.74
N VAL J 103 21.70 30.18 31.63
CA VAL J 103 23.09 29.72 31.60
C VAL J 103 24.00 30.86 32.10
N ASN J 104 23.82 31.20 33.36
CA ASN J 104 24.44 32.38 33.95
C ASN J 104 24.68 32.02 35.41
N LEU J 105 25.95 32.01 35.80
CA LEU J 105 26.35 31.67 37.19
C LEU J 105 26.95 32.83 37.95
N HIS J 106 26.91 34.03 37.34
CA HIS J 106 27.47 35.23 37.96
C HIS J 106 26.43 36.13 38.58
N GLN J 107 25.17 35.99 38.17
CA GLN J 107 24.07 36.71 38.79
C GLN J 107 24.12 36.52 40.31
N GLY J 108 23.95 37.62 41.05
CA GLY J 108 24.00 37.57 42.52
C GLY J 108 22.97 36.61 43.08
N GLY J 109 23.38 35.84 44.08
CA GLY J 109 22.48 34.89 44.70
C GLY J 109 23.17 34.02 45.75
N LYS J 110 22.63 32.83 45.94
CA LYS J 110 23.18 31.85 46.88
CA LYS J 110 23.20 31.88 46.88
C LYS J 110 24.37 31.18 46.20
N TYR J 111 25.50 31.06 46.93
CA TYR J 111 26.68 30.37 46.35
C TYR J 111 26.44 28.86 46.24
N ILE J 112 26.91 28.25 45.16
CA ILE J 112 26.84 26.79 44.96
C ILE J 112 27.63 26.07 46.05
N TYR J 113 28.86 26.52 46.29
CA TYR J 113 29.66 26.07 47.42
C TYR J 113 29.86 27.31 48.29
N GLY J 114 31.10 27.74 48.47
CA GLY J 114 31.38 28.97 49.24
C GLY J 114 31.43 30.20 48.35
N SER J 115 31.91 31.31 48.92
CA SER J 115 31.84 32.61 48.26
C SER J 115 32.79 32.79 47.08
N SER J 116 33.63 31.78 46.80
CA SER J 116 34.47 31.77 45.60
C SER J 116 33.78 31.16 44.36
N SER J 117 32.66 30.49 44.56
CA SER J 117 32.05 29.70 43.48
C SER J 117 30.97 30.49 42.74
N GLY J 118 30.44 29.89 41.66
CA GLY J 118 29.26 30.44 40.99
C GLY J 118 28.03 30.46 41.90
N CYS J 119 27.00 31.18 41.48
CA CYS J 119 25.78 31.28 42.26
C CYS J 119 24.79 30.27 41.73
N VAL J 120 23.97 29.71 42.63
CA VAL J 120 22.97 28.71 42.25
C VAL J 120 22.02 29.26 41.19
N PRO J 121 21.87 28.55 40.06
CA PRO J 121 21.03 28.99 38.96
C PRO J 121 19.54 28.74 39.26
N VAL J 122 18.67 29.20 38.36
CA VAL J 122 17.22 28.99 38.50
C VAL J 122 16.91 27.50 38.55
N GLN J 123 16.26 27.03 39.62
CA GLN J 123 15.91 25.62 39.69
C GLN J 123 14.69 25.43 40.58
N GLY J 124 14.22 24.19 40.69
CA GLY J 124 13.04 23.90 41.47
C GLY J 124 11.87 23.61 40.55
N THR J 125 10.68 23.91 41.03
CA THR J 125 9.43 23.59 40.34
C THR J 125 9.34 24.28 38.98
N THR J 126 8.97 23.50 37.95
CA THR J 126 8.71 24.06 36.63
C THR J 126 7.30 23.76 36.18
N TYR J 127 6.78 24.64 35.33
CA TYR J 127 5.41 24.46 34.84
C TYR J 127 5.40 25.13 33.49
N HIS J 128 5.19 24.32 32.43
CA HIS J 128 5.17 24.81 31.07
C HIS J 128 3.90 24.34 30.42
N MET J 129 3.11 25.28 29.93
CA MET J 129 1.91 24.90 29.20
C MET J 129 1.57 25.91 28.14
N PHE J 130 0.92 25.45 27.08
CA PHE J 130 0.38 26.41 26.14
C PHE J 130 -0.96 25.91 25.64
N ALA J 131 -1.76 26.84 25.13
CA ALA J 131 -3.04 26.47 24.53
C ALA J 131 -3.30 27.37 23.34
N VAL J 132 -4.02 26.81 22.36
CA VAL J 132 -4.49 27.55 21.19
C VAL J 132 -5.98 27.23 21.08
N GLY J 133 -6.82 28.26 21.05
CA GLY J 133 -8.26 28.05 20.99
C GLY J 133 -9.01 29.14 20.26
N GLY J 134 -10.27 28.86 19.94
CA GLY J 134 -11.13 29.83 19.25
C GLY J 134 -12.04 30.59 20.22
N GLU J 135 -11.67 30.53 21.50
CA GLU J 135 -12.40 31.22 22.58
C GLU J 135 -11.51 31.08 23.83
N PRO J 136 -11.88 31.72 24.97
CA PRO J 136 -10.97 31.59 26.12
C PRO J 136 -10.81 30.15 26.62
N LEU J 137 -9.59 29.83 27.06
CA LEU J 137 -9.34 28.58 27.79
C LEU J 137 -10.27 28.51 28.98
N GLU J 138 -10.95 27.38 29.12
CA GLU J 138 -11.84 27.14 30.25
C GLU J 138 -11.04 26.52 31.39
N LEU J 139 -11.22 27.07 32.60
CA LEU J 139 -10.39 26.76 33.76
C LEU J 139 -11.21 26.11 34.85
N GLN J 140 -10.57 25.19 35.57
CA GLN J 140 -11.10 24.62 36.79
C GLN J 140 -10.27 25.10 37.97
N GLY J 141 -10.93 25.49 39.06
CA GLY J 141 -10.22 25.87 40.26
C GLY J 141 -9.93 24.68 41.15
N LEU J 142 -8.71 24.63 41.69
CA LEU J 142 -8.31 23.63 42.67
C LEU J 142 -7.04 24.14 43.32
N VAL J 143 -7.05 24.18 44.66
CA VAL J 143 -5.94 24.77 45.42
C VAL J 143 -5.33 23.78 46.42
N ALA J 144 -4.09 24.03 46.82
CA ALA J 144 -3.45 23.26 47.91
C ALA J 144 -4.13 23.51 49.26
N SER J 145 -4.59 24.74 49.50
CA SER J 145 -5.21 25.11 50.77
C SER J 145 -6.38 26.08 50.59
N SER J 146 -7.55 25.67 51.04
CA SER J 146 -8.76 26.48 50.94
C SER J 146 -8.78 27.65 51.93
N THR J 147 -7.80 27.70 52.84
CA THR J 147 -7.78 28.73 53.88
C THR J 147 -6.82 29.88 53.52
N ALA J 148 -6.10 29.76 52.41
CA ALA J 148 -5.25 30.85 51.90
C ALA J 148 -6.10 32.09 51.56
N THR J 149 -5.51 33.28 51.75
CA THR J 149 -6.19 34.53 51.44
C THR J 149 -5.51 35.13 50.21
N TYR J 150 -6.19 35.10 49.07
CA TYR J 150 -5.59 35.57 47.84
C TYR J 150 -5.67 37.08 47.70
N PRO J 151 -4.66 37.71 47.05
CA PRO J 151 -4.57 39.17 46.91
C PRO J 151 -5.69 39.74 46.05
N ASP J 152 -5.97 41.03 46.22
CA ASP J 152 -7.03 41.70 45.49
C ASP J 152 -6.77 41.78 43.99
N ASP J 153 -5.51 41.72 43.59
CA ASP J 153 -5.17 41.91 42.19
C ASP J 153 -5.13 40.61 41.36
N VAL J 154 -5.53 39.49 41.97
CA VAL J 154 -5.71 38.23 41.21
C VAL J 154 -7.15 37.73 41.26
N VAL J 155 -7.49 36.85 40.33
CA VAL J 155 -8.81 36.23 40.34
C VAL J 155 -8.72 34.88 41.06
N ALA J 156 -9.44 34.77 42.18
CA ALA J 156 -9.39 33.55 42.99
C ALA J 156 -10.75 32.84 42.94
N ILE J 157 -10.82 31.65 43.53
CA ILE J 157 -12.08 30.93 43.67
C ILE J 157 -12.97 31.68 44.65
N LYS J 158 -14.26 31.84 44.29
CA LYS J 158 -15.21 32.53 45.16
C LYS J 158 -15.58 31.62 46.32
N ASN J 159 -15.66 32.18 47.53
CA ASN J 159 -16.17 31.48 48.71
C ASN J 159 -15.52 30.10 48.92
N MET J 160 -14.19 30.08 48.93
CA MET J 160 -13.47 28.81 49.06
C MET J 160 -13.85 28.05 50.30
N LYS J 161 -13.92 26.74 50.15
CA LYS J 161 -14.23 25.83 51.23
C LYS J 161 -13.25 24.66 51.09
N PRO J 162 -13.15 23.79 52.11
CA PRO J 162 -12.18 22.70 51.95
C PRO J 162 -12.40 21.83 50.70
N GLY J 163 -13.64 21.74 50.22
CA GLY J 163 -13.93 21.02 48.96
C GLY J 163 -13.07 21.47 47.77
N ASN J 164 -12.60 22.72 47.82
CA ASN J 164 -11.79 23.27 46.74
C ASN J 164 -10.36 22.76 46.74
N GLN J 165 -10.00 21.92 47.72
CA GLN J 165 -8.75 21.16 47.70
C GLN J 165 -8.87 19.93 46.78
N GLY J 166 -10.10 19.61 46.40
CA GLY J 166 -10.38 18.67 45.30
C GLY J 166 -11.15 19.40 44.21
N LEU J 167 -11.81 18.63 43.34
CA LEU J 167 -12.56 19.19 42.24
C LEU J 167 -13.98 19.50 42.68
N ASP J 168 -14.30 20.80 42.77
CA ASP J 168 -15.69 21.24 42.97
C ASP J 168 -16.13 21.88 41.66
N PRO J 169 -17.15 21.30 41.00
CA PRO J 169 -17.58 21.78 39.69
C PRO J 169 -18.11 23.23 39.68
N LYS J 170 -18.33 23.83 40.85
CA LYS J 170 -18.71 25.25 40.92
C LYS J 170 -17.52 26.21 40.69
N ALA J 171 -16.31 25.72 40.90
CA ALA J 171 -15.09 26.55 40.78
C ALA J 171 -14.58 26.51 39.35
N LYS J 172 -15.13 27.39 38.53
CA LYS J 172 -14.81 27.46 37.12
C LYS J 172 -14.64 28.90 36.68
N ALA J 173 -13.76 29.12 35.68
CA ALA J 173 -13.47 30.46 35.18
C ALA J 173 -13.08 30.38 33.72
N LEU J 174 -12.96 31.54 33.08
CA LEU J 174 -12.39 31.66 31.74
C LEU J 174 -11.06 32.40 31.80
N LEU J 175 -10.05 31.92 31.09
CA LEU J 175 -8.80 32.66 31.03
C LEU J 175 -8.98 33.84 30.06
N ASP J 176 -9.52 34.95 30.57
CA ASP J 176 -9.91 36.08 29.71
C ASP J 176 -9.19 37.38 30.08
N LYS J 177 -8.22 37.28 30.98
CA LYS J 177 -7.43 38.44 31.40
C LYS J 177 -5.97 38.00 31.53
N ASP J 178 -5.06 38.80 31.00
CA ASP J 178 -3.65 38.46 31.05
C ASP J 178 -3.11 38.80 32.44
N GLY J 179 -2.29 37.90 32.99
CA GLY J 179 -1.63 38.11 34.28
C GLY J 179 -2.55 38.29 35.47
N LYS J 180 -3.69 37.58 35.49
CA LYS J 180 -4.64 37.73 36.62
C LYS J 180 -5.07 36.40 37.26
N TYR J 181 -4.95 35.29 36.53
CA TYR J 181 -5.40 33.98 37.02
C TYR J 181 -4.17 33.20 37.51
N PRO J 182 -4.09 32.97 38.84
CA PRO J 182 -2.88 32.32 39.34
C PRO J 182 -2.77 30.87 38.89
N VAL J 183 -1.55 30.51 38.50
CA VAL J 183 -1.23 29.12 38.17
C VAL J 183 -1.62 28.16 39.29
N GLU J 184 -1.38 28.55 40.55
CA GLU J 184 -1.66 27.63 41.68
C GLU J 184 -3.14 27.47 42.03
N VAL J 185 -4.00 28.27 41.38
CA VAL J 185 -5.45 28.22 41.66
C VAL J 185 -6.21 27.54 40.53
N TRP J 186 -5.75 27.75 39.30
CA TRP J 186 -6.50 27.37 38.10
C TRP J 186 -5.74 26.44 37.21
N CYS J 187 -6.44 25.44 36.67
CA CYS J 187 -5.85 24.56 35.68
C CYS J 187 -6.86 24.41 34.52
N PRO J 188 -6.41 23.87 33.37
CA PRO J 188 -7.42 23.67 32.30
C PRO J 188 -8.55 22.74 32.74
N ASP J 189 -9.77 23.05 32.31
CA ASP J 189 -10.92 22.23 32.68
C ASP J 189 -11.09 21.14 31.61
N PRO J 190 -10.74 19.89 31.93
CA PRO J 190 -10.82 18.83 30.92
C PRO J 190 -12.26 18.46 30.52
N SER J 191 -13.25 18.89 31.30
CA SER J 191 -14.65 18.59 30.98
C SER J 191 -15.24 19.56 29.95
N LYS J 192 -14.47 20.57 29.59
CA LYS J 192 -14.89 21.52 28.57
C LYS J 192 -13.77 21.61 27.54
N ASN J 193 -13.47 22.81 27.04
CA ASN J 193 -12.36 23.02 26.13
C ASN J 193 -12.41 22.24 24.82
N GLU J 194 -13.63 22.01 24.33
CA GLU J 194 -13.81 21.31 23.06
C GLU J 194 -13.25 22.13 21.89
N ASN J 195 -13.14 23.45 22.10
CA ASN J 195 -12.70 24.36 21.04
C ASN J 195 -11.30 24.92 21.27
N THR J 196 -10.54 24.25 22.14
CA THR J 196 -9.15 24.65 22.45
C THR J 196 -8.30 23.38 22.51
N ARG J 197 -7.03 23.50 22.15
CA ARG J 197 -6.07 22.41 22.36
C ARG J 197 -5.06 22.92 23.37
N TYR J 198 -4.82 22.15 24.43
CA TYR J 198 -3.82 22.53 25.43
C TYR J 198 -2.84 21.38 25.73
N TYR J 199 -1.64 21.75 26.13
CA TYR J 199 -0.56 20.81 26.34
C TYR J 199 0.25 21.36 27.49
N GLY J 200 0.57 20.52 28.46
CA GLY J 200 1.28 21.00 29.63
C GLY J 200 2.19 19.97 30.26
N SER J 201 3.25 20.46 30.92
CA SER J 201 4.22 19.58 31.57
CA SER J 201 4.23 19.59 31.58
C SER J 201 4.62 20.22 32.89
N PHE J 202 4.54 19.43 33.96
CA PHE J 202 4.92 19.85 35.30
C PHE J 202 6.01 18.93 35.87
N THR J 203 7.03 19.53 36.49
N THR J 203 7.01 19.55 36.51
CA THR J 203 7.97 18.78 37.34
CA THR J 203 7.96 18.84 37.35
C THR J 203 8.17 19.59 38.62
C THR J 203 8.06 19.63 38.64
N GLY J 204 7.96 18.94 39.76
CA GLY J 204 8.01 19.61 41.05
C GLY J 204 9.38 19.53 41.68
N GLY J 205 9.37 19.44 43.00
CA GLY J 205 10.60 19.29 43.77
C GLY J 205 11.18 20.62 44.20
N ALA J 206 11.88 20.58 45.33
CA ALA J 206 12.43 21.77 45.93
C ALA J 206 13.51 22.47 45.10
N THR J 207 14.45 21.70 44.53
CA THR J 207 15.64 22.25 43.87
C THR J 207 15.94 21.58 42.51
N THR J 208 14.92 21.01 41.87
CA THR J 208 15.06 20.23 40.65
C THR J 208 15.67 21.01 39.47
N PRO J 209 16.65 20.42 38.76
CA PRO J 209 17.22 21.05 37.59
C PRO J 209 16.17 21.19 36.50
N PRO J 210 16.05 22.41 35.92
CA PRO J 210 15.12 22.61 34.78
C PRO J 210 15.65 21.96 33.51
N VAL J 211 14.73 21.49 32.66
CA VAL J 211 15.09 20.91 31.37
C VAL J 211 14.18 21.56 30.34
N MET J 212 14.78 22.19 29.32
CA MET J 212 14.03 22.78 28.21
C MET J 212 14.74 22.59 26.87
N GLN J 213 13.96 22.34 25.82
N GLN J 213 13.93 22.36 25.83
CA GLN J 213 14.51 22.22 24.46
CA GLN J 213 14.40 22.22 24.44
C GLN J 213 13.96 23.36 23.60
C GLN J 213 14.01 23.45 23.66
N PHE J 214 14.65 23.67 22.52
CA PHE J 214 14.24 24.71 21.58
C PHE J 214 14.65 24.33 20.17
N THR J 215 13.72 24.48 19.25
CA THR J 215 14.01 24.22 17.85
C THR J 215 12.97 24.93 17.01
N ASN J 216 13.28 25.20 15.75
CA ASN J 216 12.30 25.75 14.85
C ASN J 216 11.78 24.70 13.87
N SER J 217 11.99 23.43 14.21
CA SER J 217 11.73 22.33 13.26
C SER J 217 10.43 21.59 13.56
N VAL J 218 9.74 21.96 14.65
CA VAL J 218 8.62 21.15 15.16
C VAL J 218 7.26 21.85 15.00
N THR J 219 6.30 21.14 14.41
CA THR J 219 4.93 21.63 14.25
C THR J 219 3.98 20.70 15.00
N THR J 220 3.03 21.28 15.74
CA THR J 220 1.96 20.51 16.36
C THR J 220 0.65 20.69 15.58
N VAL J 221 0.04 19.57 15.19
CA VAL J 221 -1.24 19.60 14.49
C VAL J 221 -2.37 19.82 15.50
N LEU J 222 -3.30 20.74 15.20
CA LEU J 222 -4.34 21.14 16.15
C LEU J 222 -5.70 20.49 15.88
N LEU J 223 -5.77 19.65 14.86
CA LEU J 223 -7.01 18.94 14.57
C LEU J 223 -7.36 17.92 15.65
N ASP J 224 -8.64 17.84 15.99
CA ASP J 224 -9.07 16.90 17.01
C ASP J 224 -9.32 15.51 16.40
N GLU J 225 -9.90 14.62 17.20
CA GLU J 225 -10.18 13.26 16.76
C GLU J 225 -11.26 13.21 15.65
N ASN J 226 -11.96 14.32 15.41
CA ASN J 226 -12.92 14.44 14.29
C ASN J 226 -12.34 15.21 13.11
N GLY J 227 -11.06 15.57 13.22
CA GLY J 227 -10.34 16.22 12.13
C GLY J 227 -10.55 17.72 12.03
N VAL J 228 -11.01 18.32 13.14
CA VAL J 228 -11.38 19.74 13.18
C VAL J 228 -10.49 20.48 14.19
N GLY J 229 -9.94 21.61 13.76
CA GLY J 229 -9.15 22.45 14.65
C GLY J 229 -10.04 23.46 15.35
N PRO J 230 -9.46 24.23 16.29
CA PRO J 230 -10.20 25.29 16.97
C PRO J 230 -10.81 26.25 15.94
N LEU J 231 -12.07 26.62 16.15
CA LEU J 231 -12.78 27.57 15.30
C LEU J 231 -12.92 28.91 16.01
N CYS J 232 -12.47 29.96 15.35
CA CYS J 232 -12.24 31.25 16.03
C CYS J 232 -13.51 32.07 16.05
N LYS J 233 -14.21 32.02 17.17
CA LYS J 233 -15.48 32.75 17.34
C LYS J 233 -15.24 34.25 17.28
N GLY J 234 -16.03 34.95 16.47
CA GLY J 234 -15.88 36.38 16.24
C GLY J 234 -14.54 36.75 15.62
N ASP J 235 -13.92 35.78 14.92
CA ASP J 235 -12.60 35.97 14.30
C ASP J 235 -11.51 36.31 15.32
N LYS J 236 -11.61 35.72 16.50
CA LYS J 236 -10.60 35.92 17.54
C LYS J 236 -9.88 34.61 17.83
N LEU J 237 -8.55 34.67 17.89
CA LEU J 237 -7.72 33.51 18.22
C LEU J 237 -7.15 33.74 19.61
N PHE J 238 -7.25 32.74 20.47
CA PHE J 238 -6.76 32.84 21.86
C PHE J 238 -5.50 32.04 22.04
N LEU J 239 -4.44 32.72 22.51
CA LEU J 239 -3.18 32.07 22.81
C LEU J 239 -2.93 32.22 24.31
N SER J 240 -2.73 31.10 24.99
CA SER J 240 -2.57 31.07 26.45
C SER J 240 -1.32 30.28 26.79
N CYS J 241 -0.67 30.63 27.90
CA CYS J 241 0.50 29.87 28.31
C CYS J 241 0.94 30.23 29.72
N ALA J 242 1.82 29.41 30.27
CA ALA J 242 2.54 29.70 31.52
C ALA J 242 3.86 28.99 31.34
N ASP J 243 4.96 29.72 31.56
CA ASP J 243 6.27 29.10 31.47
C ASP J 243 7.14 29.50 32.64
N ILE J 244 6.98 28.76 33.72
CA ILE J 244 7.74 28.95 34.95
C ILE J 244 8.99 28.10 34.83
N ALA J 245 10.14 28.76 34.79
CA ALA J 245 11.39 28.03 34.58
C ALA J 245 11.97 27.47 35.90
N GLY J 246 11.51 28.02 37.03
CA GLY J 246 11.97 27.62 38.35
C GLY J 246 12.03 28.82 39.28
N VAL J 247 12.81 28.73 40.33
CA VAL J 247 12.95 29.85 41.25
C VAL J 247 14.41 30.29 41.33
N HIS J 248 14.61 31.61 41.40
CA HIS J 248 15.91 32.16 41.72
C HIS J 248 16.00 32.35 43.20
N THR J 249 17.12 31.91 43.78
CA THR J 249 17.36 32.13 45.20
C THR J 249 18.31 33.30 45.42
N ASN J 250 17.90 34.25 46.25
CA ASN J 250 18.76 35.39 46.53
C ASN J 250 19.74 35.06 47.66
N TYR J 251 20.74 35.92 47.86
CA TYR J 251 21.73 35.67 48.90
C TYR J 251 21.11 35.48 50.29
N SER J 252 20.11 36.31 50.63
CA SER J 252 19.39 36.24 51.91
C SER J 252 18.47 35.02 51.99
N GLU J 253 18.45 34.26 50.89
CA GLU J 253 17.62 33.05 50.72
C GLU J 253 16.17 33.32 50.41
N THR J 254 15.80 34.59 50.18
CA THR J 254 14.48 34.89 49.59
C THR J 254 14.49 34.27 48.19
N GLN J 255 13.32 33.87 47.72
CA GLN J 255 13.22 33.18 46.45
C GLN J 255 12.15 33.85 45.62
N VAL J 256 12.38 33.91 44.31
CA VAL J 256 11.42 34.50 43.38
C VAL J 256 11.21 33.56 42.20
N TRP J 257 9.96 33.47 41.74
CA TRP J 257 9.68 32.69 40.55
C TRP J 257 10.29 33.36 39.35
N ARG J 258 10.78 32.56 38.39
CA ARG J 258 11.30 33.09 37.13
C ARG J 258 10.54 32.49 35.96
N GLY J 259 10.01 33.39 35.13
CA GLY J 259 9.25 32.99 33.95
C GLY J 259 9.98 33.41 32.68
N LEU J 260 9.60 32.78 31.57
CA LEU J 260 10.14 33.07 30.27
C LEU J 260 9.01 33.31 29.26
N PRO J 261 9.28 34.10 28.19
CA PRO J 261 8.25 34.34 27.18
C PRO J 261 8.08 33.15 26.24
N ARG J 262 6.94 33.11 25.58
CA ARG J 262 6.66 32.05 24.62
C ARG J 262 6.27 32.68 23.30
N TYR J 263 6.80 32.10 22.22
CA TYR J 263 6.50 32.51 20.85
C TYR J 263 5.49 31.53 20.23
N PHE J 264 4.54 32.05 19.46
CA PHE J 264 3.54 31.22 18.73
C PHE J 264 3.59 31.58 17.25
N ASN J 265 3.44 30.56 16.40
CA ASN J 265 3.25 30.73 14.95
C ASN J 265 2.11 29.79 14.59
N VAL J 266 0.94 30.37 14.28
CA VAL J 266 -0.28 29.57 14.08
C VAL J 266 -0.73 29.69 12.63
N THR J 267 -1.02 28.55 11.99
CA THR J 267 -1.54 28.53 10.63
C THR J 267 -3.04 28.29 10.71
N LEU J 268 -3.80 29.08 9.95
CA LEU J 268 -5.26 28.99 9.98
C LEU J 268 -5.80 28.93 8.56
N ARG J 269 -6.98 28.36 8.41
CA ARG J 269 -7.60 28.31 7.08
C ARG J 269 -9.06 28.68 7.19
N LYS J 270 -9.56 29.34 6.13
CA LYS J 270 -10.97 29.70 6.06
C LYS J 270 -11.82 28.45 5.86
N ARG J 271 -12.88 28.32 6.65
CA ARG J 271 -13.81 27.20 6.53
C ARG J 271 -15.25 27.71 6.46
N ILE J 272 -16.07 26.97 5.72
CA ILE J 272 -17.52 27.17 5.71
C ILE J 272 -18.11 26.44 6.90
N VAL J 273 -18.92 27.15 7.69
CA VAL J 273 -19.48 26.60 8.91
C VAL J 273 -20.98 26.89 8.96
N LYS J 274 -21.78 25.89 9.28
CA LYS J 274 -23.21 26.08 9.51
C LYS J 274 -23.33 27.00 10.72
N ASN J 275 -24.09 28.08 10.61
CA ASN J 275 -24.19 29.03 11.71
C ASN J 275 -25.04 28.47 12.85
N PRO J 276 -24.47 28.40 14.08
CA PRO J 276 -25.28 28.10 15.28
C PRO J 276 -26.57 28.92 15.36
N TYR J 277 -26.57 30.11 14.76
CA TYR J 277 -27.73 31.01 14.73
C TYR J 277 -27.91 31.63 13.36
#